data_8E5B
#
_entry.id   8E5B
#
_cell.length_a   1.00
_cell.length_b   1.00
_cell.length_c   1.00
_cell.angle_alpha   90.00
_cell.angle_beta   90.00
_cell.angle_gamma   90.00
#
_symmetry.space_group_name_H-M   'P 1'
#
loop_
_entity.id
_entity.type
_entity.pdbx_description
1 polymer 'Voltage-dependent L-type calcium channel subunit alpha-1D'
2 polymer 'Voltage-dependent calcium channel subunit alpha-2/delta-1'
3 polymer 'Voltage-dependent L-type calcium channel subunit beta-3'
4 branched 2-acetamido-2-deoxy-beta-D-glucopyranose-(1-4)-2-acetamido-2-deoxy-beta-D-glucopyranose-(1-4)-2-acetamido-2-deoxy-beta-D-glucopyranose
5 branched 2-acetamido-2-deoxy-beta-D-glucopyranose-(1-4)-2-acetamido-2-deoxy-beta-D-glucopyranose
6 branched 2-acetamido-2-deoxy-beta-D-glucopyranose-(1-4)-2-acetamido-2-deoxy-beta-D-glucopyranose-(1-4)-2-acetamido-2-deoxy-beta-D-glucopyranose-(1-4)-2-acetamido-2-deoxy-beta-D-glucopyranose
7 non-polymer (2-butyl-1-benzofuran-3-yl){4-[2-(diethylamino)ethoxy]-3,5-diiodophenyl}methanone
8 non-polymer Sofosbuvir
9 non-polymer 'CALCIUM ION'
10 non-polymer 2-acetamido-2-deoxy-beta-D-glucopyranose
#
loop_
_entity_poly.entity_id
_entity_poly.type
_entity_poly.pdbx_seq_one_letter_code
_entity_poly.pdbx_strand_id
1 'polypeptide(L)'
;MMMMMMMKKMQHQRQQQADHANEANYARGTRLPLSGEGPTSQPNSSKQTVLSWQAAIDAARQAKAAQTMSTSAPPPVGSL
SQRKRQQYAKSKKQGNSSNSRPARALFCLSLNNPIRRACISIVEWKPFDIFILLAIFANCVALAIYIPFPEDDSNSTNHN
LEKVEYAFLIIFTVETFLKIIAYGLLLHPNAYVRNGWNLLDFVIVIVGLFSVILEQLTKETEGGNHSSGKSGGFDVKALR
AFRVLRPLRLVSGVPSLQVVLNSIIKAMVPLLHIALLVLFVIIIYAIIGLELFIGKMHKTCFFADSDIVAEEDPAPCAFS
GNGRQCTANGTECRSGWVGPNGGITNFDNFAFAMLTVFQCITMEGWTDVLYWMNDAMGFELPWVYFVSLVIFGSFFVLNL
VLGVLSGEFSKEREKAKARGDFQKLREKQQLEEDLKGYLDWITQAEDIDPENEEEGGEEGKRNTSMPTSETESVNTENVS
GEGENRGCCGSLCQAISKSKLSRRWRRWNRFNRRRCRAAVKSVTFYWLVIVLVFLNTLTISSEHYNQPDWLTQIQDIANK
VLLALFTCEMLVKMYSLGLQAYFVSLFNRFDCFVVCGGITETILVELEIMSPLGISVFRCVRLLRIFKVTRHWTSLSNLV
ASLLNSMKSIASLLLLLFLFIIIFSLLGMQLFGGKFNFDETQTKRSTFDNFPQALLTVFQILTGEDWNAVMYDGIMAYGG
PSSSGMIVCIYFIILFICGNYILLNVFLAIAVDNLADAESLNTAQKEEAEEKERKKIARKESLENKKNNKPEVNQIANSD
NKVTIDDYREEDEDKDPYPPCDVPVGEEEEEEEEDEPEVPAGPRPRRISELNMKEKIAPIPEGSAFFILSKTNPIRVGCH
KLINHHIFTNLILVFIMLSSAALAAEDPIRSHSFRNTILGYFDYAFTAIFTVEILLKMTTFGAFLHKGAFCRNYFNLLDM
LVVGVSLVSFGIQSSAISVVKILRVLRVLRPLRAINRAKGLKHVVQCVFVAIRTIGNIMIVTTLLQFMFACIGVQLFKGK
FYRCTDEAKSNPEECRGLFILYKDGDVDSPVVRERIWQNSDFNFDNVLSAMMALFTVSTFEGWPALLYKAIDSNGENIGP
IYNHRVEISIFFIIYIIIVAFFMMNIFVGFVIVTFQEQGEKEYKNCELDKNQRQCVEYALKARPLRRYIPKNPYQYKFWY
VVNSSPFEYMMFVLIMLNTLCLAMQHYEQSKMFNDAMDILNMVFTGVFTVEMVLKVIAFKPKGYFSDAWNTFDSLIVIGS
IIDVALSEADPTESENVPVPTATPGNSEESNRISITFFRLFRVMRLVKLLSRGEGIRTLLWTFIKSFQALPYVALLIAML
FFIYAVIGMQMFGKVAMRDNNQINRNNNFQTFPQAVLLLFRCATGEAWQEIMLACLPGKLCDPESDYNPGEEYTCGSNFA
IVYFISFYMLCAFLIINLFVAVIMDNFDYLTRDWSILGPHHLDEFKRIWSEYDPEAKGRIKHLDVVTLLRRIQPPLGFGK
LCPHRVACKRLVAMNMPLNSDGTVMFNATLFALVRTALKIKTEGNLEQANEELRAVIKKIWKKTSMKLLDQVVPPAGDDE
VTVGKFYATFLIQDYFRKFKKRKEQGLVGKYPAKNTTIALQAGLRTLHDIGPEIRRAISCDLQDDEPEETKREEEDDVFK
RNGALLGNHVNHVNSDRRDSLQQTNTTHRPLHVQRPSIPPASDTEKPLFPPAGNSVCHNHHNHNSIGKQVPTSTNANLNN
ANMSKAAHGKRPSIGNLEHVSENGHHSSHKHDREPQRRSSVKRTRYYETYIRSDSGDEQLPTICREDPEIHGYFRDPHCL
GEQEYFSSEECYEDDSSPTWSRQNYGYYSRYPGRNIDSERPRGYHHPQGFLEDDDSPVCYDSRRSPRRRLLPPTPASHRR
SSFNFECLRRQSSQEEVPSSPIFPHRTALPLHLMQQQIMAVAGLDSSKAQKYSPSHSTRSWATPPATPPYRDWTPCYTPL
IQVEQSEALDQVNGSLPSLHRSSWYTDEPDISYRTFTPASLTVPSSFRNKNSDKQRSADSLVEAVLISEGLGRYARDPKF
VSATKHEIADACDLTIDEMESAASTLLNGNVRPRANGDVGPLSHRQDYELQDFGPGYSDEEPDPGRDEEDLADEMICITT
L
;
A
2 'polypeptide(L)'
;MAAGCLLALTLTLFQSLLIGPSSEEPFPSAVTIKSWVDKMQEDLVTLAKTASGVNQLVDIYEKYQDLYTVEPNNARQLVE
IAARDIEKLLSNRSKALVRLALEAEKVQAAHQWREDFASNEVVYYNAKDDLDPEKNDSEPGSQRIKPVFIEDANFGRQIS
YQHAAVHIPTDIYEGSTIVLNELNWTSALDEVFKKNREEDPSLLWQVFGSATGLARYYPASPWVDNSRTPNKIDLYDVRR
RPWYIQGAASPKDMLILVDVSGSVSGLTLKLIRTSVSEMLETLSDDDFVNVASFNSNAQDVSCFQHLVQANVRNKKVLKD
AVNNITAKGITDYKKGFSFAFEQLLNYNVSRANCNKIIMLFTDGGEERAQEIFNKYNKDKKVRVFTFSVGQHNYDRGPIQ
WMACENKGYYYEIPSIGAIRINTQEYLDVLGRPMVLAGDKAKQVQWTNVYLDALELGLVITGTLPVFNITGQFENKTNLK
NQLILGVMGVDVSLEDIKRLTPRFTLCPNGYYFAIDPNGYVLLHPNLQPKPIGVGIPTINLRKRRPNIQNPKSQEPVTLD
FLDAELENDIKVEIRNKMIDGESGEKTFRTLVKSQDERYIDKGNRTYTWTPVNGTDYSLALVLPTYSFYYIKAKLEETIT
QARYSETLKPDNFEESGYTFIAPRDYCNDLKISDNNTEFLLNFNEFIDRKTPNNPSCNADLINRVLLDAGFTNELVQNYW
SKQKNIKGVKARFVVTDGGITRVYPKEAGENWQENPETYEDSFYKRSLDNDNYVFTAPYFNKSGPGAYESGIMVSKAVEI
YIQGKLLKPAVVGIKIDVNSWIENFTKTSIRDPCAGPVCDCKRNSDVMDCVILDDGGFLLMANHDDYTNQIGRFFGEIDP
SLMRHLVNISVYAFNKSYDYQSVCEPGAAPKQGAGHRSAYVPSVADILQIGWWATAAAWSILQQFLLSLTFPRLLEAVEM
EDDDFTASLSKQSCITEQTQYFFDNDSKSFSGVLDCGNCSRIFHGEKLMNTNLIFIMVESKGTCPCDTRLLIQAEQTSDG
PNPCDMVKQPRYRKGPDVCFDNNVLEDYTDCGGVSGLNPSLWYIIGIQFLLLWLVSGSTHRLL
;
D
3 'polypeptide(L)'
;MYDDSYVPGFEDSEAGSADSYTSRPSLDSDVSLEEDRESARREVESQAQQQLERAKHKPVAFAVRTNVSYCGVLDEECPV
QGSGVNFEAKDFLHIKEKYSNDWWIGRLVKEGGDIAFIPSPQRLESIRLKQEQKARRSGNPSSLSDIGNRRSPPPSLAKQ
KQKQAEHVPPYDVVPSMRPVVLVGPSLKGYEVTDMMQKALFDFLKHRFDGRISITRVTADLSLAKRSVLNNPGKRTIIER
SSARSSIAEVQSEIERIFELAKSLQLVVLDADTINHPAQLAKTSLAPIIVFVKVSSPKVLQRLIRSRGKSQMKHLTVQMM
AYDKLVQCPPESFDVILDENQLEDACEHLAEYLEVYWRATHHPAPGPGLLGPPSAIPGLQNQQLLGERGEEHSPLERDSL
MPSDEASESSRQAWTGSSQRSSRHLEEDYADAYQDLYQPHRQHTSGLPSANGHDPQDRLLAQDSEHNHSDRNWQRNRPWP
KDSY
;
C
#
loop_
_chem_comp.id
_chem_comp.type
_chem_comp.name
_chem_comp.formula
BBI non-polymer (2-butyl-1-benzofuran-3-yl){4-[2-(diethylamino)ethoxy]-3,5-diiodophenyl}methanone 'C25 H29 I2 N O3'
CA non-polymer 'CALCIUM ION' 'Ca 2'
NAG D-saccharide, beta linking 2-acetamido-2-deoxy-beta-D-glucopyranose 'C8 H15 N O6'
WG6 non-polymer Sofosbuvir 'C22 H29 F N3 O9 P'
#
# COMPACT_ATOMS: atom_id res chain seq x y z
N SER A 121 -12.05 25.28 -46.67
CA SER A 121 -12.40 26.62 -47.14
C SER A 121 -11.19 27.32 -47.75
N ILE A 122 -10.97 28.57 -47.36
CA ILE A 122 -9.80 29.31 -47.83
C ILE A 122 -8.54 28.66 -47.28
N VAL A 123 -7.43 28.83 -48.01
CA VAL A 123 -6.16 28.20 -47.65
C VAL A 123 -5.66 28.73 -46.31
N GLU A 124 -5.64 27.86 -45.31
CA GLU A 124 -5.10 28.15 -43.99
C GLU A 124 -4.56 26.83 -43.44
N TRP A 125 -3.27 26.58 -43.65
CA TRP A 125 -2.70 25.27 -43.35
C TRP A 125 -1.62 25.30 -42.28
N LYS A 126 -0.63 26.19 -42.41
CA LYS A 126 0.47 26.15 -41.44
C LYS A 126 0.11 26.78 -40.10
N PRO A 127 -0.68 27.89 -40.03
CA PRO A 127 -0.99 28.43 -38.70
C PRO A 127 -2.13 27.67 -38.01
N PHE A 128 -3.07 27.18 -38.82
CA PHE A 128 -4.29 26.59 -38.27
C PHE A 128 -4.00 25.28 -37.54
N ASP A 129 -3.21 24.41 -38.16
CA ASP A 129 -3.01 23.07 -37.62
C ASP A 129 -2.10 23.06 -36.39
N ILE A 130 -1.34 24.12 -36.17
CA ILE A 130 -0.55 24.22 -34.94
C ILE A 130 -1.33 24.95 -33.86
N PHE A 131 -2.18 25.91 -34.23
CA PHE A 131 -3.05 26.55 -33.25
C PHE A 131 -4.03 25.54 -32.66
N ILE A 132 -4.59 24.67 -33.49
CA ILE A 132 -5.51 23.66 -32.97
C ILE A 132 -4.77 22.66 -32.08
N LEU A 133 -3.53 22.35 -32.40
CA LEU A 133 -2.73 21.46 -31.55
C LEU A 133 -2.46 22.11 -30.19
N LEU A 134 -2.15 23.41 -30.19
CA LEU A 134 -2.01 24.12 -28.94
C LEU A 134 -3.31 24.12 -28.16
N ALA A 135 -4.44 24.23 -28.85
CA ALA A 135 -5.73 24.13 -28.18
C ALA A 135 -5.92 22.76 -27.54
N ILE A 136 -5.49 21.70 -28.24
CA ILE A 136 -5.56 20.36 -27.65
C ILE A 136 -4.73 20.28 -26.38
N PHE A 137 -3.50 20.82 -26.42
CA PHE A 137 -2.65 20.77 -25.23
C PHE A 137 -3.26 21.57 -24.09
N ALA A 138 -3.84 22.73 -24.39
CA ALA A 138 -4.49 23.53 -23.35
C ALA A 138 -5.68 22.79 -22.76
N ASN A 139 -6.44 22.08 -23.59
CA ASN A 139 -7.55 21.29 -23.08
C ASN A 139 -7.05 20.17 -22.18
N CYS A 140 -5.92 19.55 -22.54
CA CYS A 140 -5.32 18.54 -21.68
C CYS A 140 -4.96 19.13 -20.32
N VAL A 141 -4.35 20.31 -20.31
CA VAL A 141 -3.98 20.96 -19.05
C VAL A 141 -5.23 21.26 -18.23
N ALA A 142 -6.28 21.79 -18.87
CA ALA A 142 -7.50 22.12 -18.16
C ALA A 142 -8.14 20.89 -17.56
N LEU A 143 -8.14 19.77 -18.30
CA LEU A 143 -8.65 18.52 -17.77
C LEU A 143 -7.80 18.03 -16.60
N ALA A 144 -6.49 18.26 -16.64
CA ALA A 144 -5.63 17.83 -15.55
C ALA A 144 -5.86 18.64 -14.29
N ILE A 145 -6.17 19.93 -14.41
CA ILE A 145 -6.35 20.78 -13.24
C ILE A 145 -7.59 20.38 -12.44
N TYR A 146 -8.64 19.92 -13.12
CA TYR A 146 -9.91 19.62 -12.47
C TYR A 146 -9.74 18.60 -11.35
N ILE A 147 -10.39 18.85 -10.23
CA ILE A 147 -10.31 18.01 -9.03
C ILE A 147 -11.64 17.29 -8.87
N PRO A 148 -11.67 15.95 -8.94
CA PRO A 148 -12.93 15.22 -8.75
C PRO A 148 -13.35 15.08 -7.30
N PHE A 149 -14.04 16.09 -6.77
CA PHE A 149 -14.51 16.05 -5.40
C PHE A 149 -15.54 14.94 -5.21
N PRO A 150 -15.63 14.37 -4.01
CA PRO A 150 -16.62 13.33 -3.74
C PRO A 150 -17.99 13.88 -3.37
N GLU A 151 -19.01 13.10 -3.70
CA GLU A 151 -20.39 13.38 -3.32
C GLU A 151 -20.84 14.77 -3.76
N ASP A 152 -20.57 15.10 -5.02
CA ASP A 152 -21.05 16.29 -5.70
C ASP A 152 -20.48 17.60 -5.15
N ASP A 153 -19.42 17.53 -4.34
CA ASP A 153 -18.79 18.75 -3.87
C ASP A 153 -18.04 19.45 -5.00
N SER A 154 -17.68 20.70 -4.77
CA SER A 154 -16.99 21.49 -5.79
C SER A 154 -16.30 22.67 -5.12
N ASN A 155 -15.54 23.40 -5.94
CA ASN A 155 -14.88 24.64 -5.53
C ASN A 155 -14.99 25.63 -6.68
N SER A 156 -14.23 26.72 -6.61
CA SER A 156 -14.29 27.73 -7.65
C SER A 156 -13.58 27.28 -8.92
N THR A 157 -12.53 26.47 -8.79
CA THR A 157 -11.76 26.06 -9.96
C THR A 157 -12.64 25.27 -10.93
N ASN A 158 -13.45 24.33 -10.43
CA ASN A 158 -14.34 23.60 -11.31
C ASN A 158 -15.42 24.52 -11.89
N HIS A 159 -15.85 25.51 -11.12
CA HIS A 159 -16.83 26.46 -11.62
C HIS A 159 -16.30 27.25 -12.81
N ASN A 160 -15.00 27.58 -12.79
CA ASN A 160 -14.41 28.23 -13.95
C ASN A 160 -14.15 27.23 -15.08
N LEU A 161 -13.77 26.00 -14.72
CA LEU A 161 -13.40 25.01 -15.72
C LEU A 161 -14.60 24.56 -16.53
N GLU A 162 -15.82 24.63 -15.97
CA GLU A 162 -16.99 24.30 -16.78
C GLU A 162 -17.17 25.30 -17.92
N LYS A 163 -16.96 26.60 -17.66
CA LYS A 163 -17.03 27.60 -18.73
C LYS A 163 -15.87 27.46 -19.69
N VAL A 164 -14.69 27.11 -19.18
CA VAL A 164 -13.56 26.85 -20.07
C VAL A 164 -13.87 25.69 -21.00
N GLU A 165 -14.47 24.63 -20.48
CA GLU A 165 -14.87 23.50 -21.30
C GLU A 165 -15.92 23.90 -22.32
N TYR A 166 -16.85 24.77 -21.92
CA TYR A 166 -17.80 25.30 -22.89
C TYR A 166 -17.07 25.95 -24.06
N ALA A 167 -16.17 26.89 -23.76
CA ALA A 167 -15.45 27.60 -24.82
C ALA A 167 -14.67 26.63 -25.70
N PHE A 168 -14.07 25.61 -25.10
CA PHE A 168 -13.37 24.60 -25.89
C PHE A 168 -14.33 23.86 -26.80
N LEU A 169 -15.54 23.58 -26.33
CA LEU A 169 -16.53 22.90 -27.17
C LEU A 169 -16.90 23.75 -28.37
N ILE A 170 -17.18 25.04 -28.15
CA ILE A 170 -17.51 25.90 -29.29
C ILE A 170 -16.35 26.00 -30.27
N ILE A 171 -15.11 26.15 -29.77
CA ILE A 171 -14.00 26.29 -30.70
C ILE A 171 -13.79 25.00 -31.49
N PHE A 172 -13.97 23.84 -30.84
CA PHE A 172 -13.83 22.57 -31.54
C PHE A 172 -14.89 22.41 -32.60
N THR A 173 -16.15 22.77 -32.29
CA THR A 173 -17.20 22.67 -33.30
C THR A 173 -16.94 23.61 -34.47
N VAL A 174 -16.44 24.82 -34.18
CA VAL A 174 -16.16 25.78 -35.25
C VAL A 174 -15.09 25.23 -36.18
N GLU A 175 -13.99 24.73 -35.61
CA GLU A 175 -12.92 24.22 -36.46
C GLU A 175 -13.29 22.90 -37.13
N THR A 176 -14.25 22.15 -36.59
CA THR A 176 -14.73 20.96 -37.28
C THR A 176 -15.62 21.33 -38.46
N PHE A 177 -16.52 22.28 -38.28
CA PHE A 177 -17.39 22.69 -39.38
C PHE A 177 -16.62 23.45 -40.45
N LEU A 178 -15.50 24.08 -40.08
CA LEU A 178 -14.70 24.78 -41.08
C LEU A 178 -14.13 23.82 -42.11
N LYS A 179 -13.70 22.64 -41.67
CA LYS A 179 -13.10 21.63 -42.53
C LYS A 179 -14.03 20.41 -42.57
N ILE A 180 -14.98 20.42 -43.50
CA ILE A 180 -15.88 19.28 -43.67
C ILE A 180 -15.79 18.77 -45.11
N ILE A 181 -15.38 19.65 -46.02
CA ILE A 181 -15.21 19.39 -47.46
C ILE A 181 -16.08 18.25 -47.99
N TYR A 192 -12.81 12.95 -44.82
CA TYR A 192 -13.32 13.91 -43.85
C TYR A 192 -14.12 13.21 -42.76
N VAL A 193 -14.78 12.12 -43.12
CA VAL A 193 -15.45 11.25 -42.16
C VAL A 193 -14.94 9.84 -42.38
N ARG A 194 -14.48 9.55 -43.61
CA ARG A 194 -14.02 8.21 -43.94
C ARG A 194 -12.73 7.86 -43.20
N ASN A 195 -11.83 8.82 -43.00
CA ASN A 195 -10.63 8.56 -42.22
C ASN A 195 -11.00 8.29 -40.77
N GLY A 196 -10.32 7.30 -40.17
CA GLY A 196 -10.63 6.93 -38.80
C GLY A 196 -10.29 8.02 -37.80
N TRP A 197 -9.17 8.70 -38.01
CA TRP A 197 -8.76 9.75 -37.07
C TRP A 197 -9.76 10.90 -37.07
N ASN A 198 -10.15 11.38 -38.25
CA ASN A 198 -11.20 12.39 -38.32
C ASN A 198 -12.52 11.86 -37.80
N LEU A 199 -12.77 10.56 -37.99
CA LEU A 199 -13.97 9.96 -37.43
C LEU A 199 -14.02 10.13 -35.92
N LEU A 200 -12.94 9.76 -35.23
CA LEU A 200 -12.87 9.97 -33.79
C LEU A 200 -12.92 11.45 -33.46
N ASP A 201 -12.32 12.29 -34.31
CA ASP A 201 -12.27 13.72 -34.06
C ASP A 201 -13.67 14.32 -33.96
N PHE A 202 -14.57 13.93 -34.87
CA PHE A 202 -15.91 14.50 -34.76
C PHE A 202 -16.82 13.68 -33.85
N VAL A 203 -16.51 12.41 -33.61
CA VAL A 203 -17.26 11.64 -32.62
C VAL A 203 -17.09 12.27 -31.23
N ILE A 204 -15.86 12.69 -30.91
CA ILE A 204 -15.64 13.36 -29.63
C ILE A 204 -16.49 14.63 -29.53
N VAL A 205 -16.53 15.41 -30.61
CA VAL A 205 -17.28 16.66 -30.60
C VAL A 205 -18.77 16.40 -30.42
N ILE A 206 -19.31 15.43 -31.16
CA ILE A 206 -20.75 15.20 -31.09
C ILE A 206 -21.14 14.62 -29.74
N VAL A 207 -20.33 13.71 -29.18
CA VAL A 207 -20.67 13.16 -27.88
C VAL A 207 -20.54 14.23 -26.81
N GLY A 208 -19.57 15.14 -26.93
CA GLY A 208 -19.49 16.24 -25.99
C GLY A 208 -20.70 17.17 -26.07
N LEU A 209 -21.16 17.46 -27.29
CA LEU A 209 -22.35 18.27 -27.45
C LEU A 209 -23.57 17.60 -26.84
N PHE A 210 -23.74 16.31 -27.07
CA PHE A 210 -24.86 15.58 -26.48
C PHE A 210 -24.76 15.57 -24.96
N SER A 211 -23.54 15.41 -24.43
CA SER A 211 -23.34 15.45 -22.98
C SER A 211 -23.72 16.80 -22.41
N VAL A 212 -23.33 17.88 -23.09
CA VAL A 212 -23.70 19.22 -22.63
C VAL A 212 -25.21 19.40 -22.65
N ILE A 213 -25.87 18.95 -23.72
CA ILE A 213 -27.32 19.07 -23.81
C ILE A 213 -27.99 18.31 -22.68
N LEU A 214 -27.56 17.09 -22.42
CA LEU A 214 -28.20 16.29 -21.37
C LEU A 214 -27.91 16.85 -19.99
N GLU A 215 -26.70 17.37 -19.77
CA GLU A 215 -26.38 17.99 -18.48
C GLU A 215 -27.24 19.23 -18.25
N GLN A 216 -27.44 20.04 -19.28
CA GLN A 216 -28.28 21.23 -19.13
C GLN A 216 -29.74 20.84 -18.92
N LEU A 217 -30.20 19.77 -19.57
CA LEU A 217 -31.59 19.33 -19.47
C LEU A 217 -31.71 18.25 -18.41
N THR A 218 -31.54 18.67 -17.15
CA THR A 218 -31.65 17.75 -16.02
C THR A 218 -32.21 18.48 -14.79
N ASP A 235 -26.77 8.85 -14.80
CA ASP A 235 -25.33 8.90 -15.02
C ASP A 235 -24.99 9.88 -16.14
N VAL A 236 -25.66 11.03 -16.14
CA VAL A 236 -25.42 12.04 -17.17
C VAL A 236 -24.01 12.61 -17.03
N LYS A 237 -23.52 12.74 -15.79
CA LYS A 237 -22.18 13.28 -15.58
C LYS A 237 -21.11 12.33 -16.11
N ALA A 238 -21.40 11.03 -16.14
CA ALA A 238 -20.45 10.06 -16.67
C ALA A 238 -20.31 10.12 -18.17
N LEU A 239 -21.23 10.80 -18.87
CA LEU A 239 -21.14 10.92 -20.32
C LEU A 239 -19.99 11.79 -20.77
N ARG A 240 -19.34 12.52 -19.86
CA ARG A 240 -18.18 13.33 -20.18
C ARG A 240 -16.89 12.54 -20.12
N ALA A 241 -16.95 11.23 -19.85
CA ALA A 241 -15.75 10.41 -19.87
C ALA A 241 -15.13 10.31 -21.25
N PHE A 242 -15.88 10.62 -22.30
CA PHE A 242 -15.33 10.67 -23.65
C PHE A 242 -14.39 11.85 -23.85
N ARG A 243 -14.39 12.82 -22.93
CA ARG A 243 -13.45 13.93 -23.01
C ARG A 243 -12.01 13.47 -22.82
N VAL A 244 -11.80 12.28 -22.26
CA VAL A 244 -10.46 11.77 -22.02
C VAL A 244 -9.75 11.41 -23.33
N LEU A 245 -10.50 11.17 -24.40
CA LEU A 245 -9.90 10.82 -25.67
C LEU A 245 -9.37 12.02 -26.45
N ARG A 246 -9.63 13.23 -25.98
CA ARG A 246 -9.09 14.41 -26.65
C ARG A 246 -7.56 14.46 -26.67
N PRO A 247 -6.85 14.12 -25.58
CA PRO A 247 -5.38 14.03 -25.70
C PRO A 247 -4.91 13.07 -26.77
N LEU A 248 -5.69 12.02 -27.07
CA LEU A 248 -5.32 11.10 -28.14
C LEU A 248 -5.29 11.78 -29.50
N ARG A 249 -5.98 12.90 -29.65
CA ARG A 249 -5.96 13.64 -30.90
C ARG A 249 -4.60 14.24 -31.21
N LEU A 250 -3.73 14.34 -30.20
CA LEU A 250 -2.44 14.99 -30.40
C LEU A 250 -1.52 14.16 -31.28
N VAL A 251 -1.69 12.84 -31.30
CA VAL A 251 -0.86 12.00 -32.15
C VAL A 251 -1.15 12.26 -33.62
N SER A 252 -2.39 12.66 -33.94
CA SER A 252 -2.73 12.95 -35.33
C SER A 252 -2.03 14.21 -35.83
N GLY A 253 -1.65 15.11 -34.92
CA GLY A 253 -0.97 16.32 -35.32
C GLY A 253 0.53 16.18 -35.53
N VAL A 254 1.12 15.08 -35.11
CA VAL A 254 2.54 14.84 -35.28
C VAL A 254 2.72 13.53 -36.05
N PRO A 255 3.01 13.60 -37.35
CA PRO A 255 3.22 12.37 -38.13
C PRO A 255 4.39 11.54 -37.64
N SER A 256 5.44 12.19 -37.12
CA SER A 256 6.61 11.46 -36.62
C SER A 256 6.24 10.54 -35.47
N LEU A 257 5.25 10.91 -34.67
CA LEU A 257 4.76 10.04 -33.62
C LEU A 257 3.62 9.15 -34.09
N GLN A 258 2.88 9.59 -35.11
CA GLN A 258 1.82 8.77 -35.67
C GLN A 258 2.38 7.49 -36.28
N VAL A 259 3.52 7.60 -36.97
CA VAL A 259 4.12 6.40 -37.56
C VAL A 259 4.60 5.45 -36.48
N VAL A 260 5.12 5.98 -35.37
CA VAL A 260 5.56 5.14 -34.26
C VAL A 260 4.37 4.41 -33.64
N LEU A 261 3.26 5.13 -33.44
CA LEU A 261 2.06 4.48 -32.91
C LEU A 261 1.56 3.40 -33.86
N ASN A 262 1.58 3.68 -35.17
CA ASN A 262 1.15 2.69 -36.15
C ASN A 262 2.04 1.46 -36.12
N SER A 263 3.35 1.65 -36.00
CA SER A 263 4.26 0.52 -35.93
C SER A 263 4.00 -0.33 -34.68
N ILE A 264 3.79 0.33 -33.53
CA ILE A 264 3.52 -0.41 -32.30
C ILE A 264 2.22 -1.19 -32.43
N ILE A 265 1.19 -0.58 -33.01
CA ILE A 265 -0.09 -1.27 -33.18
C ILE A 265 0.05 -2.45 -34.13
N LYS A 266 0.76 -2.25 -35.25
CA LYS A 266 0.94 -3.33 -36.22
C LYS A 266 1.81 -4.45 -35.68
N ALA A 267 2.67 -4.18 -34.70
CA ALA A 267 3.47 -5.23 -34.10
C ALA A 267 2.69 -6.10 -33.11
N MET A 268 1.37 -5.98 -33.09
CA MET A 268 0.54 -6.73 -32.15
C MET A 268 -0.12 -7.96 -32.77
N VAL A 269 -0.23 -8.00 -34.10
CA VAL A 269 -0.93 -9.12 -34.75
C VAL A 269 -0.31 -10.47 -34.41
N PRO A 270 1.02 -10.65 -34.42
CA PRO A 270 1.56 -11.97 -34.09
C PRO A 270 1.24 -12.45 -32.67
N LEU A 271 0.88 -11.56 -31.76
CA LEU A 271 0.56 -11.95 -30.39
C LEU A 271 -0.87 -12.43 -30.22
N LEU A 272 -1.66 -12.41 -31.30
CA LEU A 272 -3.06 -12.83 -31.19
C LEU A 272 -3.18 -14.33 -30.89
N HIS A 273 -2.26 -15.14 -31.44
CA HIS A 273 -2.27 -16.56 -31.12
C HIS A 273 -2.01 -16.80 -29.64
N ILE A 274 -1.04 -16.07 -29.07
CA ILE A 274 -0.73 -16.21 -27.65
C ILE A 274 -1.91 -15.74 -26.82
N ALA A 275 -2.56 -14.66 -27.23
CA ALA A 275 -3.75 -14.19 -26.51
C ALA A 275 -4.86 -15.22 -26.53
N LEU A 276 -5.07 -15.86 -27.69
CA LEU A 276 -6.09 -16.89 -27.80
C LEU A 276 -5.75 -18.09 -26.92
N LEU A 277 -4.48 -18.49 -26.89
CA LEU A 277 -4.05 -19.57 -26.02
C LEU A 277 -4.30 -19.24 -24.56
N VAL A 278 -3.99 -17.99 -24.17
CA VAL A 278 -4.27 -17.55 -22.81
C VAL A 278 -5.76 -17.61 -22.52
N LEU A 279 -6.59 -17.27 -23.50
CA LEU A 279 -8.04 -17.32 -23.30
C LEU A 279 -8.50 -18.75 -23.04
N PHE A 280 -8.02 -19.71 -23.83
CA PHE A 280 -8.36 -21.10 -23.57
C PHE A 280 -7.84 -21.56 -22.20
N VAL A 281 -6.62 -21.18 -21.84
CA VAL A 281 -6.07 -21.61 -20.54
C VAL A 281 -6.92 -21.05 -19.41
N ILE A 282 -7.29 -19.77 -19.49
CA ILE A 282 -8.10 -19.14 -18.45
C ILE A 282 -9.46 -19.81 -18.36
N ILE A 283 -10.11 -20.07 -19.51
CA ILE A 283 -11.42 -20.69 -19.48
C ILE A 283 -11.35 -22.09 -18.88
N ILE A 284 -10.37 -22.87 -19.30
CA ILE A 284 -10.25 -24.25 -18.81
C ILE A 284 -10.00 -24.27 -17.32
N TYR A 285 -9.09 -23.41 -16.83
CA TYR A 285 -8.80 -23.40 -15.41
C TYR A 285 -9.96 -22.84 -14.60
N ALA A 286 -10.72 -21.90 -15.16
CA ALA A 286 -11.91 -21.40 -14.48
C ALA A 286 -12.95 -22.50 -14.31
N ILE A 287 -13.16 -23.29 -15.36
CA ILE A 287 -14.12 -24.39 -15.25
C ILE A 287 -13.63 -25.45 -14.27
N ILE A 288 -12.32 -25.74 -14.29
CA ILE A 288 -11.77 -26.72 -13.35
C ILE A 288 -11.94 -26.24 -11.93
N GLY A 289 -11.69 -24.95 -11.66
CA GLY A 289 -11.90 -24.42 -10.33
C GLY A 289 -13.36 -24.45 -9.91
N LEU A 290 -14.26 -24.10 -10.83
CA LEU A 290 -15.70 -24.17 -10.56
C LEU A 290 -16.10 -25.56 -10.15
N GLU A 291 -15.60 -26.58 -10.86
CA GLU A 291 -15.97 -27.95 -10.51
C GLU A 291 -15.33 -28.37 -9.19
N LEU A 292 -14.04 -28.11 -9.02
CA LEU A 292 -13.31 -28.63 -7.87
C LEU A 292 -13.80 -28.00 -6.57
N PHE A 293 -13.87 -26.68 -6.54
CA PHE A 293 -14.21 -25.98 -5.30
C PHE A 293 -15.10 -24.78 -5.59
N ILE A 294 -16.38 -24.93 -5.26
CA ILE A 294 -17.40 -23.91 -5.45
C ILE A 294 -18.06 -23.63 -4.10
N GLY A 295 -18.06 -22.37 -3.70
CA GLY A 295 -18.69 -21.99 -2.45
C GLY A 295 -18.12 -22.66 -1.21
N LYS A 296 -16.80 -22.85 -1.18
CA LYS A 296 -16.16 -23.45 -0.01
C LYS A 296 -15.45 -22.44 0.88
N MET A 297 -15.17 -21.25 0.38
CA MET A 297 -14.57 -20.18 1.19
C MET A 297 -15.65 -19.27 1.75
N HIS A 298 -16.56 -19.87 2.51
CA HIS A 298 -17.69 -19.16 3.08
C HIS A 298 -17.93 -19.55 4.53
N LYS A 299 -16.87 -19.87 5.28
CA LYS A 299 -17.06 -20.40 6.63
C LYS A 299 -15.86 -19.99 7.48
N THR A 300 -15.99 -18.85 8.16
CA THR A 300 -15.01 -18.40 9.13
C THR A 300 -15.54 -18.66 10.54
N CYS A 301 -14.71 -18.39 11.54
CA CYS A 301 -15.06 -18.68 12.93
C CYS A 301 -15.52 -17.41 13.63
N PHE A 302 -16.79 -17.37 14.03
CA PHE A 302 -17.34 -16.29 14.81
C PHE A 302 -17.23 -16.65 16.30
N PHE A 303 -17.87 -15.85 17.15
CA PHE A 303 -17.88 -16.12 18.57
C PHE A 303 -19.04 -17.06 18.89
N ALA A 304 -19.35 -17.22 20.18
CA ALA A 304 -20.41 -18.13 20.60
C ALA A 304 -21.76 -17.45 20.45
N ASP A 305 -22.57 -17.96 19.52
CA ASP A 305 -23.92 -17.46 19.26
C ASP A 305 -23.90 -15.96 18.97
N SER A 306 -23.16 -15.60 17.92
CA SER A 306 -23.04 -14.20 17.52
C SER A 306 -22.66 -14.16 16.05
N ASP A 307 -22.84 -12.98 15.45
CA ASP A 307 -22.49 -12.75 14.06
C ASP A 307 -21.17 -12.02 13.90
N ILE A 308 -20.40 -11.88 14.97
CA ILE A 308 -19.13 -11.16 14.95
C ILE A 308 -18.00 -12.16 14.78
N VAL A 309 -17.16 -11.92 13.77
CA VAL A 309 -16.02 -12.80 13.54
C VAL A 309 -15.01 -12.68 14.67
N ALA A 310 -14.23 -13.73 14.86
CA ALA A 310 -13.30 -13.78 15.98
C ALA A 310 -12.08 -12.89 15.74
N GLU A 311 -11.32 -13.19 14.70
CA GLU A 311 -10.07 -12.50 14.42
C GLU A 311 -10.26 -11.42 13.37
N GLU A 312 -9.38 -10.40 13.42
CA GLU A 312 -9.49 -9.27 12.51
C GLU A 312 -9.02 -9.59 11.09
N ASP A 313 -8.40 -10.74 10.89
CA ASP A 313 -7.99 -11.21 9.56
C ASP A 313 -8.55 -12.61 9.36
N PRO A 314 -9.86 -12.72 9.11
CA PRO A 314 -10.49 -14.05 9.11
C PRO A 314 -10.00 -14.92 7.96
N ALA A 315 -9.97 -16.21 8.23
CA ALA A 315 -9.65 -17.23 7.24
C ALA A 315 -10.65 -18.38 7.39
N PRO A 316 -10.99 -19.04 6.29
CA PRO A 316 -12.05 -20.05 6.35
C PRO A 316 -11.66 -21.26 7.19
N CYS A 317 -12.69 -21.91 7.75
CA CYS A 317 -12.53 -23.20 8.38
C CYS A 317 -12.54 -24.33 7.36
N ALA A 318 -12.43 -25.54 7.86
CA ALA A 318 -12.57 -26.73 7.04
C ALA A 318 -13.99 -26.83 6.47
N PHE A 319 -14.09 -27.34 5.26
CA PHE A 319 -15.40 -27.57 4.67
C PHE A 319 -16.03 -28.83 5.27
N SER A 320 -15.31 -29.95 5.22
CA SER A 320 -15.71 -31.18 5.92
C SER A 320 -14.49 -31.71 6.68
N GLY A 321 -14.26 -31.17 7.87
CA GLY A 321 -13.23 -31.62 8.79
C GLY A 321 -11.89 -32.03 8.19
N ASN A 322 -11.39 -31.25 7.22
CA ASN A 322 -10.12 -31.59 6.59
C ASN A 322 -9.13 -30.42 6.64
N GLY A 323 -9.63 -29.21 6.54
CA GLY A 323 -8.81 -28.02 6.51
C GLY A 323 -8.56 -27.42 7.88
N ARG A 324 -8.41 -26.10 7.90
CA ARG A 324 -8.10 -25.41 9.15
C ARG A 324 -9.28 -25.47 10.11
N GLN A 325 -8.96 -25.64 11.39
CA GLN A 325 -9.95 -25.65 12.46
C GLN A 325 -9.67 -24.47 13.38
N CYS A 326 -10.68 -23.63 13.61
CA CYS A 326 -10.53 -22.45 14.45
C CYS A 326 -10.71 -22.89 15.90
N THR A 327 -9.59 -22.95 16.63
CA THR A 327 -9.58 -23.39 18.02
C THR A 327 -9.09 -22.24 18.89
N ALA A 328 -10.03 -21.49 19.47
CA ALA A 328 -9.72 -20.43 20.41
C ALA A 328 -10.51 -20.64 21.69
N ASN A 329 -10.53 -19.64 22.58
CA ASN A 329 -11.24 -19.76 23.85
C ASN A 329 -12.71 -20.12 23.64
N GLY A 330 -13.48 -19.20 23.06
CA GLY A 330 -14.80 -19.57 22.59
C GLY A 330 -15.00 -19.23 21.13
N THR A 331 -15.00 -20.24 20.26
CA THR A 331 -15.14 -20.06 18.83
C THR A 331 -15.72 -21.33 18.23
N GLU A 332 -16.83 -21.19 17.51
CA GLU A 332 -17.34 -22.23 16.63
C GLU A 332 -17.59 -21.60 15.28
N CYS A 333 -17.24 -22.32 14.20
CA CYS A 333 -17.31 -21.74 12.87
C CYS A 333 -18.39 -22.39 12.03
N ARG A 334 -19.20 -21.55 11.38
CA ARG A 334 -20.34 -21.97 10.59
C ARG A 334 -20.36 -21.14 9.31
N SER A 335 -21.31 -21.46 8.44
CA SER A 335 -21.41 -20.75 7.17
C SER A 335 -21.97 -19.34 7.41
N GLY A 336 -22.24 -18.64 6.32
CA GLY A 336 -22.75 -17.28 6.39
C GLY A 336 -21.72 -16.20 6.19
N TRP A 337 -20.45 -16.55 6.05
CA TRP A 337 -19.42 -15.56 5.79
C TRP A 337 -19.54 -15.03 4.36
N VAL A 338 -19.03 -13.82 4.16
CA VAL A 338 -19.15 -13.16 2.87
C VAL A 338 -18.07 -13.59 1.90
N GLY A 339 -16.85 -13.80 2.39
CA GLY A 339 -15.74 -14.17 1.54
C GLY A 339 -14.44 -13.55 1.99
N PRO A 340 -13.33 -13.93 1.34
CA PRO A 340 -12.02 -13.44 1.77
C PRO A 340 -11.81 -11.96 1.52
N ASN A 341 -12.02 -11.51 0.27
CA ASN A 341 -11.85 -10.11 -0.09
C ASN A 341 -13.18 -9.36 -0.12
N GLY A 342 -14.10 -9.68 0.78
CA GLY A 342 -15.43 -9.14 0.72
C GLY A 342 -16.33 -9.84 -0.27
N GLY A 343 -15.94 -11.01 -0.76
CA GLY A 343 -16.70 -11.75 -1.75
C GLY A 343 -16.21 -11.61 -3.17
N ILE A 344 -15.11 -10.89 -3.39
CA ILE A 344 -14.62 -10.66 -4.75
C ILE A 344 -13.71 -11.79 -5.22
N THR A 345 -12.97 -12.42 -4.32
CA THR A 345 -12.07 -13.52 -4.66
C THR A 345 -12.70 -14.82 -4.19
N ASN A 346 -13.32 -15.55 -5.12
CA ASN A 346 -13.93 -16.84 -4.85
C ASN A 346 -14.21 -17.51 -6.18
N PHE A 347 -14.58 -18.79 -6.11
CA PHE A 347 -14.80 -19.60 -7.30
C PHE A 347 -16.25 -20.05 -7.42
N ASP A 348 -17.19 -19.31 -6.82
CA ASP A 348 -18.58 -19.72 -6.80
C ASP A 348 -19.40 -19.12 -7.94
N ASN A 349 -18.75 -18.81 -9.06
CA ASN A 349 -19.42 -18.29 -10.25
C ASN A 349 -18.41 -18.33 -11.39
N PHE A 350 -18.92 -18.31 -12.62
CA PHE A 350 -18.01 -18.33 -13.76
C PHE A 350 -17.26 -17.01 -13.87
N ALA A 351 -17.95 -15.87 -13.68
CA ALA A 351 -17.26 -14.60 -13.70
C ALA A 351 -16.25 -14.49 -12.56
N PHE A 352 -16.64 -14.94 -11.37
CA PHE A 352 -15.71 -14.93 -10.23
C PHE A 352 -14.52 -15.83 -10.50
N ALA A 353 -14.76 -17.02 -11.06
CA ALA A 353 -13.67 -17.94 -11.36
C ALA A 353 -12.72 -17.35 -12.40
N MET A 354 -13.27 -16.73 -13.44
CA MET A 354 -12.42 -16.12 -14.46
C MET A 354 -11.61 -14.96 -13.88
N LEU A 355 -12.23 -14.14 -13.03
CA LEU A 355 -11.48 -13.04 -12.43
C LEU A 355 -10.36 -13.56 -11.52
N THR A 356 -10.65 -14.60 -10.72
CA THR A 356 -9.63 -15.16 -9.84
C THR A 356 -8.50 -15.78 -10.64
N VAL A 357 -8.83 -16.48 -11.73
CA VAL A 357 -7.80 -17.11 -12.54
C VAL A 357 -6.95 -16.05 -13.23
N PHE A 358 -7.57 -14.97 -13.72
CA PHE A 358 -6.78 -13.90 -14.32
C PHE A 358 -5.90 -13.21 -13.29
N GLN A 359 -6.38 -13.06 -12.07
CA GLN A 359 -5.54 -12.49 -11.02
C GLN A 359 -4.35 -13.40 -10.73
N CYS A 360 -4.57 -14.71 -10.69
CA CYS A 360 -3.49 -15.63 -10.37
C CYS A 360 -2.50 -15.78 -11.52
N ILE A 361 -2.97 -15.64 -12.76
CA ILE A 361 -2.08 -15.88 -13.91
C ILE A 361 -1.07 -14.75 -14.08
N THR A 362 -1.31 -13.60 -13.47
CA THR A 362 -0.38 -12.48 -13.54
C THR A 362 0.58 -12.45 -12.37
N MET A 363 0.70 -13.55 -11.63
CA MET A 363 1.62 -13.67 -10.50
C MET A 363 1.41 -12.56 -9.48
N GLU A 364 0.17 -12.23 -9.20
CA GLU A 364 -0.17 -11.18 -8.25
C GLU A 364 -1.25 -11.70 -7.30
N GLY A 365 -0.86 -12.01 -6.07
CA GLY A 365 -1.81 -12.50 -5.10
C GLY A 365 -2.26 -13.92 -5.30
N TRP A 366 -1.49 -14.74 -6.03
CA TRP A 366 -1.86 -16.14 -6.18
C TRP A 366 -1.59 -16.92 -4.89
N THR A 367 -0.58 -16.51 -4.12
CA THR A 367 -0.32 -17.17 -2.85
C THR A 367 -1.44 -16.93 -1.86
N ASP A 368 -2.06 -15.75 -1.88
CA ASP A 368 -3.18 -15.49 -1.00
C ASP A 368 -4.34 -16.43 -1.28
N VAL A 369 -4.66 -16.63 -2.56
CA VAL A 369 -5.73 -17.56 -2.92
C VAL A 369 -5.35 -18.99 -2.56
N LEU A 370 -4.08 -19.36 -2.79
CA LEU A 370 -3.65 -20.71 -2.42
C LEU A 370 -3.79 -20.95 -0.93
N TYR A 371 -3.41 -19.97 -0.11
CA TYR A 371 -3.49 -20.13 1.34
C TYR A 371 -4.94 -20.15 1.81
N TRP A 372 -5.79 -19.32 1.20
CA TRP A 372 -7.20 -19.35 1.55
C TRP A 372 -7.83 -20.70 1.23
N MET A 373 -7.45 -21.29 0.09
CA MET A 373 -7.98 -22.62 -0.23
C MET A 373 -7.36 -23.70 0.64
N ASN A 374 -6.10 -23.53 1.07
CA ASN A 374 -5.53 -24.44 2.03
C ASN A 374 -6.31 -24.43 3.33
N ASP A 375 -6.73 -23.24 3.78
CA ASP A 375 -7.53 -23.14 4.99
C ASP A 375 -8.92 -23.73 4.79
N ALA A 376 -9.56 -23.42 3.66
CA ALA A 376 -10.95 -23.83 3.47
C ALA A 376 -11.04 -25.32 3.13
N MET A 377 -10.48 -25.71 1.99
CA MET A 377 -10.52 -27.10 1.54
C MET A 377 -9.37 -27.82 2.24
N GLY A 378 -8.96 -28.98 1.74
CA GLY A 378 -7.90 -29.73 2.37
C GLY A 378 -6.54 -29.10 2.19
N PHE A 379 -5.50 -29.93 2.10
CA PHE A 379 -4.13 -29.43 2.02
C PHE A 379 -3.36 -30.02 0.85
N GLU A 380 -3.88 -31.07 0.19
CA GLU A 380 -3.15 -31.79 -0.83
C GLU A 380 -3.56 -31.43 -2.26
N LEU A 381 -4.82 -31.11 -2.50
CA LEU A 381 -5.24 -30.77 -3.85
C LEU A 381 -4.89 -29.34 -4.26
N PRO A 382 -5.16 -28.32 -3.43
CA PRO A 382 -5.03 -26.94 -3.94
C PRO A 382 -3.64 -26.57 -4.44
N TRP A 383 -2.57 -27.18 -3.93
CA TRP A 383 -1.24 -26.81 -4.42
C TRP A 383 -1.03 -27.28 -5.85
N VAL A 384 -1.66 -28.40 -6.25
CA VAL A 384 -1.53 -28.86 -7.62
C VAL A 384 -2.19 -27.89 -8.59
N TYR A 385 -3.31 -27.30 -8.18
CA TYR A 385 -4.06 -26.43 -9.07
C TYR A 385 -3.30 -25.12 -9.33
N PHE A 386 -2.80 -24.49 -8.27
CA PHE A 386 -2.25 -23.15 -8.42
C PHE A 386 -0.81 -23.15 -8.90
N VAL A 387 -0.02 -24.15 -8.48
CA VAL A 387 1.37 -24.22 -8.95
C VAL A 387 1.41 -24.48 -10.45
N SER A 388 0.57 -25.41 -10.93
CA SER A 388 0.52 -25.68 -12.36
C SER A 388 -0.06 -24.51 -13.13
N LEU A 389 -1.02 -23.80 -12.56
CA LEU A 389 -1.61 -22.65 -13.23
C LEU A 389 -0.58 -21.53 -13.41
N VAL A 390 0.28 -21.34 -12.41
CA VAL A 390 1.30 -20.30 -12.51
C VAL A 390 2.34 -20.68 -13.55
N ILE A 391 2.80 -21.93 -13.53
CA ILE A 391 3.86 -22.35 -14.44
C ILE A 391 3.37 -22.35 -15.88
N PHE A 392 2.21 -22.97 -16.14
CA PHE A 392 1.69 -23.03 -17.50
C PHE A 392 1.10 -21.69 -17.94
N GLY A 393 0.37 -21.03 -17.05
CA GLY A 393 -0.33 -19.83 -17.45
C GLY A 393 0.56 -18.60 -17.56
N SER A 394 1.61 -18.53 -16.76
CA SER A 394 2.43 -17.33 -16.70
C SER A 394 3.85 -17.55 -17.18
N PHE A 395 4.58 -18.53 -16.61
CA PHE A 395 5.95 -18.76 -17.05
C PHE A 395 5.99 -19.19 -18.51
N PHE A 396 5.12 -20.10 -18.91
CA PHE A 396 5.11 -20.57 -20.29
C PHE A 396 4.65 -19.47 -21.24
N VAL A 397 3.62 -18.71 -20.85
CA VAL A 397 3.10 -17.67 -21.72
C VAL A 397 4.08 -16.50 -21.82
N LEU A 398 4.71 -16.12 -20.71
CA LEU A 398 5.73 -15.07 -20.80
C LEU A 398 6.87 -15.49 -21.71
N ASN A 399 7.19 -16.78 -21.74
CA ASN A 399 8.13 -17.29 -22.74
C ASN A 399 7.56 -17.18 -24.15
N LEU A 400 6.25 -17.42 -24.30
CA LEU A 400 5.61 -17.30 -25.62
C LEU A 400 5.75 -15.88 -26.14
N VAL A 401 5.36 -14.90 -25.32
CA VAL A 401 5.35 -13.51 -25.75
C VAL A 401 6.75 -13.01 -26.04
N LEU A 402 7.69 -13.31 -25.13
CA LEU A 402 9.05 -12.81 -25.28
C LEU A 402 9.70 -13.40 -26.51
N GLY A 403 9.48 -14.68 -26.78
CA GLY A 403 10.03 -15.29 -27.98
C GLY A 403 9.47 -14.69 -29.26
N VAL A 404 8.14 -14.53 -29.31
CA VAL A 404 7.51 -13.98 -30.51
C VAL A 404 7.98 -12.55 -30.74
N LEU A 405 8.06 -11.75 -29.67
CA LEU A 405 8.56 -10.39 -29.80
C LEU A 405 10.00 -10.36 -30.29
N SER A 406 10.84 -11.25 -29.76
CA SER A 406 12.23 -11.30 -30.19
C SER A 406 12.33 -11.70 -31.66
N GLY A 407 11.53 -12.66 -32.10
CA GLY A 407 11.53 -13.06 -33.49
C GLY A 407 10.89 -12.05 -34.43
N GLU A 408 10.15 -11.09 -33.89
CA GLU A 408 9.56 -10.03 -34.69
C GLU A 408 10.52 -8.85 -34.85
N PHE A 409 11.28 -8.53 -33.81
CA PHE A 409 12.27 -7.46 -33.91
C PHE A 409 13.36 -7.83 -34.91
N SER A 410 13.77 -9.10 -34.93
CA SER A 410 14.81 -9.54 -35.85
C SER A 410 14.36 -9.42 -37.30
N LYS A 411 13.06 -9.64 -37.58
CA LYS A 411 12.58 -9.53 -38.94
C LYS A 411 12.78 -8.12 -39.49
N GLU A 412 12.44 -7.11 -38.70
CA GLU A 412 12.63 -5.72 -39.14
C GLU A 412 14.07 -5.26 -39.02
N ARG A 413 14.88 -5.94 -38.20
CA ARG A 413 16.30 -5.59 -38.11
C ARG A 413 17.04 -6.07 -39.35
N GLU A 414 16.73 -7.27 -39.83
CA GLU A 414 17.39 -7.82 -41.00
C GLU A 414 16.80 -7.28 -42.31
N LYS A 415 15.72 -6.50 -42.25
CA LYS A 415 15.17 -5.87 -43.44
C LYS A 415 15.71 -4.46 -43.63
N ALA A 416 15.71 -3.65 -42.56
CA ALA A 416 16.28 -2.32 -42.64
C ALA A 416 17.80 -2.35 -42.79
N LYS A 417 18.44 -3.48 -42.47
CA LYS A 417 19.87 -3.60 -42.67
C LYS A 417 20.23 -3.56 -44.15
N ALA A 418 19.37 -4.13 -45.00
CA ALA A 418 19.59 -4.09 -46.44
C ALA A 418 19.52 -2.67 -46.99
N ARG A 419 18.80 -1.77 -46.32
CA ARG A 419 18.76 -0.38 -46.76
C ARG A 419 20.13 0.29 -46.59
N GLY A 420 20.74 0.12 -45.42
CA GLY A 420 22.01 0.74 -45.14
C GLY A 420 21.99 1.62 -43.91
N ASP A 421 21.03 1.37 -43.01
CA ASP A 421 20.94 2.16 -41.79
C ASP A 421 22.17 1.97 -40.90
N PHE A 422 22.69 0.74 -40.83
CA PHE A 422 23.90 0.50 -40.05
C PHE A 422 25.10 1.22 -40.66
N GLN A 423 25.13 1.37 -41.99
CA GLN A 423 26.23 2.08 -42.63
C GLN A 423 26.26 3.54 -42.23
N LYS A 424 25.09 4.17 -42.09
CA LYS A 424 25.05 5.57 -41.68
C LYS A 424 25.67 5.77 -40.30
N LEU A 425 25.34 4.89 -39.35
CA LEU A 425 25.98 4.95 -38.04
C LEU A 425 27.46 4.59 -38.14
N ARG A 426 27.80 3.59 -38.94
CA ARG A 426 29.20 3.20 -39.08
C ARG A 426 30.03 4.29 -39.73
N GLU A 427 29.50 4.93 -40.78
CA GLU A 427 30.23 6.00 -41.44
C GLU A 427 30.45 7.18 -40.49
N LYS A 428 29.43 7.53 -39.70
CA LYS A 428 29.58 8.63 -38.76
C LYS A 428 30.62 8.29 -37.69
N GLN A 429 30.62 7.05 -37.21
CA GLN A 429 31.56 6.65 -36.18
C GLN A 429 32.96 6.40 -36.74
N GLN A 430 33.06 6.00 -38.01
CA GLN A 430 34.38 5.71 -38.58
C GLN A 430 35.20 6.97 -38.77
N LEU A 431 34.54 8.13 -38.94
CA LEU A 431 35.25 9.39 -39.09
C LEU A 431 35.51 10.10 -37.77
N GLU A 432 34.95 9.60 -36.67
CA GLU A 432 35.22 10.21 -35.37
C GLU A 432 36.64 9.88 -34.90
N GLU A 433 37.12 8.66 -35.19
CA GLU A 433 38.49 8.32 -34.87
C GLU A 433 39.48 8.98 -35.82
N ASP A 434 39.05 9.34 -37.03
CA ASP A 434 39.91 10.04 -37.96
C ASP A 434 40.02 11.53 -37.67
N LEU A 435 39.14 12.08 -36.84
CA LEU A 435 39.18 13.49 -36.50
C LEU A 435 40.03 13.77 -35.26
N LYS A 436 39.99 12.87 -34.27
CA LYS A 436 40.74 13.10 -33.04
C LYS A 436 42.24 13.14 -33.33
N GLY A 437 42.73 12.23 -34.16
CA GLY A 437 44.13 12.27 -34.55
C GLY A 437 44.45 13.48 -35.40
N TYR A 438 43.56 13.82 -36.33
CA TYR A 438 43.74 14.96 -37.21
C TYR A 438 43.35 16.29 -36.58
N LEU A 439 43.22 16.32 -35.25
CA LEU A 439 42.99 17.56 -34.52
C LEU A 439 44.08 17.86 -33.50
N ASP A 440 44.72 16.85 -32.92
CA ASP A 440 45.83 17.03 -32.00
C ASP A 440 47.18 16.99 -32.72
N TRP A 441 47.42 15.96 -33.52
CA TRP A 441 48.69 15.83 -34.21
C TRP A 441 48.93 16.99 -35.15
N ILE A 442 47.89 17.41 -35.87
CA ILE A 442 47.99 18.55 -36.78
C ILE A 442 48.11 19.88 -36.04
N THR A 443 47.92 19.88 -34.72
CA THR A 443 47.98 21.09 -33.93
C THR A 443 49.04 21.06 -32.83
N GLN A 444 49.52 19.87 -32.43
CA GLN A 444 50.48 19.76 -31.35
C GLN A 444 51.85 20.34 -31.69
N ALA A 445 52.09 20.67 -32.96
CA ALA A 445 53.43 21.11 -33.37
C ALA A 445 53.77 22.47 -32.77
N GLU A 446 53.02 23.51 -33.13
CA GLU A 446 53.30 24.86 -32.66
C GLU A 446 52.30 25.35 -31.62
N ASP A 447 51.10 24.78 -31.58
CA ASP A 447 50.11 25.18 -30.60
C ASP A 447 49.99 24.12 -29.51
N CYS A 516 53.25 20.73 -20.12
CA CYS A 516 52.10 20.33 -19.33
C CYS A 516 51.39 19.14 -19.97
N ARG A 517 51.46 19.06 -21.30
CA ARG A 517 50.81 17.96 -22.00
C ARG A 517 51.48 16.62 -21.73
N ALA A 518 52.75 16.62 -21.30
CA ALA A 518 53.42 15.37 -20.96
C ALA A 518 52.81 14.75 -19.71
N ALA A 519 52.46 15.56 -18.72
CA ALA A 519 51.93 15.02 -17.48
C ALA A 519 50.51 14.49 -17.65
N VAL A 520 49.66 15.25 -18.34
CA VAL A 520 48.25 14.86 -18.46
C VAL A 520 48.10 13.60 -19.30
N LYS A 521 49.02 13.35 -20.22
CA LYS A 521 49.00 12.15 -21.05
C LYS A 521 49.85 11.02 -20.48
N SER A 522 50.36 11.19 -19.26
CA SER A 522 51.17 10.15 -18.63
C SER A 522 50.26 9.05 -18.10
N VAL A 523 50.85 8.10 -17.36
CA VAL A 523 50.10 6.96 -16.83
C VAL A 523 49.88 7.17 -15.34
N THR A 524 50.74 7.96 -14.71
CA THR A 524 50.60 8.25 -13.29
C THR A 524 49.47 9.24 -13.00
N PHE A 525 49.26 10.22 -13.88
CA PHE A 525 48.21 11.21 -13.69
C PHE A 525 46.82 10.58 -13.72
N TYR A 526 46.59 9.64 -14.63
CA TYR A 526 45.30 8.97 -14.70
C TYR A 526 44.99 8.22 -13.41
N TRP A 527 45.97 7.47 -12.90
CA TRP A 527 45.75 6.74 -11.67
C TRP A 527 45.62 7.67 -10.46
N LEU A 528 46.33 8.79 -10.46
CA LEU A 528 46.15 9.77 -9.39
C LEU A 528 44.74 10.34 -9.40
N VAL A 529 44.20 10.64 -10.59
CA VAL A 529 42.83 11.12 -10.68
C VAL A 529 41.85 10.04 -10.25
N ILE A 530 42.15 8.77 -10.57
CA ILE A 530 41.32 7.67 -10.13
C ILE A 530 41.30 7.61 -8.61
N VAL A 531 42.46 7.76 -7.97
CA VAL A 531 42.52 7.76 -6.51
C VAL A 531 41.71 8.91 -5.95
N LEU A 532 41.82 10.09 -6.56
CA LEU A 532 41.07 11.25 -6.07
C LEU A 532 39.56 11.01 -6.16
N VAL A 533 39.09 10.46 -7.29
CA VAL A 533 37.65 10.24 -7.43
C VAL A 533 37.18 9.12 -6.50
N PHE A 534 38.03 8.14 -6.23
CA PHE A 534 37.68 7.12 -5.24
C PHE A 534 37.54 7.74 -3.86
N LEU A 535 38.44 8.66 -3.51
CA LEU A 535 38.32 9.36 -2.22
C LEU A 535 37.06 10.22 -2.16
N ASN A 536 36.73 10.87 -3.29
CA ASN A 536 35.48 11.64 -3.35
C ASN A 536 34.27 10.75 -3.11
N THR A 537 34.24 9.58 -3.75
CA THR A 537 33.14 8.65 -3.54
C THR A 537 33.09 8.16 -2.11
N LEU A 538 34.25 7.90 -1.51
CA LEU A 538 34.29 7.48 -0.11
C LEU A 538 33.75 8.55 0.82
N THR A 539 34.11 9.80 0.57
CA THR A 539 33.58 10.89 1.40
C THR A 539 32.08 11.04 1.22
N ILE A 540 31.59 10.89 -0.01
CA ILE A 540 30.15 11.04 -0.26
C ILE A 540 29.37 9.92 0.42
N SER A 541 29.80 8.68 0.24
CA SER A 541 29.08 7.52 0.75
C SER A 541 29.55 7.13 2.14
N SER A 542 29.56 8.09 3.06
CA SER A 542 29.85 7.84 4.46
C SER A 542 28.88 8.55 5.39
N GLU A 543 28.01 9.41 4.87
CA GLU A 543 27.01 10.06 5.70
C GLU A 543 25.97 9.05 6.16
N HIS A 544 25.47 9.25 7.37
CA HIS A 544 24.42 8.40 7.91
C HIS A 544 23.72 9.15 9.02
N TYR A 545 22.57 8.62 9.44
CA TYR A 545 21.87 9.19 10.57
C TYR A 545 22.70 9.02 11.83
N ASN A 546 22.77 10.09 12.63
CA ASN A 546 23.54 10.10 13.87
C ASN A 546 25.01 9.79 13.63
N GLN A 547 25.58 10.44 12.62
CA GLN A 547 27.00 10.30 12.36
C GLN A 547 27.80 11.06 13.42
N PRO A 548 29.00 10.57 13.76
CA PRO A 548 29.79 11.24 14.79
C PRO A 548 30.15 12.67 14.40
N ASP A 549 30.27 13.53 15.41
CA ASP A 549 30.54 14.94 15.18
C ASP A 549 31.91 15.18 14.60
N TRP A 550 32.86 14.27 14.78
CA TRP A 550 34.19 14.44 14.21
C TRP A 550 34.26 14.09 12.73
N LEU A 551 33.24 13.41 12.20
CA LEU A 551 33.25 13.04 10.79
C LEU A 551 32.66 14.11 9.90
N THR A 552 31.74 14.91 10.42
CA THR A 552 31.15 16.00 9.62
C THR A 552 32.21 17.01 9.23
N GLN A 553 33.08 17.40 10.17
CA GLN A 553 34.14 18.34 9.85
C GLN A 553 35.12 17.75 8.84
N ILE A 554 35.45 16.47 8.99
CA ILE A 554 36.34 15.81 8.04
C ILE A 554 35.72 15.87 6.65
N GLN A 555 34.42 15.57 6.55
CA GLN A 555 33.75 15.59 5.26
C GLN A 555 33.74 17.00 4.66
N ASP A 556 33.42 18.00 5.47
CA ASP A 556 33.28 19.35 4.91
C ASP A 556 34.62 20.01 4.62
N ILE A 557 35.71 19.53 5.19
CA ILE A 557 37.02 20.03 4.78
C ILE A 557 37.58 19.24 3.60
N ALA A 558 37.31 17.93 3.55
CA ALA A 558 37.72 17.13 2.40
C ALA A 558 37.02 17.60 1.13
N ASN A 559 35.73 17.93 1.24
CA ASN A 559 35.03 18.48 0.09
C ASN A 559 35.70 19.74 -0.42
N LYS A 560 36.04 20.66 0.49
CA LYS A 560 36.67 21.91 0.09
C LYS A 560 38.01 21.67 -0.60
N VAL A 561 38.89 20.90 0.04
CA VAL A 561 40.23 20.72 -0.49
C VAL A 561 40.17 19.95 -1.82
N LEU A 562 39.28 18.96 -1.92
CA LEU A 562 39.23 18.17 -3.13
C LEU A 562 38.57 18.94 -4.27
N LEU A 563 37.62 19.82 -3.95
CA LEU A 563 37.09 20.73 -4.95
C LEU A 563 38.18 21.65 -5.48
N ALA A 564 38.99 22.20 -4.58
CA ALA A 564 40.08 23.07 -5.02
C ALA A 564 41.06 22.30 -5.91
N LEU A 565 41.39 21.08 -5.53
CA LEU A 565 42.32 20.29 -6.33
C LEU A 565 41.73 19.93 -7.69
N PHE A 566 40.44 19.57 -7.72
CA PHE A 566 39.80 19.25 -8.99
C PHE A 566 39.71 20.46 -9.91
N THR A 567 39.41 21.63 -9.35
CA THR A 567 39.35 22.82 -10.21
C THR A 567 40.74 23.24 -10.68
N CYS A 568 41.77 23.02 -9.85
CA CYS A 568 43.14 23.25 -10.32
C CYS A 568 43.47 22.31 -11.48
N GLU A 569 43.09 21.04 -11.36
CA GLU A 569 43.32 20.09 -12.45
C GLU A 569 42.56 20.51 -13.70
N MET A 570 41.32 20.97 -13.54
CA MET A 570 40.53 21.38 -14.70
C MET A 570 41.14 22.59 -15.39
N LEU A 571 41.60 23.58 -14.62
CA LEU A 571 42.23 24.75 -15.25
C LEU A 571 43.54 24.37 -15.91
N VAL A 572 44.27 23.40 -15.35
CA VAL A 572 45.45 22.89 -16.03
C VAL A 572 45.08 22.23 -17.35
N LYS A 573 44.03 21.41 -17.35
CA LYS A 573 43.61 20.72 -18.57
C LYS A 573 43.14 21.71 -19.63
N MET A 574 42.39 22.73 -19.22
CA MET A 574 41.83 23.67 -20.18
C MET A 574 42.92 24.44 -20.92
N TYR A 575 43.98 24.84 -20.23
CA TYR A 575 45.05 25.63 -20.81
C TYR A 575 46.28 24.78 -21.11
N SER A 576 46.08 23.54 -21.55
CA SER A 576 47.17 22.66 -21.95
C SER A 576 47.02 22.10 -23.35
N LEU A 577 45.79 21.89 -23.82
CA LEU A 577 45.55 21.37 -25.16
C LEU A 577 44.84 22.36 -26.07
N GLY A 578 43.66 22.83 -25.67
CA GLY A 578 42.92 23.75 -26.50
C GLY A 578 41.51 24.04 -25.99
N LEU A 579 41.10 25.30 -26.04
CA LEU A 579 39.79 25.69 -25.53
C LEU A 579 38.68 25.23 -26.47
N GLN A 580 38.88 25.39 -27.79
CA GLN A 580 37.85 25.08 -28.76
C GLN A 580 37.78 23.59 -29.11
N ALA A 581 38.79 22.81 -28.73
CA ALA A 581 38.82 21.39 -29.04
C ALA A 581 38.16 20.52 -27.97
N TYR A 582 37.77 21.11 -26.84
CA TYR A 582 37.12 20.37 -25.76
C TYR A 582 35.63 20.65 -25.64
N PHE A 583 35.16 21.82 -26.09
CA PHE A 583 33.75 22.12 -26.00
C PHE A 583 32.93 21.21 -26.91
N VAL A 584 33.50 20.79 -28.04
CA VAL A 584 32.79 19.93 -28.97
C VAL A 584 32.50 18.57 -28.33
N SER A 585 33.50 17.98 -27.69
CA SER A 585 33.34 16.68 -27.08
C SER A 585 32.40 16.76 -25.88
N LEU A 586 31.41 15.86 -25.84
CA LEU A 586 30.44 15.86 -24.76
C LEU A 586 30.97 15.20 -23.49
N PHE A 587 32.09 14.46 -23.59
CA PHE A 587 32.61 13.76 -22.42
C PHE A 587 33.08 14.74 -21.35
N ASN A 588 33.77 15.81 -21.76
CA ASN A 588 34.28 16.81 -20.84
C ASN A 588 33.41 18.06 -20.76
N ARG A 589 32.29 18.09 -21.49
CA ARG A 589 31.49 19.30 -21.55
C ARG A 589 30.80 19.60 -20.22
N PHE A 590 30.31 18.57 -19.53
CA PHE A 590 29.64 18.77 -18.26
C PHE A 590 30.60 18.80 -17.07
N ASP A 591 31.87 18.49 -17.29
CA ASP A 591 32.86 18.57 -16.21
C ASP A 591 33.01 20.00 -15.72
N CYS A 592 33.01 20.96 -16.65
CA CYS A 592 33.09 22.37 -16.26
C CYS A 592 31.86 22.78 -15.45
N PHE A 593 30.67 22.31 -15.85
CA PHE A 593 29.47 22.60 -15.09
C PHE A 593 29.55 22.02 -13.69
N VAL A 594 30.07 20.78 -13.57
CA VAL A 594 30.20 20.16 -12.26
C VAL A 594 31.16 20.96 -11.38
N VAL A 595 32.30 21.37 -11.95
CA VAL A 595 33.28 22.13 -11.18
C VAL A 595 32.69 23.47 -10.75
N CYS A 596 31.99 24.16 -11.66
CA CYS A 596 31.38 25.44 -11.33
C CYS A 596 30.32 25.29 -10.26
N GLY A 597 29.50 24.24 -10.34
CA GLY A 597 28.51 24.01 -9.29
C GLY A 597 29.15 23.72 -7.95
N GLY A 598 30.21 22.93 -7.95
CA GLY A 598 30.92 22.67 -6.70
C GLY A 598 31.51 23.93 -6.10
N ILE A 599 32.13 24.76 -6.93
CA ILE A 599 32.75 25.99 -6.41
C ILE A 599 31.68 27.00 -6.01
N THR A 600 30.48 26.91 -6.60
CA THR A 600 29.38 27.78 -6.20
C THR A 600 28.75 27.35 -4.89
N GLU A 601 28.71 26.03 -4.64
CA GLU A 601 28.07 25.53 -3.42
C GLU A 601 28.76 26.05 -2.17
N THR A 602 30.09 26.09 -2.18
CA THR A 602 30.84 26.50 -0.99
C THR A 602 30.49 27.93 -0.61
N ILE A 603 30.59 28.86 -1.56
CA ILE A 603 30.30 30.26 -1.27
C ILE A 603 28.82 30.46 -0.96
N LEU A 604 27.95 29.69 -1.64
CA LEU A 604 26.52 29.80 -1.37
C LEU A 604 26.20 29.41 0.06
N VAL A 605 26.80 28.31 0.55
CA VAL A 605 26.53 27.86 1.90
C VAL A 605 27.15 28.81 2.92
N GLU A 606 28.40 29.24 2.69
CA GLU A 606 29.08 30.06 3.67
C GLU A 606 28.59 31.50 3.70
N LEU A 607 27.92 31.97 2.66
CA LEU A 607 27.40 33.33 2.63
C LEU A 607 26.09 33.40 3.41
N GLU A 608 25.37 34.52 3.28
CA GLU A 608 24.11 34.69 4.00
C GLU A 608 22.96 34.04 3.25
N ILE A 609 23.13 32.77 2.87
CA ILE A 609 22.07 31.95 2.27
C ILE A 609 22.22 30.56 2.86
N MET A 610 21.31 30.18 3.74
CA MET A 610 21.44 28.90 4.44
C MET A 610 20.97 27.74 3.57
N SER A 611 19.74 27.81 3.05
CA SER A 611 19.16 26.79 2.19
C SER A 611 19.32 25.39 2.80
N PRO A 612 18.58 25.06 3.86
CA PRO A 612 18.79 23.76 4.52
C PRO A 612 18.59 22.58 3.60
N LEU A 613 17.66 22.66 2.65
CA LEU A 613 17.51 21.62 1.65
C LEU A 613 18.52 21.77 0.52
N GLY A 614 19.17 22.93 0.40
CA GLY A 614 20.14 23.16 -0.64
C GLY A 614 21.41 22.36 -0.49
N ILE A 615 21.74 21.90 0.73
CA ILE A 615 22.91 21.05 0.92
C ILE A 615 22.71 19.73 0.20
N SER A 616 21.53 19.13 0.33
CA SER A 616 21.27 17.81 -0.22
C SER A 616 21.02 17.82 -1.72
N VAL A 617 20.91 18.99 -2.35
CA VAL A 617 20.66 19.04 -3.78
C VAL A 617 21.96 19.32 -4.51
N PHE A 618 22.94 19.91 -3.81
CA PHE A 618 24.25 20.17 -4.38
C PHE A 618 25.22 19.01 -4.21
N ARG A 619 24.89 18.03 -3.37
CA ARG A 619 25.74 16.85 -3.25
C ARG A 619 25.58 15.89 -4.41
N CYS A 620 24.46 15.99 -5.15
CA CYS A 620 24.26 15.10 -6.29
C CYS A 620 25.20 15.43 -7.43
N VAL A 621 25.39 16.71 -7.73
CA VAL A 621 26.29 17.09 -8.82
C VAL A 621 27.73 16.74 -8.47
N ARG A 622 28.09 16.77 -7.18
CA ARG A 622 29.40 16.29 -6.76
C ARG A 622 29.47 14.77 -6.83
N LEU A 623 28.35 14.09 -6.61
CA LEU A 623 28.32 12.63 -6.71
C LEU A 623 28.52 12.17 -8.14
N LEU A 624 27.99 12.91 -9.11
CA LEU A 624 28.12 12.51 -10.51
C LEU A 624 29.56 12.40 -10.97
N ARG A 625 30.53 12.84 -10.16
CA ARG A 625 31.93 12.76 -10.56
C ARG A 625 32.44 11.32 -10.65
N ILE A 626 31.70 10.35 -10.12
CA ILE A 626 32.12 8.96 -10.19
C ILE A 626 32.23 8.49 -11.63
N PHE A 627 31.51 9.12 -12.55
CA PHE A 627 31.51 8.68 -13.94
C PHE A 627 32.86 8.90 -14.63
N LYS A 628 33.79 9.63 -13.98
CA LYS A 628 35.11 9.84 -14.56
C LYS A 628 35.93 8.56 -14.66
N VAL A 629 35.50 7.48 -14.00
CA VAL A 629 36.21 6.21 -14.10
C VAL A 629 35.77 5.39 -15.31
N THR A 630 34.62 5.70 -15.90
CA THR A 630 34.05 4.90 -16.97
C THR A 630 34.32 5.50 -18.35
N ARG A 631 35.47 6.13 -18.55
CA ARG A 631 35.77 6.75 -19.84
C ARG A 631 36.36 5.76 -20.82
N HIS A 632 37.40 5.04 -20.42
CA HIS A 632 38.08 4.10 -21.29
C HIS A 632 37.48 2.72 -21.06
N TRP A 633 36.42 2.42 -21.81
CA TRP A 633 35.78 1.12 -21.77
C TRP A 633 35.75 0.42 -23.13
N THR A 634 35.46 1.15 -24.20
CA THR A 634 35.33 0.68 -25.57
C THR A 634 34.11 -0.23 -25.74
N SER A 635 33.43 -0.59 -24.65
CA SER A 635 32.20 -1.36 -24.71
C SER A 635 31.00 -0.59 -24.18
N LEU A 636 31.17 0.15 -23.08
CA LEU A 636 30.11 1.03 -22.63
C LEU A 636 29.85 2.14 -23.64
N SER A 637 30.91 2.80 -24.09
CA SER A 637 30.76 3.91 -25.02
C SER A 637 30.21 3.46 -26.36
N ASN A 638 30.47 2.20 -26.75
CA ASN A 638 29.96 1.69 -28.01
C ASN A 638 28.44 1.66 -28.02
N LEU A 639 27.82 1.25 -26.90
CA LEU A 639 26.37 1.27 -26.79
C LEU A 639 25.85 2.69 -26.63
N VAL A 640 26.61 3.55 -25.94
CA VAL A 640 26.18 4.92 -25.72
C VAL A 640 26.10 5.67 -27.05
N ALA A 641 27.01 5.35 -27.98
CA ALA A 641 26.96 5.98 -29.30
C ALA A 641 25.65 5.66 -30.02
N SER A 642 25.24 4.39 -30.01
CA SER A 642 23.98 4.02 -30.66
C SER A 642 22.79 4.62 -29.93
N LEU A 643 22.84 4.67 -28.59
CA LEU A 643 21.75 5.29 -27.84
C LEU A 643 21.60 6.76 -28.20
N LEU A 644 22.71 7.48 -28.29
CA LEU A 644 22.66 8.89 -28.68
C LEU A 644 22.20 9.05 -30.12
N ASN A 645 22.56 8.12 -31.00
CA ASN A 645 22.08 8.19 -32.38
C ASN A 645 20.56 8.02 -32.45
N SER A 646 20.01 7.09 -31.68
CA SER A 646 18.59 6.78 -31.71
C SER A 646 17.79 7.49 -30.62
N MET A 647 18.39 8.51 -29.98
CA MET A 647 17.69 9.27 -28.95
C MET A 647 16.37 9.86 -29.44
N LYS A 648 16.26 10.20 -30.73
CA LYS A 648 15.00 10.74 -31.21
C LYS A 648 13.88 9.70 -31.14
N SER A 649 14.15 8.48 -31.60
CA SER A 649 13.17 7.41 -31.48
C SER A 649 12.91 7.07 -30.02
N ILE A 650 13.95 7.11 -29.19
CA ILE A 650 13.79 6.86 -27.76
C ILE A 650 12.80 7.86 -27.16
N ALA A 651 13.00 9.14 -27.46
CA ALA A 651 12.13 10.18 -26.93
C ALA A 651 10.70 10.03 -27.47
N SER A 652 10.57 9.67 -28.74
CA SER A 652 9.24 9.47 -29.32
C SER A 652 8.49 8.35 -28.59
N LEU A 653 9.16 7.23 -28.37
CA LEU A 653 8.52 6.11 -27.67
C LEU A 653 8.17 6.49 -26.24
N LEU A 654 9.08 7.18 -25.55
CA LEU A 654 8.80 7.58 -24.17
C LEU A 654 7.62 8.55 -24.11
N LEU A 655 7.53 9.46 -25.08
CA LEU A 655 6.43 10.42 -25.10
C LEU A 655 5.11 9.72 -25.37
N LEU A 656 5.12 8.71 -26.25
CA LEU A 656 3.88 7.95 -26.48
C LEU A 656 3.45 7.20 -25.23
N LEU A 657 4.42 6.60 -24.52
CA LEU A 657 4.09 5.93 -23.27
C LEU A 657 3.52 6.91 -22.25
N PHE A 658 4.12 8.10 -22.16
CA PHE A 658 3.62 9.12 -21.25
C PHE A 658 2.20 9.54 -21.60
N LEU A 659 1.91 9.68 -22.90
CA LEU A 659 0.56 10.03 -23.32
C LEU A 659 -0.45 8.95 -22.96
N PHE A 660 -0.07 7.69 -23.14
CA PHE A 660 -0.94 6.58 -22.76
C PHE A 660 -1.23 6.62 -21.25
N ILE A 661 -0.18 6.85 -20.45
CA ILE A 661 -0.36 6.92 -19.00
C ILE A 661 -1.26 8.09 -18.63
N ILE A 662 -1.08 9.24 -19.29
CA ILE A 662 -1.91 10.41 -18.99
C ILE A 662 -3.37 10.13 -19.33
N ILE A 663 -3.63 9.49 -20.47
CA ILE A 663 -5.01 9.20 -20.85
C ILE A 663 -5.66 8.28 -19.83
N PHE A 664 -4.95 7.23 -19.42
CA PHE A 664 -5.55 6.31 -18.46
C PHE A 664 -5.69 6.95 -17.08
N SER A 665 -4.79 7.85 -16.71
CA SER A 665 -4.93 8.57 -15.45
C SER A 665 -6.16 9.46 -15.47
N LEU A 666 -6.40 10.15 -16.59
CA LEU A 666 -7.60 10.99 -16.70
C LEU A 666 -8.87 10.14 -16.66
N LEU A 667 -8.86 8.99 -17.33
CA LEU A 667 -10.03 8.11 -17.28
C LEU A 667 -10.28 7.59 -15.86
N GLY A 668 -9.20 7.22 -15.15
CA GLY A 668 -9.36 6.78 -13.77
C GLY A 668 -9.86 7.89 -12.87
N MET A 669 -9.39 9.11 -13.10
CA MET A 669 -9.90 10.26 -12.35
C MET A 669 -11.39 10.44 -12.59
N GLN A 670 -11.82 10.28 -13.84
CA GLN A 670 -13.23 10.44 -14.16
C GLN A 670 -14.08 9.34 -13.52
N LEU A 671 -13.57 8.11 -13.51
CA LEU A 671 -14.38 6.98 -13.03
C LEU A 671 -14.37 6.88 -11.51
N PHE A 672 -13.19 6.79 -10.90
CA PHE A 672 -13.05 6.55 -9.47
C PHE A 672 -12.64 7.79 -8.70
N GLY A 673 -12.84 8.98 -9.26
CA GLY A 673 -12.47 10.21 -8.59
C GLY A 673 -13.39 10.47 -7.41
N GLY A 674 -12.82 10.57 -6.21
CA GLY A 674 -13.63 10.82 -5.02
C GLY A 674 -14.65 9.74 -4.76
N LYS A 675 -14.28 8.47 -4.95
CA LYS A 675 -15.19 7.36 -4.75
C LYS A 675 -14.62 6.29 -3.83
N PHE A 676 -13.38 6.43 -3.39
CA PHE A 676 -12.75 5.44 -2.52
C PHE A 676 -13.02 5.71 -1.05
N ASN A 677 -13.97 6.57 -0.74
CA ASN A 677 -14.36 6.85 0.64
C ASN A 677 -15.57 6.00 1.02
N PHE A 678 -15.32 4.71 1.19
CA PHE A 678 -16.36 3.76 1.57
C PHE A 678 -15.99 2.89 2.76
N ASP A 679 -14.77 2.98 3.27
CA ASP A 679 -14.36 2.14 4.39
C ASP A 679 -14.72 2.75 5.73
N GLU A 680 -14.58 4.08 5.86
CA GLU A 680 -14.94 4.82 7.08
C GLU A 680 -14.07 4.44 8.27
N THR A 681 -13.11 3.53 8.07
CA THR A 681 -12.18 3.14 9.13
C THR A 681 -10.73 3.46 8.81
N GLN A 682 -10.39 3.71 7.55
CA GLN A 682 -9.03 3.99 7.16
C GLN A 682 -9.04 4.80 5.88
N THR A 683 -7.91 5.43 5.59
CA THR A 683 -7.75 6.23 4.38
C THR A 683 -6.84 5.49 3.41
N LYS A 684 -7.27 5.42 2.15
CA LYS A 684 -6.48 4.75 1.12
C LYS A 684 -5.44 5.69 0.56
N ARG A 685 -4.27 5.13 0.23
CA ARG A 685 -3.19 5.91 -0.34
C ARG A 685 -3.14 5.84 -1.86
N SER A 686 -3.50 4.71 -2.45
CA SER A 686 -3.53 4.55 -3.90
C SER A 686 -4.95 4.80 -4.39
N THR A 687 -5.26 6.09 -4.57
CA THR A 687 -6.57 6.53 -5.02
C THR A 687 -6.41 7.32 -6.33
N PHE A 688 -7.53 7.90 -6.78
CA PHE A 688 -7.56 8.76 -7.95
C PHE A 688 -8.08 10.15 -7.60
N ASP A 689 -7.75 10.63 -6.40
CA ASP A 689 -8.36 11.87 -5.90
C ASP A 689 -7.96 13.08 -6.74
N ASN A 690 -6.69 13.19 -7.12
CA ASN A 690 -6.25 14.30 -7.95
C ASN A 690 -5.26 13.76 -8.98
N PHE A 691 -4.78 14.66 -9.84
CA PHE A 691 -3.96 14.23 -10.98
C PHE A 691 -2.65 13.58 -10.56
N PRO A 692 -1.83 14.14 -9.67
CA PRO A 692 -0.60 13.43 -9.28
C PRO A 692 -0.86 12.07 -8.65
N GLN A 693 -1.87 11.97 -7.79
CA GLN A 693 -2.16 10.68 -7.16
C GLN A 693 -2.70 9.68 -8.17
N ALA A 694 -3.55 10.13 -9.09
CA ALA A 694 -4.03 9.25 -10.15
C ALA A 694 -2.88 8.77 -11.02
N LEU A 695 -1.94 9.66 -11.33
CA LEU A 695 -0.78 9.30 -12.13
C LEU A 695 0.07 8.25 -11.41
N LEU A 696 0.30 8.44 -10.12
CA LEU A 696 1.05 7.47 -9.34
C LEU A 696 0.33 6.12 -9.28
N THR A 697 -0.99 6.14 -9.12
CA THR A 697 -1.76 4.90 -9.08
C THR A 697 -1.69 4.17 -10.41
N VAL A 698 -1.80 4.89 -11.52
CA VAL A 698 -1.70 4.27 -12.83
C VAL A 698 -0.33 3.67 -13.03
N PHE A 699 0.72 4.38 -12.59
CA PHE A 699 2.07 3.83 -12.69
C PHE A 699 2.20 2.55 -11.87
N GLN A 700 1.64 2.55 -10.66
CA GLN A 700 1.72 1.36 -9.81
C GLN A 700 1.01 0.17 -10.45
N ILE A 701 -0.18 0.40 -11.02
CA ILE A 701 -0.88 -0.68 -11.71
C ILE A 701 -0.08 -1.13 -12.92
N LEU A 702 0.60 -0.19 -13.57
CA LEU A 702 1.41 -0.53 -14.75
C LEU A 702 2.56 -1.46 -14.37
N THR A 703 3.23 -1.20 -13.25
CA THR A 703 4.28 -2.10 -12.81
C THR A 703 3.72 -3.43 -12.28
N GLY A 704 2.43 -3.51 -12.03
CA GLY A 704 1.83 -4.77 -11.60
C GLY A 704 2.02 -5.09 -10.13
N GLU A 705 2.18 -4.08 -9.28
CA GLU A 705 2.37 -4.29 -7.85
C GLU A 705 1.07 -3.95 -7.13
N ASP A 706 0.42 -4.97 -6.58
CA ASP A 706 -0.82 -4.82 -5.82
C ASP A 706 -1.89 -4.09 -6.62
N TRP A 707 -1.94 -4.37 -7.93
CA TRP A 707 -3.02 -3.84 -8.74
C TRP A 707 -4.34 -4.48 -8.38
N ASN A 708 -4.30 -5.69 -7.81
CA ASN A 708 -5.54 -6.35 -7.42
C ASN A 708 -6.22 -5.61 -6.27
N ALA A 709 -5.45 -5.02 -5.38
CA ALA A 709 -6.04 -4.24 -4.29
C ALA A 709 -6.77 -3.01 -4.85
N VAL A 710 -6.16 -2.33 -5.81
CA VAL A 710 -6.83 -1.18 -6.43
C VAL A 710 -8.07 -1.63 -7.19
N MET A 711 -8.00 -2.78 -7.84
CA MET A 711 -9.17 -3.30 -8.54
C MET A 711 -10.30 -3.61 -7.56
N TYR A 712 -9.97 -4.20 -6.41
CA TYR A 712 -10.99 -4.50 -5.41
C TYR A 712 -11.61 -3.22 -4.86
N ASP A 713 -10.78 -2.19 -4.62
CA ASP A 713 -11.33 -0.92 -4.18
C ASP A 713 -12.26 -0.32 -5.23
N GLY A 714 -11.86 -0.38 -6.50
CA GLY A 714 -12.70 0.15 -7.56
C GLY A 714 -14.00 -0.63 -7.71
N ILE A 715 -13.96 -1.94 -7.48
CA ILE A 715 -15.16 -2.75 -7.53
C ILE A 715 -16.11 -2.39 -6.39
N MET A 716 -15.56 -2.26 -5.17
CA MET A 716 -16.39 -1.91 -4.03
C MET A 716 -16.93 -0.49 -4.15
N ALA A 717 -16.23 0.39 -4.87
CA ALA A 717 -16.71 1.75 -5.05
C ALA A 717 -18.00 1.81 -5.88
N TYR A 718 -18.34 0.75 -6.59
CA TYR A 718 -19.54 0.69 -7.42
C TYR A 718 -20.51 -0.37 -6.91
N GLY A 719 -20.66 -0.45 -5.59
CA GLY A 719 -21.48 -1.48 -5.00
C GLY A 719 -20.68 -2.55 -4.29
N GLY A 720 -20.52 -3.70 -4.94
CA GLY A 720 -19.75 -4.78 -4.37
C GLY A 720 -19.65 -5.96 -5.32
N PRO A 721 -19.38 -7.14 -4.78
CA PRO A 721 -19.36 -8.35 -5.63
C PRO A 721 -20.68 -8.60 -6.32
N SER A 722 -21.79 -8.26 -5.67
CA SER A 722 -23.10 -8.39 -6.30
C SER A 722 -23.32 -7.20 -7.24
N SER A 723 -24.55 -7.05 -7.73
CA SER A 723 -24.92 -5.95 -8.60
C SER A 723 -24.09 -5.92 -9.88
N SER A 724 -24.20 -4.85 -10.65
CA SER A 724 -23.44 -4.68 -11.87
C SER A 724 -22.15 -3.91 -11.65
N GLY A 725 -21.72 -3.77 -10.39
CA GLY A 725 -20.49 -3.06 -10.10
C GLY A 725 -19.23 -3.77 -10.54
N MET A 726 -19.30 -5.10 -10.71
CA MET A 726 -18.12 -5.85 -11.11
C MET A 726 -17.72 -5.58 -12.56
N ILE A 727 -18.57 -4.95 -13.37
CA ILE A 727 -18.23 -4.69 -14.76
C ILE A 727 -17.10 -3.68 -14.90
N VAL A 728 -16.80 -2.93 -13.84
CA VAL A 728 -15.73 -1.95 -13.91
C VAL A 728 -14.36 -2.61 -13.80
N CYS A 729 -14.32 -3.91 -13.50
CA CYS A 729 -13.06 -4.62 -13.42
C CYS A 729 -12.34 -4.69 -14.76
N ILE A 730 -13.05 -4.44 -15.86
CA ILE A 730 -12.41 -4.46 -17.17
C ILE A 730 -11.50 -3.26 -17.37
N TYR A 731 -11.67 -2.20 -16.57
CA TYR A 731 -10.75 -1.08 -16.65
C TYR A 731 -9.34 -1.49 -16.23
N PHE A 732 -9.23 -2.26 -15.15
CA PHE A 732 -7.93 -2.69 -14.67
C PHE A 732 -7.42 -3.91 -15.43
N ILE A 733 -8.32 -4.69 -16.03
CA ILE A 733 -7.89 -5.80 -16.88
C ILE A 733 -7.30 -5.27 -18.17
N ILE A 734 -7.97 -4.29 -18.79
CA ILE A 734 -7.44 -3.69 -20.02
C ILE A 734 -6.16 -2.93 -19.74
N LEU A 735 -6.13 -2.16 -18.64
CA LEU A 735 -4.96 -1.34 -18.34
C LEU A 735 -3.73 -2.20 -18.10
N PHE A 736 -3.90 -3.35 -17.44
CA PHE A 736 -2.76 -4.23 -17.20
C PHE A 736 -2.28 -4.90 -18.48
N ILE A 737 -3.21 -5.44 -19.27
CA ILE A 737 -2.83 -6.16 -20.48
C ILE A 737 -2.28 -5.19 -21.53
N CYS A 738 -3.00 -4.10 -21.79
CA CYS A 738 -2.56 -3.15 -22.80
C CYS A 738 -1.37 -2.33 -22.31
N GLY A 739 -1.34 -1.99 -21.02
CA GLY A 739 -0.21 -1.24 -20.51
C GLY A 739 1.08 -2.05 -20.49
N ASN A 740 1.00 -3.33 -20.14
CA ASN A 740 2.20 -4.15 -20.09
C ASN A 740 2.70 -4.52 -21.48
N TYR A 741 1.80 -4.60 -22.46
CA TYR A 741 2.22 -4.85 -23.84
C TYR A 741 3.07 -3.70 -24.36
N ILE A 742 2.68 -2.46 -24.06
CA ILE A 742 3.43 -1.30 -24.52
C ILE A 742 4.82 -1.29 -23.90
N LEU A 743 4.92 -1.61 -22.61
CA LEU A 743 6.21 -1.62 -21.94
C LEU A 743 7.16 -2.63 -22.57
N LEU A 744 6.65 -3.81 -22.91
CA LEU A 744 7.48 -4.82 -23.57
C LEU A 744 7.75 -4.49 -25.03
N ASN A 745 7.05 -3.50 -25.59
CA ASN A 745 7.27 -3.07 -26.95
C ASN A 745 8.01 -1.73 -27.04
N VAL A 746 8.34 -1.13 -25.90
CA VAL A 746 9.06 0.14 -25.86
C VAL A 746 10.45 -0.05 -25.27
N PHE A 747 10.53 -0.50 -24.02
CA PHE A 747 11.83 -0.64 -23.37
C PHE A 747 12.61 -1.83 -23.93
N LEU A 748 11.92 -2.89 -24.35
CA LEU A 748 12.62 -4.02 -24.97
C LEU A 748 13.05 -3.68 -26.39
N ALA A 749 12.23 -2.92 -27.12
CA ALA A 749 12.61 -2.52 -28.47
C ALA A 749 13.81 -1.58 -28.45
N ILE A 750 13.87 -0.68 -27.47
CA ILE A 750 15.03 0.20 -27.35
C ILE A 750 16.28 -0.62 -27.09
N ALA A 751 16.19 -1.61 -26.21
CA ALA A 751 17.36 -2.44 -25.91
C ALA A 751 17.78 -3.28 -27.11
N VAL A 752 16.83 -3.95 -27.75
CA VAL A 752 17.17 -4.91 -28.80
C VAL A 752 17.73 -4.20 -30.03
N ASP A 753 17.08 -3.12 -30.46
CA ASP A 753 17.53 -2.43 -31.66
C ASP A 753 18.72 -1.51 -31.42
N ASN A 754 19.16 -1.34 -30.17
CA ASN A 754 20.36 -0.58 -29.87
C ASN A 754 21.48 -1.42 -29.31
N LEU A 755 21.25 -2.72 -29.12
CA LEU A 755 22.32 -3.65 -28.73
C LEU A 755 22.87 -4.41 -29.92
N ALA A 756 22.02 -4.84 -30.86
CA ALA A 756 22.51 -5.43 -32.10
C ALA A 756 23.28 -4.41 -32.92
N ASP A 757 22.87 -3.14 -32.84
CA ASP A 757 23.62 -2.08 -33.51
C ASP A 757 25.00 -1.91 -32.89
N ALA A 758 25.09 -1.97 -31.56
CA ALA A 758 26.40 -1.88 -30.91
C ALA A 758 27.20 -3.16 -31.09
N GLU A 759 26.54 -4.32 -31.06
CA GLU A 759 27.24 -5.58 -31.28
C GLU A 759 27.83 -5.64 -32.69
N SER A 760 27.06 -5.20 -33.68
CA SER A 760 27.56 -5.20 -35.06
C SER A 760 28.68 -4.19 -35.24
N LEU A 761 28.66 -3.09 -34.50
CA LEU A 761 29.75 -2.12 -34.60
C LEU A 761 31.06 -2.72 -34.13
N ASN A 762 31.03 -3.50 -33.06
CA ASN A 762 32.24 -4.13 -32.56
C ASN A 762 32.83 -5.08 -33.58
N THR A 763 31.98 -5.85 -34.26
CA THR A 763 32.47 -6.74 -35.31
C THR A 763 33.15 -5.96 -36.43
N ALA A 764 32.53 -4.86 -36.86
CA ALA A 764 33.15 -4.01 -37.87
C ALA A 764 34.39 -3.33 -37.34
N GLN A 765 34.34 -2.86 -36.08
CA GLN A 765 35.49 -2.15 -35.52
C GLN A 765 36.66 -3.08 -35.24
N LYS A 766 36.37 -4.30 -34.75
CA LYS A 766 37.45 -5.23 -34.45
C LYS A 766 38.14 -5.72 -35.71
N GLU A 767 37.36 -6.09 -36.74
CA GLU A 767 37.96 -6.54 -37.98
C GLU A 767 38.76 -5.43 -38.66
N GLU A 768 38.22 -4.20 -38.66
CA GLU A 768 38.93 -3.07 -39.25
C GLU A 768 40.15 -2.65 -38.43
N ALA A 769 40.31 -3.19 -37.23
CA ALA A 769 41.47 -2.88 -36.40
C ALA A 769 42.64 -3.83 -36.61
N GLU A 770 42.49 -4.83 -37.49
CA GLU A 770 43.57 -5.76 -37.77
C GLU A 770 44.49 -5.29 -38.87
N GLU A 771 44.02 -4.44 -39.78
CA GLU A 771 44.84 -3.95 -40.87
C GLU A 771 45.69 -2.74 -40.47
N LYS A 772 45.50 -2.20 -39.28
CA LYS A 772 46.23 -1.02 -38.84
C LYS A 772 47.32 -1.39 -37.82
N ILE A 875 48.72 -54.48 -9.10
CA ILE A 875 48.26 -54.34 -10.47
C ILE A 875 47.10 -53.35 -10.54
N ARG A 876 47.42 -52.10 -10.86
CA ARG A 876 46.41 -51.04 -10.94
C ARG A 876 45.84 -50.91 -12.34
N VAL A 877 45.37 -52.02 -12.90
CA VAL A 877 44.67 -52.00 -14.18
C VAL A 877 43.27 -52.58 -13.96
N GLY A 878 43.14 -53.49 -13.01
CA GLY A 878 41.82 -53.98 -12.64
C GLY A 878 40.99 -52.89 -11.99
N CYS A 879 41.62 -52.06 -11.16
CA CYS A 879 40.91 -50.92 -10.59
C CYS A 879 40.49 -49.94 -11.68
N HIS A 880 41.34 -49.74 -12.69
CA HIS A 880 40.97 -48.90 -13.82
C HIS A 880 39.77 -49.47 -14.56
N LYS A 881 39.76 -50.79 -14.78
CA LYS A 881 38.62 -51.42 -15.43
C LYS A 881 37.35 -51.25 -14.61
N LEU A 882 37.46 -51.39 -13.29
CA LEU A 882 36.29 -51.25 -12.43
C LEU A 882 35.76 -49.82 -12.44
N ILE A 883 36.65 -48.82 -12.30
CA ILE A 883 36.19 -47.44 -12.24
C ILE A 883 35.66 -46.97 -13.59
N ASN A 884 36.19 -47.52 -14.69
CA ASN A 884 35.73 -47.15 -16.01
C ASN A 884 34.65 -48.09 -16.54
N HIS A 885 34.18 -49.02 -15.72
CA HIS A 885 33.17 -49.97 -16.17
C HIS A 885 31.86 -49.28 -16.50
N HIS A 886 31.07 -49.94 -17.36
CA HIS A 886 29.81 -49.35 -17.80
C HIS A 886 28.83 -49.16 -16.66
N ILE A 887 28.77 -50.12 -15.74
CA ILE A 887 27.79 -50.06 -14.66
C ILE A 887 28.29 -49.29 -13.44
N PHE A 888 29.60 -49.15 -13.26
CA PHE A 888 30.11 -48.50 -12.06
C PHE A 888 29.80 -47.02 -12.03
N THR A 889 29.97 -46.33 -13.16
CA THR A 889 29.66 -44.90 -13.21
C THR A 889 28.19 -44.65 -12.95
N ASN A 890 27.31 -45.47 -13.55
CA ASN A 890 25.89 -45.33 -13.31
C ASN A 890 25.54 -45.59 -11.86
N LEU A 891 26.16 -46.60 -11.24
CA LEU A 891 25.92 -46.87 -9.83
C LEU A 891 26.35 -45.72 -8.97
N ILE A 892 27.50 -45.11 -9.27
CA ILE A 892 27.96 -43.96 -8.50
C ILE A 892 26.99 -42.79 -8.65
N LEU A 893 26.52 -42.55 -9.87
CA LEU A 893 25.60 -41.44 -10.09
C LEU A 893 24.28 -41.64 -9.35
N VAL A 894 23.72 -42.85 -9.43
CA VAL A 894 22.46 -43.10 -8.74
C VAL A 894 22.67 -43.05 -7.23
N PHE A 895 23.84 -43.47 -6.74
CA PHE A 895 24.10 -43.35 -5.32
C PHE A 895 24.19 -41.88 -4.89
N ILE A 896 24.77 -41.04 -5.75
CA ILE A 896 24.87 -39.62 -5.43
C ILE A 896 23.47 -39.00 -5.34
N MET A 897 22.62 -39.29 -6.32
CA MET A 897 21.27 -38.71 -6.28
C MET A 897 20.46 -39.28 -5.13
N LEU A 898 20.63 -40.56 -4.80
CA LEU A 898 19.93 -41.15 -3.66
C LEU A 898 20.40 -40.53 -2.35
N SER A 899 21.71 -40.24 -2.23
CA SER A 899 22.22 -39.58 -1.04
C SER A 899 21.66 -38.18 -0.91
N SER A 900 21.54 -37.46 -2.03
CA SER A 900 20.92 -36.14 -1.99
C SER A 900 19.47 -36.24 -1.55
N ALA A 901 18.73 -37.22 -2.07
CA ALA A 901 17.34 -37.41 -1.65
C ALA A 901 17.25 -37.73 -0.16
N ALA A 902 18.17 -38.54 0.35
CA ALA A 902 18.22 -38.81 1.77
C ALA A 902 18.49 -37.54 2.57
N LEU A 903 19.38 -36.69 2.06
CA LEU A 903 19.66 -35.42 2.71
C LEU A 903 18.42 -34.53 2.77
N ALA A 904 17.57 -34.58 1.74
CA ALA A 904 16.39 -33.75 1.67
C ALA A 904 15.18 -34.37 2.38
N ALA A 905 15.41 -35.29 3.32
CA ALA A 905 14.31 -35.93 4.04
C ALA A 905 14.52 -35.91 5.55
N GLU A 906 15.44 -35.08 6.04
CA GLU A 906 15.73 -35.01 7.46
C GLU A 906 14.79 -34.04 8.16
N ASP A 907 14.49 -34.33 9.41
CA ASP A 907 13.60 -33.48 10.19
C ASP A 907 14.38 -32.28 10.73
N PRO A 908 13.99 -31.05 10.41
CA PRO A 908 14.77 -29.89 10.86
C PRO A 908 14.49 -29.47 12.29
N ILE A 909 13.36 -29.88 12.88
CA ILE A 909 12.96 -29.38 14.17
C ILE A 909 13.37 -30.37 15.26
N ARG A 910 12.84 -31.58 15.20
CA ARG A 910 13.06 -32.57 16.26
C ARG A 910 14.42 -33.22 16.05
N SER A 911 15.42 -32.75 16.79
CA SER A 911 16.76 -33.35 16.71
C SER A 911 16.74 -34.79 17.19
N HIS A 912 16.04 -35.07 18.28
CA HIS A 912 15.88 -36.44 18.78
C HIS A 912 14.61 -37.02 18.16
N SER A 913 14.75 -37.45 16.90
CA SER A 913 13.63 -38.01 16.16
C SER A 913 14.04 -39.36 15.60
N PHE A 914 13.07 -40.27 15.47
CA PHE A 914 13.36 -41.61 14.98
C PHE A 914 13.75 -41.59 13.50
N ARG A 915 13.12 -40.70 12.72
CA ARG A 915 13.41 -40.67 11.29
C ARG A 915 14.86 -40.31 11.02
N ASN A 916 15.40 -39.33 11.75
CA ASN A 916 16.77 -38.91 11.55
C ASN A 916 17.75 -40.02 11.90
N THR A 917 17.44 -40.83 12.93
CA THR A 917 18.33 -41.94 13.28
C THR A 917 18.43 -42.95 12.15
N ILE A 918 17.31 -43.28 11.51
CA ILE A 918 17.34 -44.17 10.37
C ILE A 918 18.11 -43.54 9.21
N LEU A 919 17.85 -42.25 8.94
CA LEU A 919 18.52 -41.58 7.84
C LEU A 919 20.01 -41.44 8.10
N GLY A 920 20.40 -41.18 9.36
CA GLY A 920 21.81 -41.13 9.70
C GLY A 920 22.50 -42.46 9.46
N TYR A 921 21.78 -43.56 9.69
CA TYR A 921 22.31 -44.87 9.36
C TYR A 921 22.50 -45.03 7.86
N PHE A 922 21.59 -44.47 7.06
CA PHE A 922 21.73 -44.52 5.61
C PHE A 922 22.97 -43.78 5.15
N ASP A 923 23.24 -42.61 5.73
CA ASP A 923 24.41 -41.84 5.33
C ASP A 923 25.71 -42.56 5.61
N TYR A 924 25.73 -43.42 6.64
CA TYR A 924 26.94 -44.16 6.97
C TYR A 924 27.35 -45.08 5.82
N ALA A 925 26.40 -45.78 5.22
CA ALA A 925 26.71 -46.63 4.08
C ALA A 925 27.03 -45.80 2.85
N PHE A 926 26.29 -44.70 2.64
CA PHE A 926 26.53 -43.85 1.48
C PHE A 926 27.91 -43.20 1.52
N THR A 927 28.33 -42.74 2.70
CA THR A 927 29.65 -42.12 2.81
C THR A 927 30.78 -43.12 2.76
N ALA A 928 30.49 -44.42 2.84
CA ALA A 928 31.51 -45.45 2.72
C ALA A 928 31.76 -45.82 1.27
N ILE A 929 30.70 -45.89 0.47
CA ILE A 929 30.86 -46.17 -0.96
C ILE A 929 31.61 -45.02 -1.64
N PHE A 930 31.27 -43.78 -1.30
CA PHE A 930 32.01 -42.64 -1.85
C PHE A 930 33.45 -42.63 -1.33
N THR A 931 33.68 -43.20 -0.15
CA THR A 931 35.03 -43.29 0.39
C THR A 931 35.83 -44.39 -0.30
N VAL A 932 35.18 -45.51 -0.65
CA VAL A 932 35.90 -46.62 -1.25
C VAL A 932 36.13 -46.41 -2.74
N GLU A 933 35.48 -45.43 -3.35
CA GLU A 933 35.69 -45.16 -4.77
C GLU A 933 36.73 -44.07 -5.01
N ILE A 934 36.91 -43.13 -4.08
CA ILE A 934 37.98 -42.16 -4.22
C ILE A 934 39.33 -42.84 -4.02
N LEU A 935 39.44 -43.72 -3.03
CA LEU A 935 40.66 -44.50 -2.85
C LEU A 935 40.91 -45.42 -4.03
N LEU A 936 39.84 -46.05 -4.54
CA LEU A 936 39.99 -46.91 -5.71
C LEU A 936 40.45 -46.12 -6.92
N LYS A 937 39.90 -44.92 -7.11
CA LYS A 937 40.38 -44.06 -8.19
C LYS A 937 41.80 -43.58 -7.93
N MET A 938 42.13 -43.29 -6.67
CA MET A 938 43.47 -42.82 -6.34
C MET A 938 44.52 -43.89 -6.58
N THR A 939 44.13 -45.17 -6.56
CA THR A 939 45.07 -46.25 -6.82
C THR A 939 45.61 -46.17 -8.25
N THR A 940 44.74 -45.85 -9.21
CA THR A 940 45.12 -45.83 -10.62
C THR A 940 45.69 -44.49 -11.07
N PHE A 941 45.79 -43.50 -10.18
CA PHE A 941 46.28 -42.19 -10.56
C PHE A 941 47.40 -41.75 -9.63
N GLY A 942 48.43 -41.14 -10.20
CA GLY A 942 49.57 -40.68 -9.44
C GLY A 942 50.64 -40.01 -10.29
N ASN A 953 42.40 -33.19 -11.39
CA ASN A 953 41.70 -31.96 -11.71
C ASN A 953 40.98 -31.40 -10.49
N TYR A 954 40.35 -30.23 -10.66
CA TYR A 954 39.71 -29.55 -9.54
C TYR A 954 38.41 -30.21 -9.11
N PHE A 955 37.77 -30.99 -10.00
CA PHE A 955 36.54 -31.67 -9.61
C PHE A 955 36.80 -32.81 -8.63
N ASN A 956 37.93 -33.50 -8.77
CA ASN A 956 38.26 -34.58 -7.84
C ASN A 956 38.48 -34.04 -6.43
N LEU A 957 39.09 -32.85 -6.32
CA LEU A 957 39.27 -32.24 -5.01
C LEU A 957 37.94 -31.94 -4.35
N LEU A 958 36.96 -31.50 -5.12
CA LEU A 958 35.63 -31.25 -4.57
C LEU A 958 35.02 -32.53 -4.02
N ASP A 959 35.20 -33.65 -4.72
CA ASP A 959 34.66 -34.91 -4.25
C ASP A 959 35.30 -35.32 -2.92
N MET A 960 36.61 -35.10 -2.79
CA MET A 960 37.27 -35.37 -1.52
C MET A 960 36.80 -34.42 -0.43
N LEU A 961 36.48 -33.18 -0.80
CA LEU A 961 36.00 -32.22 0.19
C LEU A 961 34.68 -32.67 0.80
N VAL A 962 33.75 -33.15 -0.02
CA VAL A 962 32.45 -33.58 0.48
C VAL A 962 32.60 -34.79 1.39
N VAL A 963 33.42 -35.77 0.99
CA VAL A 963 33.62 -36.94 1.83
C VAL A 963 34.36 -36.56 3.11
N GLY A 964 35.29 -35.62 3.02
CA GLY A 964 36.02 -35.20 4.20
C GLY A 964 35.12 -34.57 5.25
N VAL A 965 34.17 -33.74 4.82
CA VAL A 965 33.27 -33.08 5.75
C VAL A 965 32.43 -34.10 6.51
N SER A 966 31.94 -35.13 5.83
CA SER A 966 31.13 -36.14 6.50
C SER A 966 31.94 -36.89 7.54
N LEU A 967 33.19 -37.24 7.23
CA LEU A 967 34.04 -37.95 8.19
C LEU A 967 34.38 -37.05 9.38
N VAL A 968 34.72 -35.79 9.12
CA VAL A 968 35.05 -34.87 10.20
C VAL A 968 33.81 -34.62 11.07
N SER A 969 32.63 -34.57 10.45
CA SER A 969 31.40 -34.39 11.23
C SER A 969 31.18 -35.55 12.19
N PHE A 970 31.48 -36.77 11.75
CA PHE A 970 31.31 -37.96 12.58
C PHE A 970 32.22 -37.90 13.80
N VAL A 979 32.28 -25.36 14.54
CA VAL A 979 31.35 -26.26 15.19
C VAL A 979 30.82 -27.29 14.21
N VAL A 980 29.71 -27.94 14.57
CA VAL A 980 29.11 -28.95 13.70
C VAL A 980 28.07 -28.34 12.76
N LYS A 981 27.53 -27.17 13.09
CA LYS A 981 26.52 -26.55 12.24
C LYS A 981 27.09 -26.17 10.89
N ILE A 982 28.34 -25.69 10.86
CA ILE A 982 28.96 -25.31 9.59
C ILE A 982 29.16 -26.54 8.72
N LEU A 983 29.59 -27.66 9.30
CA LEU A 983 29.72 -28.89 8.52
C LEU A 983 28.37 -29.38 8.03
N ARG A 984 27.33 -29.25 8.86
CA ARG A 984 25.99 -29.64 8.42
C ARG A 984 25.54 -28.79 7.24
N VAL A 985 25.84 -27.49 7.26
CA VAL A 985 25.51 -26.64 6.13
C VAL A 985 26.31 -27.05 4.90
N LEU A 986 27.60 -27.33 5.07
CA LEU A 986 28.43 -27.75 3.95
C LEU A 986 28.08 -29.13 3.42
N ARG A 987 27.24 -29.89 4.13
CA ARG A 987 26.80 -31.18 3.64
C ARG A 987 25.91 -31.06 2.41
N VAL A 988 25.44 -29.86 2.07
CA VAL A 988 24.55 -29.66 0.93
C VAL A 988 25.27 -29.74 -0.41
N LEU A 989 26.58 -29.99 -0.41
CA LEU A 989 27.37 -30.04 -1.63
C LEU A 989 27.25 -31.37 -2.36
N ARG A 990 26.39 -32.28 -1.90
CA ARG A 990 26.26 -33.58 -2.55
C ARG A 990 25.82 -33.50 -4.00
N PRO A 991 24.80 -32.72 -4.37
CA PRO A 991 24.39 -32.69 -5.79
C PRO A 991 25.47 -32.18 -6.73
N LEU A 992 26.41 -31.37 -6.23
CA LEU A 992 27.47 -30.84 -7.10
C LEU A 992 28.41 -31.94 -7.60
N ARG A 993 28.44 -33.09 -6.94
CA ARG A 993 29.32 -34.17 -7.38
C ARG A 993 28.85 -34.80 -8.68
N ALA A 994 27.58 -34.62 -9.04
CA ALA A 994 27.06 -35.20 -10.27
C ALA A 994 27.37 -34.37 -11.51
N ILE A 995 27.96 -33.19 -11.35
CA ILE A 995 28.29 -32.36 -12.50
C ILE A 995 29.33 -33.03 -13.37
N ASN A 996 30.38 -33.58 -12.76
CA ASN A 996 31.45 -34.19 -13.54
C ASN A 996 31.02 -35.50 -14.20
N ARG A 997 29.93 -36.10 -13.75
CA ARG A 997 29.49 -37.38 -14.31
C ARG A 997 28.73 -37.17 -15.61
N ALA A 998 27.60 -36.48 -15.54
CA ALA A 998 26.78 -36.22 -16.73
C ALA A 998 27.43 -35.15 -17.59
N LYS A 999 27.59 -35.45 -18.88
CA LYS A 999 28.21 -34.49 -19.78
C LYS A 999 27.31 -33.28 -20.01
N GLY A 1000 25.99 -33.51 -20.11
CA GLY A 1000 25.08 -32.39 -20.35
C GLY A 1000 25.11 -31.37 -19.24
N LEU A 1001 25.17 -31.84 -17.98
CA LEU A 1001 25.23 -30.91 -16.86
C LEU A 1001 26.50 -30.08 -16.90
N LYS A 1002 27.64 -30.70 -17.20
CA LYS A 1002 28.89 -29.96 -17.32
C LYS A 1002 28.81 -28.92 -18.44
N HIS A 1003 28.22 -29.31 -19.57
CA HIS A 1003 28.10 -28.38 -20.69
C HIS A 1003 27.23 -27.19 -20.34
N VAL A 1004 26.09 -27.43 -19.70
CA VAL A 1004 25.20 -26.31 -19.38
C VAL A 1004 25.82 -25.42 -18.31
N VAL A 1005 26.55 -26.01 -17.36
CA VAL A 1005 27.23 -25.18 -16.36
C VAL A 1005 28.29 -24.31 -17.00
N GLN A 1006 29.07 -24.87 -17.91
CA GLN A 1006 30.09 -24.07 -18.61
C GLN A 1006 29.44 -22.96 -19.44
N CYS A 1007 28.32 -23.28 -20.10
CA CYS A 1007 27.63 -22.25 -20.86
C CYS A 1007 27.11 -21.13 -19.96
N VAL A 1008 26.61 -21.48 -18.77
CA VAL A 1008 26.15 -20.47 -17.83
C VAL A 1008 27.30 -19.58 -17.38
N PHE A 1009 28.45 -20.19 -17.08
CA PHE A 1009 29.60 -19.39 -16.67
C PHE A 1009 30.05 -18.45 -17.78
N VAL A 1010 30.06 -18.94 -19.01
CA VAL A 1010 30.43 -18.10 -20.15
C VAL A 1010 29.44 -16.94 -20.30
N ALA A 1011 28.15 -17.24 -20.13
CA ALA A 1011 27.13 -16.19 -20.22
C ALA A 1011 27.32 -15.14 -19.12
N ILE A 1012 27.69 -15.58 -17.92
CA ILE A 1012 27.95 -14.64 -16.85
C ILE A 1012 29.14 -13.74 -17.21
N ARG A 1013 30.21 -14.33 -17.74
CA ARG A 1013 31.40 -13.55 -18.07
C ARG A 1013 31.11 -12.50 -19.13
N THR A 1014 30.35 -12.87 -20.17
CA THR A 1014 30.14 -11.96 -21.29
C THR A 1014 29.16 -10.83 -20.96
N ILE A 1015 28.48 -10.90 -19.81
CA ILE A 1015 27.47 -9.93 -19.43
C ILE A 1015 27.90 -9.11 -18.22
N GLY A 1016 29.14 -9.28 -17.76
CA GLY A 1016 29.60 -8.56 -16.59
C GLY A 1016 29.68 -7.06 -16.77
N ASN A 1017 29.74 -6.58 -18.01
CA ASN A 1017 29.79 -5.14 -18.23
C ASN A 1017 28.50 -4.46 -17.75
N ILE A 1018 27.35 -5.05 -18.07
CA ILE A 1018 26.08 -4.44 -17.71
C ILE A 1018 25.86 -4.49 -16.20
N MET A 1019 26.26 -5.58 -15.56
CA MET A 1019 26.08 -5.69 -14.11
C MET A 1019 26.84 -4.60 -13.37
N ILE A 1020 28.06 -4.30 -13.81
CA ILE A 1020 28.82 -3.24 -13.16
C ILE A 1020 28.12 -1.89 -13.33
N VAL A 1021 27.62 -1.62 -14.53
CA VAL A 1021 26.96 -0.34 -14.78
C VAL A 1021 25.72 -0.19 -13.91
N THR A 1022 24.89 -1.23 -13.86
CA THR A 1022 23.66 -1.11 -13.06
C THR A 1022 23.96 -1.10 -11.57
N THR A 1023 25.02 -1.78 -11.12
CA THR A 1023 25.42 -1.69 -9.72
C THR A 1023 25.86 -0.28 -9.37
N LEU A 1024 26.63 0.36 -10.27
CA LEU A 1024 27.06 1.73 -10.03
C LEU A 1024 25.87 2.68 -10.01
N LEU A 1025 24.89 2.46 -10.90
CA LEU A 1025 23.69 3.29 -10.90
C LEU A 1025 22.90 3.12 -9.61
N GLN A 1026 22.78 1.88 -9.13
CA GLN A 1026 22.09 1.65 -7.86
C GLN A 1026 22.84 2.31 -6.72
N PHE A 1027 24.17 2.28 -6.76
CA PHE A 1027 24.96 2.94 -5.71
C PHE A 1027 24.73 4.45 -5.72
N MET A 1028 24.70 5.06 -6.90
CA MET A 1028 24.45 6.50 -6.99
C MET A 1028 23.06 6.84 -6.47
N PHE A 1029 22.06 6.05 -6.85
CA PHE A 1029 20.70 6.32 -6.37
C PHE A 1029 20.60 6.08 -4.88
N ALA A 1030 21.35 5.12 -4.34
CA ALA A 1030 21.36 4.91 -2.90
C ALA A 1030 21.98 6.07 -2.16
N CYS A 1031 23.05 6.65 -2.71
CA CYS A 1031 23.63 7.85 -2.09
C CYS A 1031 22.65 9.01 -2.13
N ILE A 1032 21.96 9.20 -3.24
CA ILE A 1032 20.97 10.28 -3.33
C ILE A 1032 19.84 10.04 -2.34
N GLY A 1033 19.36 8.80 -2.24
CA GLY A 1033 18.31 8.50 -1.28
C GLY A 1033 18.75 8.67 0.16
N VAL A 1034 20.02 8.38 0.46
CA VAL A 1034 20.54 8.65 1.79
C VAL A 1034 20.51 10.15 2.07
N GLN A 1035 20.93 10.95 1.09
CA GLN A 1035 20.91 12.40 1.30
C GLN A 1035 19.48 12.92 1.47
N LEU A 1036 18.51 12.27 0.82
CA LEU A 1036 17.14 12.77 0.82
C LEU A 1036 16.33 12.33 2.03
N PHE A 1037 16.41 11.05 2.41
CA PHE A 1037 15.57 10.53 3.48
C PHE A 1037 16.39 9.98 4.64
N LYS A 1038 17.39 10.72 5.09
CA LYS A 1038 18.27 10.27 6.17
C LYS A 1038 17.56 10.44 7.50
N GLY A 1039 17.05 9.34 8.05
CA GLY A 1039 16.44 9.36 9.36
C GLY A 1039 15.02 9.87 9.41
N LYS A 1040 14.41 10.18 8.27
CA LYS A 1040 13.07 10.76 8.24
C LYS A 1040 11.96 9.73 8.24
N PHE A 1041 12.28 8.44 8.30
CA PHE A 1041 11.29 7.38 8.22
C PHE A 1041 10.77 6.95 9.59
N TYR A 1042 11.18 7.62 10.66
CA TYR A 1042 10.72 7.28 11.99
C TYR A 1042 9.24 7.61 12.15
N ARG A 1043 8.57 6.85 13.02
CA ARG A 1043 7.18 7.15 13.37
C ARG A 1043 6.90 6.53 14.74
N CYS A 1044 5.90 7.10 15.41
CA CYS A 1044 5.48 6.61 16.72
C CYS A 1044 4.40 5.56 16.57
N THR A 1045 4.16 4.81 17.65
CA THR A 1045 3.16 3.76 17.63
C THR A 1045 1.76 4.32 17.43
N ASP A 1046 1.45 5.46 18.03
CA ASP A 1046 0.19 6.16 17.81
C ASP A 1046 0.43 7.42 17.00
N GLU A 1047 -0.44 7.67 16.02
CA GLU A 1047 -0.27 8.80 15.13
C GLU A 1047 -0.77 10.10 15.78
N ALA A 1048 -0.29 10.39 16.98
CA ALA A 1048 -0.65 11.61 17.67
C ALA A 1048 0.58 12.33 18.19
N LYS A 1049 1.65 11.57 18.43
CA LYS A 1049 2.91 12.12 18.90
C LYS A 1049 3.92 12.08 17.77
N SER A 1050 4.59 13.22 17.53
CA SER A 1050 5.41 13.39 16.33
C SER A 1050 6.86 13.70 16.66
N ASN A 1051 7.33 13.32 17.83
CA ASN A 1051 8.75 13.43 18.16
C ASN A 1051 9.07 12.43 19.26
N PRO A 1052 10.33 12.02 19.39
CA PRO A 1052 10.68 11.02 20.42
C PRO A 1052 10.38 11.48 21.82
N GLU A 1053 10.48 12.78 22.11
CA GLU A 1053 10.20 13.27 23.45
C GLU A 1053 8.73 13.11 23.83
N GLU A 1054 7.85 12.94 22.85
CA GLU A 1054 6.43 12.73 23.12
C GLU A 1054 6.01 11.27 23.00
N CYS A 1055 6.80 10.44 22.32
CA CYS A 1055 6.45 9.04 22.08
C CYS A 1055 7.01 8.16 23.21
N ARG A 1056 6.49 8.39 24.42
CA ARG A 1056 6.89 7.64 25.59
C ARG A 1056 5.66 7.33 26.44
N GLY A 1057 5.71 6.19 27.14
CA GLY A 1057 4.63 5.81 28.02
C GLY A 1057 3.58 4.95 27.37
N LEU A 1058 2.34 5.05 27.86
CA LEU A 1058 1.22 4.27 27.35
C LEU A 1058 0.23 5.18 26.63
N PHE A 1059 -0.61 4.57 25.82
CA PHE A 1059 -1.65 5.31 25.12
C PHE A 1059 -2.85 4.40 24.92
N ILE A 1060 -4.00 5.03 24.69
CA ILE A 1060 -5.26 4.31 24.49
C ILE A 1060 -5.44 4.09 22.99
N LEU A 1061 -5.61 2.83 22.60
CA LEU A 1061 -5.82 2.45 21.21
C LEU A 1061 -7.27 2.04 21.01
N TYR A 1062 -7.90 2.58 19.97
CA TYR A 1062 -9.28 2.24 19.63
C TYR A 1062 -9.27 1.23 18.49
N LYS A 1063 -9.58 -0.02 18.82
CA LYS A 1063 -9.47 -1.11 17.85
C LYS A 1063 -10.46 -0.92 16.71
N ASP A 1064 -9.97 -1.03 15.48
CA ASP A 1064 -10.78 -0.99 14.27
C ASP A 1064 -11.55 0.32 14.12
N GLY A 1065 -11.10 1.38 14.78
CA GLY A 1065 -11.76 2.67 14.71
C GLY A 1065 -12.96 2.82 15.61
N ASP A 1066 -13.33 1.78 16.36
CA ASP A 1066 -14.49 1.86 17.24
C ASP A 1066 -14.15 2.67 18.48
N VAL A 1067 -15.01 3.63 18.80
CA VAL A 1067 -14.77 4.47 19.98
C VAL A 1067 -15.17 3.76 21.27
N ASP A 1068 -15.94 2.68 21.19
CA ASP A 1068 -16.40 1.97 22.36
C ASP A 1068 -15.61 0.70 22.64
N SER A 1069 -14.50 0.49 21.95
CA SER A 1069 -13.64 -0.67 22.16
C SER A 1069 -12.19 -0.22 22.29
N PRO A 1070 -11.85 0.41 23.41
CA PRO A 1070 -10.46 0.87 23.62
C PRO A 1070 -9.59 -0.20 24.28
N VAL A 1071 -8.28 -0.04 24.09
CA VAL A 1071 -7.31 -0.95 24.66
C VAL A 1071 -6.01 -0.19 24.86
N VAL A 1072 -5.30 -0.50 25.95
CA VAL A 1072 -4.08 0.21 26.32
C VAL A 1072 -2.89 -0.44 25.62
N ARG A 1073 -2.06 0.39 24.99
CA ARG A 1073 -0.89 -0.08 24.28
C ARG A 1073 0.28 0.84 24.57
N GLU A 1074 1.49 0.31 24.40
CA GLU A 1074 2.72 1.05 24.63
C GLU A 1074 3.01 2.00 23.47
N ARG A 1075 3.79 3.05 23.77
CA ARG A 1075 4.28 3.98 22.76
C ARG A 1075 5.73 3.66 22.47
N ILE A 1076 6.02 3.32 21.22
CA ILE A 1076 7.38 2.99 20.80
C ILE A 1076 7.73 3.86 19.59
N TRP A 1077 8.88 4.53 19.66
CA TRP A 1077 9.38 5.35 18.55
C TRP A 1077 10.34 4.49 17.73
N GLN A 1078 9.80 3.83 16.72
CA GLN A 1078 10.51 2.81 15.97
C GLN A 1078 10.77 3.25 14.54
N ASN A 1079 11.92 2.86 14.00
CA ASN A 1079 12.27 3.15 12.63
C ASN A 1079 11.56 2.19 11.68
N SER A 1080 11.57 2.54 10.40
CA SER A 1080 10.97 1.68 9.40
C SER A 1080 11.84 0.46 9.15
N ASP A 1081 11.20 -0.61 8.66
CA ASP A 1081 11.94 -1.84 8.38
C ASP A 1081 12.93 -1.65 7.23
N PHE A 1082 12.52 -0.93 6.20
CA PHE A 1082 13.40 -0.55 5.09
C PHE A 1082 13.52 0.96 5.09
N ASN A 1083 14.72 1.48 5.34
CA ASN A 1083 14.95 2.90 5.46
C ASN A 1083 16.19 3.29 4.67
N PHE A 1084 16.51 4.58 4.72
CA PHE A 1084 17.65 5.16 4.02
C PHE A 1084 18.63 5.78 5.00
N ASP A 1085 18.91 5.08 6.09
CA ASP A 1085 19.79 5.64 7.13
C ASP A 1085 21.22 5.74 6.63
N ASN A 1086 21.82 4.61 6.23
CA ASN A 1086 23.15 4.60 5.67
C ASN A 1086 23.11 3.98 4.28
N VAL A 1087 24.29 3.76 3.71
CA VAL A 1087 24.37 3.32 2.31
C VAL A 1087 23.84 1.90 2.15
N LEU A 1088 24.15 1.02 3.10
CA LEU A 1088 23.71 -0.37 2.98
C LEU A 1088 22.18 -0.47 3.05
N SER A 1089 21.57 0.25 3.98
CA SER A 1089 20.11 0.23 4.09
C SER A 1089 19.47 0.80 2.84
N ALA A 1090 20.04 1.88 2.30
CA ALA A 1090 19.50 2.47 1.09
C ALA A 1090 19.61 1.51 -0.09
N MET A 1091 20.73 0.80 -0.19
CA MET A 1091 20.90 -0.18 -1.27
C MET A 1091 19.89 -1.31 -1.14
N MET A 1092 19.65 -1.78 0.08
CA MET A 1092 18.65 -2.83 0.28
C MET A 1092 17.25 -2.35 -0.09
N ALA A 1093 16.88 -1.15 0.35
CA ALA A 1093 15.56 -0.61 0.03
C ALA A 1093 15.40 -0.44 -1.47
N LEU A 1094 16.43 0.07 -2.14
CA LEU A 1094 16.35 0.25 -3.59
C LEU A 1094 16.31 -1.08 -4.32
N PHE A 1095 16.98 -2.11 -3.79
CA PHE A 1095 16.85 -3.43 -4.39
C PHE A 1095 15.42 -3.93 -4.29
N THR A 1096 14.79 -3.78 -3.12
CA THR A 1096 13.42 -4.20 -2.97
C THR A 1096 12.50 -3.43 -3.90
N VAL A 1097 12.76 -2.13 -4.09
CA VAL A 1097 11.97 -1.35 -5.04
C VAL A 1097 12.17 -1.86 -6.46
N SER A 1098 13.42 -2.15 -6.84
CA SER A 1098 13.72 -2.61 -8.18
C SER A 1098 13.18 -4.00 -8.46
N THR A 1099 12.90 -4.78 -7.43
CA THR A 1099 12.20 -6.05 -7.63
C THR A 1099 10.70 -5.86 -7.80
N PHE A 1100 10.21 -4.61 -7.85
CA PHE A 1100 8.79 -4.30 -8.02
C PHE A 1100 7.93 -4.95 -6.95
N GLU A 1101 8.43 -4.97 -5.72
CA GLU A 1101 7.67 -5.53 -4.62
C GLU A 1101 7.76 -4.61 -3.41
N GLY A 1102 6.60 -4.28 -2.85
CA GLY A 1102 6.56 -3.42 -1.68
C GLY A 1102 7.05 -2.02 -1.93
N TRP A 1103 7.13 -1.60 -3.18
CA TRP A 1103 7.59 -0.26 -3.51
C TRP A 1103 6.53 0.82 -3.30
N PRO A 1104 5.22 0.56 -3.49
CA PRO A 1104 4.24 1.60 -3.15
C PRO A 1104 4.25 2.00 -1.68
N ALA A 1105 4.45 1.03 -0.78
CA ALA A 1105 4.52 1.36 0.63
C ALA A 1105 5.70 2.26 0.94
N LEU A 1106 6.87 1.97 0.36
CA LEU A 1106 8.03 2.83 0.54
C LEU A 1106 7.79 4.20 -0.08
N LEU A 1107 7.12 4.24 -1.23
CA LEU A 1107 6.81 5.51 -1.88
C LEU A 1107 5.97 6.39 -0.97
N TYR A 1108 4.88 5.83 -0.42
CA TYR A 1108 4.00 6.63 0.42
C TYR A 1108 4.58 6.88 1.80
N LYS A 1109 5.59 6.10 2.20
CA LYS A 1109 6.33 6.41 3.41
C LYS A 1109 7.29 7.58 3.19
N ALA A 1110 7.90 7.64 2.00
CA ALA A 1110 8.82 8.72 1.68
C ALA A 1110 8.10 10.03 1.36
N ILE A 1111 6.88 9.94 0.84
CA ILE A 1111 6.11 11.15 0.56
C ILE A 1111 5.78 11.89 1.85
N ASP A 1112 5.50 11.13 2.91
CA ASP A 1112 5.11 11.71 4.19
C ASP A 1112 6.28 12.18 5.04
N SER A 1113 7.53 11.92 4.60
CA SER A 1113 8.70 12.24 5.41
C SER A 1113 8.83 13.73 5.66
N ASN A 1114 8.74 14.14 6.92
CA ASN A 1114 8.85 15.56 7.28
C ASN A 1114 10.29 16.00 7.43
N GLY A 1115 10.98 15.50 8.44
CA GLY A 1115 12.25 16.06 8.84
C GLY A 1115 13.20 15.06 9.45
N GLU A 1116 14.26 15.56 10.09
CA GLU A 1116 15.34 14.68 10.54
C GLU A 1116 14.86 13.69 11.59
N ASN A 1117 14.21 14.17 12.64
CA ASN A 1117 13.82 13.31 13.74
C ASN A 1117 12.40 13.64 14.22
N ILE A 1118 11.48 13.85 13.28
CA ILE A 1118 10.09 14.11 13.61
C ILE A 1118 9.19 13.25 12.73
N GLY A 1119 7.95 13.10 13.18
CA GLY A 1119 7.01 12.19 12.55
C GLY A 1119 6.48 12.68 11.22
N PRO A 1120 5.76 11.81 10.51
CA PRO A 1120 5.29 12.14 9.16
C PRO A 1120 4.03 12.99 9.18
N ILE A 1121 3.76 13.60 8.02
CA ILE A 1121 2.49 14.28 7.75
C ILE A 1121 1.89 13.72 6.48
N TYR A 1122 0.58 13.55 6.47
CA TYR A 1122 -0.12 13.03 5.31
C TYR A 1122 0.18 13.88 4.07
N ASN A 1123 0.84 13.27 3.09
CA ASN A 1123 1.11 13.87 1.78
C ASN A 1123 1.88 15.19 1.93
N HIS A 1124 2.99 15.13 2.66
CA HIS A 1124 3.79 16.33 2.88
C HIS A 1124 4.42 16.81 1.58
N ARG A 1125 5.10 15.92 0.85
CA ARG A 1125 5.80 16.29 -0.39
C ARG A 1125 5.52 15.20 -1.43
N VAL A 1126 4.49 15.45 -2.25
CA VAL A 1126 4.16 14.50 -3.32
C VAL A 1126 5.21 14.54 -4.42
N GLU A 1127 5.87 15.69 -4.61
CA GLU A 1127 6.84 15.81 -5.69
C GLU A 1127 8.10 14.98 -5.46
N ILE A 1128 8.30 14.43 -4.27
CA ILE A 1128 9.43 13.54 -4.02
C ILE A 1128 9.29 12.20 -4.72
N SER A 1129 8.09 11.88 -5.20
CA SER A 1129 7.87 10.66 -5.96
C SER A 1129 8.61 10.65 -7.29
N ILE A 1130 9.10 11.80 -7.73
CA ILE A 1130 9.88 11.86 -8.96
C ILE A 1130 11.14 11.03 -8.83
N PHE A 1131 11.75 11.03 -7.65
CA PHE A 1131 12.94 10.21 -7.41
C PHE A 1131 12.65 8.73 -7.65
N PHE A 1132 11.55 8.23 -7.07
CA PHE A 1132 11.21 6.82 -7.24
C PHE A 1132 10.82 6.51 -8.67
N ILE A 1133 10.06 7.40 -9.32
CA ILE A 1133 9.66 7.16 -10.70
C ILE A 1133 10.88 7.09 -11.61
N ILE A 1134 11.80 8.04 -11.44
CA ILE A 1134 13.00 8.08 -12.26
C ILE A 1134 13.87 6.86 -12.01
N TYR A 1135 14.03 6.47 -10.74
CA TYR A 1135 14.83 5.28 -10.44
C TYR A 1135 14.22 4.04 -11.09
N ILE A 1136 12.91 3.88 -10.98
CA ILE A 1136 12.26 2.71 -11.56
C ILE A 1136 12.46 2.70 -13.07
N ILE A 1137 12.19 3.83 -13.72
CA ILE A 1137 12.30 3.90 -15.18
C ILE A 1137 13.74 3.60 -15.62
N ILE A 1138 14.72 4.18 -14.94
CA ILE A 1138 16.11 4.02 -15.37
C ILE A 1138 16.61 2.60 -15.12
N VAL A 1139 16.33 2.04 -13.95
CA VAL A 1139 16.91 0.75 -13.62
C VAL A 1139 16.00 -0.40 -14.07
N ALA A 1140 14.82 -0.49 -13.47
CA ALA A 1140 14.04 -1.72 -13.61
C ALA A 1140 13.42 -1.85 -15.00
N PHE A 1141 13.18 -0.74 -15.68
CA PHE A 1141 12.62 -0.79 -17.02
C PHE A 1141 13.67 -0.73 -18.11
N PHE A 1142 14.76 0.03 -17.91
CA PHE A 1142 15.79 0.16 -18.93
C PHE A 1142 16.96 -0.79 -18.71
N MET A 1143 17.61 -0.71 -17.55
CA MET A 1143 18.80 -1.53 -17.32
C MET A 1143 18.46 -2.99 -17.09
N MET A 1144 17.20 -3.34 -16.90
CA MET A 1144 16.80 -4.74 -16.79
C MET A 1144 16.32 -5.31 -18.10
N ASN A 1145 15.65 -4.51 -18.93
CA ASN A 1145 15.30 -4.97 -20.26
C ASN A 1145 16.53 -5.04 -21.16
N ILE A 1146 17.52 -4.18 -20.91
CA ILE A 1146 18.77 -4.26 -21.67
C ILE A 1146 19.52 -5.53 -21.32
N PHE A 1147 19.35 -6.03 -20.10
CA PHE A 1147 19.94 -7.31 -19.70
C PHE A 1147 19.40 -8.44 -20.57
N VAL A 1148 18.08 -8.56 -20.66
CA VAL A 1148 17.47 -9.61 -21.45
C VAL A 1148 17.77 -9.42 -22.93
N GLY A 1149 17.75 -8.18 -23.40
CA GLY A 1149 18.09 -7.93 -24.80
C GLY A 1149 19.51 -8.32 -25.13
N PHE A 1150 20.45 -8.05 -24.22
CA PHE A 1150 21.82 -8.44 -24.44
C PHE A 1150 21.98 -9.95 -24.43
N VAL A 1151 21.27 -10.64 -23.53
CA VAL A 1151 21.31 -12.09 -23.53
C VAL A 1151 20.80 -12.64 -24.85
N ILE A 1152 19.69 -12.08 -25.33
CA ILE A 1152 19.08 -12.56 -26.58
C ILE A 1152 20.03 -12.34 -27.75
N VAL A 1153 20.62 -11.15 -27.85
CA VAL A 1153 21.48 -10.85 -28.99
C VAL A 1153 22.77 -11.65 -28.92
N THR A 1154 23.31 -11.87 -27.71
CA THR A 1154 24.50 -12.68 -27.57
C THR A 1154 24.24 -14.12 -27.98
N PHE A 1155 23.10 -14.68 -27.57
CA PHE A 1155 22.75 -16.04 -27.98
C PHE A 1155 22.58 -16.13 -29.48
N GLN A 1156 21.92 -15.14 -30.08
CA GLN A 1156 21.70 -15.16 -31.52
C GLN A 1156 23.01 -15.07 -32.30
N GLU A 1157 23.91 -14.19 -31.88
CA GLU A 1157 25.20 -14.09 -32.56
C GLU A 1157 26.03 -15.36 -32.36
N GLN A 1158 26.00 -15.94 -31.16
CA GLN A 1158 26.77 -17.16 -30.94
C GLN A 1158 26.25 -18.32 -31.76
N GLY A 1159 24.93 -18.41 -31.95
CA GLY A 1159 24.37 -19.47 -32.75
C GLY A 1159 24.56 -19.32 -34.25
N GLU A 1160 25.05 -18.17 -34.70
CA GLU A 1160 25.27 -17.90 -36.12
C GLU A 1160 26.64 -18.36 -36.61
N LYS A 1161 27.23 -19.37 -35.96
CA LYS A 1161 28.51 -19.91 -36.39
C LYS A 1161 28.41 -20.77 -37.64
N GLU A 1162 27.21 -20.95 -38.19
CA GLU A 1162 27.03 -21.78 -39.37
C GLU A 1162 27.55 -21.07 -40.61
N TYR A 1163 28.87 -20.97 -40.73
CA TYR A 1163 29.49 -20.31 -41.88
C TYR A 1163 29.80 -21.31 -42.98
N LYS A 1164 28.73 -21.94 -43.48
CA LYS A 1164 28.81 -22.86 -44.60
C LYS A 1164 28.08 -22.32 -45.81
N ASN A 1165 27.90 -21.00 -45.91
CA ASN A 1165 27.15 -20.40 -47.00
C ASN A 1165 28.01 -20.24 -48.25
N CYS A 1166 28.69 -21.32 -48.65
CA CYS A 1166 29.47 -21.28 -49.88
C CYS A 1166 28.57 -21.32 -51.11
N GLU A 1167 27.46 -22.07 -51.03
CA GLU A 1167 26.50 -22.16 -52.11
C GLU A 1167 25.06 -22.01 -51.67
N LEU A 1168 24.73 -22.27 -50.40
CA LEU A 1168 23.36 -22.22 -49.90
C LEU A 1168 23.28 -21.31 -48.70
N ASP A 1169 22.18 -20.58 -48.60
CA ASP A 1169 21.93 -19.68 -47.48
C ASP A 1169 21.14 -20.40 -46.40
N LYS A 1170 20.63 -19.64 -45.42
CA LYS A 1170 19.86 -20.24 -44.34
C LYS A 1170 18.56 -20.83 -44.85
N ASN A 1171 17.91 -20.16 -45.81
CA ASN A 1171 16.64 -20.67 -46.33
C ASN A 1171 16.81 -22.03 -46.99
N GLN A 1172 17.87 -22.18 -47.80
CA GLN A 1172 18.11 -23.48 -48.43
C GLN A 1172 18.45 -24.54 -47.40
N ARG A 1173 19.29 -24.20 -46.40
CA ARG A 1173 19.61 -25.15 -45.35
C ARG A 1173 18.40 -25.54 -44.53
N GLN A 1174 17.37 -24.70 -44.49
CA GLN A 1174 16.17 -25.01 -43.73
C GLN A 1174 15.13 -25.75 -44.56
N CYS A 1175 15.12 -25.55 -45.88
CA CYS A 1175 14.11 -26.14 -46.74
C CYS A 1175 14.55 -27.46 -47.39
N VAL A 1176 15.80 -27.55 -47.85
CA VAL A 1176 16.24 -28.75 -48.56
C VAL A 1176 16.29 -29.96 -47.64
N GLU A 1177 16.62 -29.76 -46.36
CA GLU A 1177 16.81 -30.88 -45.45
C GLU A 1177 15.51 -31.66 -45.28
N TYR A 1178 14.37 -30.97 -45.20
CA TYR A 1178 13.10 -31.66 -45.07
C TYR A 1178 12.80 -32.57 -46.26
N ALA A 1179 13.39 -32.29 -47.41
CA ALA A 1179 13.28 -33.22 -48.53
C ALA A 1179 13.98 -34.53 -48.22
N LEU A 1180 15.16 -34.46 -47.58
CA LEU A 1180 15.87 -35.69 -47.24
C LEU A 1180 15.19 -36.44 -46.10
N LYS A 1181 14.72 -35.71 -45.08
CA LYS A 1181 14.14 -36.36 -43.89
C LYS A 1181 12.62 -36.43 -44.01
N ALA A 1182 12.17 -37.16 -45.04
CA ALA A 1182 10.74 -37.32 -45.31
C ALA A 1182 10.42 -38.80 -45.48
N ARG A 1183 9.23 -39.19 -45.02
CA ARG A 1183 8.73 -40.55 -45.14
C ARG A 1183 7.25 -40.55 -45.52
N PRO A 1184 6.89 -41.16 -46.64
CA PRO A 1184 5.50 -41.07 -47.12
C PRO A 1184 4.54 -41.84 -46.22
N LEU A 1185 3.28 -41.42 -46.24
CA LEU A 1185 2.22 -42.03 -45.46
C LEU A 1185 1.03 -42.37 -46.34
N ARG A 1186 0.21 -43.31 -45.85
CA ARG A 1186 -0.99 -43.76 -46.53
C ARG A 1186 -2.22 -43.22 -45.82
N ARG A 1187 -3.38 -43.40 -46.47
CA ARG A 1187 -4.64 -42.88 -45.96
C ARG A 1187 -5.42 -43.87 -45.09
N TYR A 1188 -4.94 -45.11 -44.98
CA TYR A 1188 -5.65 -46.16 -44.23
C TYR A 1188 -7.08 -46.34 -44.74
N ILE A 1189 -7.24 -46.32 -46.07
CA ILE A 1189 -8.57 -46.47 -46.67
C ILE A 1189 -9.06 -47.89 -46.47
N PRO A 1190 -10.30 -48.09 -45.99
CA PRO A 1190 -10.77 -49.44 -45.67
C PRO A 1190 -11.38 -50.16 -46.87
N LYS A 1191 -11.85 -51.38 -46.63
CA LYS A 1191 -12.52 -52.22 -47.62
C LYS A 1191 -13.95 -52.51 -47.16
N ASN A 1192 -14.63 -53.41 -47.88
CA ASN A 1192 -16.01 -53.80 -47.59
C ASN A 1192 -16.92 -52.58 -47.57
N PRO A 1193 -17.31 -52.04 -48.74
CA PRO A 1193 -18.09 -50.80 -48.80
C PRO A 1193 -19.26 -50.70 -47.83
N TYR A 1194 -19.82 -51.85 -47.43
CA TYR A 1194 -20.84 -51.84 -46.38
C TYR A 1194 -20.31 -51.21 -45.10
N GLN A 1195 -19.03 -51.42 -44.81
CA GLN A 1195 -18.36 -50.73 -43.71
C GLN A 1195 -17.88 -49.34 -44.10
N TYR A 1196 -17.50 -49.15 -45.37
CA TYR A 1196 -17.03 -47.85 -45.83
C TYR A 1196 -18.13 -46.79 -45.83
N LYS A 1197 -19.40 -47.21 -45.78
CA LYS A 1197 -20.49 -46.25 -45.70
C LYS A 1197 -20.36 -45.38 -44.45
N PHE A 1198 -20.13 -46.01 -43.30
CA PHE A 1198 -19.96 -45.26 -42.05
C PHE A 1198 -18.73 -44.39 -42.08
N TRP A 1199 -17.65 -44.87 -42.71
CA TRP A 1199 -16.44 -44.07 -42.87
C TRP A 1199 -16.72 -42.81 -43.67
N TYR A 1200 -17.49 -42.94 -44.75
CA TYR A 1200 -17.88 -41.77 -45.53
C TYR A 1200 -18.76 -40.83 -44.71
N VAL A 1201 -19.66 -41.39 -43.91
CA VAL A 1201 -20.54 -40.55 -43.09
C VAL A 1201 -19.72 -39.74 -42.08
N VAL A 1202 -18.75 -40.39 -41.43
CA VAL A 1202 -18.03 -39.73 -40.34
C VAL A 1202 -17.08 -38.67 -40.88
N ASN A 1203 -16.20 -39.05 -41.80
CA ASN A 1203 -15.14 -38.15 -42.29
C ASN A 1203 -15.76 -37.14 -43.24
N SER A 1204 -16.29 -36.05 -42.68
CA SER A 1204 -16.86 -34.98 -43.48
C SER A 1204 -16.75 -33.67 -42.71
N SER A 1205 -16.71 -32.56 -43.46
CA SER A 1205 -16.70 -31.25 -42.84
C SER A 1205 -17.93 -30.97 -41.99
N PRO A 1206 -19.16 -31.27 -42.43
CA PRO A 1206 -20.32 -31.02 -41.55
C PRO A 1206 -20.23 -31.77 -40.23
N PHE A 1207 -19.71 -33.00 -40.24
CA PHE A 1207 -19.58 -33.74 -38.98
C PHE A 1207 -18.62 -33.05 -38.02
N GLU A 1208 -17.47 -32.61 -38.52
CA GLU A 1208 -16.50 -31.94 -37.68
C GLU A 1208 -17.05 -30.62 -37.15
N TYR A 1209 -17.74 -29.86 -38.01
CA TYR A 1209 -18.31 -28.60 -37.54
C TYR A 1209 -19.40 -28.84 -36.50
N MET A 1210 -20.22 -29.87 -36.69
CA MET A 1210 -21.23 -30.20 -35.70
C MET A 1210 -20.59 -30.59 -34.37
N MET A 1211 -19.51 -31.37 -34.41
CA MET A 1211 -18.87 -31.77 -33.17
C MET A 1211 -18.23 -30.57 -32.48
N PHE A 1212 -17.66 -29.65 -33.26
CA PHE A 1212 -17.21 -28.37 -32.72
C PHE A 1212 -18.35 -27.66 -31.99
N VAL A 1213 -19.53 -27.60 -32.62
CA VAL A 1213 -20.67 -26.90 -32.04
C VAL A 1213 -21.10 -27.56 -30.73
N LEU A 1214 -21.23 -28.89 -30.73
CA LEU A 1214 -21.66 -29.57 -29.51
C LEU A 1214 -20.60 -29.53 -28.41
N ILE A 1215 -19.31 -29.51 -28.75
CA ILE A 1215 -18.30 -29.37 -27.71
C ILE A 1215 -18.36 -27.99 -27.09
N MET A 1216 -18.56 -26.95 -27.91
CA MET A 1216 -18.74 -25.62 -27.34
C MET A 1216 -19.99 -25.55 -26.47
N LEU A 1217 -21.07 -26.21 -26.91
CA LEU A 1217 -22.30 -26.22 -26.13
C LEU A 1217 -22.09 -26.93 -24.79
N ASN A 1218 -21.38 -28.05 -24.80
CA ASN A 1218 -21.09 -28.77 -23.57
C ASN A 1218 -20.23 -27.92 -22.63
N THR A 1219 -19.25 -27.22 -23.18
CA THR A 1219 -18.44 -26.32 -22.36
C THR A 1219 -19.30 -25.23 -21.73
N LEU A 1220 -20.21 -24.64 -22.50
CA LEU A 1220 -21.08 -23.60 -21.97
C LEU A 1220 -21.99 -24.14 -20.88
N CYS A 1221 -22.54 -25.34 -21.07
CA CYS A 1221 -23.40 -25.93 -20.05
C CYS A 1221 -22.62 -26.31 -18.81
N LEU A 1222 -21.34 -26.66 -18.97
CA LEU A 1222 -20.49 -26.93 -17.81
C LEU A 1222 -20.20 -25.65 -17.04
N ALA A 1223 -19.88 -24.57 -17.75
CA ALA A 1223 -19.46 -23.34 -17.10
C ALA A 1223 -20.62 -22.38 -16.86
N MET A 1224 -21.73 -22.87 -16.31
CA MET A 1224 -22.77 -21.99 -15.81
C MET A 1224 -23.44 -22.56 -14.56
N GLN A 1225 -22.69 -23.31 -13.75
CA GLN A 1225 -23.17 -23.82 -12.47
C GLN A 1225 -22.72 -22.87 -11.37
N HIS A 1226 -23.67 -22.20 -10.73
CA HIS A 1226 -23.39 -21.18 -9.75
C HIS A 1226 -23.51 -21.75 -8.34
N TYR A 1227 -23.41 -20.88 -7.34
CA TYR A 1227 -23.53 -21.27 -5.95
C TYR A 1227 -24.98 -21.19 -5.50
N GLU A 1228 -25.40 -22.16 -4.69
CA GLU A 1228 -26.77 -22.22 -4.17
C GLU A 1228 -27.78 -22.23 -5.32
N GLN A 1229 -27.52 -23.07 -6.31
CA GLN A 1229 -28.44 -23.19 -7.44
C GLN A 1229 -29.71 -23.94 -7.03
N SER A 1230 -30.76 -23.74 -7.82
CA SER A 1230 -32.04 -24.36 -7.54
C SER A 1230 -31.98 -25.86 -7.79
N LYS A 1231 -32.90 -26.59 -7.13
CA LYS A 1231 -32.98 -28.03 -7.34
C LYS A 1231 -33.38 -28.35 -8.78
N MET A 1232 -34.30 -27.57 -9.35
CA MET A 1232 -34.68 -27.76 -10.75
C MET A 1232 -33.48 -27.51 -11.66
N PHE A 1233 -32.69 -26.48 -11.35
CA PHE A 1233 -31.50 -26.19 -12.13
C PHE A 1233 -30.50 -27.35 -12.10
N ASN A 1234 -30.28 -27.92 -10.91
CA ASN A 1234 -29.37 -29.06 -10.78
C ASN A 1234 -29.90 -30.27 -11.53
N ASP A 1235 -31.22 -30.52 -11.46
CA ASP A 1235 -31.80 -31.63 -12.18
C ASP A 1235 -31.63 -31.45 -13.68
N ALA A 1236 -31.86 -30.23 -14.18
CA ALA A 1236 -31.69 -29.97 -15.60
C ALA A 1236 -30.23 -30.16 -16.01
N MET A 1237 -29.30 -29.74 -15.16
CA MET A 1237 -27.88 -29.95 -15.45
C MET A 1237 -27.56 -31.44 -15.52
N ASP A 1238 -28.11 -32.23 -14.60
CA ASP A 1238 -27.87 -33.68 -14.63
C ASP A 1238 -28.40 -34.30 -15.91
N ILE A 1239 -29.62 -33.92 -16.30
CA ILE A 1239 -30.20 -34.47 -17.53
C ILE A 1239 -29.37 -34.07 -18.75
N LEU A 1240 -28.94 -32.81 -18.79
CA LEU A 1240 -28.16 -32.33 -19.93
C LEU A 1240 -26.81 -33.02 -20.00
N ASN A 1241 -26.18 -33.26 -18.84
CA ASN A 1241 -24.94 -34.03 -18.81
C ASN A 1241 -25.16 -35.44 -19.31
N MET A 1242 -26.28 -36.07 -18.93
CA MET A 1242 -26.59 -37.39 -19.44
C MET A 1242 -26.73 -37.37 -20.96
N VAL A 1243 -27.42 -36.37 -21.50
CA VAL A 1243 -27.59 -36.27 -22.94
C VAL A 1243 -26.24 -36.10 -23.64
N PHE A 1244 -25.38 -35.25 -23.08
CA PHE A 1244 -24.10 -34.98 -23.73
C PHE A 1244 -23.18 -36.20 -23.69
N THR A 1245 -23.14 -36.90 -22.55
CA THR A 1245 -22.32 -38.11 -22.50
C THR A 1245 -22.89 -39.19 -23.41
N GLY A 1246 -24.22 -39.25 -23.57
CA GLY A 1246 -24.80 -40.20 -24.51
C GLY A 1246 -24.44 -39.89 -25.95
N VAL A 1247 -24.51 -38.62 -26.34
CA VAL A 1247 -24.18 -38.27 -27.72
C VAL A 1247 -22.69 -38.48 -27.98
N PHE A 1248 -21.84 -38.24 -26.99
CA PHE A 1248 -20.41 -38.50 -27.20
C PHE A 1248 -20.12 -40.00 -27.25
N THR A 1249 -20.86 -40.82 -26.49
CA THR A 1249 -20.71 -42.26 -26.63
C THR A 1249 -21.17 -42.73 -28.00
N VAL A 1250 -22.23 -42.11 -28.53
CA VAL A 1250 -22.66 -42.41 -29.89
C VAL A 1250 -21.57 -42.07 -30.88
N GLU A 1251 -20.92 -40.91 -30.71
CA GLU A 1251 -19.75 -40.56 -31.50
C GLU A 1251 -18.70 -41.65 -31.43
N MET A 1252 -18.37 -42.10 -30.21
CA MET A 1252 -17.31 -43.09 -30.06
C MET A 1252 -17.65 -44.39 -30.78
N VAL A 1253 -18.88 -44.88 -30.60
CA VAL A 1253 -19.23 -46.16 -31.20
C VAL A 1253 -19.29 -46.04 -32.72
N LEU A 1254 -19.80 -44.93 -33.24
CA LEU A 1254 -19.81 -44.73 -34.69
C LEU A 1254 -18.40 -44.69 -35.25
N LYS A 1255 -17.51 -43.96 -34.58
CA LYS A 1255 -16.14 -43.83 -35.08
C LYS A 1255 -15.39 -45.16 -34.99
N VAL A 1256 -15.59 -45.91 -33.91
CA VAL A 1256 -14.88 -47.18 -33.76
C VAL A 1256 -15.42 -48.20 -34.76
N ILE A 1257 -16.70 -48.12 -35.11
CA ILE A 1257 -17.22 -48.99 -36.17
C ILE A 1257 -16.66 -48.59 -37.52
N ALA A 1258 -16.58 -47.28 -37.79
CA ALA A 1258 -16.24 -46.81 -39.13
C ALA A 1258 -14.75 -46.73 -39.40
N PHE A 1259 -13.89 -46.79 -38.38
CA PHE A 1259 -12.49 -46.43 -38.57
C PHE A 1259 -11.56 -47.60 -38.29
N LYS A 1260 -12.06 -48.84 -38.44
CA LYS A 1260 -11.23 -50.04 -38.28
C LYS A 1260 -10.51 -50.07 -36.94
N PRO A 1261 -11.22 -50.41 -35.85
CA PRO A 1261 -10.69 -50.22 -34.49
C PRO A 1261 -9.28 -50.72 -34.22
N LYS A 1262 -8.73 -51.55 -35.10
CA LYS A 1262 -7.35 -52.00 -34.92
C LYS A 1262 -6.38 -50.82 -34.97
N GLY A 1263 -6.62 -49.86 -35.86
CA GLY A 1263 -5.84 -48.65 -35.93
C GLY A 1263 -6.50 -47.42 -35.33
N TYR A 1264 -7.69 -47.56 -34.75
CA TYR A 1264 -8.38 -46.43 -34.16
C TYR A 1264 -7.59 -45.83 -33.00
N PHE A 1265 -7.02 -46.68 -32.15
CA PHE A 1265 -6.28 -46.23 -30.98
C PHE A 1265 -4.88 -45.76 -31.32
N SER A 1266 -4.44 -45.92 -32.58
CA SER A 1266 -3.09 -45.49 -32.96
C SER A 1266 -2.91 -43.99 -32.79
N ASP A 1267 -3.92 -43.21 -33.17
CA ASP A 1267 -3.84 -41.76 -33.01
C ASP A 1267 -3.93 -41.37 -31.55
N ALA A 1268 -3.27 -40.25 -31.21
CA ALA A 1268 -3.28 -39.77 -29.83
C ALA A 1268 -4.62 -39.15 -29.47
N TRP A 1269 -5.21 -38.39 -30.40
CA TRP A 1269 -6.48 -37.72 -30.11
C TRP A 1269 -7.60 -38.72 -29.89
N ASN A 1270 -7.67 -39.77 -30.73
CA ASN A 1270 -8.73 -40.75 -30.62
C ASN A 1270 -8.68 -41.49 -29.28
N THR A 1271 -7.48 -41.86 -28.84
CA THR A 1271 -7.34 -42.48 -27.53
C THR A 1271 -7.68 -41.50 -26.41
N PHE A 1272 -7.36 -40.23 -26.60
CA PHE A 1272 -7.60 -39.23 -25.55
C PHE A 1272 -9.08 -39.08 -25.24
N ASP A 1273 -9.92 -38.99 -26.27
CA ASP A 1273 -11.35 -38.82 -26.04
C ASP A 1273 -12.00 -40.10 -25.54
N SER A 1274 -11.41 -41.27 -25.83
CA SER A 1274 -11.96 -42.51 -25.32
C SER A 1274 -11.91 -42.56 -23.80
N LEU A 1275 -10.80 -42.12 -23.22
CA LEU A 1275 -10.68 -42.09 -21.76
C LEU A 1275 -11.64 -41.09 -21.15
N ILE A 1276 -11.97 -40.01 -21.87
CA ILE A 1276 -12.87 -38.98 -21.35
C ILE A 1276 -14.27 -39.54 -21.17
N VAL A 1277 -14.79 -40.21 -22.20
CA VAL A 1277 -16.16 -40.70 -22.16
C VAL A 1277 -16.30 -41.86 -21.18
N ILE A 1278 -15.31 -42.76 -21.16
CA ILE A 1278 -15.37 -43.92 -20.26
C ILE A 1278 -15.44 -43.46 -18.82
N GLY A 1279 -14.60 -42.50 -18.44
CA GLY A 1279 -14.70 -41.91 -17.12
C GLY A 1279 -16.01 -41.17 -16.90
N SER A 1280 -16.54 -40.54 -17.96
CA SER A 1280 -17.80 -39.83 -17.84
C SER A 1280 -19.01 -40.77 -17.84
N ILE A 1281 -18.94 -41.87 -18.61
CA ILE A 1281 -20.11 -42.74 -18.76
C ILE A 1281 -20.40 -43.53 -17.50
N ILE A 1282 -19.45 -43.66 -16.58
CA ILE A 1282 -19.68 -44.43 -15.36
C ILE A 1282 -20.27 -43.59 -14.25
N ASP A 1283 -20.34 -42.27 -14.42
CA ASP A 1283 -20.89 -41.39 -13.38
C ASP A 1283 -22.40 -41.18 -13.51
N VAL A 1284 -23.02 -41.68 -14.57
CA VAL A 1284 -24.44 -41.42 -14.79
C VAL A 1284 -25.28 -42.12 -13.72
N ALA A 1285 -24.89 -43.33 -13.32
CA ALA A 1285 -25.60 -44.06 -12.28
C ALA A 1285 -25.11 -43.73 -10.89
N LEU A 1286 -24.01 -42.98 -10.76
CA LEU A 1286 -23.44 -42.63 -9.47
C LEU A 1286 -23.95 -41.31 -8.92
N SER A 1287 -24.88 -40.65 -9.63
CA SER A 1287 -25.40 -39.37 -9.18
C SER A 1287 -26.33 -39.50 -7.98
N GLU A 1288 -26.80 -40.71 -7.67
CA GLU A 1288 -27.73 -40.92 -6.58
C GLU A 1288 -27.60 -42.32 -6.00
N SER A 1314 -12.95 -39.01 -5.16
CA SER A 1314 -13.67 -40.18 -5.65
C SER A 1314 -14.41 -39.85 -6.94
N ILE A 1315 -15.69 -39.52 -6.81
CA ILE A 1315 -16.50 -39.18 -7.98
C ILE A 1315 -16.03 -37.86 -8.59
N THR A 1316 -15.48 -36.96 -7.77
CA THR A 1316 -15.08 -35.65 -8.27
C THR A 1316 -13.95 -35.74 -9.29
N PHE A 1317 -13.08 -36.73 -9.18
CA PHE A 1317 -11.97 -36.85 -10.12
C PHE A 1317 -12.47 -37.10 -11.53
N PHE A 1318 -13.49 -37.95 -11.70
CA PHE A 1318 -14.00 -38.25 -13.03
C PHE A 1318 -14.75 -37.08 -13.64
N ARG A 1319 -15.21 -36.12 -12.82
CA ARG A 1319 -15.90 -34.96 -13.37
C ARG A 1319 -14.97 -34.09 -14.20
N LEU A 1320 -13.71 -33.96 -13.78
CA LEU A 1320 -12.77 -33.12 -14.50
C LEU A 1320 -12.45 -33.66 -15.89
N PHE A 1321 -12.74 -34.94 -16.15
CA PHE A 1321 -12.44 -35.51 -17.46
C PHE A 1321 -13.25 -34.81 -18.55
N ARG A 1322 -14.53 -34.55 -18.30
CA ARG A 1322 -15.38 -33.97 -19.32
C ARG A 1322 -14.98 -32.54 -19.68
N VAL A 1323 -14.20 -31.87 -18.83
CA VAL A 1323 -13.71 -30.54 -19.19
C VAL A 1323 -12.66 -30.63 -20.28
N MET A 1324 -11.93 -31.75 -20.35
CA MET A 1324 -10.80 -31.87 -21.25
C MET A 1324 -11.19 -31.98 -22.72
N ARG A 1325 -12.48 -32.15 -23.03
CA ARG A 1325 -12.88 -32.22 -24.44
C ARG A 1325 -12.60 -30.92 -25.17
N LEU A 1326 -12.58 -29.80 -24.44
CA LEU A 1326 -12.27 -28.52 -25.05
C LEU A 1326 -10.83 -28.46 -25.54
N VAL A 1327 -9.94 -29.26 -24.94
CA VAL A 1327 -8.53 -29.22 -25.32
C VAL A 1327 -8.36 -29.68 -26.77
N LYS A 1328 -9.19 -30.62 -27.23
CA LYS A 1328 -9.10 -31.08 -28.61
C LYS A 1328 -9.37 -29.94 -29.59
N LEU A 1329 -10.12 -28.93 -29.18
CA LEU A 1329 -10.41 -27.79 -30.03
C LEU A 1329 -9.21 -26.87 -30.20
N LEU A 1330 -8.16 -27.05 -29.41
CA LEU A 1330 -6.97 -26.22 -29.54
C LEU A 1330 -6.19 -26.57 -30.80
N SER A 1331 -6.21 -27.84 -31.22
CA SER A 1331 -5.51 -28.27 -32.41
C SER A 1331 -6.34 -28.13 -33.68
N ARG A 1332 -7.35 -27.26 -33.68
CA ARG A 1332 -8.20 -27.05 -34.83
C ARG A 1332 -7.83 -25.80 -35.62
N GLY A 1333 -6.69 -25.19 -35.32
CA GLY A 1333 -6.25 -24.01 -36.03
C GLY A 1333 -4.82 -24.13 -36.50
N GLU A 1334 -4.55 -23.52 -37.65
CA GLU A 1334 -3.23 -23.57 -38.26
C GLU A 1334 -2.38 -22.43 -37.68
N GLY A 1335 -1.49 -22.79 -36.76
CA GLY A 1335 -0.54 -21.85 -36.21
C GLY A 1335 -0.49 -21.88 -34.71
N ILE A 1336 -1.66 -21.91 -34.06
CA ILE A 1336 -1.68 -22.05 -32.60
C ILE A 1336 -1.27 -23.46 -32.21
N ARG A 1337 -1.58 -24.45 -33.05
CA ARG A 1337 -1.14 -25.82 -32.77
C ARG A 1337 0.35 -25.98 -33.03
N THR A 1338 0.84 -25.40 -34.12
CA THR A 1338 2.26 -25.57 -34.46
C THR A 1338 3.16 -24.76 -33.52
N LEU A 1339 2.69 -23.62 -33.02
CA LEU A 1339 3.48 -22.86 -32.06
C LEU A 1339 3.73 -23.69 -30.79
N LEU A 1340 2.66 -24.29 -30.28
CA LEU A 1340 2.78 -25.18 -29.13
C LEU A 1340 3.67 -26.37 -29.46
N TRP A 1341 3.45 -26.99 -30.61
CA TRP A 1341 4.27 -28.15 -30.96
C TRP A 1341 5.75 -27.79 -30.94
N THR A 1342 6.11 -26.66 -31.57
CA THR A 1342 7.50 -26.25 -31.65
C THR A 1342 8.09 -25.98 -30.27
N PHE A 1343 7.36 -25.26 -29.40
CA PHE A 1343 7.95 -24.92 -28.11
C PHE A 1343 8.01 -26.11 -27.14
N ILE A 1344 7.00 -26.98 -27.12
CA ILE A 1344 7.19 -28.19 -26.30
C ILE A 1344 8.29 -29.08 -26.87
N LYS A 1345 8.47 -29.17 -28.19
CA LYS A 1345 9.60 -29.92 -28.71
C LYS A 1345 10.92 -29.29 -28.28
N SER A 1346 11.00 -27.96 -28.30
CA SER A 1346 12.23 -27.28 -27.88
C SER A 1346 12.50 -27.49 -26.40
N PHE A 1347 11.47 -27.45 -25.56
CA PHE A 1347 11.65 -27.75 -24.14
C PHE A 1347 12.15 -29.17 -23.93
N GLN A 1348 11.59 -30.12 -24.68
CA GLN A 1348 12.06 -31.50 -24.56
C GLN A 1348 13.49 -31.64 -25.07
N ALA A 1349 13.91 -30.77 -25.99
CA ALA A 1349 15.26 -30.86 -26.53
C ALA A 1349 16.33 -30.37 -25.57
N LEU A 1350 15.94 -29.60 -24.54
CA LEU A 1350 16.89 -29.04 -23.58
C LEU A 1350 16.43 -29.39 -22.17
N PRO A 1351 16.67 -30.62 -21.73
CA PRO A 1351 16.23 -31.02 -20.39
C PRO A 1351 17.23 -30.68 -19.30
N TYR A 1352 18.49 -30.47 -19.68
CA TYR A 1352 19.53 -30.21 -18.69
C TYR A 1352 19.56 -28.76 -18.22
N VAL A 1353 18.91 -27.86 -18.95
CA VAL A 1353 18.87 -26.46 -18.51
C VAL A 1353 17.99 -26.31 -17.28
N ALA A 1354 16.83 -26.97 -17.27
CA ALA A 1354 15.96 -26.93 -16.10
C ALA A 1354 16.55 -27.68 -14.92
N LEU A 1355 17.51 -28.58 -15.16
CA LEU A 1355 18.15 -29.27 -14.06
C LEU A 1355 18.96 -28.31 -13.20
N LEU A 1356 19.49 -27.23 -13.78
CA LEU A 1356 20.17 -26.22 -12.98
C LEU A 1356 19.20 -25.53 -12.04
N ILE A 1357 18.00 -25.20 -12.53
CA ILE A 1357 16.98 -24.61 -11.66
C ILE A 1357 16.58 -25.59 -10.56
N ALA A 1358 16.43 -26.86 -10.91
CA ALA A 1358 16.08 -27.86 -9.91
C ALA A 1358 17.16 -27.98 -8.84
N MET A 1359 18.43 -27.99 -9.25
CA MET A 1359 19.51 -28.07 -8.28
C MET A 1359 19.58 -26.82 -7.39
N LEU A 1360 19.35 -25.65 -7.99
CA LEU A 1360 19.31 -24.42 -7.19
C LEU A 1360 18.21 -24.48 -6.14
N PHE A 1361 17.03 -24.92 -6.56
CA PHE A 1361 15.91 -25.03 -5.63
C PHE A 1361 16.23 -26.03 -4.52
N PHE A 1362 16.83 -27.17 -4.88
CA PHE A 1362 17.18 -28.18 -3.88
C PHE A 1362 18.17 -27.63 -2.86
N ILE A 1363 19.25 -27.00 -3.35
CA ILE A 1363 20.29 -26.50 -2.46
C ILE A 1363 19.72 -25.43 -1.53
N TYR A 1364 18.96 -24.49 -2.09
CA TYR A 1364 18.45 -23.41 -1.25
C TYR A 1364 17.38 -23.90 -0.29
N ALA A 1365 16.57 -24.89 -0.68
CA ALA A 1365 15.60 -25.44 0.24
C ALA A 1365 16.28 -26.15 1.41
N VAL A 1366 17.35 -26.90 1.13
CA VAL A 1366 18.06 -27.58 2.21
C VAL A 1366 18.71 -26.56 3.15
N ILE A 1367 19.32 -25.51 2.58
CA ILE A 1367 19.93 -24.49 3.43
C ILE A 1367 18.86 -23.79 4.26
N GLY A 1368 17.70 -23.53 3.68
CA GLY A 1368 16.62 -22.92 4.44
C GLY A 1368 16.14 -23.79 5.57
N MET A 1369 16.01 -25.10 5.32
CA MET A 1369 15.72 -26.03 6.40
C MET A 1369 16.73 -25.90 7.53
N GLN A 1370 18.01 -25.97 7.19
CA GLN A 1370 19.02 -26.01 8.24
C GLN A 1370 19.14 -24.69 8.99
N MET A 1371 18.79 -23.57 8.34
CA MET A 1371 18.96 -22.26 8.97
C MET A 1371 17.68 -21.78 9.67
N PHE A 1372 16.58 -21.65 8.95
CA PHE A 1372 15.36 -21.08 9.49
C PHE A 1372 14.29 -22.13 9.76
N GLY A 1373 14.67 -23.39 9.92
CA GLY A 1373 13.70 -24.45 10.15
C GLY A 1373 13.13 -24.52 11.54
N LYS A 1374 13.64 -23.71 12.47
CA LYS A 1374 13.18 -23.71 13.85
C LYS A 1374 12.38 -22.47 14.22
N VAL A 1375 12.04 -21.63 13.23
CA VAL A 1375 11.24 -20.44 13.52
C VAL A 1375 9.80 -20.85 13.76
N ALA A 1376 9.21 -20.36 14.84
CA ALA A 1376 7.85 -20.72 15.20
C ALA A 1376 6.86 -20.19 14.19
N MET A 1377 5.76 -20.92 14.03
CA MET A 1377 4.69 -20.55 13.11
C MET A 1377 3.57 -19.88 13.88
N ARG A 1378 3.24 -18.65 13.51
CA ARG A 1378 2.12 -17.92 14.09
C ARG A 1378 1.13 -17.56 12.98
N ASP A 1379 0.10 -16.80 13.33
CA ASP A 1379 -0.97 -16.50 12.39
C ASP A 1379 -0.88 -15.11 11.79
N ASN A 1380 -0.24 -14.16 12.46
CA ASN A 1380 -0.14 -12.80 11.99
C ASN A 1380 1.19 -12.49 11.32
N ASN A 1381 2.00 -13.51 11.06
CA ASN A 1381 3.33 -13.31 10.50
C ASN A 1381 3.48 -14.07 9.19
N GLN A 1382 4.55 -13.75 8.47
CA GLN A 1382 4.80 -14.35 7.17
C GLN A 1382 5.34 -15.77 7.27
N ILE A 1383 5.79 -16.19 8.45
CA ILE A 1383 6.11 -17.58 8.71
C ILE A 1383 4.89 -18.15 9.43
N ASN A 1384 3.95 -18.67 8.66
CA ASN A 1384 2.69 -19.19 9.17
C ASN A 1384 2.58 -20.67 8.83
N ARG A 1385 1.40 -21.24 9.08
CA ARG A 1385 1.19 -22.66 8.83
C ARG A 1385 1.32 -23.01 7.35
N ASN A 1386 1.10 -22.05 6.46
CA ASN A 1386 1.20 -22.29 5.03
C ASN A 1386 2.55 -21.92 4.45
N ASN A 1387 3.44 -21.32 5.24
CA ASN A 1387 4.68 -20.75 4.70
C ASN A 1387 5.76 -20.91 5.76
N ASN A 1388 6.61 -21.91 5.60
CA ASN A 1388 7.70 -22.13 6.54
C ASN A 1388 8.72 -23.06 5.90
N PHE A 1389 9.80 -23.32 6.64
CA PHE A 1389 10.90 -24.15 6.18
C PHE A 1389 10.94 -25.51 6.86
N GLN A 1390 9.81 -25.99 7.35
CA GLN A 1390 9.78 -27.20 8.18
C GLN A 1390 9.65 -28.49 7.37
N THR A 1391 9.44 -28.40 6.06
CA THR A 1391 9.27 -29.59 5.24
C THR A 1391 9.76 -29.28 3.84
N PHE A 1392 10.27 -30.30 3.15
CA PHE A 1392 10.82 -30.06 1.81
C PHE A 1392 9.78 -29.56 0.83
N PRO A 1393 8.59 -30.14 0.70
CA PRO A 1393 7.58 -29.51 -0.16
C PRO A 1393 7.26 -28.09 0.25
N GLN A 1394 7.20 -27.81 1.55
CA GLN A 1394 6.84 -26.47 1.99
C GLN A 1394 7.98 -25.48 1.79
N ALA A 1395 9.22 -25.92 2.02
CA ALA A 1395 10.36 -25.05 1.73
C ALA A 1395 10.47 -24.76 0.24
N VAL A 1396 10.24 -25.78 -0.60
CA VAL A 1396 10.27 -25.58 -2.04
C VAL A 1396 9.15 -24.66 -2.49
N LEU A 1397 7.97 -24.78 -1.88
CA LEU A 1397 6.88 -23.88 -2.19
C LEU A 1397 7.21 -22.45 -1.79
N LEU A 1398 7.87 -22.27 -0.64
CA LEU A 1398 8.29 -20.93 -0.24
C LEU A 1398 9.29 -20.35 -1.23
N LEU A 1399 10.23 -21.17 -1.69
CA LEU A 1399 11.20 -20.69 -2.67
C LEU A 1399 10.53 -20.35 -3.99
N PHE A 1400 9.54 -21.13 -4.41
CA PHE A 1400 8.79 -20.81 -5.62
C PHE A 1400 8.04 -19.50 -5.47
N ARG A 1401 7.43 -19.29 -4.30
CA ARG A 1401 6.74 -18.04 -4.02
C ARG A 1401 7.68 -16.85 -4.06
N CYS A 1402 8.89 -17.01 -3.52
CA CYS A 1402 9.87 -15.93 -3.57
C CYS A 1402 10.38 -15.69 -4.98
N ALA A 1403 10.53 -16.77 -5.77
CA ALA A 1403 10.93 -16.62 -7.17
C ALA A 1403 9.88 -15.83 -7.95
N THR A 1404 8.60 -16.13 -7.71
CA THR A 1404 7.54 -15.29 -8.24
C THR A 1404 7.63 -13.87 -7.67
N GLY A 1405 8.21 -13.72 -6.48
CA GLY A 1405 8.36 -12.42 -5.86
C GLY A 1405 7.06 -11.90 -5.30
N GLU A 1406 6.50 -12.62 -4.34
CA GLU A 1406 5.19 -12.29 -3.81
C GLU A 1406 5.29 -11.38 -2.58
N ALA A 1407 5.95 -11.86 -1.53
CA ALA A 1407 6.29 -11.02 -0.40
C ALA A 1407 7.66 -11.41 0.15
N TRP A 1408 8.62 -11.61 -0.75
CA TRP A 1408 9.88 -12.23 -0.35
C TRP A 1408 10.61 -11.40 0.70
N GLN A 1409 10.55 -10.07 0.60
CA GLN A 1409 11.21 -9.24 1.61
C GLN A 1409 10.51 -9.35 2.94
N GLU A 1410 9.20 -9.61 2.95
CA GLU A 1410 8.50 -9.80 4.22
C GLU A 1410 8.97 -11.07 4.92
N ILE A 1411 9.14 -12.17 4.18
CA ILE A 1411 9.70 -13.38 4.77
C ILE A 1411 11.12 -13.12 5.24
N MET A 1412 11.91 -12.41 4.43
CA MET A 1412 13.28 -12.10 4.82
C MET A 1412 13.31 -11.37 6.16
N LEU A 1413 12.42 -10.39 6.33
CA LEU A 1413 12.32 -9.71 7.62
C LEU A 1413 11.87 -10.66 8.72
N ALA A 1414 10.95 -11.57 8.40
CA ALA A 1414 10.47 -12.53 9.39
C ALA A 1414 11.51 -13.55 9.79
N CYS A 1415 12.64 -13.64 9.07
CA CYS A 1415 13.66 -14.63 9.37
C CYS A 1415 14.86 -14.06 10.13
N LEU A 1416 14.76 -12.85 10.67
CA LEU A 1416 15.86 -12.25 11.42
C LEU A 1416 16.00 -12.92 12.79
N PRO A 1417 17.14 -12.74 13.47
CA PRO A 1417 17.40 -13.52 14.70
C PRO A 1417 16.36 -13.36 15.80
N GLY A 1418 15.81 -12.16 16.00
CA GLY A 1418 14.92 -11.96 17.12
C GLY A 1418 13.54 -12.58 16.97
N LYS A 1419 13.49 -13.89 16.73
CA LYS A 1419 12.24 -14.58 16.45
C LYS A 1419 12.02 -15.72 17.44
N LEU A 1420 10.75 -15.96 17.76
CA LEU A 1420 10.40 -17.05 18.66
C LEU A 1420 10.58 -18.40 17.98
N CYS A 1421 11.02 -19.38 18.75
CA CYS A 1421 11.21 -20.75 18.27
C CYS A 1421 10.03 -21.62 18.68
N ASP A 1422 9.68 -22.56 17.80
CA ASP A 1422 8.59 -23.45 18.10
C ASP A 1422 8.95 -24.37 19.26
N PRO A 1423 8.00 -24.70 20.14
CA PRO A 1423 8.31 -25.49 21.34
C PRO A 1423 8.48 -26.99 21.06
N GLU A 1424 9.24 -27.31 20.03
CA GLU A 1424 9.54 -28.69 19.69
C GLU A 1424 11.02 -28.96 19.46
N SER A 1425 11.83 -27.95 19.16
CA SER A 1425 13.27 -28.12 19.03
C SER A 1425 13.90 -28.25 20.41
N ASP A 1426 15.04 -28.94 20.44
CA ASP A 1426 15.75 -29.18 21.70
C ASP A 1426 16.64 -27.97 21.99
N TYR A 1427 16.01 -26.88 22.41
CA TYR A 1427 16.72 -25.66 22.76
C TYR A 1427 16.90 -25.55 24.26
N ASN A 1428 17.84 -24.69 24.67
CA ASN A 1428 18.14 -24.52 26.08
C ASN A 1428 16.98 -23.87 26.79
N PRO A 1429 16.49 -24.46 27.88
CA PRO A 1429 15.36 -23.85 28.61
C PRO A 1429 15.73 -22.45 29.11
N GLY A 1430 14.74 -21.57 29.08
CA GLY A 1430 14.93 -20.20 29.50
C GLY A 1430 15.02 -19.23 28.33
N GLU A 1431 15.70 -19.63 27.26
CA GLU A 1431 15.86 -18.81 26.07
C GLU A 1431 15.08 -19.45 24.92
N GLU A 1432 14.18 -18.69 24.32
CA GLU A 1432 13.41 -19.17 23.19
C GLU A 1432 13.40 -18.21 22.00
N TYR A 1433 13.89 -16.98 22.17
CA TYR A 1433 13.99 -16.04 21.06
C TYR A 1433 15.42 -16.03 20.52
N THR A 1434 15.81 -17.16 19.95
CA THR A 1434 17.16 -17.35 19.47
C THR A 1434 17.24 -17.76 18.01
N CYS A 1435 16.30 -18.55 17.51
CA CYS A 1435 16.33 -18.99 16.13
C CYS A 1435 16.11 -17.82 15.16
N GLY A 1436 16.71 -17.95 14.00
CA GLY A 1436 16.87 -16.87 13.04
C GLY A 1436 18.31 -16.39 13.01
N SER A 1437 18.72 -15.85 11.86
CA SER A 1437 20.10 -15.44 11.68
C SER A 1437 20.17 -14.28 10.73
N ASN A 1438 21.29 -13.54 10.79
CA ASN A 1438 21.56 -12.47 9.86
C ASN A 1438 21.89 -12.97 8.47
N PHE A 1439 22.06 -14.29 8.32
CA PHE A 1439 22.27 -14.90 7.00
C PHE A 1439 21.06 -14.78 6.10
N ALA A 1440 19.90 -14.39 6.65
CA ALA A 1440 18.67 -14.36 5.87
C ALA A 1440 18.74 -13.34 4.74
N ILE A 1441 19.34 -12.18 4.99
CA ILE A 1441 19.37 -11.12 3.97
C ILE A 1441 20.15 -11.59 2.75
N VAL A 1442 21.37 -12.09 2.96
CA VAL A 1442 22.17 -12.55 1.85
C VAL A 1442 21.55 -13.78 1.22
N TYR A 1443 20.95 -14.66 2.01
CA TYR A 1443 20.27 -15.84 1.49
C TYR A 1443 19.19 -15.46 0.49
N PHE A 1444 18.28 -14.57 0.89
CA PHE A 1444 17.16 -14.23 0.03
C PHE A 1444 17.60 -13.41 -1.17
N ILE A 1445 18.51 -12.45 -0.98
CA ILE A 1445 18.95 -11.63 -2.10
C ILE A 1445 19.67 -12.49 -3.14
N SER A 1446 20.58 -13.36 -2.67
CA SER A 1446 21.29 -14.23 -3.59
C SER A 1446 20.35 -15.17 -4.31
N PHE A 1447 19.37 -15.74 -3.60
CA PHE A 1447 18.43 -16.63 -4.27
C PHE A 1447 17.66 -15.89 -5.34
N TYR A 1448 17.19 -14.67 -5.03
CA TYR A 1448 16.41 -13.94 -6.03
C TYR A 1448 17.24 -13.66 -7.27
N MET A 1449 18.47 -13.18 -7.09
CA MET A 1449 19.30 -12.87 -8.24
C MET A 1449 19.61 -14.12 -9.05
N LEU A 1450 20.01 -15.20 -8.36
CA LEU A 1450 20.36 -16.43 -9.07
C LEU A 1450 19.17 -17.01 -9.83
N CYS A 1451 18.00 -17.06 -9.19
CA CYS A 1451 16.83 -17.61 -9.83
C CYS A 1451 16.41 -16.77 -11.03
N ALA A 1452 16.44 -15.44 -10.89
CA ALA A 1452 16.09 -14.59 -12.02
C ALA A 1452 17.04 -14.82 -13.19
N PHE A 1453 18.34 -14.88 -12.92
CA PHE A 1453 19.30 -15.10 -13.99
C PHE A 1453 19.11 -16.46 -14.65
N LEU A 1454 18.89 -17.50 -13.85
CA LEU A 1454 18.74 -18.83 -14.43
C LEU A 1454 17.46 -18.95 -15.23
N ILE A 1455 16.37 -18.31 -14.77
CA ILE A 1455 15.13 -18.32 -15.53
C ILE A 1455 15.31 -17.58 -16.86
N ILE A 1456 16.00 -16.44 -16.84
CA ILE A 1456 16.26 -15.72 -18.08
C ILE A 1456 17.08 -16.58 -19.02
N ASN A 1457 18.10 -17.25 -18.50
CA ASN A 1457 18.95 -18.09 -19.33
C ASN A 1457 18.15 -19.24 -19.96
N LEU A 1458 17.29 -19.88 -19.17
CA LEU A 1458 16.48 -20.97 -19.70
C LEU A 1458 15.51 -20.46 -20.77
N PHE A 1459 14.86 -19.33 -20.51
CA PHE A 1459 13.92 -18.78 -21.48
C PHE A 1459 14.61 -18.48 -22.80
N VAL A 1460 15.77 -17.83 -22.74
CA VAL A 1460 16.45 -17.45 -23.97
C VAL A 1460 16.99 -18.68 -24.69
N ALA A 1461 17.46 -19.68 -23.95
CA ALA A 1461 17.91 -20.91 -24.59
C ALA A 1461 16.76 -21.61 -25.32
N VAL A 1462 15.59 -21.66 -24.69
CA VAL A 1462 14.44 -22.28 -25.33
C VAL A 1462 14.02 -21.50 -26.56
N ILE A 1463 14.04 -20.16 -26.47
CA ILE A 1463 13.67 -19.32 -27.61
C ILE A 1463 14.65 -19.54 -28.77
N MET A 1464 15.94 -19.58 -28.47
CA MET A 1464 16.95 -19.71 -29.51
C MET A 1464 17.04 -21.12 -30.09
N ASP A 1465 16.57 -22.14 -29.36
CA ASP A 1465 16.64 -23.49 -29.88
C ASP A 1465 15.84 -23.63 -31.16
N ASN A 1466 14.65 -23.06 -31.20
CA ASN A 1466 13.83 -23.01 -32.42
C ASN A 1466 13.63 -21.54 -32.78
N PHE A 1467 14.60 -20.98 -33.50
CA PHE A 1467 14.53 -19.60 -33.94
C PHE A 1467 14.13 -19.47 -35.40
N ASP A 1468 14.22 -20.55 -36.18
CA ASP A 1468 13.79 -20.50 -37.57
C ASP A 1468 12.28 -20.27 -37.66
N TYR A 1469 11.50 -20.91 -36.80
CA TYR A 1469 10.06 -20.72 -36.80
C TYR A 1469 9.69 -19.29 -36.40
N LEU A 1470 10.42 -18.74 -35.42
CA LEU A 1470 10.13 -17.39 -34.95
C LEU A 1470 10.44 -16.33 -35.99
N THR A 1471 11.22 -16.67 -37.02
CA THR A 1471 11.54 -15.77 -38.12
C THR A 1471 11.27 -16.48 -39.44
N ARG A 1472 10.12 -17.15 -39.52
CA ARG A 1472 9.86 -18.06 -40.63
C ARG A 1472 9.74 -17.33 -41.97
N ASP A 1473 9.11 -16.16 -41.97
CA ASP A 1473 8.83 -15.42 -43.21
C ASP A 1473 7.99 -16.27 -44.16
N TRP A 1474 6.75 -16.51 -43.72
CA TRP A 1474 5.81 -17.39 -44.41
C TRP A 1474 5.65 -17.07 -45.89
N SER A 1475 5.99 -15.86 -46.32
CA SER A 1475 5.78 -15.49 -47.72
C SER A 1475 6.65 -16.34 -48.66
N ILE A 1476 7.91 -16.58 -48.29
CA ILE A 1476 8.84 -17.23 -49.20
C ILE A 1476 8.51 -18.71 -49.34
N LEU A 1477 8.64 -19.46 -48.26
CA LEU A 1477 8.43 -20.91 -48.27
C LEU A 1477 8.53 -21.38 -46.83
N GLY A 1478 8.30 -22.68 -46.63
CA GLY A 1478 8.41 -23.29 -45.32
C GLY A 1478 8.01 -24.74 -45.33
N PRO A 1479 8.26 -25.45 -44.23
CA PRO A 1479 7.85 -26.85 -44.13
C PRO A 1479 6.35 -27.05 -44.21
N HIS A 1480 5.55 -26.02 -43.92
CA HIS A 1480 4.10 -26.15 -44.04
C HIS A 1480 3.67 -26.40 -45.49
N HIS A 1481 4.33 -25.73 -46.43
CA HIS A 1481 4.02 -25.96 -47.85
C HIS A 1481 4.32 -27.39 -48.24
N LEU A 1482 5.47 -27.92 -47.81
CA LEU A 1482 5.83 -29.29 -48.13
C LEU A 1482 4.88 -30.29 -47.47
N ASP A 1483 4.45 -29.99 -46.25
CA ASP A 1483 3.49 -30.87 -45.57
C ASP A 1483 2.15 -30.87 -46.29
N GLU A 1484 1.69 -29.71 -46.75
CA GLU A 1484 0.46 -29.66 -47.54
C GLU A 1484 0.62 -30.43 -48.84
N PHE A 1485 1.77 -30.28 -49.50
CA PHE A 1485 2.06 -31.08 -50.69
C PHE A 1485 1.95 -32.57 -50.39
N LYS A 1486 2.56 -33.02 -49.30
CA LYS A 1486 2.55 -34.44 -48.96
C LYS A 1486 1.13 -34.93 -48.66
N ARG A 1487 0.36 -34.13 -47.92
CA ARG A 1487 -1.00 -34.54 -47.57
C ARG A 1487 -1.89 -34.61 -48.81
N ILE A 1488 -1.77 -33.62 -49.70
CA ILE A 1488 -2.58 -33.65 -50.93
C ILE A 1488 -2.14 -34.80 -51.83
N TRP A 1489 -0.84 -35.07 -51.89
CA TRP A 1489 -0.33 -36.15 -52.71
C TRP A 1489 -0.83 -37.50 -52.20
N SER A 1490 -0.88 -37.67 -50.87
CA SER A 1490 -1.35 -38.94 -50.32
C SER A 1490 -2.77 -39.28 -50.75
N GLU A 1491 -3.56 -38.28 -51.14
CA GLU A 1491 -4.89 -38.56 -51.66
C GLU A 1491 -4.82 -39.37 -52.95
N TYR A 1492 -3.86 -39.07 -53.81
CA TYR A 1492 -3.65 -39.83 -55.03
C TYR A 1492 -2.70 -41.01 -54.83
N ASP A 1493 -2.19 -41.21 -53.61
CA ASP A 1493 -1.29 -42.30 -53.28
C ASP A 1493 -1.88 -43.07 -52.10
N PRO A 1494 -2.73 -44.06 -52.36
CA PRO A 1494 -3.37 -44.78 -51.25
C PRO A 1494 -2.39 -45.52 -50.35
N GLU A 1495 -1.19 -45.82 -50.83
CA GLU A 1495 -0.20 -46.53 -50.05
C GLU A 1495 1.16 -45.87 -50.27
N ALA A 1496 2.04 -46.00 -49.28
CA ALA A 1496 3.36 -45.39 -49.31
C ALA A 1496 4.42 -46.33 -49.87
N LYS A 1497 4.05 -47.19 -50.81
CA LYS A 1497 4.96 -48.19 -51.35
C LYS A 1497 5.89 -47.61 -52.41
N GLY A 1498 6.56 -46.50 -52.08
CA GLY A 1498 7.52 -45.92 -53.00
C GLY A 1498 6.91 -45.36 -54.27
N ARG A 1499 7.11 -46.07 -55.38
CA ARG A 1499 6.73 -45.58 -56.70
C ARG A 1499 5.23 -45.31 -56.78
N ILE A 1500 4.87 -44.27 -57.54
CA ILE A 1500 3.50 -43.78 -57.63
C ILE A 1500 3.10 -43.65 -59.10
N LYS A 1501 1.83 -43.35 -59.31
CA LYS A 1501 1.26 -43.23 -60.65
C LYS A 1501 1.32 -41.80 -61.14
N HIS A 1502 1.69 -41.64 -62.40
CA HIS A 1502 1.87 -40.32 -63.01
C HIS A 1502 0.62 -39.81 -63.72
N LEU A 1503 -0.50 -40.53 -63.60
CA LEU A 1503 -1.70 -40.16 -64.35
C LEU A 1503 -2.26 -38.83 -63.88
N ASP A 1504 -2.44 -38.66 -62.56
CA ASP A 1504 -3.11 -37.50 -62.01
C ASP A 1504 -2.15 -36.48 -61.41
N VAL A 1505 -0.88 -36.48 -61.85
CA VAL A 1505 0.08 -35.50 -61.36
C VAL A 1505 -0.35 -34.09 -61.74
N VAL A 1506 -0.94 -33.94 -62.93
CA VAL A 1506 -1.37 -32.62 -63.38
C VAL A 1506 -2.43 -32.06 -62.45
N THR A 1507 -3.44 -32.87 -62.12
CA THR A 1507 -4.48 -32.43 -61.21
C THR A 1507 -3.93 -32.22 -59.80
N LEU A 1508 -2.96 -33.05 -59.40
CA LEU A 1508 -2.33 -32.87 -58.10
C LEU A 1508 -1.68 -31.50 -58.00
N LEU A 1509 -0.86 -31.14 -58.98
CA LEU A 1509 -0.24 -29.82 -59.00
C LEU A 1509 -1.29 -28.73 -59.14
N ARG A 1510 -2.40 -29.00 -59.82
CA ARG A 1510 -3.50 -28.05 -59.88
C ARG A 1510 -4.05 -27.76 -58.50
N ARG A 1511 -4.08 -28.78 -57.63
CA ARG A 1511 -4.61 -28.61 -56.28
C ARG A 1511 -3.65 -27.86 -55.36
N ILE A 1512 -2.37 -27.72 -55.72
CA ILE A 1512 -1.38 -27.12 -54.83
C ILE A 1512 -1.43 -25.60 -54.95
N GLN A 1513 -1.04 -24.92 -53.87
CA GLN A 1513 -1.00 -23.47 -53.85
C GLN A 1513 0.11 -22.97 -54.78
N PRO A 1514 -0.02 -21.74 -55.28
CA PRO A 1514 0.97 -21.19 -56.22
C PRO A 1514 2.39 -21.19 -55.67
N PRO A 1515 2.62 -20.89 -54.38
CA PRO A 1515 4.01 -20.90 -53.89
C PRO A 1515 4.75 -22.20 -54.10
N LEU A 1516 4.05 -23.34 -54.03
CA LEU A 1516 4.68 -24.64 -54.29
C LEU A 1516 4.22 -25.29 -55.57
N GLY A 1517 2.93 -25.18 -55.90
CA GLY A 1517 2.42 -25.73 -57.14
C GLY A 1517 2.33 -24.70 -58.24
N PHE A 1518 1.15 -24.55 -58.83
CA PHE A 1518 0.95 -23.61 -59.92
C PHE A 1518 -0.36 -22.87 -59.71
N GLY A 1519 -0.43 -21.69 -60.32
CA GLY A 1519 -1.53 -20.76 -60.07
C GLY A 1519 -2.80 -21.12 -60.81
N LYS A 1520 -3.77 -20.22 -60.71
CA LYS A 1520 -5.10 -20.44 -61.27
C LYS A 1520 -5.12 -20.42 -62.79
N LEU A 1521 -4.04 -20.00 -63.44
CA LEU A 1521 -3.99 -19.94 -64.89
C LEU A 1521 -3.98 -21.35 -65.47
N CYS A 1522 -3.96 -21.42 -66.80
CA CYS A 1522 -3.99 -22.72 -67.47
C CYS A 1522 -2.68 -23.47 -67.23
N PRO A 1523 -2.72 -24.67 -66.63
CA PRO A 1523 -1.48 -25.43 -66.43
C PRO A 1523 -0.83 -25.88 -67.72
N HIS A 1524 -1.59 -26.01 -68.82
CA HIS A 1524 -1.03 -26.50 -70.06
C HIS A 1524 -0.05 -25.52 -70.69
N ARG A 1525 -0.13 -24.23 -70.33
CA ARG A 1525 0.72 -23.21 -70.92
C ARG A 1525 2.08 -23.12 -70.24
N VAL A 1526 2.12 -23.27 -68.92
CA VAL A 1526 3.35 -23.10 -68.14
C VAL A 1526 3.66 -24.35 -67.33
N ALA A 1527 2.69 -24.86 -66.57
CA ALA A 1527 2.95 -25.95 -65.64
C ALA A 1527 3.34 -27.23 -66.38
N CYS A 1528 2.63 -27.57 -67.46
CA CYS A 1528 2.94 -28.78 -68.21
C CYS A 1528 4.32 -28.69 -68.85
N LYS A 1529 4.67 -27.51 -69.38
CA LYS A 1529 6.00 -27.33 -69.93
C LYS A 1529 7.07 -27.48 -68.85
N ARG A 1530 6.84 -26.88 -67.68
CA ARG A 1530 7.85 -26.89 -66.64
C ARG A 1530 8.03 -28.27 -66.01
N LEU A 1531 6.96 -29.06 -65.97
CA LEU A 1531 7.05 -30.38 -65.36
C LEU A 1531 7.98 -31.29 -66.15
N VAL A 1532 7.92 -31.24 -67.48
CA VAL A 1532 8.73 -32.13 -68.30
C VAL A 1532 10.07 -31.50 -68.68
N ALA A 1533 10.13 -30.18 -68.78
CA ALA A 1533 11.36 -29.52 -69.21
C ALA A 1533 12.50 -29.77 -68.22
N MET A 1534 12.21 -29.67 -66.93
CA MET A 1534 13.24 -29.92 -65.92
C MET A 1534 13.61 -31.39 -65.91
N ASN A 1535 14.90 -31.67 -65.65
CA ASN A 1535 15.40 -33.03 -65.67
C ASN A 1535 14.72 -33.87 -64.60
N MET A 1536 14.25 -35.06 -64.99
CA MET A 1536 13.63 -36.02 -64.11
C MET A 1536 14.30 -37.37 -64.28
N PRO A 1537 14.26 -38.22 -63.26
CA PRO A 1537 14.82 -39.57 -63.42
C PRO A 1537 14.12 -40.34 -64.52
N LEU A 1538 14.91 -40.97 -65.39
CA LEU A 1538 14.37 -41.71 -66.55
C LEU A 1538 13.91 -43.10 -66.08
N ASN A 1539 12.87 -43.08 -65.26
CA ASN A 1539 12.31 -44.31 -64.72
C ASN A 1539 11.17 -44.79 -65.63
N SER A 1540 10.41 -45.77 -65.17
CA SER A 1540 9.34 -46.36 -65.98
C SER A 1540 8.17 -45.38 -66.09
N ASP A 1541 7.12 -45.84 -66.79
CA ASP A 1541 5.95 -44.99 -67.03
C ASP A 1541 5.25 -44.64 -65.73
N GLY A 1542 5.08 -45.61 -64.84
CA GLY A 1542 4.36 -45.38 -63.60
C GLY A 1542 5.14 -45.74 -62.36
N THR A 1543 6.46 -45.58 -62.40
CA THR A 1543 7.33 -45.87 -61.26
C THR A 1543 8.22 -44.67 -61.01
N VAL A 1544 8.05 -44.03 -59.85
CA VAL A 1544 8.92 -42.92 -59.45
C VAL A 1544 8.87 -42.77 -57.93
N MET A 1545 10.04 -42.69 -57.30
CA MET A 1545 10.12 -42.73 -55.85
C MET A 1545 9.60 -41.42 -55.25
N PHE A 1546 9.36 -41.45 -53.94
CA PHE A 1546 8.86 -40.28 -53.23
C PHE A 1546 9.87 -39.14 -53.27
N ASN A 1547 11.14 -39.45 -52.98
CA ASN A 1547 12.18 -38.44 -53.03
C ASN A 1547 12.36 -37.91 -54.45
N ALA A 1548 12.29 -38.80 -55.45
CA ALA A 1548 12.52 -38.40 -56.83
C ALA A 1548 11.53 -37.34 -57.29
N THR A 1549 10.38 -37.22 -56.64
CA THR A 1549 9.43 -36.16 -56.92
C THR A 1549 9.57 -34.97 -55.97
N LEU A 1550 9.63 -35.22 -54.67
CA LEU A 1550 9.62 -34.11 -53.71
C LEU A 1550 10.93 -33.31 -53.77
N PHE A 1551 12.07 -33.99 -53.81
CA PHE A 1551 13.35 -33.27 -53.88
C PHE A 1551 13.48 -32.55 -55.22
N ALA A 1552 12.96 -33.16 -56.29
CA ALA A 1552 12.96 -32.49 -57.58
C ALA A 1552 12.14 -31.21 -57.54
N LEU A 1553 10.96 -31.25 -56.91
CA LEU A 1553 10.15 -30.05 -56.78
C LEU A 1553 10.85 -29.00 -55.92
N VAL A 1554 11.51 -29.43 -54.84
CA VAL A 1554 12.24 -28.49 -54.00
C VAL A 1554 13.35 -27.81 -54.79
N ARG A 1555 14.11 -28.57 -55.56
CA ARG A 1555 15.18 -27.99 -56.37
C ARG A 1555 14.62 -27.14 -57.50
N THR A 1556 13.41 -27.43 -57.97
CA THR A 1556 12.76 -26.56 -58.94
C THR A 1556 12.40 -25.23 -58.31
N ALA A 1557 11.95 -25.26 -57.05
CA ALA A 1557 11.51 -24.03 -56.39
C ALA A 1557 12.68 -23.17 -55.95
N LEU A 1558 13.84 -23.77 -55.68
CA LEU A 1558 14.99 -23.06 -55.12
C LEU A 1558 16.19 -23.19 -56.03
N LYS A 1559 16.91 -22.08 -56.19
CA LYS A 1559 18.14 -21.97 -56.98
C LYS A 1559 18.05 -22.76 -58.28
N ILE A 1560 17.11 -22.35 -59.13
CA ILE A 1560 16.98 -22.94 -60.45
C ILE A 1560 18.25 -22.70 -61.26
N LYS A 1561 18.67 -23.71 -62.01
CA LYS A 1561 19.89 -23.66 -62.80
C LYS A 1561 19.56 -24.03 -64.24
N THR A 1562 20.62 -24.18 -65.05
CA THR A 1562 20.50 -24.57 -66.44
C THR A 1562 20.84 -26.04 -66.60
N GLU A 1563 20.92 -26.51 -67.84
CA GLU A 1563 21.25 -27.90 -68.13
C GLU A 1563 22.76 -28.07 -68.28
N GLY A 1564 23.24 -29.23 -67.87
CA GLY A 1564 24.65 -29.55 -67.96
C GLY A 1564 25.35 -29.60 -66.61
N ASN A 1565 24.96 -28.71 -65.70
CA ASN A 1565 25.54 -28.64 -64.36
C ASN A 1565 24.63 -29.28 -63.32
N LEU A 1566 23.91 -30.34 -63.69
CA LEU A 1566 23.04 -31.02 -62.74
C LEU A 1566 23.82 -31.78 -61.68
N GLU A 1567 24.97 -32.35 -62.05
CA GLU A 1567 25.77 -33.09 -61.09
C GLU A 1567 26.34 -32.18 -60.01
N GLN A 1568 26.31 -30.86 -60.21
CA GLN A 1568 26.67 -29.95 -59.14
C GLN A 1568 25.71 -30.09 -57.96
N ALA A 1569 24.45 -30.45 -58.21
CA ALA A 1569 23.53 -30.71 -57.12
C ALA A 1569 23.98 -31.92 -56.29
N ASN A 1570 24.42 -32.99 -56.95
CA ASN A 1570 24.94 -34.14 -56.23
C ASN A 1570 26.22 -33.78 -55.47
N GLU A 1571 27.07 -32.95 -56.09
CA GLU A 1571 28.27 -32.50 -55.41
C GLU A 1571 27.94 -31.72 -54.14
N GLU A 1572 26.96 -30.82 -54.24
CA GLU A 1572 26.52 -30.08 -53.06
C GLU A 1572 25.93 -31.00 -52.01
N LEU A 1573 25.16 -32.01 -52.43
CA LEU A 1573 24.55 -32.94 -51.49
C LEU A 1573 25.61 -33.75 -50.75
N ARG A 1574 26.65 -34.20 -51.47
CA ARG A 1574 27.68 -35.02 -50.83
C ARG A 1574 28.74 -34.20 -50.13
N ALA A 1575 28.83 -32.89 -50.38
CA ALA A 1575 29.86 -32.05 -49.79
C ALA A 1575 29.32 -31.14 -48.71
N VAL A 1576 28.33 -30.30 -49.02
CA VAL A 1576 27.82 -29.33 -48.06
C VAL A 1576 26.73 -29.94 -47.18
N ILE A 1577 25.81 -30.68 -47.79
CA ILE A 1577 24.75 -31.36 -47.05
C ILE A 1577 25.36 -32.54 -46.30
N LYS A 1578 24.62 -33.09 -45.35
CA LYS A 1578 25.07 -34.25 -44.58
C LYS A 1578 25.24 -35.47 -45.48
N LYS A 1579 25.67 -36.58 -44.90
CA LYS A 1579 25.89 -37.80 -45.67
C LYS A 1579 24.61 -38.21 -46.40
N ILE A 1580 24.76 -38.59 -47.67
CA ILE A 1580 23.61 -39.00 -48.46
C ILE A 1580 23.05 -40.33 -47.96
N TRP A 1581 23.89 -41.16 -47.34
CA TRP A 1581 23.50 -42.48 -46.85
C TRP A 1581 22.92 -43.35 -47.96
N LYS A 1582 23.50 -43.23 -49.16
CA LYS A 1582 23.15 -44.03 -50.33
C LYS A 1582 21.70 -43.87 -50.76
N LYS A 1583 21.07 -42.76 -50.38
CA LYS A 1583 19.68 -42.50 -50.78
C LYS A 1583 19.57 -41.74 -52.08
N THR A 1584 20.68 -41.27 -52.65
CA THR A 1584 20.67 -40.46 -53.85
C THR A 1584 21.18 -41.22 -55.08
N SER A 1585 21.17 -42.55 -55.02
CA SER A 1585 21.63 -43.33 -56.17
C SER A 1585 20.78 -43.06 -57.39
N MET A 1586 19.46 -43.04 -57.23
CA MET A 1586 18.56 -42.66 -58.31
C MET A 1586 18.35 -41.16 -58.41
N LYS A 1587 18.69 -40.41 -57.37
CA LYS A 1587 18.63 -38.95 -57.43
C LYS A 1587 19.79 -38.34 -58.18
N LEU A 1588 20.83 -39.13 -58.48
CA LEU A 1588 21.92 -38.64 -59.31
C LEU A 1588 21.41 -38.25 -60.70
N LEU A 1589 20.34 -38.89 -61.17
CA LEU A 1589 19.70 -38.51 -62.42
C LEU A 1589 18.55 -37.55 -62.17
N PHE B 27 -83.38 -10.18 38.39
CA PHE B 27 -82.16 -9.42 38.66
C PHE B 27 -82.32 -8.63 39.95
N PRO B 28 -81.37 -8.80 40.88
CA PRO B 28 -81.50 -8.18 42.20
C PRO B 28 -81.55 -6.66 42.11
N SER B 29 -82.36 -6.06 42.97
CA SER B 29 -82.52 -4.61 43.01
C SER B 29 -81.38 -3.98 43.80
N ALA B 30 -81.31 -2.65 43.74
CA ALA B 30 -80.27 -1.93 44.47
C ALA B 30 -80.48 -2.01 45.97
N VAL B 31 -81.72 -2.18 46.41
CA VAL B 31 -82.00 -2.19 47.85
C VAL B 31 -81.45 -3.44 48.50
N THR B 32 -81.65 -4.61 47.85
CA THR B 32 -81.17 -5.85 48.46
C THR B 32 -79.66 -5.98 48.39
N ILE B 33 -79.02 -5.39 47.37
CA ILE B 33 -77.57 -5.46 47.27
C ILE B 33 -76.93 -4.61 48.36
N LYS B 34 -77.46 -3.42 48.59
CA LYS B 34 -76.97 -2.60 49.70
C LYS B 34 -77.21 -3.30 51.04
N SER B 35 -78.36 -3.94 51.20
CA SER B 35 -78.65 -4.66 52.43
C SER B 35 -77.67 -5.81 52.65
N TRP B 36 -77.33 -6.53 51.58
CA TRP B 36 -76.34 -7.59 51.71
C TRP B 36 -74.95 -7.02 51.99
N VAL B 37 -74.64 -5.86 51.41
CA VAL B 37 -73.35 -5.22 51.67
C VAL B 37 -73.26 -4.73 53.10
N ASP B 38 -74.37 -4.22 53.65
CA ASP B 38 -74.37 -3.72 55.02
C ASP B 38 -73.99 -4.83 56.00
N LYS B 39 -74.43 -6.06 55.74
CA LYS B 39 -74.04 -7.19 56.56
C LYS B 39 -72.64 -7.70 56.23
N MET B 40 -72.01 -7.17 55.18
CA MET B 40 -70.67 -7.59 54.79
C MET B 40 -69.60 -6.82 55.55
N GLN B 41 -69.63 -5.48 55.44
CA GLN B 41 -68.60 -4.67 56.09
C GLN B 41 -68.72 -4.72 57.60
N GLU B 42 -69.93 -4.88 58.13
CA GLU B 42 -70.09 -4.98 59.57
C GLU B 42 -69.44 -6.24 60.14
N ASP B 43 -69.21 -7.25 59.31
CA ASP B 43 -68.46 -8.43 59.73
C ASP B 43 -66.96 -8.27 59.57
N LEU B 44 -66.51 -7.19 58.94
CA LEU B 44 -65.09 -6.88 58.76
C LEU B 44 -64.63 -5.74 59.64
N VAL B 45 -65.40 -4.65 59.69
CA VAL B 45 -65.03 -3.51 60.53
C VAL B 45 -65.06 -3.90 62.00
N THR B 46 -66.12 -4.61 62.42
CA THR B 46 -66.20 -5.04 63.82
C THR B 46 -65.07 -6.00 64.16
N LEU B 47 -64.73 -6.91 63.25
CA LEU B 47 -63.63 -7.83 63.52
C LEU B 47 -62.31 -7.08 63.66
N ALA B 48 -62.05 -6.11 62.78
CA ALA B 48 -60.82 -5.34 62.88
C ALA B 48 -60.83 -4.42 64.10
N LYS B 49 -61.99 -3.88 64.46
CA LYS B 49 -62.09 -3.02 65.62
C LYS B 49 -61.82 -3.79 66.91
N THR B 50 -62.08 -5.10 66.92
CA THR B 50 -61.93 -5.92 68.12
C THR B 50 -60.63 -6.71 68.14
N ALA B 51 -60.29 -7.38 67.04
CA ALA B 51 -59.08 -8.19 67.02
C ALA B 51 -57.84 -7.32 67.17
N SER B 52 -57.77 -6.22 66.45
CA SER B 52 -56.59 -5.36 66.51
C SER B 52 -56.50 -4.57 67.81
N GLY B 53 -57.62 -4.36 68.48
CA GLY B 53 -57.62 -3.57 69.70
C GLY B 53 -57.23 -2.12 69.48
N VAL B 54 -57.79 -1.48 68.45
CA VAL B 54 -57.44 -0.09 68.16
C VAL B 54 -57.91 0.83 69.29
N ASN B 55 -59.05 0.51 69.89
CA ASN B 55 -59.55 1.33 70.99
C ASN B 55 -58.77 1.10 72.27
N GLN B 56 -58.27 -0.12 72.47
CA GLN B 56 -57.48 -0.40 73.67
C GLN B 56 -56.16 0.36 73.66
N LEU B 57 -55.49 0.44 72.50
CA LEU B 57 -54.26 1.20 72.42
C LEU B 57 -54.50 2.69 72.64
N VAL B 58 -55.62 3.21 72.17
CA VAL B 58 -55.96 4.60 72.41
C VAL B 58 -56.09 4.86 73.90
N ASP B 59 -56.75 3.94 74.61
CA ASP B 59 -56.88 4.08 76.06
C ASP B 59 -55.53 4.03 76.75
N ILE B 60 -54.65 3.14 76.30
CA ILE B 60 -53.34 3.00 76.94
C ILE B 60 -52.54 4.29 76.82
N TYR B 61 -52.54 4.90 75.63
CA TYR B 61 -51.83 6.16 75.44
C TYR B 61 -52.41 7.26 76.32
N GLU B 62 -53.75 7.33 76.41
CA GLU B 62 -54.40 8.34 77.20
C GLU B 62 -54.48 8.00 78.69
N LYS B 63 -54.25 6.75 79.06
CA LYS B 63 -54.31 6.38 80.47
C LYS B 63 -53.22 7.08 81.28
N TYR B 64 -52.00 7.12 80.73
CA TYR B 64 -50.87 7.68 81.47
C TYR B 64 -50.83 9.20 81.39
N GLN B 65 -50.64 9.73 80.19
CA GLN B 65 -50.58 11.17 79.93
C GLN B 65 -49.49 11.88 80.73
N ASP B 66 -48.62 11.13 81.41
CA ASP B 66 -47.56 11.72 82.23
C ASP B 66 -46.19 11.16 81.97
N LEU B 67 -46.06 9.95 81.42
CA LEU B 67 -44.75 9.43 81.08
C LEU B 67 -44.11 10.16 79.91
N TYR B 68 -44.87 10.98 79.19
CA TYR B 68 -44.35 11.75 78.06
C TYR B 68 -44.91 13.16 78.16
N THR B 69 -44.68 13.93 77.10
CA THR B 69 -45.23 15.27 76.99
C THR B 69 -45.36 15.63 75.52
N VAL B 70 -46.42 16.36 75.18
CA VAL B 70 -46.65 16.79 73.81
C VAL B 70 -45.93 18.11 73.59
N GLU B 71 -45.24 18.22 72.45
CA GLU B 71 -44.47 19.42 72.16
C GLU B 71 -44.85 19.95 70.79
N PRO B 72 -44.88 21.28 70.63
CA PRO B 72 -45.18 21.85 69.31
C PRO B 72 -44.06 21.55 68.33
N ASN B 73 -44.44 21.45 67.06
CA ASN B 73 -43.50 21.20 65.97
C ASN B 73 -43.68 22.35 64.98
N ASN B 74 -43.02 23.48 65.25
CA ASN B 74 -43.20 24.68 64.45
C ASN B 74 -42.41 24.55 63.16
N ALA B 75 -43.12 24.52 62.03
CA ALA B 75 -42.46 24.36 60.74
C ALA B 75 -41.55 25.55 60.45
N ARG B 76 -41.96 26.75 60.84
CA ARG B 76 -41.15 27.93 60.59
C ARG B 76 -39.82 27.85 61.32
N GLN B 77 -39.83 27.43 62.58
CA GLN B 77 -38.59 27.35 63.35
C GLN B 77 -37.64 26.31 62.76
N LEU B 78 -38.17 25.18 62.33
CA LEU B 78 -37.30 24.09 61.85
C LEU B 78 -36.54 24.50 60.60
N VAL B 79 -37.21 25.16 59.66
CA VAL B 79 -36.56 25.49 58.39
C VAL B 79 -35.47 26.53 58.59
N GLU B 80 -35.75 27.60 59.34
CA GLU B 80 -34.72 28.59 59.61
C GLU B 80 -33.57 28.02 60.42
N ILE B 81 -33.79 26.93 61.15
CA ILE B 81 -32.71 26.28 61.90
C ILE B 81 -31.94 25.31 61.00
N ALA B 82 -32.66 24.50 60.22
CA ALA B 82 -31.99 23.56 59.33
C ALA B 82 -31.25 24.27 58.22
N ALA B 83 -31.80 25.38 57.72
CA ALA B 83 -31.10 26.14 56.68
C ALA B 83 -29.80 26.73 57.20
N ARG B 84 -29.80 27.20 58.44
CA ARG B 84 -28.57 27.74 59.03
C ARG B 84 -27.51 26.66 59.18
N ASP B 85 -27.90 25.46 59.59
CA ASP B 85 -26.95 24.38 59.75
C ASP B 85 -26.33 23.97 58.43
N ILE B 86 -27.13 23.94 57.36
CA ILE B 86 -26.59 23.64 56.03
C ILE B 86 -25.67 24.77 55.57
N GLU B 87 -26.02 26.02 55.88
CA GLU B 87 -25.17 27.14 55.53
C GLU B 87 -23.82 27.06 56.24
N LYS B 88 -23.84 26.71 57.53
CA LYS B 88 -22.59 26.59 58.28
C LYS B 88 -21.72 25.48 57.74
N LEU B 89 -22.34 24.35 57.36
CA LEU B 89 -21.57 23.24 56.80
C LEU B 89 -20.93 23.65 55.47
N LEU B 90 -21.67 24.34 54.63
CA LEU B 90 -21.12 24.77 53.34
C LEU B 90 -20.24 26.00 53.46
N SER B 91 -20.17 26.63 54.64
CA SER B 91 -19.18 27.68 54.88
C SER B 91 -17.91 27.14 55.49
N ASN B 92 -17.98 26.03 56.23
CA ASN B 92 -16.76 25.36 56.66
C ASN B 92 -15.97 24.84 55.47
N ARG B 93 -16.66 24.39 54.42
CA ARG B 93 -15.99 23.88 53.24
C ARG B 93 -15.42 25.02 52.40
N SER B 94 -16.09 26.17 52.38
CA SER B 94 -15.55 27.31 51.63
C SER B 94 -14.24 27.79 52.21
N LYS B 95 -14.14 27.81 53.54
CA LYS B 95 -12.89 28.19 54.19
C LYS B 95 -11.77 27.21 53.88
N ALA B 96 -12.10 25.93 53.66
CA ALA B 96 -11.09 24.95 53.28
C ALA B 96 -10.62 25.17 51.84
N LEU B 97 -11.52 25.63 50.97
CA LEU B 97 -11.13 25.90 49.59
C LEU B 97 -10.27 27.16 49.48
N VAL B 98 -10.64 28.20 50.22
CA VAL B 98 -9.86 29.44 50.19
C VAL B 98 -8.46 29.20 50.75
N ARG B 99 -8.36 28.40 51.81
CA ARG B 99 -7.05 28.07 52.37
C ARG B 99 -6.20 27.31 51.37
N LEU B 100 -6.80 26.36 50.65
CA LEU B 100 -6.04 25.57 49.68
C LEU B 100 -5.68 26.39 48.45
N ALA B 101 -6.63 27.15 47.91
CA ALA B 101 -6.38 27.89 46.68
C ALA B 101 -5.36 29.00 46.89
N LEU B 102 -5.40 29.67 48.06
CA LEU B 102 -4.45 30.74 48.33
C LEU B 102 -3.03 30.22 48.41
N GLU B 103 -2.84 29.07 49.05
CA GLU B 103 -1.49 28.53 49.21
C GLU B 103 -0.91 28.06 47.88
N ALA B 104 -1.73 27.45 47.03
CA ALA B 104 -1.23 26.94 45.76
C ALA B 104 -0.73 28.07 44.88
N GLU B 105 -1.45 29.20 44.84
CA GLU B 105 -0.97 30.35 44.09
C GLU B 105 0.34 30.88 44.66
N LYS B 106 0.47 30.92 45.99
CA LYS B 106 1.68 31.42 46.60
C LYS B 106 2.85 30.45 46.40
N VAL B 107 2.61 29.15 46.56
CA VAL B 107 3.68 28.17 46.45
C VAL B 107 4.17 28.08 45.01
N GLN B 108 3.25 28.09 44.04
CA GLN B 108 3.63 27.94 42.65
C GLN B 108 4.50 29.10 42.16
N ALA B 109 4.26 30.31 42.66
CA ALA B 109 5.05 31.45 42.23
C ALA B 109 6.50 31.33 42.64
N ALA B 110 6.82 30.48 43.62
CA ALA B 110 8.18 30.25 44.08
C ALA B 110 8.78 28.98 43.47
N HIS B 111 8.44 28.67 42.23
CA HIS B 111 8.96 27.50 41.54
C HIS B 111 10.03 27.93 40.54
N GLN B 112 11.00 27.05 40.32
CA GLN B 112 12.15 27.37 39.48
C GLN B 112 12.08 26.78 38.09
N TRP B 113 11.28 25.72 37.88
CA TRP B 113 11.20 25.02 36.61
C TRP B 113 12.56 24.45 36.19
N ARG B 114 13.03 23.49 36.97
CA ARG B 114 14.23 22.75 36.61
C ARG B 114 13.90 21.69 35.57
N GLU B 115 14.91 21.32 34.78
CA GLU B 115 14.73 20.37 33.68
C GLU B 115 15.54 19.09 33.85
N ASP B 116 16.10 18.83 35.03
CA ASP B 116 16.88 17.62 35.28
C ASP B 116 16.47 17.06 36.63
N PHE B 117 15.66 16.01 36.62
CA PHE B 117 15.20 15.37 37.84
C PHE B 117 15.88 14.02 38.09
N ALA B 118 16.94 13.71 37.33
CA ALA B 118 17.64 12.44 37.53
C ALA B 118 18.30 12.38 38.90
N SER B 119 18.90 13.48 39.34
CA SER B 119 19.58 13.50 40.63
C SER B 119 18.59 13.66 41.77
N ASN B 120 17.84 14.76 41.78
CA ASN B 120 16.89 15.07 42.85
C ASN B 120 15.47 14.69 42.44
N GLU B 121 15.22 13.39 42.44
CA GLU B 121 13.93 12.85 42.02
C GLU B 121 12.83 13.33 42.97
N VAL B 122 11.65 13.53 42.39
CA VAL B 122 10.47 13.91 43.17
C VAL B 122 9.85 12.67 43.78
N VAL B 123 9.41 12.79 45.03
CA VAL B 123 8.80 11.68 45.76
C VAL B 123 7.29 11.90 45.82
N TYR B 124 6.54 10.87 45.44
CA TYR B 124 5.09 10.95 45.42
C TYR B 124 4.53 9.54 45.36
N TYR B 125 3.25 9.42 45.71
CA TYR B 125 2.54 8.14 45.68
C TYR B 125 1.61 8.13 44.48
N ASN B 126 2.00 7.42 43.43
CA ASN B 126 1.14 7.26 42.28
C ASN B 126 0.08 6.21 42.59
N ALA B 127 -1.19 6.57 42.41
CA ALA B 127 -2.26 5.61 42.61
C ALA B 127 -2.27 4.61 41.45
N LYS B 128 -3.26 3.73 41.48
CA LYS B 128 -3.47 2.69 40.47
C LYS B 128 -2.16 2.02 40.07
N ASP B 129 -1.38 1.65 41.08
CA ASP B 129 -0.16 0.88 40.89
C ASP B 129 -0.08 -0.21 41.96
N ASP B 130 0.69 -1.24 41.67
CA ASP B 130 0.83 -2.36 42.59
C ASP B 130 1.68 -1.97 43.80
N GLU B 139 10.97 4.09 36.53
CA GLU B 139 10.79 5.46 36.97
C GLU B 139 12.07 6.26 36.77
N PRO B 140 12.13 7.06 35.70
CA PRO B 140 13.36 7.80 35.40
C PRO B 140 13.70 8.86 36.44
N GLY B 141 12.72 9.70 36.79
CA GLY B 141 12.98 10.78 37.72
C GLY B 141 11.96 10.90 38.84
N SER B 142 11.43 9.77 39.29
CA SER B 142 10.45 9.76 40.36
C SER B 142 10.67 8.55 41.25
N GLN B 143 10.27 8.68 42.52
CA GLN B 143 10.35 7.60 43.48
C GLN B 143 8.98 7.39 44.10
N ARG B 144 8.54 6.14 44.15
CA ARG B 144 7.20 5.83 44.62
C ARG B 144 7.16 5.76 46.15
N ILE B 145 5.95 5.61 46.68
CA ILE B 145 5.71 5.57 48.11
C ILE B 145 4.81 4.37 48.41
N LYS B 146 5.14 3.61 49.44
CA LYS B 146 4.32 2.49 49.85
C LYS B 146 3.60 2.83 51.14
N PRO B 147 2.31 3.12 51.10
CA PRO B 147 1.58 3.53 52.32
C PRO B 147 1.12 2.33 53.12
N VAL B 148 0.39 2.61 54.20
CA VAL B 148 -0.05 1.58 55.13
C VAL B 148 -1.52 1.20 54.90
N PHE B 149 -2.36 2.17 54.58
CA PHE B 149 -3.73 1.94 54.13
C PHE B 149 -4.57 1.19 55.17
N ILE B 150 -4.82 1.89 56.28
CA ILE B 150 -5.75 1.39 57.28
C ILE B 150 -7.17 1.68 56.84
N GLU B 151 -8.07 0.71 57.00
CA GLU B 151 -9.47 0.91 56.66
C GLU B 151 -10.10 1.91 57.63
N ASP B 152 -10.98 2.75 57.11
CA ASP B 152 -11.57 3.83 57.87
C ASP B 152 -13.09 3.83 57.72
N ALA B 153 -13.78 4.30 58.76
CA ALA B 153 -15.20 4.53 58.67
C ALA B 153 -15.50 5.76 57.82
N ASN B 154 -16.79 5.97 57.55
CA ASN B 154 -17.28 6.99 56.62
C ASN B 154 -16.40 7.10 55.38
N PHE B 155 -15.93 5.95 54.91
CA PHE B 155 -15.07 5.83 53.74
C PHE B 155 -15.13 4.38 53.30
N GLY B 156 -15.53 4.15 52.05
CA GLY B 156 -15.67 2.78 51.62
C GLY B 156 -14.38 2.06 51.30
N ARG B 157 -13.25 2.75 51.35
CA ARG B 157 -11.96 2.20 50.94
C ARG B 157 -10.98 2.26 52.09
N GLN B 158 -9.81 1.68 51.86
CA GLN B 158 -8.68 1.80 52.78
C GLN B 158 -7.91 3.06 52.43
N ILE B 159 -7.73 3.94 53.41
CA ILE B 159 -7.13 5.25 53.19
C ILE B 159 -6.01 5.48 54.18
N SER B 160 -5.13 6.42 53.83
CA SER B 160 -4.03 6.83 54.70
C SER B 160 -3.98 8.34 54.74
N TYR B 161 -3.85 8.89 55.95
CA TYR B 161 -3.80 10.33 56.14
C TYR B 161 -2.38 10.88 56.16
N GLN B 162 -1.38 10.05 55.92
CA GLN B 162 0.01 10.49 56.01
C GLN B 162 0.43 11.33 54.80
N HIS B 163 -0.19 11.12 53.65
CA HIS B 163 0.17 11.82 52.43
C HIS B 163 -1.03 11.87 51.50
N ALA B 164 -0.81 12.44 50.31
CA ALA B 164 -1.86 12.59 49.31
C ALA B 164 -1.51 11.78 48.08
N ALA B 165 -2.49 11.06 47.56
CA ALA B 165 -2.28 10.27 46.35
C ALA B 165 -2.27 11.16 45.12
N VAL B 166 -1.74 10.62 44.03
CA VAL B 166 -1.69 11.32 42.75
C VAL B 166 -2.24 10.38 41.68
N HIS B 167 -3.15 10.89 40.86
CA HIS B 167 -3.70 10.14 39.74
C HIS B 167 -3.22 10.78 38.44
N ILE B 168 -2.52 10.00 37.63
CA ILE B 168 -2.04 10.44 36.33
C ILE B 168 -2.75 9.63 35.26
N PRO B 169 -3.50 10.26 34.36
CA PRO B 169 -4.28 9.49 33.38
C PRO B 169 -3.38 8.66 32.47
N THR B 170 -3.98 7.61 31.90
CA THR B 170 -3.21 6.67 31.08
C THR B 170 -2.59 7.36 29.88
N ASP B 171 -3.34 8.24 29.23
CA ASP B 171 -2.86 8.92 28.03
C ASP B 171 -1.89 10.06 28.32
N ILE B 172 -1.37 10.16 29.54
CA ILE B 172 -0.34 11.13 29.90
C ILE B 172 0.82 10.40 30.55
N TYR B 173 2.02 10.62 30.04
CA TYR B 173 3.21 9.92 30.50
C TYR B 173 3.78 10.64 31.71
N GLU B 174 3.79 9.98 32.85
CA GLU B 174 4.50 10.50 34.01
C GLU B 174 6.00 10.46 33.74
N GLY B 175 6.70 11.46 34.26
CA GLY B 175 8.11 11.59 34.00
C GLY B 175 8.47 12.60 32.94
N SER B 176 7.48 13.18 32.27
CA SER B 176 7.76 14.29 31.38
C SER B 176 8.13 15.53 32.20
N THR B 177 8.76 16.49 31.53
CA THR B 177 9.19 17.69 32.24
C THR B 177 8.02 18.46 32.83
N ILE B 178 6.91 18.54 32.08
CA ILE B 178 5.74 19.25 32.56
C ILE B 178 5.16 18.56 33.79
N VAL B 179 5.06 17.24 33.76
CA VAL B 179 4.41 16.51 34.85
C VAL B 179 5.28 16.55 36.10
N LEU B 180 6.58 16.30 35.96
CA LEU B 180 7.46 16.26 37.13
C LEU B 180 7.52 17.62 37.81
N ASN B 181 7.56 18.70 37.02
CA ASN B 181 7.54 20.03 37.60
C ASN B 181 6.25 20.27 38.37
N GLU B 182 5.13 19.77 37.84
CA GLU B 182 3.86 19.89 38.56
C GLU B 182 3.82 18.99 39.78
N LEU B 183 4.60 17.90 39.78
CA LEU B 183 4.64 17.01 40.93
C LEU B 183 5.55 17.50 42.04
N ASN B 184 6.30 18.59 41.82
CA ASN B 184 7.18 19.12 42.85
C ASN B 184 6.51 20.26 43.63
N TRP B 185 6.01 21.27 42.93
CA TRP B 185 5.41 22.41 43.63
C TRP B 185 4.06 22.07 44.23
N THR B 186 3.38 21.04 43.74
CA THR B 186 2.14 20.60 44.37
C THR B 186 2.38 19.77 45.62
N SER B 187 3.63 19.35 45.87
CA SER B 187 3.92 18.59 47.08
C SER B 187 3.77 19.42 48.35
N ALA B 188 3.69 20.75 48.21
CA ALA B 188 3.45 21.62 49.35
C ALA B 188 1.99 21.68 49.75
N LEU B 189 1.09 21.12 48.95
CA LEU B 189 -0.32 21.11 49.31
C LEU B 189 -0.64 20.10 50.41
N ASP B 190 0.19 19.07 50.57
CA ASP B 190 -0.11 18.02 51.54
C ASP B 190 -0.15 18.57 52.96
N GLU B 191 0.65 19.58 53.26
CA GLU B 191 0.57 20.20 54.58
C GLU B 191 -0.75 20.90 54.78
N VAL B 192 -1.27 21.57 53.75
CA VAL B 192 -2.56 22.23 53.85
C VAL B 192 -3.69 21.19 53.88
N PHE B 193 -3.51 20.07 53.18
CA PHE B 193 -4.48 18.99 53.27
C PHE B 193 -4.64 18.50 54.70
N LYS B 194 -3.53 18.31 55.42
CA LYS B 194 -3.62 17.84 56.79
C LYS B 194 -4.18 18.90 57.72
N LYS B 195 -3.86 20.18 57.46
CA LYS B 195 -4.34 21.25 58.32
C LYS B 195 -5.86 21.36 58.25
N ASN B 196 -6.44 21.22 57.05
CA ASN B 196 -7.89 21.29 56.93
C ASN B 196 -8.57 20.13 57.66
N ARG B 197 -7.98 18.93 57.56
CA ARG B 197 -8.58 17.76 58.20
C ARG B 197 -8.46 17.82 59.72
N GLU B 198 -7.46 18.53 60.24
CA GLU B 198 -7.34 18.67 61.68
C GLU B 198 -8.51 19.47 62.26
N GLU B 199 -8.89 20.56 61.60
CA GLU B 199 -9.96 21.41 62.13
C GLU B 199 -11.33 20.76 61.92
N ASP B 200 -11.55 20.12 60.77
CA ASP B 200 -12.83 19.51 60.44
C ASP B 200 -12.58 18.05 60.09
N PRO B 201 -12.55 17.16 61.08
CA PRO B 201 -12.26 15.75 60.80
C PRO B 201 -13.29 15.08 59.90
N SER B 202 -14.50 15.63 59.79
CA SER B 202 -15.53 15.07 58.92
C SER B 202 -15.46 15.72 57.53
N LEU B 203 -14.28 15.61 56.92
CA LEU B 203 -14.00 16.20 55.61
C LEU B 203 -13.74 15.09 54.62
N LEU B 204 -14.45 15.13 53.49
CA LEU B 204 -14.31 14.13 52.44
C LEU B 204 -13.15 14.53 51.52
N TRP B 205 -13.07 13.92 50.34
CA TRP B 205 -11.94 14.14 49.45
C TRP B 205 -11.68 15.62 49.21
N GLN B 206 -10.42 16.03 49.36
CA GLN B 206 -9.93 17.32 48.91
C GLN B 206 -8.98 17.06 47.75
N VAL B 207 -9.29 17.62 46.59
CA VAL B 207 -8.58 17.32 45.35
C VAL B 207 -8.20 18.62 44.66
N PHE B 208 -7.02 18.62 44.06
CA PHE B 208 -6.56 19.74 43.22
C PHE B 208 -6.43 19.20 41.79
N GLY B 209 -7.30 19.65 40.91
CA GLY B 209 -7.26 19.20 39.53
C GLY B 209 -6.36 20.04 38.68
N SER B 210 -5.14 19.57 38.44
CA SER B 210 -4.17 20.35 37.69
C SER B 210 -4.57 20.43 36.21
N ALA B 211 -4.25 21.57 35.59
CA ALA B 211 -4.53 21.75 34.18
C ALA B 211 -3.63 20.90 33.30
N THR B 212 -2.60 20.28 33.85
CA THR B 212 -1.73 19.38 33.10
C THR B 212 -2.25 17.96 33.05
N GLY B 213 -3.34 17.65 33.75
CA GLY B 213 -3.95 16.34 33.67
C GLY B 213 -3.98 15.58 34.97
N LEU B 214 -2.91 15.70 35.77
CA LEU B 214 -2.81 14.94 37.00
C LEU B 214 -3.67 15.57 38.09
N ALA B 215 -4.27 14.71 38.92
CA ALA B 215 -5.10 15.14 40.03
C ALA B 215 -4.51 14.59 41.33
N ARG B 216 -4.30 15.47 42.30
CA ARG B 216 -3.75 15.11 43.60
C ARG B 216 -4.85 15.26 44.64
N TYR B 217 -5.21 14.15 45.28
CA TYR B 217 -6.32 14.14 46.24
C TYR B 217 -5.86 13.59 47.57
N TYR B 218 -6.59 13.95 48.63
CA TYR B 218 -6.31 13.57 49.99
C TYR B 218 -7.62 13.16 50.66
N PRO B 219 -7.60 12.10 51.48
CA PRO B 219 -6.47 11.25 51.84
C PRO B 219 -6.11 10.26 50.74
N ALA B 220 -4.88 9.74 50.79
CA ALA B 220 -4.43 8.81 49.76
C ALA B 220 -5.22 7.51 49.83
N SER B 221 -5.65 7.02 48.67
CA SER B 221 -6.44 5.81 48.58
C SER B 221 -6.21 5.22 47.19
N PRO B 222 -6.12 3.91 47.06
CA PRO B 222 -5.86 3.32 45.74
C PRO B 222 -7.00 3.62 44.76
N TRP B 223 -6.63 3.87 43.51
CA TRP B 223 -7.62 4.15 42.49
C TRP B 223 -8.37 2.88 42.12
N VAL B 224 -9.63 3.05 41.73
CA VAL B 224 -10.47 1.92 41.34
C VAL B 224 -9.97 1.29 40.05
N LYS B 232 -11.04 -3.72 33.70
CA LYS B 232 -11.18 -2.79 32.60
C LYS B 232 -10.10 -1.70 32.66
N ILE B 233 -10.08 -0.84 31.64
CA ILE B 233 -9.07 0.20 31.56
C ILE B 233 -9.58 1.46 32.25
N ASP B 234 -8.65 2.37 32.54
CA ASP B 234 -8.95 3.62 33.24
C ASP B 234 -9.00 4.75 32.22
N LEU B 235 -10.18 5.36 32.06
CA LEU B 235 -10.38 6.47 31.16
C LEU B 235 -10.62 7.79 31.89
N TYR B 236 -10.32 7.83 33.18
CA TYR B 236 -10.58 9.02 33.98
C TYR B 236 -9.65 10.16 33.56
N ASP B 237 -10.21 11.36 33.50
CA ASP B 237 -9.45 12.57 33.22
C ASP B 237 -10.06 13.70 34.02
N VAL B 238 -9.25 14.33 34.88
CA VAL B 238 -9.80 15.34 35.79
C VAL B 238 -10.31 16.56 35.03
N ARG B 239 -9.74 16.83 33.85
CA ARG B 239 -10.10 18.06 33.14
C ARG B 239 -11.46 17.96 32.47
N ARG B 240 -12.02 16.77 32.32
CA ARG B 240 -13.33 16.58 31.73
C ARG B 240 -14.42 16.35 32.77
N ARG B 241 -14.08 16.37 34.06
CA ARG B 241 -15.05 16.14 35.10
C ARG B 241 -16.01 17.33 35.22
N PRO B 242 -17.26 17.09 35.59
CA PRO B 242 -18.22 18.20 35.70
C PRO B 242 -17.80 19.27 36.68
N TRP B 243 -17.13 18.91 37.79
CA TRP B 243 -16.75 19.92 38.77
C TRP B 243 -15.57 20.76 38.30
N TYR B 244 -14.69 20.19 37.47
CA TYR B 244 -13.59 20.98 36.92
C TYR B 244 -14.09 21.99 35.90
N ILE B 245 -15.01 21.58 35.04
CA ILE B 245 -15.42 22.41 33.91
C ILE B 245 -16.13 23.68 34.39
N GLN B 246 -16.93 23.57 35.46
CA GLN B 246 -17.67 24.74 35.91
C GLN B 246 -16.77 25.80 36.53
N GLY B 247 -15.60 25.42 37.04
CA GLY B 247 -14.72 26.38 37.66
C GLY B 247 -13.65 26.88 36.71
N ALA B 248 -13.53 26.24 35.56
CA ALA B 248 -12.58 26.67 34.54
C ALA B 248 -13.14 27.72 33.60
N ALA B 249 -14.45 27.98 33.66
CA ALA B 249 -15.08 28.93 32.75
C ALA B 249 -16.46 29.27 33.29
N SER B 250 -17.19 30.07 32.52
CA SER B 250 -18.54 30.51 32.83
C SER B 250 -19.56 29.80 31.93
N PRO B 251 -20.86 29.97 32.20
CA PRO B 251 -21.86 29.44 31.27
C PRO B 251 -21.68 30.01 29.88
N LYS B 252 -22.01 29.20 28.87
CA LYS B 252 -21.76 29.57 27.49
C LYS B 252 -22.99 29.28 26.62
N ASP B 253 -23.23 30.15 25.64
CA ASP B 253 -24.30 29.96 24.66
C ASP B 253 -23.72 29.33 23.40
N MET B 254 -23.28 28.09 23.56
CA MET B 254 -22.57 27.40 22.50
C MET B 254 -23.48 27.10 21.32
N LEU B 255 -22.91 27.15 20.11
CA LEU B 255 -23.57 26.70 18.89
C LEU B 255 -22.54 25.99 18.03
N ILE B 256 -22.93 24.85 17.45
CA ILE B 256 -22.02 23.99 16.72
C ILE B 256 -22.40 24.03 15.24
N LEU B 257 -21.42 24.35 14.39
CA LEU B 257 -21.58 24.29 12.95
C LEU B 257 -20.84 23.06 12.43
N VAL B 258 -21.55 22.18 11.75
CA VAL B 258 -21.00 20.94 11.23
C VAL B 258 -20.99 20.99 9.71
N ASP B 259 -19.83 20.75 9.11
CA ASP B 259 -19.70 20.74 7.66
C ASP B 259 -20.16 19.38 7.15
N VAL B 260 -21.28 19.35 6.44
CA VAL B 260 -21.81 18.10 5.90
C VAL B 260 -21.80 18.18 4.38
N SER B 261 -20.83 18.91 3.82
CA SER B 261 -20.67 18.96 2.38
C SER B 261 -20.12 17.63 1.88
N GLY B 262 -19.91 17.55 0.56
CA GLY B 262 -19.51 16.28 -0.04
C GLY B 262 -18.13 15.83 0.38
N SER B 263 -17.20 16.77 0.54
CA SER B 263 -15.81 16.40 0.77
C SER B 263 -15.57 15.76 2.12
N VAL B 264 -16.53 15.85 3.05
CA VAL B 264 -16.35 15.25 4.36
C VAL B 264 -16.86 13.82 4.43
N SER B 265 -17.34 13.26 3.32
CA SER B 265 -17.82 11.89 3.33
C SER B 265 -16.67 10.92 3.54
N GLY B 266 -16.93 9.86 4.28
CA GLY B 266 -15.91 8.86 4.53
C GLY B 266 -15.43 8.83 5.97
N LEU B 267 -14.11 8.71 6.15
CA LEU B 267 -13.55 8.66 7.49
C LEU B 267 -13.75 9.97 8.24
N THR B 268 -13.54 11.10 7.57
CA THR B 268 -13.58 12.38 8.25
C THR B 268 -14.98 12.78 8.71
N LEU B 269 -16.03 12.13 8.19
CA LEU B 269 -17.35 12.34 8.77
C LEU B 269 -17.52 11.56 10.07
N LYS B 270 -16.92 10.36 10.14
CA LYS B 270 -16.97 9.59 11.37
C LYS B 270 -16.26 10.32 12.50
N LEU B 271 -15.13 10.95 12.19
CA LEU B 271 -14.41 11.72 13.21
C LEU B 271 -15.20 12.95 13.62
N ILE B 272 -15.89 13.59 12.67
CA ILE B 272 -16.67 14.78 12.98
C ILE B 272 -17.82 14.44 13.93
N ARG B 273 -18.52 13.34 13.66
CA ARG B 273 -19.62 12.93 14.52
C ARG B 273 -19.14 12.57 15.92
N THR B 274 -18.00 11.89 16.02
CA THR B 274 -17.46 11.56 17.33
C THR B 274 -16.97 12.81 18.06
N SER B 275 -16.37 13.74 17.33
CA SER B 275 -15.89 14.97 17.97
C SER B 275 -17.03 15.81 18.51
N VAL B 276 -18.14 15.88 17.78
CA VAL B 276 -19.30 16.61 18.28
C VAL B 276 -19.86 15.93 19.52
N SER B 277 -19.94 14.60 19.51
CA SER B 277 -20.46 13.88 20.67
C SER B 277 -19.59 14.07 21.90
N GLU B 278 -18.26 14.04 21.72
CA GLU B 278 -17.37 14.25 22.86
C GLU B 278 -17.39 15.69 23.32
N MET B 279 -17.71 16.63 22.43
CA MET B 279 -17.77 18.03 22.82
C MET B 279 -19.04 18.36 23.60
N LEU B 280 -20.15 17.68 23.28
CA LEU B 280 -21.36 17.86 24.07
C LEU B 280 -21.18 17.38 25.50
N GLU B 281 -20.26 16.45 25.72
CA GLU B 281 -19.99 15.93 27.06
C GLU B 281 -19.29 16.93 27.95
N THR B 282 -18.82 18.06 27.41
CA THR B 282 -18.20 19.11 28.20
C THR B 282 -19.17 20.22 28.55
N LEU B 283 -20.47 20.01 28.34
CA LEU B 283 -21.48 21.01 28.63
C LEU B 283 -22.32 20.56 29.81
N SER B 284 -22.70 21.51 30.66
CA SER B 284 -23.47 21.25 31.86
C SER B 284 -24.86 21.85 31.72
N ASP B 285 -25.63 21.77 32.80
CA ASP B 285 -27.02 22.24 32.78
C ASP B 285 -27.13 23.75 32.70
N ASP B 286 -26.04 24.47 32.95
CA ASP B 286 -26.04 25.93 32.86
C ASP B 286 -25.59 26.44 31.50
N ASP B 287 -25.32 25.55 30.55
CA ASP B 287 -24.83 25.92 29.23
C ASP B 287 -25.87 25.57 28.19
N PHE B 288 -26.03 26.45 27.20
CA PHE B 288 -27.05 26.29 26.17
C PHE B 288 -26.38 26.00 24.83
N VAL B 289 -26.80 24.92 24.18
CA VAL B 289 -26.16 24.44 22.97
C VAL B 289 -27.22 24.14 21.92
N ASN B 290 -26.81 24.23 20.65
CA ASN B 290 -27.61 23.77 19.52
C ASN B 290 -26.67 23.42 18.39
N VAL B 291 -27.05 22.45 17.57
CA VAL B 291 -26.22 21.92 16.50
C VAL B 291 -26.89 22.20 15.17
N ALA B 292 -26.14 22.77 14.23
CA ALA B 292 -26.61 23.04 12.89
C ALA B 292 -25.57 22.58 11.88
N SER B 293 -26.03 22.27 10.67
CA SER B 293 -25.15 21.85 9.59
C SER B 293 -25.37 22.75 8.38
N PHE B 294 -24.53 22.57 7.37
CA PHE B 294 -24.62 23.40 6.17
C PHE B 294 -23.94 22.71 4.99
N ASN B 295 -24.67 22.57 3.89
CA ASN B 295 -24.12 22.11 2.62
C ASN B 295 -24.92 22.80 1.51
N SER B 296 -24.40 23.95 1.05
CA SER B 296 -25.10 24.81 0.10
C SER B 296 -26.38 25.37 0.68
N ASN B 297 -26.68 25.02 1.93
CA ASN B 297 -27.88 25.44 2.62
C ASN B 297 -27.76 25.07 4.09
N ALA B 298 -28.00 26.03 4.98
CA ALA B 298 -27.84 25.79 6.41
C ALA B 298 -29.17 25.41 7.03
N GLN B 299 -29.15 24.37 7.87
CA GLN B 299 -30.35 23.89 8.53
C GLN B 299 -29.97 23.21 9.84
N ASP B 300 -30.97 23.07 10.71
CA ASP B 300 -30.77 22.39 11.98
C ASP B 300 -30.75 20.88 11.76
N VAL B 301 -30.02 20.18 12.64
CA VAL B 301 -29.90 18.73 12.54
C VAL B 301 -30.95 18.00 13.37
N SER B 302 -31.74 18.72 14.17
CA SER B 302 -32.66 18.08 15.10
C SER B 302 -33.99 18.83 15.05
N CYS B 303 -34.81 18.62 16.08
CA CYS B 303 -36.14 19.18 16.17
C CYS B 303 -36.20 20.44 17.02
N PHE B 304 -35.05 21.01 17.40
CA PHE B 304 -35.05 22.06 18.41
C PHE B 304 -35.26 23.44 17.81
N GLN B 305 -34.47 23.80 16.79
CA GLN B 305 -34.54 25.05 16.04
C GLN B 305 -34.11 26.27 16.84
N HIS B 306 -33.69 26.11 18.09
CA HIS B 306 -33.09 27.20 18.86
C HIS B 306 -32.26 26.59 19.98
N LEU B 307 -31.64 27.45 20.78
CA LEU B 307 -30.80 26.98 21.87
C LEU B 307 -31.63 26.27 22.93
N VAL B 308 -31.07 25.20 23.48
CA VAL B 308 -31.72 24.40 24.50
C VAL B 308 -30.81 24.31 25.72
N GLN B 309 -31.37 23.84 26.83
CA GLN B 309 -30.66 23.89 28.10
C GLN B 309 -29.47 22.93 28.16
N ALA B 310 -29.38 21.97 27.24
CA ALA B 310 -28.28 21.01 27.22
C ALA B 310 -28.20 20.21 28.53
N ASN B 311 -29.36 19.80 29.03
CA ASN B 311 -29.41 18.86 30.14
C ASN B 311 -29.20 17.45 29.59
N VAL B 312 -29.37 16.43 30.43
CA VAL B 312 -29.09 15.07 30.00
C VAL B 312 -30.07 14.62 28.93
N ARG B 313 -31.32 15.06 28.99
CA ARG B 313 -32.32 14.63 28.02
C ARG B 313 -32.09 15.28 26.66
N ASN B 314 -31.74 16.57 26.65
CA ASN B 314 -31.56 17.27 25.38
C ASN B 314 -30.28 16.85 24.67
N LYS B 315 -29.20 16.56 25.41
CA LYS B 315 -27.98 16.12 24.78
C LYS B 315 -28.17 14.77 24.09
N LYS B 316 -29.00 13.91 24.67
CA LYS B 316 -29.28 12.62 24.05
C LYS B 316 -29.97 12.79 22.71
N VAL B 317 -30.87 13.78 22.61
CA VAL B 317 -31.54 14.05 21.34
C VAL B 317 -30.54 14.57 20.32
N LEU B 318 -29.66 15.50 20.74
CA LEU B 318 -28.68 16.06 19.81
C LEU B 318 -27.69 15.01 19.33
N LYS B 319 -27.25 14.14 20.24
CA LYS B 319 -26.30 13.09 19.84
C LYS B 319 -26.93 12.14 18.82
N ASP B 320 -28.19 11.79 19.01
CA ASP B 320 -28.87 10.92 18.04
C ASP B 320 -29.00 11.60 16.69
N ALA B 321 -29.31 12.89 16.68
CA ALA B 321 -29.42 13.63 15.42
C ALA B 321 -28.07 13.76 14.74
N VAL B 322 -27.00 13.98 15.51
CA VAL B 322 -25.67 14.11 14.93
C VAL B 322 -25.22 12.78 14.34
N ASN B 323 -25.52 11.67 15.00
CA ASN B 323 -25.10 10.35 14.55
C ASN B 323 -25.93 9.85 13.37
N ASN B 324 -26.76 10.69 12.77
CA ASN B 324 -27.62 10.29 11.66
C ASN B 324 -27.56 11.31 10.53
N ILE B 325 -26.37 11.87 10.30
CA ILE B 325 -26.18 12.86 9.24
C ILE B 325 -25.40 12.21 8.11
N THR B 326 -25.61 12.73 6.90
CA THR B 326 -24.93 12.26 5.71
C THR B 326 -24.29 13.44 5.00
N ALA B 327 -23.25 13.16 4.22
CA ALA B 327 -22.48 14.17 3.53
C ALA B 327 -22.88 14.20 2.06
N LYS B 328 -23.37 15.35 1.61
CA LYS B 328 -23.77 15.52 0.20
C LYS B 328 -23.99 17.00 -0.12
N GLY B 329 -23.37 17.48 -1.18
CA GLY B 329 -23.56 18.85 -1.63
C GLY B 329 -22.26 19.61 -1.66
N ILE B 330 -22.37 20.93 -1.86
CA ILE B 330 -21.23 21.81 -1.93
C ILE B 330 -21.14 22.60 -0.63
N THR B 331 -20.01 23.29 -0.44
CA THR B 331 -19.76 24.04 0.78
C THR B 331 -20.06 25.52 0.56
N ASP B 332 -20.72 26.14 1.55
CA ASP B 332 -20.99 27.58 1.52
C ASP B 332 -20.82 28.09 2.95
N TYR B 333 -19.67 28.73 3.21
CA TYR B 333 -19.42 29.24 4.56
C TYR B 333 -20.23 30.51 4.85
N LYS B 334 -20.51 31.31 3.82
CA LYS B 334 -21.31 32.51 4.03
C LYS B 334 -22.71 32.17 4.50
N LYS B 335 -23.33 31.15 3.90
CA LYS B 335 -24.67 30.77 4.30
C LYS B 335 -24.68 30.08 5.65
N GLY B 336 -23.66 29.26 5.92
CA GLY B 336 -23.61 28.55 7.20
C GLY B 336 -23.40 29.46 8.38
N PHE B 337 -22.53 30.46 8.24
CA PHE B 337 -22.22 31.33 9.37
C PHE B 337 -23.34 32.32 9.65
N SER B 338 -24.08 32.73 8.62
CA SER B 338 -25.22 33.62 8.84
C SER B 338 -26.28 32.93 9.68
N PHE B 339 -26.51 31.64 9.42
CA PHE B 339 -27.46 30.86 10.22
C PHE B 339 -27.00 30.77 11.67
N ALA B 340 -25.70 30.55 11.90
CA ALA B 340 -25.20 30.44 13.26
C ALA B 340 -25.34 31.75 14.01
N PHE B 341 -25.02 32.88 13.36
CA PHE B 341 -25.12 34.16 14.05
C PHE B 341 -26.57 34.54 14.31
N GLU B 342 -27.50 34.05 13.50
CA GLU B 342 -28.91 34.39 13.71
C GLU B 342 -29.51 33.67 14.90
N GLN B 343 -29.07 32.43 15.18
CA GLN B 343 -29.56 31.73 16.36
C GLN B 343 -28.93 32.22 17.65
N LEU B 344 -27.87 33.01 17.58
CA LEU B 344 -27.27 33.61 18.76
C LEU B 344 -27.80 35.01 19.03
N LEU B 345 -28.80 35.45 18.27
CA LEU B 345 -29.43 36.75 18.46
C LEU B 345 -30.92 36.61 18.75
N ASN B 346 -31.38 35.43 19.13
CA ASN B 346 -32.80 35.15 19.30
C ASN B 346 -33.41 36.01 20.41
N TYR B 347 -33.01 35.74 21.65
CA TYR B 347 -33.45 36.48 22.83
C TYR B 347 -34.95 36.38 23.12
N ASN B 348 -35.72 35.66 22.28
CA ASN B 348 -37.04 35.26 22.73
C ASN B 348 -37.00 34.10 23.71
N VAL B 349 -35.98 33.26 23.62
CA VAL B 349 -35.90 32.04 24.41
C VAL B 349 -34.97 32.26 25.59
N SER B 350 -35.01 31.33 26.54
CA SER B 350 -34.13 31.41 27.70
C SER B 350 -32.72 31.00 27.30
N ARG B 351 -31.75 31.85 27.62
CA ARG B 351 -30.35 31.57 27.34
C ARG B 351 -29.51 31.79 28.59
N ALA B 352 -28.19 31.73 28.44
CA ALA B 352 -27.29 32.03 29.55
C ALA B 352 -26.90 33.50 29.60
N ASN B 353 -27.09 34.24 28.53
CA ASN B 353 -26.66 35.64 28.43
C ASN B 353 -25.20 35.78 28.83
N CYS B 354 -24.38 34.91 28.28
CA CYS B 354 -22.98 34.77 28.65
C CYS B 354 -22.23 34.33 27.40
N ASN B 355 -21.04 33.75 27.58
CA ASN B 355 -20.15 33.35 26.49
C ASN B 355 -20.91 32.86 25.28
N LYS B 356 -20.73 33.53 24.15
CA LYS B 356 -21.36 33.15 22.89
C LYS B 356 -20.25 32.70 21.95
N ILE B 357 -20.25 31.41 21.63
CA ILE B 357 -19.16 30.81 20.86
C ILE B 357 -19.75 30.01 19.71
N ILE B 358 -19.09 30.06 18.57
CA ILE B 358 -19.44 29.25 17.40
C ILE B 358 -18.27 28.31 17.12
N MET B 359 -18.56 27.02 17.03
CA MET B 359 -17.54 26.03 16.72
C MET B 359 -17.82 25.39 15.37
N LEU B 360 -16.85 25.49 14.47
CA LEU B 360 -16.97 25.02 13.10
C LEU B 360 -16.20 23.72 12.95
N PHE B 361 -16.90 22.65 12.59
CA PHE B 361 -16.29 21.35 12.39
C PHE B 361 -16.18 21.11 10.89
N THR B 362 -15.12 21.60 10.30
CA THR B 362 -14.88 21.50 8.87
C THR B 362 -13.57 20.75 8.64
N ASP B 363 -13.18 20.66 7.37
CA ASP B 363 -11.88 20.12 7.00
C ASP B 363 -11.00 21.16 6.34
N GLY B 364 -11.49 21.83 5.32
CA GLY B 364 -10.74 22.88 4.66
C GLY B 364 -11.60 23.57 3.63
N GLY B 365 -11.10 24.68 3.12
CA GLY B 365 -11.84 25.44 2.14
C GLY B 365 -11.05 26.65 1.70
N GLU B 366 -11.68 27.43 0.82
CA GLU B 366 -11.06 28.63 0.28
C GLU B 366 -11.79 29.91 0.65
N GLU B 367 -13.04 29.82 1.07
CA GLU B 367 -13.82 31.00 1.41
C GLU B 367 -13.49 31.47 2.82
N ARG B 368 -13.26 32.77 2.97
CA ARG B 368 -12.98 33.36 4.28
C ARG B 368 -14.20 33.97 4.94
N ALA B 369 -15.23 34.32 4.16
CA ALA B 369 -16.46 34.93 4.68
C ALA B 369 -16.16 36.18 5.49
N GLN B 370 -15.31 37.05 4.94
CA GLN B 370 -14.99 38.30 5.62
C GLN B 370 -16.21 39.19 5.75
N GLU B 371 -17.06 39.22 4.72
CA GLU B 371 -18.26 40.06 4.76
C GLU B 371 -19.22 39.61 5.85
N ILE B 372 -19.34 38.29 6.05
CA ILE B 372 -20.26 37.79 7.08
C ILE B 372 -19.80 38.21 8.46
N PHE B 373 -18.50 38.09 8.75
CA PHE B 373 -18.01 38.45 10.08
C PHE B 373 -18.16 39.94 10.35
N ASN B 374 -17.87 40.78 9.37
CA ASN B 374 -18.05 42.21 9.55
C ASN B 374 -19.52 42.56 9.72
N LYS B 375 -20.40 41.90 8.96
CA LYS B 375 -21.82 42.20 9.03
C LYS B 375 -22.41 41.84 10.39
N TYR B 376 -22.01 40.71 10.96
CA TYR B 376 -22.65 40.18 12.15
C TYR B 376 -21.90 40.53 13.43
N ASN B 377 -20.61 40.19 13.51
CA ASN B 377 -19.80 40.52 14.68
C ASN B 377 -18.62 41.43 14.30
N LYS B 378 -18.91 42.73 14.26
CA LYS B 378 -17.85 43.72 14.07
C LYS B 378 -17.08 43.96 15.36
N ASP B 379 -17.76 43.92 16.51
CA ASP B 379 -17.16 44.20 17.80
C ASP B 379 -16.58 42.97 18.48
N LYS B 380 -16.53 41.84 17.77
CA LYS B 380 -15.98 40.59 18.30
C LYS B 380 -16.69 40.17 19.59
N LYS B 381 -18.02 40.20 19.56
CA LYS B 381 -18.80 39.75 20.69
C LYS B 381 -18.97 38.23 20.74
N VAL B 382 -18.61 37.54 19.66
CA VAL B 382 -18.76 36.09 19.57
C VAL B 382 -17.40 35.49 19.23
N ARG B 383 -16.98 34.49 20.02
CA ARG B 383 -15.75 33.76 19.73
C ARG B 383 -16.03 32.66 18.72
N VAL B 384 -15.08 32.43 17.83
CA VAL B 384 -15.21 31.39 16.81
C VAL B 384 -14.06 30.42 16.97
N PHE B 385 -14.37 29.18 17.33
CA PHE B 385 -13.39 28.11 17.43
C PHE B 385 -13.54 27.23 16.20
N THR B 386 -12.44 27.02 15.47
CA THR B 386 -12.47 26.27 14.23
C THR B 386 -11.67 24.99 14.37
N PHE B 387 -12.24 23.90 13.86
CA PHE B 387 -11.63 22.58 13.91
C PHE B 387 -11.38 22.06 12.51
N SER B 388 -10.22 21.48 12.29
CA SER B 388 -9.86 20.86 11.02
C SER B 388 -9.78 19.36 11.25
N VAL B 389 -10.85 18.65 10.90
CA VAL B 389 -11.03 17.24 11.26
C VAL B 389 -10.73 16.37 10.06
N GLY B 390 -9.92 15.34 10.27
CA GLY B 390 -9.67 14.32 9.26
C GLY B 390 -8.27 14.42 8.69
N GLN B 391 -7.91 13.37 7.94
CA GLN B 391 -6.64 13.29 7.22
C GLN B 391 -6.89 13.77 5.79
N HIS B 392 -6.38 14.95 5.46
CA HIS B 392 -6.57 15.51 4.14
C HIS B 392 -5.45 16.51 3.88
N ASN B 393 -5.45 17.08 2.68
CA ASN B 393 -4.46 18.07 2.27
C ASN B 393 -5.13 19.33 1.76
N TYR B 394 -6.36 19.59 2.20
CA TYR B 394 -7.06 20.80 1.80
C TYR B 394 -6.44 22.02 2.46
N ASP B 395 -6.83 23.20 1.97
CA ASP B 395 -6.25 24.44 2.47
C ASP B 395 -6.81 24.77 3.85
N ARG B 396 -5.94 24.85 4.84
CA ARG B 396 -6.32 25.21 6.20
C ARG B 396 -6.15 26.70 6.47
N GLY B 397 -5.76 27.48 5.48
CA GLY B 397 -5.52 28.90 5.65
C GLY B 397 -6.74 29.68 6.11
N PRO B 398 -7.83 29.61 5.34
CA PRO B 398 -9.05 30.32 5.77
C PRO B 398 -9.57 29.86 7.12
N ILE B 399 -9.45 28.57 7.43
CA ILE B 399 -9.96 28.06 8.70
C ILE B 399 -9.18 28.67 9.86
N GLN B 400 -7.86 28.75 9.73
CA GLN B 400 -7.05 29.38 10.78
C GLN B 400 -7.36 30.85 10.91
N TRP B 401 -7.62 31.54 9.79
CA TRP B 401 -7.88 32.97 9.84
C TRP B 401 -9.17 33.28 10.57
N MET B 402 -10.21 32.47 10.36
CA MET B 402 -11.48 32.71 11.03
C MET B 402 -11.38 32.58 12.54
N ALA B 403 -10.38 31.86 13.03
CA ALA B 403 -10.30 31.59 14.46
C ALA B 403 -9.87 32.83 15.24
N CYS B 404 -8.68 33.33 14.95
CA CYS B 404 -8.13 34.42 15.76
C CYS B 404 -8.58 35.81 15.33
N GLU B 405 -9.20 35.93 14.17
CA GLU B 405 -9.83 37.21 13.84
C GLU B 405 -11.06 37.45 14.70
N ASN B 406 -11.61 36.40 15.32
CA ASN B 406 -12.79 36.48 16.16
C ASN B 406 -12.52 35.91 17.55
N LYS B 407 -11.32 36.17 18.09
CA LYS B 407 -10.99 35.80 19.47
C LYS B 407 -11.17 34.31 19.73
N GLY B 408 -10.80 33.49 18.76
CA GLY B 408 -10.98 32.06 18.92
C GLY B 408 -9.68 31.30 19.00
N TYR B 409 -9.68 30.04 18.58
CA TYR B 409 -8.47 29.23 18.60
C TYR B 409 -8.65 28.15 17.53
N TYR B 410 -7.54 27.58 17.09
CA TYR B 410 -7.54 26.62 15.99
C TYR B 410 -7.09 25.26 16.48
N TYR B 411 -7.83 24.21 16.12
CA TYR B 411 -7.57 22.86 16.58
C TYR B 411 -7.48 21.91 15.40
N GLU B 412 -6.67 20.86 15.57
CA GLU B 412 -6.48 19.83 14.56
C GLU B 412 -6.91 18.50 15.13
N ILE B 413 -7.73 17.77 14.39
CA ILE B 413 -8.15 16.43 14.81
C ILE B 413 -7.88 15.46 13.66
N PRO B 414 -6.65 14.96 13.51
CA PRO B 414 -6.33 14.06 12.41
C PRO B 414 -6.58 12.58 12.68
N SER B 415 -6.93 12.19 13.90
CA SER B 415 -7.15 10.79 14.21
C SER B 415 -8.11 10.68 15.38
N ILE B 416 -8.49 9.44 15.70
CA ILE B 416 -9.43 9.20 16.80
C ILE B 416 -8.79 9.55 18.13
N GLY B 417 -7.50 9.28 18.28
CA GLY B 417 -6.82 9.54 19.54
C GLY B 417 -6.71 11.00 19.89
N ALA B 418 -6.87 11.90 18.92
CA ALA B 418 -6.79 13.32 19.17
C ALA B 418 -8.14 13.95 19.46
N ILE B 419 -9.22 13.17 19.45
CA ILE B 419 -10.56 13.73 19.65
C ILE B 419 -10.73 14.21 21.08
N ARG B 420 -10.33 13.38 22.05
CA ARG B 420 -10.64 13.69 23.45
C ARG B 420 -9.83 14.87 23.96
N ILE B 421 -8.56 14.97 23.54
CA ILE B 421 -7.70 16.01 24.09
C ILE B 421 -7.99 17.36 23.46
N ASN B 422 -8.52 17.39 22.25
CA ASN B 422 -8.73 18.64 21.53
C ASN B 422 -10.10 19.26 21.77
N THR B 423 -11.09 18.46 22.17
CA THR B 423 -12.42 18.98 22.42
C THR B 423 -12.59 19.55 23.82
N GLN B 424 -11.55 19.50 24.65
CA GLN B 424 -11.60 20.04 26.00
C GLN B 424 -10.64 21.21 26.20
N GLU B 425 -9.84 21.57 25.20
CA GLU B 425 -8.87 22.63 25.33
C GLU B 425 -9.45 24.01 25.05
N TYR B 426 -10.74 24.10 24.72
CA TYR B 426 -11.35 25.40 24.49
C TYR B 426 -11.70 26.12 25.78
N LEU B 427 -11.56 25.46 26.93
CA LEU B 427 -11.83 26.11 28.20
C LEU B 427 -10.68 26.97 28.68
N ASP B 428 -9.49 26.83 28.08
CA ASP B 428 -8.40 27.76 28.38
C ASP B 428 -8.67 29.12 27.78
N VAL B 429 -9.23 29.16 26.57
CA VAL B 429 -9.55 30.43 25.93
C VAL B 429 -10.70 31.11 26.65
N LEU B 430 -11.71 30.35 27.05
CA LEU B 430 -12.85 30.95 27.75
C LEU B 430 -12.47 31.44 29.13
N GLY B 431 -11.44 30.86 29.73
CA GLY B 431 -11.00 31.27 31.05
C GLY B 431 -10.09 32.47 31.09
N ARG B 432 -9.74 33.04 29.94
CA ARG B 432 -8.90 34.23 29.92
C ARG B 432 -9.56 35.42 30.60
N PRO B 433 -10.81 35.79 30.31
CA PRO B 433 -11.41 36.93 31.02
C PRO B 433 -11.59 36.68 32.51
N MET B 434 -11.61 35.43 32.95
CA MET B 434 -11.79 35.13 34.36
C MET B 434 -10.55 35.47 35.17
N VAL B 435 -9.37 35.14 34.65
CA VAL B 435 -8.14 35.40 35.40
C VAL B 435 -7.85 36.89 35.49
N LEU B 436 -8.28 37.67 34.48
CA LEU B 436 -8.07 39.10 34.53
C LEU B 436 -9.02 39.78 35.50
N ALA B 437 -10.10 39.11 35.91
CA ALA B 437 -11.00 39.66 36.90
C ALA B 437 -10.30 39.82 38.25
N GLY B 438 -9.47 38.86 38.63
CA GLY B 438 -8.73 38.93 39.88
C GLY B 438 -9.46 38.21 41.00
N ASP B 439 -9.66 38.91 42.11
CA ASP B 439 -10.36 38.35 43.25
C ASP B 439 -11.87 38.30 43.06
N LYS B 440 -12.41 39.01 42.07
CA LYS B 440 -13.84 38.95 41.81
C LYS B 440 -14.25 37.62 41.20
N ALA B 441 -13.31 36.86 40.66
CA ALA B 441 -13.59 35.56 40.07
C ALA B 441 -13.30 34.40 41.01
N LYS B 442 -12.91 34.67 42.25
CA LYS B 442 -12.63 33.62 43.22
C LYS B 442 -13.85 33.39 44.09
N GLN B 443 -14.89 32.85 43.46
CA GLN B 443 -16.15 32.55 44.12
C GLN B 443 -16.36 31.04 44.14
N VAL B 444 -16.89 30.54 45.25
CA VAL B 444 -17.08 29.11 45.44
C VAL B 444 -18.44 28.70 44.87
N GLN B 445 -18.44 27.68 44.03
CA GLN B 445 -19.65 27.16 43.41
C GLN B 445 -19.81 25.68 43.77
N TRP B 446 -21.05 25.22 43.73
CA TRP B 446 -21.38 23.84 44.06
C TRP B 446 -22.05 23.18 42.88
N THR B 447 -21.62 21.96 42.56
CA THR B 447 -22.09 21.26 41.38
C THR B 447 -23.45 20.60 41.64
N ASN B 448 -23.98 19.95 40.61
CA ASN B 448 -25.16 19.13 40.78
C ASN B 448 -24.79 17.82 41.48
N VAL B 449 -25.82 17.09 41.92
CA VAL B 449 -25.59 15.82 42.58
C VAL B 449 -25.14 14.80 41.54
N TYR B 450 -23.99 14.18 41.79
CA TYR B 450 -23.44 13.17 40.89
C TYR B 450 -22.81 12.06 41.72
N LEU B 451 -22.70 10.89 41.11
CA LEU B 451 -22.07 9.76 41.77
C LEU B 451 -20.56 9.94 41.79
N ASP B 452 -19.96 9.75 42.96
CA ASP B 452 -18.53 9.99 43.12
C ASP B 452 -17.71 8.98 42.32
N ALA B 453 -16.55 9.43 41.86
CA ALA B 453 -15.66 8.60 41.07
C ALA B 453 -14.84 7.62 41.90
N LEU B 454 -14.87 7.75 43.23
CA LEU B 454 -14.16 6.85 44.12
C LEU B 454 -15.11 5.99 44.95
N GLU B 455 -16.29 5.71 44.40
CA GLU B 455 -17.28 4.82 45.03
C GLU B 455 -17.67 5.33 46.43
N LEU B 456 -18.29 6.51 46.46
CA LEU B 456 -18.72 7.12 47.70
C LEU B 456 -20.23 7.35 47.78
N GLY B 457 -20.92 7.46 46.64
CA GLY B 457 -22.35 7.69 46.63
C GLY B 457 -22.69 9.00 45.95
N LEU B 458 -23.82 9.57 46.33
CA LEU B 458 -24.26 10.85 45.81
C LEU B 458 -23.57 11.97 46.57
N VAL B 459 -22.82 12.81 45.86
CA VAL B 459 -22.05 13.89 46.47
C VAL B 459 -22.19 15.15 45.63
N ILE B 460 -21.83 16.27 46.25
CA ILE B 460 -21.65 17.55 45.55
C ILE B 460 -20.26 18.06 45.88
N THR B 461 -19.73 18.90 45.01
CA THR B 461 -18.35 19.34 45.11
C THR B 461 -18.26 20.86 45.06
N GLY B 462 -17.45 21.43 45.94
CA GLY B 462 -17.09 22.82 45.84
C GLY B 462 -16.08 23.06 44.74
N THR B 463 -15.83 24.33 44.44
CA THR B 463 -14.99 24.65 43.30
C THR B 463 -14.40 26.05 43.47
N LEU B 464 -13.10 26.16 43.20
CA LEU B 464 -12.39 27.44 43.25
C LEU B 464 -11.18 27.39 42.34
N PRO B 465 -11.13 28.22 41.30
CA PRO B 465 -9.99 28.19 40.37
C PRO B 465 -8.71 28.70 41.01
N VAL B 466 -7.59 28.23 40.48
CA VAL B 466 -6.26 28.61 40.94
C VAL B 466 -5.53 29.30 39.81
N PHE B 467 -4.98 30.47 40.08
CA PHE B 467 -4.36 31.31 39.06
C PHE B 467 -2.84 31.19 39.11
N ASN B 468 -2.21 31.47 37.97
CA ASN B 468 -0.75 31.51 37.85
C ASN B 468 -0.31 32.96 38.01
N ILE B 469 0.27 33.28 39.17
CA ILE B 469 0.56 34.66 39.53
C ILE B 469 2.07 34.88 39.66
N THR B 470 2.86 34.05 38.98
CA THR B 470 4.30 34.24 39.02
C THR B 470 4.69 35.55 38.35
N GLY B 471 5.68 36.23 38.92
CA GLY B 471 6.14 37.48 38.37
C GLY B 471 5.16 38.63 38.49
N GLN B 472 4.05 38.44 39.21
CA GLN B 472 3.04 39.48 39.35
C GLN B 472 3.42 40.56 40.34
N PHE B 473 4.45 40.33 41.17
CA PHE B 473 4.83 41.34 42.15
C PHE B 473 5.30 42.63 41.49
N GLU B 474 6.14 42.51 40.46
CA GLU B 474 6.58 43.66 39.69
C GLU B 474 5.75 43.90 38.44
N ASN B 475 4.82 43.00 38.10
CA ASN B 475 3.85 43.21 37.02
C ASN B 475 4.56 43.48 35.68
N LYS B 476 5.30 42.49 35.21
CA LYS B 476 5.99 42.61 33.93
C LYS B 476 5.84 41.42 33.01
N THR B 477 5.44 40.25 33.49
CA THR B 477 5.40 39.07 32.62
C THR B 477 4.12 39.01 31.79
N ASN B 478 2.98 38.78 32.45
CA ASN B 478 1.66 38.79 31.85
C ASN B 478 1.57 38.10 30.49
N LEU B 479 2.36 37.04 30.28
CA LEU B 479 2.38 36.34 29.00
C LEU B 479 1.65 35.00 29.04
N LYS B 480 2.04 34.11 29.96
CA LYS B 480 1.32 32.87 30.21
C LYS B 480 0.49 32.95 31.49
N ASN B 481 0.46 34.13 32.12
CA ASN B 481 -0.25 34.34 33.37
C ASN B 481 -1.74 34.53 33.18
N GLN B 482 -2.27 34.19 32.00
CA GLN B 482 -3.70 34.26 31.75
C GLN B 482 -4.33 32.87 31.58
N LEU B 483 -3.68 31.83 32.10
CA LEU B 483 -4.23 30.49 32.15
C LEU B 483 -4.29 30.03 33.60
N ILE B 484 -5.40 29.38 33.98
CA ILE B 484 -5.57 28.93 35.35
C ILE B 484 -4.66 27.74 35.61
N LEU B 485 -4.12 27.66 36.82
CA LEU B 485 -3.34 26.49 37.23
C LEU B 485 -4.21 25.25 37.30
N GLY B 486 -5.42 25.39 37.84
CA GLY B 486 -6.29 24.25 38.02
C GLY B 486 -7.51 24.64 38.84
N VAL B 487 -8.15 23.63 39.43
CA VAL B 487 -9.36 23.83 40.20
C VAL B 487 -9.25 23.02 41.49
N MET B 488 -9.60 23.65 42.61
CA MET B 488 -9.71 22.96 43.90
C MET B 488 -11.15 22.55 44.14
N GLY B 489 -11.32 21.37 44.71
CA GLY B 489 -12.65 20.87 45.02
C GLY B 489 -12.65 20.09 46.31
N VAL B 490 -13.76 20.19 47.04
CA VAL B 490 -13.97 19.44 48.28
C VAL B 490 -15.38 18.85 48.23
N ASP B 491 -15.50 17.58 48.60
CA ASP B 491 -16.76 16.85 48.47
C ASP B 491 -17.60 16.97 49.72
N VAL B 492 -18.90 17.10 49.54
CA VAL B 492 -19.87 17.12 50.63
C VAL B 492 -20.92 16.07 50.31
N SER B 493 -20.85 14.92 51.00
CA SER B 493 -21.80 13.85 50.76
C SER B 493 -23.21 14.28 51.19
N LEU B 494 -24.21 13.78 50.47
CA LEU B 494 -25.59 14.14 50.80
C LEU B 494 -26.03 13.51 52.12
N GLU B 495 -25.43 12.38 52.49
CA GLU B 495 -25.71 11.81 53.81
C GLU B 495 -25.27 12.76 54.91
N ASP B 496 -24.22 13.55 54.66
CA ASP B 496 -23.85 14.60 55.60
C ASP B 496 -24.93 15.67 55.68
N ILE B 497 -25.56 16.00 54.54
CA ILE B 497 -26.65 16.97 54.54
C ILE B 497 -27.86 16.38 55.26
N LYS B 498 -28.10 15.08 55.11
CA LYS B 498 -29.25 14.46 55.77
C LYS B 498 -29.11 14.47 57.28
N ARG B 499 -27.89 14.52 57.80
CA ARG B 499 -27.71 14.55 59.24
C ARG B 499 -28.10 15.89 59.85
N LEU B 500 -28.14 16.95 59.05
CA LEU B 500 -28.51 18.27 59.52
C LEU B 500 -30.01 18.54 59.43
N THR B 501 -30.78 17.59 58.91
CA THR B 501 -32.23 17.72 58.79
C THR B 501 -32.87 16.48 59.40
N PRO B 502 -32.92 16.40 60.74
CA PRO B 502 -33.54 15.24 61.38
C PRO B 502 -35.01 15.15 61.05
N ARG B 503 -35.51 13.92 60.92
CA ARG B 503 -36.88 13.69 60.53
C ARG B 503 -37.67 12.83 61.52
N PHE B 504 -37.07 12.39 62.61
CA PHE B 504 -37.73 11.44 63.50
C PHE B 504 -38.75 12.09 64.41
N THR B 505 -38.73 13.41 64.55
CA THR B 505 -39.79 14.13 65.26
C THR B 505 -40.96 14.47 64.36
N LEU B 506 -40.87 14.11 63.08
CA LEU B 506 -41.94 14.30 62.12
C LEU B 506 -42.66 12.98 61.88
N CYS B 507 -43.87 13.08 61.34
CA CYS B 507 -44.60 11.89 60.95
C CYS B 507 -43.93 11.24 59.74
N PRO B 508 -44.22 9.96 59.49
CA PRO B 508 -43.64 9.31 58.29
C PRO B 508 -44.00 10.01 57.00
N ASN B 509 -45.03 10.86 57.00
CA ASN B 509 -45.43 11.63 55.82
C ASN B 509 -44.72 12.97 55.71
N GLY B 510 -43.90 13.34 56.69
CA GLY B 510 -43.17 14.60 56.65
C GLY B 510 -41.73 14.38 56.24
N TYR B 511 -41.16 15.36 55.55
CA TYR B 511 -39.80 15.25 55.06
C TYR B 511 -39.27 16.63 54.68
N TYR B 512 -37.97 16.69 54.43
CA TYR B 512 -37.30 17.89 53.95
C TYR B 512 -36.90 17.70 52.49
N PHE B 513 -36.79 18.81 51.77
CA PHE B 513 -36.24 18.76 50.43
C PHE B 513 -35.71 20.14 50.05
N ALA B 514 -34.57 20.16 49.36
CA ALA B 514 -33.92 21.39 48.92
C ALA B 514 -33.84 21.39 47.40
N ILE B 515 -33.93 22.57 46.82
CA ILE B 515 -34.08 22.73 45.37
C ILE B 515 -32.95 23.58 44.83
N ASP B 516 -32.38 23.15 43.70
CA ASP B 516 -31.36 23.89 43.00
C ASP B 516 -31.99 25.04 42.21
N PRO B 517 -31.24 26.11 41.95
CA PRO B 517 -31.79 27.18 41.10
C PRO B 517 -32.23 26.71 39.73
N ASN B 518 -31.59 25.68 39.17
CA ASN B 518 -32.07 25.08 37.94
C ASN B 518 -33.41 24.38 38.14
N GLY B 519 -33.77 24.06 39.37
CA GLY B 519 -34.99 23.34 39.68
C GLY B 519 -34.77 21.94 40.21
N TYR B 520 -33.57 21.39 40.05
CA TYR B 520 -33.30 20.03 40.51
C TYR B 520 -33.28 19.97 42.03
N VAL B 521 -33.49 18.77 42.56
CA VAL B 521 -33.54 18.55 44.00
C VAL B 521 -32.16 18.14 44.49
N LEU B 522 -31.60 18.96 45.38
CA LEU B 522 -30.39 18.56 46.08
C LEU B 522 -30.70 17.45 47.09
N LEU B 523 -31.85 17.53 47.73
CA LEU B 523 -32.26 16.59 48.76
C LEU B 523 -33.73 16.23 48.54
N HIS B 524 -34.04 14.94 48.60
CA HIS B 524 -35.42 14.48 48.43
C HIS B 524 -35.52 13.00 48.80
N PRO B 525 -36.64 12.58 49.40
CA PRO B 525 -36.81 11.15 49.68
C PRO B 525 -36.78 10.26 48.45
N ASN B 526 -37.27 10.76 47.32
CA ASN B 526 -37.32 9.95 46.10
C ASN B 526 -36.00 9.91 45.34
N LEU B 527 -35.04 10.76 45.71
CA LEU B 527 -33.74 10.73 45.06
C LEU B 527 -32.98 9.48 45.47
N GLN B 528 -32.47 8.75 44.49
CA GLN B 528 -31.86 7.46 44.73
C GLN B 528 -30.46 7.41 44.12
N PRO B 529 -29.55 6.63 44.69
CA PRO B 529 -28.16 6.56 44.20
C PRO B 529 -28.02 5.78 42.90
N LYS B 530 -28.83 6.13 41.91
CA LYS B 530 -28.80 5.50 40.60
C LYS B 530 -28.78 6.56 39.52
N PRO B 531 -28.10 6.30 38.40
CA PRO B 531 -28.12 7.25 37.30
C PRO B 531 -29.51 7.39 36.71
N ILE B 532 -29.86 8.60 36.30
CA ILE B 532 -31.15 8.84 35.68
C ILE B 532 -31.09 8.43 34.21
N GLY B 533 -32.07 7.66 33.78
CA GLY B 533 -32.07 7.13 32.44
C GLY B 533 -32.76 8.01 31.44
N VAL B 534 -32.42 7.81 30.16
CA VAL B 534 -33.05 8.49 29.05
C VAL B 534 -33.37 7.48 27.97
N GLY B 535 -34.56 7.57 27.39
CA GLY B 535 -34.93 6.66 26.32
C GLY B 535 -35.13 5.23 26.82
N ILE B 536 -35.01 4.30 25.88
CA ILE B 536 -35.18 2.88 26.13
C ILE B 536 -33.89 2.18 25.72
N PRO B 537 -33.30 1.35 26.58
CA PRO B 537 -32.04 0.69 26.21
C PRO B 537 -32.28 -0.38 25.16
N THR B 538 -31.38 -0.46 24.17
CA THR B 538 -31.44 -1.46 23.11
C THR B 538 -30.03 -1.92 22.80
N ILE B 539 -29.78 -3.21 22.95
CA ILE B 539 -28.48 -3.81 22.64
C ILE B 539 -28.69 -4.96 21.68
N ASN B 540 -27.94 -4.96 20.58
CA ASN B 540 -28.03 -6.02 19.57
C ASN B 540 -27.23 -7.25 20.00
N SER B 553 -22.16 6.11 34.60
CA SER B 553 -22.52 6.95 35.72
C SER B 553 -21.78 8.27 35.68
N GLN B 554 -21.23 8.60 34.50
CA GLN B 554 -20.51 9.86 34.35
C GLN B 554 -21.46 11.05 34.48
N GLU B 555 -22.66 10.93 33.93
CA GLU B 555 -23.62 12.02 33.99
C GLU B 555 -24.07 12.26 35.42
N PRO B 556 -24.38 13.51 35.78
CA PRO B 556 -24.89 13.79 37.12
C PRO B 556 -26.31 13.28 37.30
N VAL B 557 -26.68 13.07 38.55
CA VAL B 557 -28.03 12.65 38.92
C VAL B 557 -28.83 13.94 39.11
N THR B 558 -29.34 14.48 38.01
CA THR B 558 -30.09 15.73 38.02
C THR B 558 -31.57 15.40 37.90
N LEU B 559 -32.25 15.32 39.03
CA LEU B 559 -33.68 15.01 39.08
C LEU B 559 -34.45 16.29 39.37
N ASP B 560 -35.35 16.65 38.47
CA ASP B 560 -36.15 17.85 38.67
C ASP B 560 -37.13 17.67 39.80
N PHE B 561 -37.52 18.78 40.42
CA PHE B 561 -38.45 18.72 41.54
C PHE B 561 -39.81 18.19 41.10
N LEU B 562 -40.31 18.65 39.95
CA LEU B 562 -41.61 18.19 39.46
C LEU B 562 -41.57 16.74 38.99
N ASP B 563 -40.39 16.16 38.80
CA ASP B 563 -40.28 14.75 38.45
C ASP B 563 -40.13 13.86 39.68
N ALA B 564 -39.57 14.40 40.76
CA ALA B 564 -39.39 13.60 41.97
C ALA B 564 -40.72 13.19 42.58
N GLU B 565 -41.70 14.08 42.58
CA GLU B 565 -43.03 13.79 43.09
C GLU B 565 -44.07 14.19 42.05
N LEU B 566 -45.34 14.02 42.40
CA LEU B 566 -46.42 14.30 41.46
C LEU B 566 -46.52 15.79 41.17
N GLU B 567 -46.71 16.11 39.89
CA GLU B 567 -46.81 17.50 39.46
C GLU B 567 -48.21 18.04 39.72
N ASN B 568 -48.27 19.32 40.07
CA ASN B 568 -49.53 19.99 40.35
C ASN B 568 -49.38 21.46 39.99
N ASP B 569 -50.52 22.11 39.76
CA ASP B 569 -50.50 23.53 39.41
C ASP B 569 -49.96 24.37 40.56
N ILE B 570 -50.35 24.04 41.79
CA ILE B 570 -49.84 24.78 42.95
C ILE B 570 -48.36 24.50 43.16
N LYS B 571 -47.94 23.24 42.99
CA LYS B 571 -46.54 22.88 43.20
C LYS B 571 -45.63 23.57 42.20
N VAL B 572 -46.14 23.89 41.00
CA VAL B 572 -45.35 24.66 40.05
C VAL B 572 -45.09 26.06 40.59
N GLU B 573 -46.11 26.69 41.17
CA GLU B 573 -45.93 28.03 41.73
C GLU B 573 -45.00 27.99 42.93
N ILE B 574 -45.12 26.96 43.77
CA ILE B 574 -44.21 26.82 44.91
C ILE B 574 -42.79 26.61 44.43
N ARG B 575 -42.61 25.81 43.38
CA ARG B 575 -41.28 25.56 42.84
C ARG B 575 -40.65 26.86 42.33
N ASN B 576 -41.43 27.69 41.64
CA ASN B 576 -40.89 28.95 41.15
C ASN B 576 -40.55 29.90 42.30
N LYS B 577 -41.35 29.89 43.37
CA LYS B 577 -41.10 30.78 44.48
C LYS B 577 -39.82 30.41 45.23
N MET B 578 -39.48 29.13 45.28
CA MET B 578 -38.22 28.74 45.92
C MET B 578 -37.01 29.05 45.05
N ILE B 579 -37.17 29.02 43.72
CA ILE B 579 -36.04 29.24 42.83
C ILE B 579 -35.51 30.66 42.97
N ASP B 580 -36.40 31.65 42.99
CA ASP B 580 -36.00 33.04 43.10
C ASP B 580 -35.78 33.48 44.53
N GLY B 581 -35.61 32.54 45.45
CA GLY B 581 -35.11 32.83 46.79
C GLY B 581 -35.95 33.74 47.66
N GLU B 582 -37.26 33.48 47.73
CA GLU B 582 -38.15 34.19 48.65
C GLU B 582 -38.79 33.18 49.58
N SER B 583 -38.75 33.47 50.88
CA SER B 583 -39.34 32.59 51.87
C SER B 583 -40.86 32.73 51.88
N GLY B 584 -41.52 31.73 52.45
CA GLY B 584 -42.96 31.75 52.54
C GLY B 584 -43.49 30.42 53.05
N GLU B 585 -44.80 30.28 52.98
CA GLU B 585 -45.46 29.05 53.39
C GLU B 585 -46.81 28.96 52.68
N LYS B 586 -47.35 27.74 52.64
CA LYS B 586 -48.61 27.50 51.95
C LYS B 586 -49.18 26.16 52.38
N THR B 587 -50.47 26.14 52.71
CA THR B 587 -51.19 24.91 53.01
C THR B 587 -52.24 24.68 51.93
N PHE B 588 -52.41 23.41 51.55
CA PHE B 588 -53.26 23.07 50.41
C PHE B 588 -53.47 21.56 50.41
N ARG B 589 -54.33 21.11 49.51
CA ARG B 589 -54.70 19.70 49.39
C ARG B 589 -54.22 19.15 48.06
N THR B 590 -53.47 18.05 48.10
CA THR B 590 -53.02 17.36 46.91
C THR B 590 -53.24 15.86 47.10
N LEU B 591 -52.98 15.11 46.03
CA LEU B 591 -53.03 13.66 46.07
C LEU B 591 -51.60 13.13 46.06
N VAL B 592 -51.31 12.21 46.97
CA VAL B 592 -49.95 11.80 47.30
C VAL B 592 -49.77 10.34 46.90
N LYS B 593 -48.73 10.06 46.12
CA LYS B 593 -48.39 8.69 45.77
C LYS B 593 -47.86 7.97 47.01
N SER B 594 -48.21 6.69 47.12
CA SER B 594 -47.77 5.90 48.27
C SER B 594 -46.29 5.57 48.14
N GLN B 595 -45.78 4.80 49.12
CA GLN B 595 -44.38 4.40 49.09
C GLN B 595 -44.08 3.56 47.86
N ASP B 596 -44.96 2.62 47.53
CA ASP B 596 -44.88 1.85 46.30
C ASP B 596 -45.79 2.46 45.25
N GLU B 597 -45.54 2.09 44.00
CA GLU B 597 -46.29 2.65 42.88
C GLU B 597 -47.60 1.93 42.66
N ARG B 598 -48.41 1.79 43.71
CA ARG B 598 -49.64 1.00 43.60
C ARG B 598 -50.86 1.80 44.04
N TYR B 599 -50.69 2.76 44.94
CA TYR B 599 -51.81 3.48 45.51
C TYR B 599 -51.56 4.98 45.46
N ILE B 600 -52.64 5.74 45.38
CA ILE B 600 -52.62 7.19 45.51
C ILE B 600 -53.71 7.60 46.49
N ASP B 601 -53.36 8.43 47.45
CA ASP B 601 -54.32 8.96 48.41
C ASP B 601 -54.21 10.48 48.49
N LYS B 602 -55.33 11.12 48.77
CA LYS B 602 -55.41 12.57 48.84
C LYS B 602 -55.33 13.02 50.30
N GLY B 603 -54.47 13.99 50.56
CA GLY B 603 -54.28 14.49 51.92
C GLY B 603 -53.91 15.96 51.88
N ASN B 604 -53.80 16.54 53.07
CA ASN B 604 -53.44 17.94 53.23
C ASN B 604 -51.96 18.04 53.58
N ARG B 605 -51.32 19.10 53.09
CA ARG B 605 -49.89 19.33 53.32
C ARG B 605 -49.68 20.81 53.60
N THR B 606 -48.54 21.11 54.23
CA THR B 606 -48.15 22.48 54.52
C THR B 606 -46.70 22.67 54.10
N TYR B 607 -46.48 23.36 52.98
CA TYR B 607 -45.15 23.57 52.45
C TYR B 607 -44.58 24.86 53.02
N THR B 608 -43.50 24.74 53.80
CA THR B 608 -42.79 25.88 54.35
C THR B 608 -41.38 25.90 53.79
N TRP B 609 -40.99 27.02 53.18
CA TRP B 609 -39.69 27.11 52.53
C TRP B 609 -39.01 28.42 52.88
N THR B 610 -37.69 28.36 53.04
CA THR B 610 -36.83 29.52 53.21
C THR B 610 -35.57 29.30 52.37
N PRO B 611 -34.92 30.37 51.93
CA PRO B 611 -33.65 30.20 51.21
C PRO B 611 -32.46 30.13 52.14
N VAL B 612 -31.47 29.34 51.71
CA VAL B 612 -30.19 29.28 52.42
C VAL B 612 -29.38 30.51 52.02
N ASN B 613 -29.00 31.32 53.01
CA ASN B 613 -28.40 32.62 52.71
C ASN B 613 -27.04 32.49 52.03
N GLY B 614 -26.18 31.60 52.54
CA GLY B 614 -24.84 31.51 51.99
C GLY B 614 -24.81 31.06 50.55
N THR B 615 -25.61 30.05 50.22
CA THR B 615 -25.63 29.44 48.90
C THR B 615 -26.85 29.92 48.12
N ASP B 616 -27.10 29.28 46.98
CA ASP B 616 -28.25 29.58 46.14
C ASP B 616 -29.40 28.58 46.34
N TYR B 617 -29.28 27.68 47.31
CA TYR B 617 -30.30 26.66 47.53
C TYR B 617 -31.44 27.20 48.37
N SER B 618 -32.61 26.59 48.20
CA SER B 618 -33.79 26.88 49.01
C SER B 618 -34.27 25.59 49.66
N LEU B 619 -34.44 25.64 50.97
CA LEU B 619 -34.85 24.49 51.76
C LEU B 619 -36.33 24.58 52.08
N ALA B 620 -37.04 23.47 51.93
CA ALA B 620 -38.47 23.40 52.17
C ALA B 620 -38.80 22.22 53.06
N LEU B 621 -39.89 22.35 53.81
CA LEU B 621 -40.35 21.31 54.73
C LEU B 621 -41.80 20.98 54.42
N VAL B 622 -42.07 19.71 54.15
CA VAL B 622 -43.41 19.25 53.81
C VAL B 622 -43.99 18.63 55.09
N LEU B 623 -44.68 19.45 55.87
CA LEU B 623 -45.24 19.00 57.14
C LEU B 623 -46.75 18.86 57.00
N PRO B 624 -47.30 17.66 57.07
CA PRO B 624 -48.76 17.51 56.91
C PRO B 624 -49.52 18.02 58.13
N THR B 625 -50.84 17.98 58.06
CA THR B 625 -51.66 18.24 59.23
C THR B 625 -51.39 17.13 60.26
N TYR B 626 -51.94 17.29 61.46
CA TYR B 626 -51.83 16.31 62.56
C TYR B 626 -50.38 15.95 62.87
N SER B 627 -49.43 16.72 62.36
CA SER B 627 -48.02 16.48 62.60
C SER B 627 -47.36 17.64 63.33
N PHE B 628 -48.11 18.71 63.63
CA PHE B 628 -47.55 19.85 64.34
C PHE B 628 -47.26 19.55 65.80
N TYR B 629 -47.69 18.39 66.30
CA TYR B 629 -47.44 18.00 67.68
C TYR B 629 -46.87 16.58 67.68
N TYR B 630 -45.97 16.31 68.61
CA TYR B 630 -45.32 15.01 68.70
C TYR B 630 -45.09 14.66 70.15
N ILE B 631 -44.92 13.37 70.41
CA ILE B 631 -44.76 12.86 71.76
C ILE B 631 -43.28 12.91 72.14
N LYS B 632 -42.99 13.55 73.27
CA LYS B 632 -41.63 13.66 73.80
C LYS B 632 -41.56 12.86 75.09
N ALA B 633 -40.81 11.76 75.07
CA ALA B 633 -40.70 10.91 76.25
C ALA B 633 -39.84 11.57 77.31
N LYS B 634 -40.33 11.57 78.55
CA LYS B 634 -39.57 12.04 79.71
C LYS B 634 -39.66 10.98 80.80
N LEU B 635 -38.74 10.02 80.76
CA LEU B 635 -38.59 9.02 81.81
C LEU B 635 -37.19 9.15 82.40
N GLU B 636 -37.11 9.20 83.73
CA GLU B 636 -35.83 9.40 84.39
C GLU B 636 -35.56 8.29 85.41
N GLU B 637 -36.63 7.71 85.96
CA GLU B 637 -36.47 6.66 86.95
C GLU B 637 -35.90 5.40 86.31
N THR B 638 -35.09 4.68 87.08
CA THR B 638 -34.33 3.56 86.53
C THR B 638 -35.18 2.31 86.36
N ILE B 639 -35.84 1.85 87.43
CA ILE B 639 -36.53 0.57 87.36
C ILE B 639 -37.72 0.64 86.40
N THR B 640 -38.32 1.82 86.23
CA THR B 640 -39.39 1.95 85.25
C THR B 640 -38.85 1.97 83.83
N GLN B 641 -37.55 2.22 83.66
CA GLN B 641 -36.90 2.12 82.35
C GLN B 641 -36.35 0.71 82.11
N ALA B 642 -35.85 0.06 83.16
CA ALA B 642 -35.30 -1.28 83.01
C ALA B 642 -36.38 -2.28 82.64
N ARG B 643 -37.57 -2.16 83.24
CA ARG B 643 -38.64 -3.10 82.95
C ARG B 643 -39.08 -3.00 81.50
N TYR B 644 -39.07 -1.79 80.93
CA TYR B 644 -39.42 -1.63 79.53
C TYR B 644 -38.43 -2.34 78.63
N SER B 645 -37.14 -2.27 78.97
CA SER B 645 -36.11 -2.95 78.19
C SER B 645 -36.18 -4.46 78.32
N GLU B 646 -36.85 -4.97 79.36
CA GLU B 646 -36.95 -6.41 79.55
C GLU B 646 -37.76 -7.06 78.43
N THR B 647 -38.73 -6.34 77.86
CA THR B 647 -39.56 -6.91 76.82
C THR B 647 -38.79 -7.12 75.51
N LEU B 648 -37.71 -6.39 75.31
CA LEU B 648 -36.96 -6.46 74.06
C LEU B 648 -36.00 -7.65 74.01
N LYS B 649 -35.94 -8.46 75.06
CA LYS B 649 -35.06 -9.62 75.03
C LYS B 649 -35.55 -10.63 74.01
N PRO B 650 -34.67 -11.16 73.16
CA PRO B 650 -35.13 -12.08 72.10
C PRO B 650 -35.73 -13.37 72.64
N ASP B 651 -35.38 -13.78 73.85
CA ASP B 651 -35.94 -15.01 74.41
C ASP B 651 -37.28 -14.78 75.09
N ASN B 652 -37.80 -13.56 75.09
CA ASN B 652 -39.08 -13.24 75.71
C ASN B 652 -40.22 -13.18 74.70
N PHE B 653 -39.99 -13.65 73.48
CA PHE B 653 -41.01 -13.54 72.43
C PHE B 653 -42.18 -14.48 72.64
N GLU B 654 -42.05 -15.46 73.52
CA GLU B 654 -43.11 -16.45 73.71
C GLU B 654 -44.36 -15.85 74.36
N GLU B 655 -44.22 -14.73 75.07
CA GLU B 655 -45.36 -14.10 75.73
C GLU B 655 -45.58 -12.66 75.33
N SER B 656 -44.64 -12.02 74.63
CA SER B 656 -44.80 -10.67 74.14
C SER B 656 -44.89 -10.57 72.63
N GLY B 657 -44.62 -11.66 71.91
CA GLY B 657 -44.67 -11.66 70.47
C GLY B 657 -43.35 -11.31 69.82
N TYR B 658 -43.25 -11.63 68.54
CA TYR B 658 -42.04 -11.32 67.78
C TYR B 658 -41.89 -9.82 67.65
N THR B 659 -40.68 -9.31 67.86
CA THR B 659 -40.43 -7.88 67.94
C THR B 659 -39.32 -7.47 66.98
N PHE B 660 -39.57 -6.41 66.23
CA PHE B 660 -38.56 -5.76 65.40
C PHE B 660 -38.25 -4.38 65.96
N ILE B 661 -37.09 -3.85 65.56
CA ILE B 661 -36.67 -2.52 65.99
C ILE B 661 -36.06 -1.80 64.80
N ALA B 662 -36.34 -0.51 64.69
CA ALA B 662 -35.88 0.27 63.54
C ALA B 662 -34.38 0.50 63.64
N PRO B 663 -33.61 0.19 62.60
CA PRO B 663 -32.16 0.39 62.67
C PRO B 663 -31.76 1.85 62.60
N ARG B 664 -32.18 2.64 63.58
CA ARG B 664 -31.79 4.04 63.63
C ARG B 664 -30.42 4.18 64.28
N ASP B 665 -29.85 5.39 64.17
CA ASP B 665 -28.58 5.70 64.81
C ASP B 665 -28.82 6.08 66.26
N TYR B 666 -29.11 5.05 67.06
CA TYR B 666 -29.39 5.26 68.48
C TYR B 666 -28.16 5.78 69.21
N CYS B 667 -27.02 5.12 69.03
CA CYS B 667 -25.78 5.55 69.65
C CYS B 667 -24.63 5.34 68.67
N ASN B 668 -23.54 6.07 68.92
CA ASN B 668 -22.45 6.10 67.95
C ASN B 668 -21.75 4.74 67.85
N ASP B 669 -21.39 4.16 68.99
CA ASP B 669 -20.68 2.88 68.96
C ASP B 669 -21.57 1.74 68.50
N LEU B 670 -22.88 1.86 68.71
CA LEU B 670 -23.80 0.87 68.16
C LEU B 670 -23.82 0.95 66.65
N LYS B 671 -23.71 -0.20 65.99
CA LYS B 671 -23.61 -0.27 64.54
C LYS B 671 -24.77 -1.10 63.98
N ILE B 672 -25.35 -0.61 62.88
CA ILE B 672 -26.47 -1.31 62.26
C ILE B 672 -25.96 -2.49 61.45
N SER B 673 -26.85 -3.45 61.21
CA SER B 673 -26.52 -4.66 60.47
C SER B 673 -27.41 -4.91 59.26
N ASP B 674 -28.45 -4.11 59.05
CA ASP B 674 -29.30 -4.18 57.87
C ASP B 674 -30.02 -5.51 57.74
N ASN B 675 -30.14 -6.27 58.83
CA ASN B 675 -30.89 -7.52 58.82
C ASN B 675 -31.84 -7.70 60.00
N ASN B 676 -31.58 -7.03 61.13
CA ASN B 676 -32.40 -7.06 62.35
C ASN B 676 -32.39 -8.41 63.03
N THR B 677 -31.77 -9.44 62.45
CA THR B 677 -31.61 -10.69 63.18
C THR B 677 -30.64 -10.51 64.34
N GLU B 678 -29.58 -9.72 64.13
CA GLU B 678 -28.59 -9.47 65.17
C GLU B 678 -28.64 -8.05 65.73
N PHE B 679 -29.24 -7.10 65.01
CA PHE B 679 -29.29 -5.73 65.50
C PHE B 679 -30.04 -5.65 66.82
N LEU B 680 -31.13 -6.42 66.95
CA LEU B 680 -31.85 -6.46 68.22
C LEU B 680 -30.96 -7.01 69.33
N LEU B 681 -30.12 -8.00 69.02
CA LEU B 681 -29.20 -8.54 70.02
C LEU B 681 -28.24 -7.47 70.50
N ASN B 682 -27.65 -6.70 69.57
CA ASN B 682 -26.72 -5.66 69.97
C ASN B 682 -27.40 -4.59 70.81
N PHE B 683 -28.63 -4.22 70.44
CA PHE B 683 -29.30 -3.10 71.09
C PHE B 683 -29.58 -3.39 72.57
N ASN B 684 -30.22 -4.52 72.86
CA ASN B 684 -30.64 -4.80 74.22
C ASN B 684 -29.50 -5.31 75.09
N GLU B 685 -28.38 -5.74 74.49
CA GLU B 685 -27.19 -6.07 75.24
C GLU B 685 -26.26 -4.88 75.39
N PHE B 686 -26.64 -3.72 74.87
CA PHE B 686 -25.87 -2.49 75.01
C PHE B 686 -26.43 -1.54 76.06
N ILE B 687 -27.74 -1.34 76.10
CA ILE B 687 -28.34 -0.40 77.03
C ILE B 687 -28.11 -0.84 78.47
N ASP B 688 -28.18 -2.15 78.72
CA ASP B 688 -27.85 -2.65 80.05
C ASP B 688 -26.36 -2.60 80.30
N ARG B 689 -25.55 -2.89 79.27
CA ARG B 689 -24.10 -2.85 79.40
C ARG B 689 -23.58 -1.43 79.14
N LYS B 690 -24.18 -0.47 79.84
CA LYS B 690 -23.82 0.95 79.73
C LYS B 690 -24.58 1.71 80.79
N THR B 691 -23.99 2.80 81.27
CA THR B 691 -24.68 3.65 82.22
C THR B 691 -25.88 4.31 81.56
N PRO B 692 -27.01 4.43 82.27
CA PRO B 692 -28.21 5.04 81.67
C PRO B 692 -28.09 6.53 81.41
N ASN B 693 -26.94 7.15 81.69
CA ASN B 693 -26.79 8.57 81.44
C ASN B 693 -26.62 8.91 79.97
N ASN B 694 -26.37 7.92 79.11
CA ASN B 694 -26.18 8.10 77.68
C ASN B 694 -25.03 9.07 77.44
N PRO B 695 -23.79 8.66 77.73
CA PRO B 695 -22.67 9.62 77.72
C PRO B 695 -22.39 10.25 76.37
N SER B 696 -22.58 9.52 75.27
CA SER B 696 -22.16 10.00 73.96
C SER B 696 -23.22 9.74 72.90
N CYS B 697 -24.49 9.68 73.30
CA CYS B 697 -25.57 9.48 72.34
C CYS B 697 -26.87 10.05 72.90
N ASN B 698 -27.78 10.36 72.00
CA ASN B 698 -28.96 11.14 72.34
C ASN B 698 -29.98 10.30 73.11
N ALA B 699 -30.49 10.87 74.19
CA ALA B 699 -31.54 10.23 74.97
C ALA B 699 -32.93 10.39 74.35
N ASP B 700 -33.11 11.40 73.49
CA ASP B 700 -34.43 11.62 72.89
C ASP B 700 -34.81 10.47 71.98
N LEU B 701 -33.87 9.96 71.20
CA LEU B 701 -34.17 8.89 70.27
C LEU B 701 -34.25 7.52 70.94
N ILE B 702 -33.81 7.41 72.20
CA ILE B 702 -33.85 6.14 72.90
C ILE B 702 -35.00 6.13 73.90
N ASN B 703 -35.31 7.31 74.46
CA ASN B 703 -36.46 7.38 75.37
C ASN B 703 -37.76 7.14 74.61
N ARG B 704 -37.79 7.43 73.32
CA ARG B 704 -38.99 7.18 72.51
C ARG B 704 -39.18 5.69 72.27
N VAL B 705 -38.10 4.99 71.92
CA VAL B 705 -38.23 3.55 71.62
C VAL B 705 -38.49 2.76 72.90
N LEU B 706 -37.87 3.15 74.01
CA LEU B 706 -38.08 2.42 75.26
C LEU B 706 -39.48 2.65 75.80
N LEU B 707 -39.97 3.89 75.75
CA LEU B 707 -41.33 4.17 76.23
C LEU B 707 -42.36 3.46 75.36
N ASP B 708 -42.18 3.47 74.04
CA ASP B 708 -43.09 2.76 73.16
C ASP B 708 -42.96 1.25 73.28
N ALA B 709 -41.86 0.76 73.82
CA ALA B 709 -41.74 -0.68 74.06
C ALA B 709 -42.78 -1.14 75.07
N GLY B 710 -42.99 -0.38 76.15
CA GLY B 710 -43.98 -0.74 77.13
C GLY B 710 -45.40 -0.40 76.74
N PHE B 711 -45.58 0.67 75.96
CA PHE B 711 -46.94 1.03 75.54
C PHE B 711 -47.55 -0.07 74.67
N THR B 712 -46.77 -0.63 73.77
CA THR B 712 -47.22 -1.79 73.02
C THR B 712 -47.21 -3.05 73.88
N ASN B 713 -46.31 -3.12 74.86
CA ASN B 713 -46.25 -4.29 75.74
C ASN B 713 -47.53 -4.41 76.55
N GLU B 714 -48.03 -3.29 77.08
CA GLU B 714 -49.26 -3.33 77.86
C GLU B 714 -50.44 -3.81 77.03
N LEU B 715 -50.41 -3.57 75.72
CA LEU B 715 -51.51 -4.01 74.86
C LEU B 715 -51.58 -5.53 74.77
N VAL B 716 -50.42 -6.20 74.72
CA VAL B 716 -50.40 -7.63 74.46
C VAL B 716 -51.02 -8.41 75.61
N GLN B 717 -50.56 -8.17 76.84
CA GLN B 717 -51.06 -8.96 77.96
C GLN B 717 -52.47 -8.53 78.37
N ASN B 718 -52.73 -7.23 78.43
CA ASN B 718 -54.02 -6.76 78.91
C ASN B 718 -55.16 -7.10 77.95
N TYR B 719 -54.93 -7.03 76.65
CA TYR B 719 -56.01 -7.28 75.70
C TYR B 719 -55.73 -8.41 74.72
N TRP B 720 -54.52 -8.47 74.16
CA TRP B 720 -54.24 -9.48 73.14
C TRP B 720 -54.11 -10.87 73.74
N SER B 721 -53.51 -10.98 74.93
CA SER B 721 -53.29 -12.28 75.53
C SER B 721 -54.57 -12.95 75.97
N LYS B 722 -55.64 -12.19 76.18
CA LYS B 722 -56.92 -12.78 76.56
C LYS B 722 -57.46 -13.66 75.45
N GLN B 723 -57.29 -13.24 74.19
CA GLN B 723 -57.69 -14.02 73.03
C GLN B 723 -56.45 -14.67 72.46
N LYS B 724 -56.20 -15.92 72.86
CA LYS B 724 -55.03 -16.64 72.37
C LYS B 724 -55.15 -16.94 70.88
N ASN B 725 -56.34 -17.28 70.41
CA ASN B 725 -56.56 -17.58 69.01
C ASN B 725 -57.97 -17.16 68.61
N ILE B 726 -58.10 -16.57 67.42
CA ILE B 726 -59.38 -16.13 66.89
C ILE B 726 -59.62 -16.86 65.58
N LYS B 727 -60.90 -17.07 65.25
CA LYS B 727 -61.26 -17.89 64.10
C LYS B 727 -60.80 -17.25 62.79
N GLY B 728 -61.15 -15.99 62.58
CA GLY B 728 -60.88 -15.32 61.32
C GLY B 728 -59.62 -14.48 61.27
N VAL B 729 -58.76 -14.55 62.28
CA VAL B 729 -57.58 -13.71 62.38
C VAL B 729 -56.34 -14.60 62.37
N LYS B 730 -55.40 -14.29 61.49
CA LYS B 730 -54.16 -15.03 61.39
C LYS B 730 -53.02 -14.42 62.19
N ALA B 731 -52.84 -13.10 62.10
CA ALA B 731 -51.80 -12.41 62.84
C ALA B 731 -52.31 -11.05 63.29
N ARG B 732 -51.74 -10.55 64.37
CA ARG B 732 -52.06 -9.22 64.89
C ARG B 732 -50.75 -8.46 65.05
N PHE B 733 -50.68 -7.27 64.46
CA PHE B 733 -49.45 -6.50 64.46
C PHE B 733 -49.72 -5.06 64.89
N VAL B 734 -48.71 -4.46 65.51
CA VAL B 734 -48.72 -3.05 65.89
C VAL B 734 -47.40 -2.44 65.44
N VAL B 735 -47.46 -1.27 64.83
CA VAL B 735 -46.27 -0.52 64.41
C VAL B 735 -46.34 0.86 65.03
N THR B 736 -45.23 1.29 65.63
CA THR B 736 -45.20 2.49 66.45
C THR B 736 -44.18 3.48 65.91
N ASP B 737 -44.46 4.77 66.12
CA ASP B 737 -43.56 5.83 65.69
C ASP B 737 -42.17 5.71 66.31
N GLY B 738 -42.07 5.11 67.49
CA GLY B 738 -40.77 4.99 68.13
C GLY B 738 -39.78 4.18 67.32
N GLY B 739 -40.26 3.18 66.59
CA GLY B 739 -39.39 2.39 65.74
C GLY B 739 -39.46 0.90 66.01
N ILE B 740 -40.56 0.43 66.58
CA ILE B 740 -40.75 -0.96 66.90
C ILE B 740 -42.07 -1.46 66.34
N THR B 741 -42.07 -2.73 65.92
CA THR B 741 -43.28 -3.42 65.53
C THR B 741 -43.31 -4.80 66.16
N ARG B 742 -44.52 -5.27 66.46
CA ARG B 742 -44.71 -6.52 67.17
C ARG B 742 -45.78 -7.38 66.48
N VAL B 743 -45.59 -8.69 66.56
CA VAL B 743 -46.55 -9.67 66.05
C VAL B 743 -46.80 -10.69 67.14
N TYR B 744 -48.04 -10.78 67.62
CA TYR B 744 -48.33 -11.68 68.73
C TYR B 744 -48.09 -13.15 68.38
N PRO B 745 -48.64 -13.70 67.29
CA PRO B 745 -48.33 -15.10 66.98
C PRO B 745 -46.89 -15.26 66.48
N LYS B 746 -46.03 -15.84 67.32
CA LYS B 746 -44.62 -15.92 66.97
C LYS B 746 -44.40 -16.78 65.72
N GLU B 747 -45.18 -17.85 65.56
CA GLU B 747 -45.06 -18.67 64.36
C GLU B 747 -45.46 -17.90 63.11
N ALA B 748 -46.31 -16.88 63.26
CA ALA B 748 -46.70 -16.02 62.16
C ALA B 748 -45.79 -14.82 61.99
N GLY B 749 -44.81 -14.64 62.87
CA GLY B 749 -43.86 -13.55 62.73
C GLY B 749 -42.84 -13.75 61.62
N GLU B 750 -42.73 -14.96 61.08
CA GLU B 750 -41.83 -15.23 59.97
C GLU B 750 -42.39 -14.73 58.64
N ASN B 751 -43.67 -14.38 58.58
CA ASN B 751 -44.29 -13.86 57.38
C ASN B 751 -44.23 -12.34 57.27
N TRP B 752 -43.64 -11.67 58.26
CA TRP B 752 -43.55 -10.22 58.25
C TRP B 752 -42.39 -9.80 57.36
N GLN B 753 -42.68 -9.48 56.10
CA GLN B 753 -41.67 -9.03 55.16
C GLN B 753 -41.50 -7.52 55.15
N GLU B 754 -42.25 -6.78 55.96
CA GLU B 754 -42.16 -5.34 55.98
C GLU B 754 -40.82 -4.89 56.54
N ASN B 755 -40.38 -3.70 56.12
CA ASN B 755 -39.13 -3.15 56.62
C ASN B 755 -39.24 -2.87 58.11
N PRO B 756 -38.20 -3.20 58.89
CA PRO B 756 -38.24 -2.87 60.33
C PRO B 756 -38.35 -1.37 60.59
N GLU B 757 -37.78 -0.55 59.71
CA GLU B 757 -37.90 0.90 59.86
C GLU B 757 -39.33 1.33 59.57
N THR B 758 -40.00 1.88 60.58
CA THR B 758 -41.42 2.18 60.44
C THR B 758 -41.67 3.32 59.45
N TYR B 759 -40.71 4.24 59.31
CA TYR B 759 -40.89 5.37 58.42
C TYR B 759 -40.91 4.97 56.95
N GLU B 760 -40.44 3.76 56.63
CA GLU B 760 -40.40 3.28 55.26
C GLU B 760 -41.49 2.26 54.97
N ASP B 761 -42.45 2.08 55.87
CA ASP B 761 -43.52 1.12 55.67
C ASP B 761 -44.61 1.72 54.81
N SER B 762 -44.95 1.04 53.71
CA SER B 762 -45.95 1.56 52.79
C SER B 762 -47.33 1.63 53.44
N PHE B 763 -47.68 0.62 54.22
CA PHE B 763 -49.00 0.61 54.85
C PHE B 763 -49.12 1.64 55.95
N TYR B 764 -48.01 1.92 56.66
CA TYR B 764 -48.05 2.91 57.74
C TYR B 764 -48.40 4.29 57.19
N LYS B 765 -47.76 4.68 56.09
CA LYS B 765 -47.97 6.02 55.55
C LYS B 765 -49.36 6.17 54.94
N ARG B 766 -49.91 5.10 54.38
CA ARG B 766 -51.27 5.17 53.82
C ARG B 766 -52.32 5.20 54.92
N SER B 767 -52.06 4.55 56.05
CA SER B 767 -53.04 4.48 57.12
C SER B 767 -53.21 5.82 57.82
N LEU B 768 -52.14 6.60 57.96
CA LEU B 768 -52.24 7.88 58.62
C LEU B 768 -53.16 8.83 57.86
N ASP B 769 -53.07 8.83 56.53
CA ASP B 769 -53.88 9.74 55.73
C ASP B 769 -55.36 9.38 55.79
N ASN B 770 -55.68 8.09 55.65
CA ASN B 770 -57.06 7.66 55.63
C ASN B 770 -57.65 7.68 57.03
N ASP B 771 -58.84 8.26 57.16
CA ASP B 771 -59.56 8.26 58.42
C ASP B 771 -60.17 6.89 58.74
N ASN B 772 -60.35 6.05 57.73
CA ASN B 772 -60.98 4.76 57.86
C ASN B 772 -59.94 3.64 57.80
N TYR B 773 -60.43 2.40 57.78
CA TYR B 773 -59.55 1.25 57.67
C TYR B 773 -58.99 1.14 56.25
N VAL B 774 -57.82 0.53 56.14
CA VAL B 774 -57.10 0.43 54.87
C VAL B 774 -56.78 -1.03 54.61
N PHE B 775 -57.13 -1.52 53.42
CA PHE B 775 -56.83 -2.88 52.99
C PHE B 775 -55.71 -2.85 51.97
N THR B 776 -54.65 -3.62 52.22
CA THR B 776 -53.49 -3.67 51.35
C THR B 776 -53.44 -5.04 50.67
N ALA B 777 -53.50 -5.03 49.34
CA ALA B 777 -53.51 -6.28 48.59
C ALA B 777 -52.12 -6.90 48.56
N PRO B 778 -52.02 -8.22 48.53
CA PRO B 778 -50.72 -8.88 48.43
C PRO B 778 -50.18 -8.83 47.01
N TYR B 779 -48.89 -9.15 46.89
CA TYR B 779 -48.25 -9.18 45.60
C TYR B 779 -48.63 -10.44 44.83
N PHE B 780 -48.32 -10.45 43.54
CA PHE B 780 -48.68 -11.53 42.63
C PHE B 780 -47.44 -12.18 42.02
N ASN B 781 -47.67 -13.30 41.35
CA ASN B 781 -46.65 -14.04 40.60
C ASN B 781 -45.51 -14.49 41.53
N LYS B 782 -45.88 -15.35 42.49
CA LYS B 782 -44.95 -15.98 43.44
C LYS B 782 -43.89 -14.99 43.93
N SER B 783 -44.34 -13.82 44.34
CA SER B 783 -43.46 -12.81 44.92
C SER B 783 -43.25 -13.09 46.42
N GLY B 784 -42.73 -14.28 46.70
CA GLY B 784 -42.60 -14.75 48.05
C GLY B 784 -43.90 -15.35 48.56
N PRO B 785 -43.91 -15.85 49.79
CA PRO B 785 -45.14 -16.39 50.34
C PRO B 785 -46.10 -15.30 50.81
N GLY B 786 -47.18 -15.09 50.06
CA GLY B 786 -48.16 -14.09 50.45
C GLY B 786 -49.59 -14.39 50.03
N ALA B 787 -49.80 -15.52 49.36
CA ALA B 787 -51.09 -15.78 48.74
C ALA B 787 -52.12 -16.24 49.77
N TYR B 788 -51.87 -17.39 50.41
CA TYR B 788 -52.80 -17.97 51.36
C TYR B 788 -52.25 -18.11 52.77
N GLU B 789 -50.94 -18.24 52.91
CA GLU B 789 -50.31 -18.41 54.21
C GLU B 789 -50.06 -17.10 54.94
N SER B 790 -50.22 -15.95 54.27
CA SER B 790 -50.00 -14.65 54.89
C SER B 790 -51.33 -14.01 55.30
N GLY B 791 -52.23 -13.83 54.36
CA GLY B 791 -53.53 -13.23 54.63
C GLY B 791 -53.67 -11.86 54.01
N ILE B 792 -54.81 -11.24 54.29
CA ILE B 792 -55.14 -9.91 53.78
C ILE B 792 -54.89 -8.91 54.91
N MET B 793 -54.05 -7.92 54.65
CA MET B 793 -53.65 -6.97 55.68
C MET B 793 -54.68 -5.86 55.83
N VAL B 794 -54.92 -5.48 57.09
CA VAL B 794 -55.79 -4.36 57.44
C VAL B 794 -55.00 -3.45 58.35
N SER B 795 -55.32 -2.16 58.33
CA SER B 795 -54.61 -1.20 59.17
C SER B 795 -55.57 -0.12 59.62
N LYS B 796 -55.22 0.52 60.74
CA LYS B 796 -56.00 1.64 61.27
C LYS B 796 -55.11 2.42 62.22
N ALA B 797 -54.82 3.66 61.89
CA ALA B 797 -53.97 4.49 62.74
C ALA B 797 -54.74 4.94 63.98
N VAL B 798 -54.13 4.79 65.15
CA VAL B 798 -54.78 5.21 66.39
C VAL B 798 -54.75 6.72 66.48
N GLU B 799 -55.81 7.30 67.02
CA GLU B 799 -55.91 8.74 67.22
C GLU B 799 -56.15 9.02 68.69
N ILE B 800 -55.37 9.94 69.25
CA ILE B 800 -55.48 10.30 70.66
C ILE B 800 -55.59 11.82 70.76
N TYR B 801 -56.23 12.28 71.84
CA TYR B 801 -56.40 13.70 72.12
C TYR B 801 -55.88 13.96 73.53
N ILE B 802 -54.66 14.49 73.63
CA ILE B 802 -54.06 14.72 74.94
C ILE B 802 -54.70 15.93 75.60
N GLN B 803 -54.50 17.11 75.03
CA GLN B 803 -55.09 18.36 75.51
C GLN B 803 -55.84 19.04 74.37
N GLY B 804 -56.66 18.25 73.67
CA GLY B 804 -57.34 18.74 72.48
C GLY B 804 -56.49 18.70 71.23
N LYS B 805 -55.35 18.02 71.26
CA LYS B 805 -54.42 17.96 70.13
C LYS B 805 -54.46 16.57 69.51
N LEU B 806 -54.53 16.52 68.19
CA LEU B 806 -54.58 15.25 67.48
C LEU B 806 -53.19 14.67 67.32
N LEU B 807 -53.05 13.38 67.63
CA LEU B 807 -51.80 12.66 67.44
C LEU B 807 -52.11 11.29 66.86
N LYS B 808 -51.20 10.80 66.02
CA LYS B 808 -51.33 9.47 65.40
C LYS B 808 -50.01 8.74 65.63
N PRO B 809 -49.79 8.22 66.84
CA PRO B 809 -48.48 7.66 67.19
C PRO B 809 -48.24 6.24 66.71
N ALA B 810 -49.26 5.52 66.29
CA ALA B 810 -49.08 4.13 65.90
C ALA B 810 -50.20 3.68 64.99
N VAL B 811 -50.00 2.56 64.32
CA VAL B 811 -51.01 1.90 63.52
C VAL B 811 -51.13 0.46 63.98
N VAL B 812 -52.37 -0.05 64.01
CA VAL B 812 -52.65 -1.42 64.40
C VAL B 812 -53.45 -2.07 63.28
N GLY B 813 -53.36 -3.39 63.20
CA GLY B 813 -54.08 -4.10 62.17
C GLY B 813 -53.95 -5.60 62.35
N ILE B 814 -54.74 -6.31 61.57
CA ILE B 814 -54.78 -7.77 61.59
C ILE B 814 -54.72 -8.27 60.15
N LYS B 815 -54.28 -9.52 60.01
CA LYS B 815 -54.20 -10.17 58.70
C LYS B 815 -55.42 -11.06 58.54
N ILE B 816 -56.36 -10.63 57.69
CA ILE B 816 -57.58 -11.38 57.46
C ILE B 816 -57.24 -12.67 56.73
N ASP B 817 -57.75 -13.79 57.24
CA ASP B 817 -57.55 -15.07 56.59
C ASP B 817 -58.45 -15.17 55.36
N VAL B 818 -57.84 -15.47 54.21
CA VAL B 818 -58.61 -15.53 52.97
C VAL B 818 -59.55 -16.74 52.98
N ASN B 819 -59.11 -17.87 53.56
CA ASN B 819 -59.95 -19.06 53.58
C ASN B 819 -61.22 -18.82 54.39
N SER B 820 -61.10 -18.17 55.54
CA SER B 820 -62.28 -17.87 56.33
C SER B 820 -63.10 -16.74 55.72
N TRP B 821 -62.46 -15.81 55.02
CA TRP B 821 -63.19 -14.74 54.34
C TRP B 821 -64.10 -15.29 53.26
N ILE B 822 -63.63 -16.31 52.52
CA ILE B 822 -64.43 -16.89 51.45
C ILE B 822 -65.70 -17.51 52.02
N GLU B 823 -65.60 -18.15 53.18
CA GLU B 823 -66.76 -18.79 53.79
C GLU B 823 -67.85 -17.79 54.16
N ASN B 824 -67.53 -16.49 54.20
CA ASN B 824 -68.54 -15.48 54.45
C ASN B 824 -69.36 -15.12 53.21
N PHE B 825 -68.94 -15.58 52.02
CA PHE B 825 -69.77 -15.44 50.83
C PHE B 825 -70.71 -16.62 50.63
N THR B 826 -70.24 -17.84 50.85
CA THR B 826 -71.12 -18.99 50.78
C THR B 826 -72.20 -18.93 51.86
N LYS B 827 -71.84 -18.47 53.05
CA LYS B 827 -72.80 -18.31 54.14
C LYS B 827 -73.74 -17.15 53.88
N ARG B 843 -71.60 -18.97 44.75
CA ARG B 843 -70.29 -19.59 44.80
C ARG B 843 -70.00 -20.39 43.54
N ASN B 844 -68.94 -20.00 42.83
CA ASN B 844 -68.49 -20.68 41.61
C ASN B 844 -69.60 -20.73 40.55
N SER B 845 -70.52 -19.78 40.60
CA SER B 845 -71.64 -19.75 39.68
C SER B 845 -71.20 -19.33 38.29
N ASP B 846 -71.95 -19.78 37.29
CA ASP B 846 -71.74 -19.38 35.90
C ASP B 846 -72.75 -18.34 35.45
N VAL B 847 -73.56 -17.82 36.37
CA VAL B 847 -74.62 -16.87 36.04
C VAL B 847 -74.22 -15.45 36.40
N MET B 848 -73.58 -15.25 37.55
CA MET B 848 -73.29 -13.93 38.07
C MET B 848 -71.87 -13.87 38.62
N ASP B 849 -71.24 -12.70 38.48
CA ASP B 849 -69.87 -12.48 38.91
C ASP B 849 -69.86 -11.52 40.10
N CYS B 850 -69.20 -11.92 41.18
CA CYS B 850 -69.08 -11.10 42.37
C CYS B 850 -67.60 -10.98 42.73
N VAL B 851 -67.11 -9.74 42.83
CA VAL B 851 -65.73 -9.47 43.24
C VAL B 851 -65.72 -8.31 44.23
N ILE B 852 -64.61 -8.22 44.97
CA ILE B 852 -64.36 -7.11 45.88
C ILE B 852 -63.02 -6.49 45.49
N LEU B 853 -62.97 -5.16 45.51
CA LEU B 853 -61.79 -4.41 45.12
C LEU B 853 -61.49 -3.34 46.14
N ASP B 854 -60.22 -2.93 46.21
CA ASP B 854 -59.79 -1.89 47.12
C ASP B 854 -59.61 -0.57 46.36
N ASP B 855 -59.08 0.43 47.06
CA ASP B 855 -58.81 1.73 46.45
C ASP B 855 -57.61 1.62 45.52
N GLY B 856 -57.85 1.27 44.27
CA GLY B 856 -56.76 1.02 43.34
C GLY B 856 -57.04 -0.15 42.41
N GLY B 857 -58.21 -0.76 42.56
CA GLY B 857 -58.63 -1.83 41.67
C GLY B 857 -57.84 -3.12 41.78
N PHE B 858 -57.49 -3.53 42.99
CA PHE B 858 -56.81 -4.79 43.23
C PHE B 858 -57.79 -5.78 43.86
N LEU B 859 -57.83 -7.00 43.31
CA LEU B 859 -58.75 -8.01 43.81
C LEU B 859 -58.32 -8.47 45.20
N LEU B 860 -59.29 -8.59 46.11
CA LEU B 860 -59.02 -9.05 47.46
C LEU B 860 -59.64 -10.41 47.78
N MET B 861 -60.81 -10.73 47.23
CA MET B 861 -61.36 -12.08 47.26
C MET B 861 -62.58 -12.11 46.36
N ALA B 862 -62.94 -13.31 45.91
CA ALA B 862 -64.06 -13.48 44.99
C ALA B 862 -64.73 -14.82 45.28
N ASN B 863 -65.59 -15.25 44.36
CA ASN B 863 -66.35 -16.48 44.53
C ASN B 863 -66.38 -17.31 43.26
N HIS B 864 -65.27 -17.32 42.52
CA HIS B 864 -65.20 -18.06 41.27
C HIS B 864 -64.10 -19.11 41.23
N ASP B 865 -63.33 -19.27 42.30
CA ASP B 865 -62.34 -20.34 42.45
C ASP B 865 -61.20 -20.23 41.44
N ASP B 866 -61.24 -19.22 40.58
CA ASP B 866 -60.12 -18.93 39.69
C ASP B 866 -59.69 -17.49 39.88
N TYR B 867 -60.66 -16.62 40.20
CA TYR B 867 -60.32 -15.26 40.61
C TYR B 867 -59.55 -15.25 41.91
N THR B 868 -59.96 -16.08 42.87
CA THR B 868 -59.28 -16.12 44.16
C THR B 868 -57.86 -16.65 44.02
N ASN B 869 -57.63 -17.58 43.09
CA ASN B 869 -56.28 -18.08 42.86
C ASN B 869 -55.37 -16.96 42.38
N GLN B 870 -55.87 -16.12 41.48
CA GLN B 870 -55.13 -14.94 41.03
C GLN B 870 -55.42 -13.76 41.97
N ILE B 871 -54.94 -13.90 43.20
CA ILE B 871 -55.25 -12.98 44.27
C ILE B 871 -54.26 -11.82 44.24
N GLY B 872 -54.73 -10.65 44.67
CA GLY B 872 -53.87 -9.47 44.69
C GLY B 872 -53.40 -9.03 43.32
N ARG B 873 -54.20 -9.23 42.29
CA ARG B 873 -53.85 -8.86 40.93
C ARG B 873 -54.78 -7.76 40.45
N PHE B 874 -54.26 -6.89 39.59
CA PHE B 874 -55.04 -5.75 39.11
C PHE B 874 -56.25 -6.24 38.33
N PHE B 875 -57.37 -5.54 38.51
CA PHE B 875 -58.63 -5.95 37.88
C PHE B 875 -58.55 -5.86 36.37
N GLY B 876 -57.81 -4.88 35.84
CA GLY B 876 -57.70 -4.73 34.40
C GLY B 876 -56.99 -5.86 33.70
N GLU B 877 -56.19 -6.63 34.43
CA GLU B 877 -55.48 -7.77 33.85
C GLU B 877 -56.29 -9.05 33.89
N ILE B 878 -57.47 -9.03 34.52
CA ILE B 878 -58.32 -10.22 34.60
C ILE B 878 -59.70 -10.02 34.00
N ASP B 879 -60.18 -8.77 33.86
CA ASP B 879 -61.49 -8.50 33.28
C ASP B 879 -61.48 -7.09 32.69
N PRO B 880 -60.75 -6.89 31.60
CA PRO B 880 -60.59 -5.52 31.07
C PRO B 880 -61.87 -4.88 30.58
N SER B 881 -62.89 -5.66 30.24
CA SER B 881 -64.11 -5.09 29.68
C SER B 881 -64.80 -4.19 30.69
N LEU B 882 -65.00 -4.67 31.91
CA LEU B 882 -65.64 -3.86 32.94
C LEU B 882 -64.68 -2.83 33.51
N MET B 883 -63.40 -3.17 33.61
CA MET B 883 -62.42 -2.26 34.18
C MET B 883 -62.28 -1.00 33.33
N ARG B 884 -62.10 -1.18 32.02
CA ARG B 884 -61.98 -0.02 31.13
C ARG B 884 -63.25 0.81 31.12
N HIS B 885 -64.41 0.15 31.14
CA HIS B 885 -65.68 0.87 31.15
C HIS B 885 -65.90 1.58 32.48
N LEU B 886 -65.38 1.03 33.58
CA LEU B 886 -65.56 1.66 34.89
C LEU B 886 -64.90 3.03 34.94
N VAL B 887 -63.73 3.17 34.31
CA VAL B 887 -63.03 4.45 34.32
C VAL B 887 -63.87 5.52 33.63
N ASN B 888 -64.57 5.15 32.56
CA ASN B 888 -65.41 6.12 31.86
C ASN B 888 -66.55 6.62 32.74
N ILE B 889 -67.11 5.77 33.59
CA ILE B 889 -68.14 6.18 34.53
C ILE B 889 -67.59 7.08 35.63
N SER B 890 -66.26 7.25 35.68
CA SER B 890 -65.59 8.12 36.66
C SER B 890 -65.74 7.58 38.08
N VAL B 891 -65.52 6.28 38.23
CA VAL B 891 -65.40 5.66 39.55
C VAL B 891 -63.93 5.61 39.92
N TYR B 892 -63.08 5.44 38.92
CA TYR B 892 -61.64 5.27 39.11
C TYR B 892 -60.91 6.32 38.27
N ALA B 893 -60.39 7.36 38.92
CA ALA B 893 -59.48 8.26 38.24
C ALA B 893 -58.10 7.64 38.18
N PHE B 894 -57.19 8.30 37.46
CA PHE B 894 -55.83 7.79 37.35
C PHE B 894 -54.88 8.92 37.03
N ASN B 895 -53.61 8.70 37.36
CA ASN B 895 -52.53 9.63 37.03
C ASN B 895 -51.35 8.83 36.52
N LYS B 896 -50.69 9.35 35.49
CA LYS B 896 -49.52 8.71 34.90
C LYS B 896 -48.29 9.55 35.20
N SER B 897 -47.24 8.90 35.69
CA SER B 897 -45.99 9.57 36.03
C SER B 897 -44.82 8.76 35.50
N TYR B 898 -43.71 9.44 35.27
CA TYR B 898 -42.50 8.82 34.76
C TYR B 898 -41.49 8.66 35.88
N ASP B 899 -40.87 7.49 35.96
CA ASP B 899 -39.84 7.19 36.95
C ASP B 899 -38.50 7.17 36.21
N TYR B 900 -37.74 8.25 36.35
CA TYR B 900 -36.49 8.40 35.62
C TYR B 900 -35.36 7.56 36.19
N GLN B 901 -35.53 6.95 37.36
CA GLN B 901 -34.52 6.11 37.97
C GLN B 901 -35.12 4.71 38.15
N SER B 902 -35.02 3.90 37.09
CA SER B 902 -35.55 2.54 37.13
C SER B 902 -34.80 1.71 36.10
N VAL B 903 -34.54 0.45 36.45
CA VAL B 903 -33.79 -0.47 35.59
C VAL B 903 -34.77 -1.44 34.95
N CYS B 904 -34.61 -1.67 33.65
CA CYS B 904 -35.46 -2.58 32.91
C CYS B 904 -34.61 -3.38 31.94
N GLU B 905 -35.11 -4.55 31.56
CA GLU B 905 -34.38 -5.40 30.63
C GLU B 905 -34.42 -4.79 29.24
N PRO B 906 -33.28 -4.59 28.60
CA PRO B 906 -33.28 -3.96 27.27
C PRO B 906 -33.94 -4.85 26.23
N GLY B 907 -34.54 -4.20 25.23
CA GLY B 907 -35.18 -4.89 24.14
C GLY B 907 -34.23 -5.14 22.98
N ALA B 908 -34.75 -5.85 21.98
CA ALA B 908 -33.96 -6.15 20.79
C ALA B 908 -33.66 -4.88 20.01
N ALA B 909 -32.45 -4.80 19.48
CA ALA B 909 -32.03 -3.64 18.71
C ALA B 909 -32.48 -3.74 17.25
N SER B 970 -27.35 -7.70 30.88
CA SER B 970 -27.83 -7.22 32.17
C SER B 970 -28.92 -6.16 31.99
N LYS B 971 -29.19 -5.42 33.05
CA LYS B 971 -30.22 -4.39 33.05
C LYS B 971 -29.57 -3.01 33.05
N GLN B 972 -30.28 -2.04 32.48
CA GLN B 972 -29.77 -0.69 32.32
C GLN B 972 -30.82 0.31 32.76
N SER B 973 -30.37 1.51 33.13
CA SER B 973 -31.26 2.55 33.58
C SER B 973 -32.20 2.99 32.46
N CYS B 974 -33.46 3.22 32.80
CA CYS B 974 -34.46 3.56 31.81
C CYS B 974 -35.60 4.30 32.49
N ILE B 975 -36.42 4.94 31.67
CA ILE B 975 -37.61 5.64 32.15
C ILE B 975 -38.79 4.69 32.08
N THR B 976 -39.50 4.53 33.20
CA THR B 976 -40.66 3.66 33.28
C THR B 976 -41.86 4.50 33.70
N GLU B 977 -42.97 4.35 32.98
CA GLU B 977 -44.18 5.11 33.25
C GLU B 977 -45.07 4.32 34.21
N GLN B 978 -45.47 4.96 35.30
CA GLN B 978 -46.30 4.33 36.32
C GLN B 978 -47.67 4.98 36.35
N THR B 979 -48.70 4.17 36.60
CA THR B 979 -50.05 4.66 36.76
C THR B 979 -50.66 4.07 38.01
N GLN B 980 -51.54 4.86 38.64
CA GLN B 980 -52.23 4.46 39.85
C GLN B 980 -53.68 4.89 39.75
N TYR B 981 -54.54 4.23 40.52
CA TYR B 981 -55.97 4.49 40.48
C TYR B 981 -56.48 4.78 41.88
N PHE B 982 -57.54 5.57 41.96
CA PHE B 982 -58.13 5.93 43.23
C PHE B 982 -59.60 6.29 43.03
N PHE B 983 -60.34 6.30 44.13
CA PHE B 983 -61.74 6.69 44.08
C PHE B 983 -61.86 8.15 43.65
N ASP B 984 -62.77 8.41 42.71
CA ASP B 984 -62.98 9.74 42.18
C ASP B 984 -64.10 10.47 42.91
N ASN B 985 -65.31 9.90 42.90
CA ASN B 985 -66.47 10.54 43.51
C ASN B 985 -66.76 9.92 44.88
N ASP B 986 -67.35 10.74 45.75
CA ASP B 986 -67.70 10.29 47.09
C ASP B 986 -68.98 9.45 47.13
N SER B 987 -69.79 9.49 46.08
CA SER B 987 -71.02 8.72 46.06
C SER B 987 -70.73 7.23 45.98
N LYS B 988 -71.56 6.43 46.65
CA LYS B 988 -71.33 5.00 46.78
C LYS B 988 -72.23 4.14 45.91
N SER B 989 -73.49 4.52 45.74
CA SER B 989 -74.44 3.72 44.97
C SER B 989 -74.16 3.92 43.48
N PHE B 990 -73.57 2.91 42.84
CA PHE B 990 -73.22 2.97 41.43
C PHE B 990 -73.92 1.85 40.67
N SER B 991 -74.47 2.20 39.51
CA SER B 991 -75.14 1.23 38.65
C SER B 991 -74.99 1.68 37.21
N GLY B 992 -75.11 0.73 36.30
CA GLY B 992 -74.96 1.03 34.89
C GLY B 992 -75.12 -0.23 34.05
N VAL B 993 -74.99 -0.05 32.74
CA VAL B 993 -75.12 -1.12 31.77
C VAL B 993 -73.83 -1.19 30.96
N LEU B 994 -73.21 -2.37 30.94
CA LEU B 994 -71.97 -2.58 30.21
C LEU B 994 -72.30 -3.12 28.83
N ASP B 995 -72.08 -2.31 27.81
CA ASP B 995 -72.38 -2.66 26.43
C ASP B 995 -71.06 -3.00 25.71
N CYS B 996 -70.73 -4.29 25.67
CA CYS B 996 -69.54 -4.73 24.96
C CYS B 996 -69.76 -4.84 23.45
N GLY B 997 -70.99 -4.65 22.99
CA GLY B 997 -71.30 -4.81 21.58
C GLY B 997 -72.10 -6.08 21.32
N ASN B 998 -73.20 -5.95 20.59
CA ASN B 998 -74.10 -7.05 20.21
C ASN B 998 -74.60 -7.85 21.43
N CYS B 999 -74.43 -7.30 22.62
CA CYS B 999 -74.90 -7.93 23.85
C CYS B 999 -74.82 -6.88 24.96
N SER B 1000 -75.09 -7.30 26.19
CA SER B 1000 -75.04 -6.40 27.33
C SER B 1000 -74.77 -7.20 28.60
N ARG B 1001 -74.32 -6.48 29.63
CA ARG B 1001 -74.03 -7.10 30.93
C ARG B 1001 -74.31 -6.05 32.00
N ILE B 1002 -75.47 -6.16 32.66
CA ILE B 1002 -75.80 -5.22 33.71
C ILE B 1002 -74.88 -5.42 34.91
N PHE B 1003 -74.74 -4.38 35.70
CA PHE B 1003 -73.90 -4.44 36.89
C PHE B 1003 -74.37 -3.42 37.91
N HIS B 1004 -73.94 -3.60 39.16
CA HIS B 1004 -74.18 -2.66 40.22
C HIS B 1004 -72.96 -2.62 41.12
N GLY B 1005 -72.56 -1.41 41.52
CA GLY B 1005 -71.38 -1.25 42.36
C GLY B 1005 -71.67 -0.53 43.65
N GLU B 1006 -71.26 -1.11 44.77
CA GLU B 1006 -71.47 -0.53 46.08
C GLU B 1006 -70.13 -0.42 46.81
N LYS B 1007 -69.87 0.75 47.40
CA LYS B 1007 -68.66 1.00 48.16
C LYS B 1007 -68.92 0.74 49.64
N LEU B 1008 -68.07 -0.06 50.26
CA LEU B 1008 -68.23 -0.39 51.67
C LEU B 1008 -68.05 0.87 52.52
N MET B 1009 -68.95 1.04 53.48
CA MET B 1009 -68.92 2.20 54.35
C MET B 1009 -67.73 2.13 55.31
N ASN B 1010 -67.07 3.27 55.51
CA ASN B 1010 -65.94 3.39 56.43
C ASN B 1010 -64.83 2.41 56.09
N THR B 1011 -64.60 2.21 54.79
CA THR B 1011 -63.57 1.30 54.32
C THR B 1011 -63.24 1.66 52.88
N ASN B 1012 -61.98 1.46 52.50
CA ASN B 1012 -61.53 1.77 51.15
C ASN B 1012 -61.92 0.71 50.12
N LEU B 1013 -62.85 -0.18 50.46
CA LEU B 1013 -63.25 -1.27 49.58
C LEU B 1013 -64.47 -0.88 48.75
N ILE B 1014 -64.63 -1.58 47.62
CA ILE B 1014 -65.80 -1.41 46.76
C ILE B 1014 -66.27 -2.79 46.32
N PHE B 1015 -67.58 -3.02 46.42
CA PHE B 1015 -68.20 -4.28 46.01
C PHE B 1015 -68.94 -4.04 44.71
N ILE B 1016 -68.52 -4.73 43.65
CA ILE B 1016 -69.14 -4.61 42.34
C ILE B 1016 -69.54 -6.00 41.85
N MET B 1017 -70.75 -6.10 41.32
CA MET B 1017 -71.31 -7.36 40.87
C MET B 1017 -71.79 -7.19 39.43
N VAL B 1018 -71.34 -8.08 38.55
CA VAL B 1018 -71.63 -7.97 37.12
C VAL B 1018 -72.06 -9.34 36.61
N GLU B 1019 -72.78 -9.33 35.49
CA GLU B 1019 -73.18 -10.57 34.85
C GLU B 1019 -71.95 -11.34 34.37
N SER B 1020 -72.07 -12.67 34.38
CA SER B 1020 -70.93 -13.53 34.09
C SER B 1020 -70.47 -13.35 32.65
N LYS B 1021 -69.19 -13.64 32.41
CA LYS B 1021 -68.61 -13.51 31.09
C LYS B 1021 -69.13 -14.55 30.10
N GLY B 1022 -69.87 -15.56 30.58
CA GLY B 1022 -70.41 -16.55 29.67
C GLY B 1022 -71.50 -16.01 28.76
N THR B 1023 -72.20 -14.97 29.20
CA THR B 1023 -73.24 -14.38 28.37
C THR B 1023 -72.63 -13.56 27.23
N CYS B 1024 -71.55 -12.83 27.51
CA CYS B 1024 -70.87 -11.99 26.52
C CYS B 1024 -69.43 -12.48 26.41
N PRO B 1025 -69.13 -13.35 25.45
CA PRO B 1025 -67.76 -13.87 25.27
C PRO B 1025 -66.82 -12.89 24.59
N CYS B 1026 -66.77 -11.67 25.10
CA CYS B 1026 -65.92 -10.61 24.59
C CYS B 1026 -64.78 -10.34 25.56
N ASP B 1027 -63.61 -9.98 25.03
CA ASP B 1027 -62.46 -9.68 25.86
C ASP B 1027 -61.62 -8.63 25.13
N THR B 1028 -61.68 -7.40 25.61
CA THR B 1028 -60.85 -6.33 25.06
C THR B 1028 -59.41 -6.50 25.54
N ARG B 1029 -58.54 -5.61 25.06
CA ARG B 1029 -57.14 -5.65 25.48
C ARG B 1029 -57.04 -5.35 26.97
N LEU B 1030 -56.22 -6.14 27.67
CA LEU B 1030 -56.12 -6.00 29.11
C LEU B 1030 -55.46 -4.69 29.49
N LEU B 1031 -56.01 -4.03 30.51
CA LEU B 1031 -55.51 -2.76 31.00
C LEU B 1031 -54.45 -3.01 32.05
N ILE B 1032 -53.19 -2.80 31.69
CA ILE B 1032 -52.06 -3.17 32.55
C ILE B 1032 -51.69 -1.98 33.42
N GLN B 1033 -51.58 -2.23 34.73
CA GLN B 1033 -51.11 -1.23 35.69
C GLN B 1033 -49.77 -1.73 36.21
N ALA B 1034 -48.69 -1.38 35.50
CA ALA B 1034 -47.36 -1.82 35.87
C ALA B 1034 -46.36 -0.85 35.26
N GLU B 1035 -45.08 -1.07 35.58
CA GLU B 1035 -44.01 -0.22 35.07
C GLU B 1035 -43.82 -0.47 33.59
N GLN B 1036 -44.35 0.42 32.77
CA GLN B 1036 -44.22 0.31 31.32
C GLN B 1036 -42.99 1.07 30.87
N THR B 1037 -42.05 0.37 30.24
CA THR B 1037 -40.84 1.01 29.73
C THR B 1037 -41.21 1.94 28.59
N SER B 1038 -41.12 3.25 28.84
CA SER B 1038 -41.48 4.25 27.84
C SER B 1038 -40.33 5.24 27.68
N ASP B 1039 -40.22 5.78 26.48
CA ASP B 1039 -39.17 6.74 26.15
C ASP B 1039 -39.58 8.18 26.42
N GLY B 1040 -40.83 8.42 26.82
CA GLY B 1040 -41.33 9.76 27.02
C GLY B 1040 -40.76 10.41 28.25
N PRO B 1041 -41.04 11.71 28.44
CA PRO B 1041 -41.83 12.54 27.53
C PRO B 1041 -41.03 13.01 26.33
N ASN B 1042 -41.71 13.39 25.27
CA ASN B 1042 -41.04 13.87 24.06
C ASN B 1042 -40.40 15.22 24.36
N PRO B 1043 -39.09 15.37 24.19
CA PRO B 1043 -38.44 16.66 24.47
C PRO B 1043 -38.42 17.64 23.31
N CYS B 1044 -38.96 17.26 22.15
CA CYS B 1044 -39.02 18.19 21.03
C CYS B 1044 -39.96 19.36 21.30
N ASP B 1045 -40.87 19.23 22.27
CA ASP B 1045 -41.81 20.29 22.59
C ASP B 1045 -41.70 20.81 24.01
N MET B 1046 -40.98 20.14 24.90
CA MET B 1046 -40.72 20.71 26.22
C MET B 1046 -39.85 21.95 26.13
N VAL B 1047 -38.95 22.01 25.14
CA VAL B 1047 -38.12 23.19 24.96
C VAL B 1047 -38.93 24.38 24.50
N LYS B 1048 -40.12 24.16 23.93
CA LYS B 1048 -40.96 25.27 23.50
C LYS B 1048 -41.51 26.04 24.70
N GLN B 1049 -41.89 25.34 25.76
CA GLN B 1049 -42.36 25.95 27.01
C GLN B 1049 -41.58 25.35 28.16
N PRO B 1050 -40.32 25.73 28.31
CA PRO B 1050 -39.48 25.12 29.35
C PRO B 1050 -39.88 25.59 30.73
N ARG B 1051 -39.53 24.78 31.72
CA ARG B 1051 -39.81 25.13 33.11
C ARG B 1051 -38.99 26.36 33.52
N TYR B 1052 -39.55 27.14 34.43
CA TYR B 1052 -38.88 28.36 34.87
C TYR B 1052 -37.58 28.02 35.60
N ARG B 1053 -36.57 28.84 35.36
CA ARG B 1053 -35.27 28.66 36.00
C ARG B 1053 -34.57 30.00 36.09
N LYS B 1054 -33.58 30.08 36.99
CA LYS B 1054 -32.78 31.27 37.18
C LYS B 1054 -31.31 30.92 36.98
N GLY B 1055 -30.63 31.70 36.14
CA GLY B 1055 -29.25 31.45 35.83
C GLY B 1055 -28.29 32.15 36.77
N PRO B 1056 -27.00 31.79 36.71
CA PRO B 1056 -26.01 32.45 37.56
C PRO B 1056 -25.90 33.92 37.23
N ASP B 1057 -25.66 34.72 38.27
CA ASP B 1057 -25.55 36.16 38.12
C ASP B 1057 -24.14 36.63 37.78
N VAL B 1058 -23.16 35.72 37.80
CA VAL B 1058 -21.79 36.07 37.44
C VAL B 1058 -21.59 35.84 35.95
N CYS B 1059 -20.74 36.66 35.35
CA CYS B 1059 -20.50 36.60 33.91
C CYS B 1059 -19.12 37.19 33.64
N PHE B 1060 -18.17 36.33 33.29
CA PHE B 1060 -16.80 36.74 33.03
C PHE B 1060 -16.47 36.46 31.58
N ASP B 1061 -16.63 37.49 30.74
CA ASP B 1061 -16.28 37.39 29.33
C ASP B 1061 -15.98 38.79 28.81
N ASN B 1062 -15.27 38.84 27.68
CA ASN B 1062 -14.98 40.08 26.98
C ASN B 1062 -14.23 41.07 27.88
N ASN B 1063 -12.99 40.72 28.20
CA ASN B 1063 -12.07 41.62 28.86
C ASN B 1063 -11.18 42.28 27.82
N VAL B 1064 -11.07 43.61 27.88
CA VAL B 1064 -10.29 44.32 26.88
C VAL B 1064 -8.80 44.02 27.01
N LEU B 1065 -8.33 43.71 28.22
CA LEU B 1065 -6.93 43.42 28.45
C LEU B 1065 -6.51 42.04 27.95
N GLU B 1066 -7.46 41.22 27.53
CA GLU B 1066 -7.14 39.88 27.05
C GLU B 1066 -6.24 39.96 25.82
N ASP B 1067 -5.27 39.05 25.74
CA ASP B 1067 -4.28 39.09 24.67
C ASP B 1067 -4.85 38.53 23.37
N TYR B 1068 -5.19 37.24 23.37
CA TYR B 1068 -5.68 36.49 22.21
C TYR B 1068 -4.88 36.79 20.95
N THR B 1069 -3.58 36.99 21.08
CA THR B 1069 -2.73 37.20 19.92
C THR B 1069 -2.19 35.89 19.33
N ASP B 1070 -2.43 34.76 19.99
CA ASP B 1070 -2.03 33.46 19.49
C ASP B 1070 -3.22 32.79 18.80
N CYS B 1071 -3.14 32.71 17.47
CA CYS B 1071 -4.22 32.10 16.70
C CYS B 1071 -4.39 30.63 17.05
N GLY B 1072 -3.29 29.95 17.39
CA GLY B 1072 -3.28 28.52 17.52
C GLY B 1072 -2.85 27.79 16.26
N GLY B 1073 -2.96 28.43 15.11
CA GLY B 1073 -2.54 27.83 13.87
C GLY B 1073 -1.20 28.36 13.40
N VAL B 1074 -0.75 29.46 13.99
CA VAL B 1074 0.58 30.00 13.67
C VAL B 1074 1.67 29.04 14.15
N SER B 1075 1.44 28.37 15.27
CA SER B 1075 2.39 27.41 15.80
C SER B 1075 2.11 25.98 15.34
N GLY B 1076 1.11 25.79 14.48
CA GLY B 1076 0.76 24.47 14.00
C GLY B 1076 0.59 24.40 12.50
N GLU C 38 90.80 -19.19 -75.84
CA GLU C 38 91.56 -17.96 -75.73
C GLU C 38 91.94 -17.67 -74.28
N SER C 39 93.24 -17.45 -74.04
CA SER C 39 93.71 -17.13 -72.71
C SER C 39 93.42 -15.69 -72.32
N ALA C 40 93.35 -14.78 -73.30
CA ALA C 40 93.16 -13.37 -73.00
C ALA C 40 91.81 -13.10 -72.37
N ARG C 41 90.75 -13.75 -72.87
CA ARG C 41 89.42 -13.51 -72.32
C ARG C 41 89.32 -13.96 -70.87
N ARG C 42 89.92 -15.11 -70.55
CA ARG C 42 89.92 -15.57 -69.16
C ARG C 42 90.81 -14.71 -68.28
N GLU C 43 91.96 -14.29 -68.81
CA GLU C 43 92.87 -13.46 -68.02
C GLU C 43 92.26 -12.10 -67.72
N VAL C 44 91.64 -11.46 -68.71
CA VAL C 44 90.99 -10.18 -68.47
C VAL C 44 89.77 -10.36 -67.57
N GLU C 45 89.11 -11.53 -67.63
CA GLU C 45 87.99 -11.79 -66.74
C GLU C 45 88.45 -11.83 -65.29
N SER C 46 89.56 -12.50 -65.01
CA SER C 46 90.12 -12.49 -63.67
C SER C 46 90.65 -11.10 -63.30
N GLN C 47 91.23 -10.40 -64.27
CA GLN C 47 91.70 -9.04 -64.03
C GLN C 47 90.52 -8.13 -63.68
N ALA C 48 89.41 -8.25 -64.40
CA ALA C 48 88.23 -7.46 -64.08
C ALA C 48 87.67 -7.84 -62.71
N GLN C 49 87.62 -9.14 -62.41
CA GLN C 49 87.08 -9.58 -61.12
C GLN C 49 87.93 -9.05 -59.96
N GLN C 50 89.25 -9.07 -60.11
CA GLN C 50 90.11 -8.48 -59.09
C GLN C 50 89.85 -6.99 -58.95
N GLN C 51 89.63 -6.30 -60.08
CA GLN C 51 89.20 -4.92 -60.03
C GLN C 51 87.82 -4.77 -59.40
N LEU C 52 86.92 -5.72 -59.69
CA LEU C 52 85.60 -5.71 -59.05
C LEU C 52 85.72 -5.92 -57.55
N GLU C 53 86.59 -6.85 -57.13
CA GLU C 53 86.75 -7.13 -55.70
C GLU C 53 87.31 -5.92 -54.96
N ARG C 54 88.26 -5.21 -55.57
CA ARG C 54 88.81 -4.00 -54.95
C ARG C 54 87.86 -2.82 -55.04
N ALA C 55 86.77 -2.93 -55.80
CA ALA C 55 85.80 -1.86 -55.96
C ALA C 55 84.67 -1.92 -54.95
N LYS C 56 84.72 -2.85 -54.01
CA LYS C 56 83.71 -2.96 -52.97
C LYS C 56 83.94 -1.99 -51.81
N HIS C 57 85.04 -1.25 -51.82
CA HIS C 57 85.39 -0.30 -50.76
C HIS C 57 85.81 1.03 -51.36
N LYS C 58 85.03 1.53 -52.31
CA LYS C 58 85.35 2.77 -53.00
C LYS C 58 84.17 3.73 -52.93
N PRO C 59 84.43 5.03 -52.94
CA PRO C 59 83.34 6.01 -52.84
C PRO C 59 82.43 5.98 -54.06
N VAL C 60 81.17 6.30 -53.83
CA VAL C 60 80.17 6.38 -54.90
C VAL C 60 80.27 7.73 -55.58
N ALA C 61 80.25 7.74 -56.91
CA ALA C 61 80.35 8.98 -57.67
C ALA C 61 78.98 9.54 -58.01
N PHE C 62 78.16 8.76 -58.69
CA PHE C 62 76.87 9.24 -59.18
C PHE C 62 75.95 8.03 -59.38
N ALA C 63 74.84 8.25 -60.10
CA ALA C 63 73.90 7.18 -60.39
C ALA C 63 73.23 7.45 -61.73
N VAL C 64 72.63 6.41 -62.29
CA VAL C 64 71.95 6.48 -63.58
C VAL C 64 70.56 5.87 -63.46
N ARG C 65 69.71 6.22 -64.41
CA ARG C 65 68.33 5.75 -64.45
C ARG C 65 68.04 5.08 -65.79
N THR C 66 67.35 3.96 -65.74
CA THR C 66 66.96 3.21 -66.93
C THR C 66 65.48 3.42 -67.22
N ASN C 67 65.11 3.19 -68.48
CA ASN C 67 63.71 3.28 -68.89
C ASN C 67 63.29 2.17 -69.85
N VAL C 68 64.16 1.19 -70.10
CA VAL C 68 63.87 0.09 -71.02
C VAL C 68 64.23 -1.22 -70.33
N SER C 69 63.56 -2.29 -70.75
CA SER C 69 63.77 -3.61 -70.19
C SER C 69 64.85 -4.35 -70.97
N TYR C 70 65.83 -4.89 -70.26
CA TYR C 70 66.92 -5.63 -70.89
C TYR C 70 67.57 -6.53 -69.85
N CYS C 71 68.28 -7.55 -70.33
CA CYS C 71 69.00 -8.49 -69.48
C CYS C 71 70.49 -8.34 -69.75
N GLY C 72 71.25 -8.05 -68.70
CA GLY C 72 72.68 -7.83 -68.81
C GLY C 72 73.55 -9.06 -68.69
N VAL C 73 72.96 -10.25 -68.58
CA VAL C 73 73.73 -11.48 -68.44
C VAL C 73 73.79 -12.18 -69.79
N LEU C 74 72.73 -12.06 -70.59
CA LEU C 74 72.68 -12.70 -71.90
C LEU C 74 73.51 -11.96 -72.94
N ASP C 75 73.87 -10.70 -72.68
CA ASP C 75 74.71 -9.96 -73.62
C ASP C 75 76.12 -10.54 -73.66
N GLU C 76 76.70 -10.58 -74.85
CA GLU C 76 78.02 -11.16 -75.05
C GLU C 76 79.14 -10.15 -74.84
N GLU C 77 78.83 -8.88 -74.60
CA GLU C 77 79.84 -7.85 -74.41
C GLU C 77 80.18 -7.61 -72.94
N CYS C 78 79.59 -8.37 -72.03
CA CYS C 78 79.81 -8.13 -70.60
C CYS C 78 81.26 -8.45 -70.24
N PRO C 79 81.96 -7.55 -69.54
CA PRO C 79 83.33 -7.86 -69.12
C PRO C 79 83.42 -9.04 -68.19
N VAL C 80 82.41 -9.25 -67.35
CA VAL C 80 82.36 -10.40 -66.44
C VAL C 80 81.16 -11.25 -66.83
N GLN C 81 81.40 -12.52 -67.12
CA GLN C 81 80.35 -13.43 -67.54
C GLN C 81 79.73 -14.11 -66.32
N GLY C 82 78.42 -14.29 -66.36
CA GLY C 82 77.69 -14.93 -65.29
C GLY C 82 77.29 -14.02 -64.15
N SER C 83 77.68 -12.74 -64.19
CA SER C 83 77.34 -11.78 -63.15
C SER C 83 76.63 -10.57 -63.75
N GLY C 84 75.79 -10.81 -64.76
CA GLY C 84 75.05 -9.74 -65.38
C GLY C 84 73.92 -9.24 -64.49
N VAL C 85 73.33 -8.13 -64.91
CA VAL C 85 72.28 -7.47 -64.16
C VAL C 85 70.94 -7.76 -64.82
N ASN C 86 69.98 -8.23 -64.01
CA ASN C 86 68.62 -8.49 -64.47
C ASN C 86 67.70 -7.32 -64.10
N PHE C 87 68.04 -6.15 -64.64
CA PHE C 87 67.28 -4.94 -64.33
C PHE C 87 66.02 -4.87 -65.18
N GLU C 88 65.12 -3.99 -64.78
CA GLU C 88 63.88 -3.74 -65.51
C GLU C 88 63.71 -2.25 -65.75
N ALA C 89 62.54 -1.84 -66.23
CA ALA C 89 62.28 -0.43 -66.46
C ALA C 89 62.25 0.34 -65.15
N LYS C 90 62.69 1.59 -65.22
CA LYS C 90 62.72 2.50 -64.06
C LYS C 90 63.56 1.91 -62.92
N ASP C 91 64.76 1.46 -63.26
CA ASP C 91 65.70 0.90 -62.29
C ASP C 91 66.90 1.84 -62.15
N PHE C 92 67.38 1.97 -60.92
CA PHE C 92 68.45 2.91 -60.61
C PHE C 92 69.72 2.15 -60.30
N LEU C 93 70.82 2.55 -60.94
CA LEU C 93 72.13 1.94 -60.76
C LEU C 93 73.11 2.99 -60.26
N HIS C 94 73.95 2.60 -59.30
CA HIS C 94 74.87 3.53 -58.63
C HIS C 94 76.28 3.31 -59.21
N ILE C 95 76.62 4.10 -60.22
CA ILE C 95 77.93 4.01 -60.85
C ILE C 95 78.96 4.74 -60.00
N LYS C 96 80.08 4.08 -59.72
CA LYS C 96 81.14 4.65 -58.90
C LYS C 96 82.43 4.92 -59.69
N GLU C 97 82.91 3.93 -60.43
CA GLU C 97 84.19 4.02 -61.13
C GLU C 97 83.95 3.93 -62.64
N LYS C 98 85.04 4.06 -63.40
CA LYS C 98 85.01 4.04 -64.85
C LYS C 98 85.73 2.81 -65.36
N TYR C 99 85.13 2.13 -66.33
CA TYR C 99 85.72 0.94 -66.94
C TYR C 99 86.06 1.14 -68.41
N SER C 100 85.09 1.52 -69.22
CA SER C 100 85.30 1.70 -70.66
C SER C 100 84.19 2.58 -71.20
N ASN C 101 84.16 2.75 -72.52
CA ASN C 101 83.16 3.58 -73.18
C ASN C 101 81.87 2.83 -73.48
N ASP C 102 81.80 1.52 -73.18
CA ASP C 102 80.61 0.73 -73.41
C ASP C 102 80.01 0.13 -72.14
N TRP C 103 80.79 0.00 -71.08
CA TRP C 103 80.31 -0.57 -69.82
C TRP C 103 80.74 0.31 -68.67
N TRP C 104 79.88 0.38 -67.65
CA TRP C 104 80.18 1.12 -66.42
C TRP C 104 79.89 0.23 -65.22
N ILE C 105 80.81 0.26 -64.25
CA ILE C 105 80.61 -0.46 -62.99
C ILE C 105 79.51 0.23 -62.19
N GLY C 106 78.62 -0.57 -61.59
CA GLY C 106 77.53 0.00 -60.84
C GLY C 106 76.93 -1.02 -59.88
N ARG C 107 76.09 -0.52 -58.99
CA ARG C 107 75.39 -1.35 -58.01
C ARG C 107 73.91 -1.01 -58.02
N LEU C 108 73.09 -2.04 -57.78
CA LEU C 108 71.65 -1.87 -57.79
C LEU C 108 71.17 -1.27 -56.47
N VAL C 109 69.85 -1.17 -56.32
CA VAL C 109 69.23 -0.70 -55.08
C VAL C 109 68.68 -1.84 -54.24
N LYS C 110 68.81 -3.08 -54.71
CA LYS C 110 68.32 -4.22 -53.95
C LYS C 110 69.21 -4.50 -52.74
N GLU C 111 68.59 -4.99 -51.67
CA GLU C 111 69.32 -5.33 -50.46
C GLU C 111 70.17 -6.58 -50.69
N GLY C 112 71.45 -6.49 -50.32
CA GLY C 112 72.35 -7.61 -50.47
C GLY C 112 72.73 -7.94 -51.89
N GLY C 113 72.65 -6.96 -52.79
CA GLY C 113 72.98 -7.19 -54.19
C GLY C 113 74.47 -7.27 -54.43
N ASP C 114 74.82 -7.48 -55.70
CA ASP C 114 76.20 -7.63 -56.13
C ASP C 114 76.56 -6.55 -57.14
N ILE C 115 77.86 -6.32 -57.29
CA ILE C 115 78.35 -5.31 -58.22
C ILE C 115 78.21 -5.83 -59.65
N ALA C 116 77.57 -5.02 -60.50
CA ALA C 116 77.31 -5.43 -61.88
C ALA C 116 77.83 -4.38 -62.87
N PHE C 117 77.46 -4.53 -64.14
CA PHE C 117 77.87 -3.61 -65.18
C PHE C 117 76.65 -3.13 -65.95
N ILE C 118 76.74 -1.90 -66.47
CA ILE C 118 75.65 -1.25 -67.16
C ILE C 118 76.15 -0.86 -68.55
N PRO C 119 75.42 -1.15 -69.63
CA PRO C 119 75.84 -0.67 -70.94
C PRO C 119 75.74 0.85 -71.04
N SER C 120 76.67 1.42 -71.80
CA SER C 120 76.64 2.86 -72.03
C SER C 120 75.50 3.23 -72.97
N PRO C 121 75.04 4.49 -72.93
CA PRO C 121 74.04 4.90 -73.92
C PRO C 121 74.50 4.70 -75.35
N GLN C 122 75.78 4.91 -75.63
CA GLN C 122 76.32 4.53 -76.94
C GLN C 122 76.27 3.03 -77.14
N ARG C 123 76.64 2.26 -76.11
CA ARG C 123 76.51 0.81 -76.17
C ARG C 123 75.04 0.40 -76.24
N LEU C 124 74.19 1.07 -75.47
CA LEU C 124 72.76 0.80 -75.56
C LEU C 124 72.21 1.14 -76.94
N GLU C 125 72.80 2.14 -77.60
CA GLU C 125 72.40 2.46 -78.97
C GLU C 125 72.76 1.33 -79.94
N SER C 126 73.85 0.61 -79.65
CA SER C 126 74.22 -0.51 -80.51
C SER C 126 73.31 -1.71 -80.29
N ILE C 127 72.93 -1.97 -79.04
CA ILE C 127 72.11 -3.14 -78.76
C ILE C 127 70.63 -2.90 -79.08
N ARG C 128 70.18 -1.64 -79.06
CA ARG C 128 68.80 -1.35 -79.44
C ARG C 128 68.59 -1.50 -80.95
N LEU C 129 69.64 -1.27 -81.74
CA LEU C 129 69.52 -1.47 -83.19
C LEU C 129 69.36 -2.95 -83.53
N LYS C 130 69.88 -3.84 -82.68
CA LYS C 130 69.71 -5.27 -82.91
C LYS C 130 68.27 -5.72 -82.69
N GLN C 131 67.52 -5.02 -81.84
CA GLN C 131 66.13 -5.40 -81.59
C GLN C 131 65.27 -5.22 -82.84
N GLU C 132 65.42 -4.10 -83.53
CA GLU C 132 64.58 -3.79 -84.68
C GLU C 132 65.10 -4.37 -85.99
N GLN C 133 66.27 -5.01 -85.98
CA GLN C 133 66.78 -5.65 -87.19
C GLN C 133 66.37 -7.11 -87.30
N LYS C 134 65.97 -7.74 -86.20
CA LYS C 134 65.55 -9.15 -86.24
C LYS C 134 64.22 -9.32 -86.97
N ALA C 135 63.43 -8.25 -87.10
CA ALA C 135 62.15 -8.34 -87.80
C ALA C 135 62.39 -8.44 -89.31
N ARG C 136 61.29 -8.49 -90.06
CA ARG C 136 61.39 -8.59 -91.51
C ARG C 136 62.04 -7.35 -92.11
N ARG C 137 61.70 -6.17 -91.61
CA ARG C 137 62.28 -4.92 -92.09
C ARG C 137 62.32 -3.92 -90.94
N SER C 138 63.16 -2.91 -91.10
CA SER C 138 63.27 -1.83 -90.12
C SER C 138 63.11 -0.44 -90.72
N GLY C 139 63.14 -0.29 -92.04
CA GLY C 139 62.98 1.01 -92.67
C GLY C 139 61.67 1.16 -93.41
N ASN C 140 61.72 1.80 -94.58
CA ASN C 140 60.52 2.03 -95.38
C ASN C 140 59.97 0.82 -96.15
N PRO C 141 60.79 -0.14 -96.66
CA PRO C 141 60.26 -1.07 -97.66
C PRO C 141 59.41 -2.16 -97.02
N SER C 142 58.12 -2.16 -97.34
CA SER C 142 57.24 -3.22 -96.86
C SER C 142 57.56 -4.53 -97.57
N SER C 143 57.54 -5.62 -96.80
CA SER C 143 57.86 -6.95 -97.31
C SER C 143 56.62 -7.80 -97.52
N LEU C 144 55.53 -7.20 -97.98
CA LEU C 144 54.26 -7.89 -98.19
C LEU C 144 54.31 -8.58 -99.56
N SER C 145 54.96 -9.74 -99.58
CA SER C 145 55.07 -10.57 -100.79
C SER C 145 55.66 -9.78 -101.96
N ASP C 146 56.67 -8.97 -101.67
CA ASP C 146 57.37 -8.16 -102.68
C ASP C 146 58.86 -8.32 -102.45
N ILE C 147 59.45 -9.34 -103.09
CA ILE C 147 60.87 -9.64 -102.97
C ILE C 147 61.44 -9.82 -104.36
N GLY C 148 62.60 -9.20 -104.62
CA GLY C 148 63.31 -9.36 -105.86
C GLY C 148 63.18 -8.20 -106.83
N ASN C 149 62.32 -7.23 -106.57
CA ASN C 149 62.12 -6.10 -107.47
C ASN C 149 62.72 -4.81 -106.92
N ARG C 150 62.39 -4.45 -105.69
CA ARG C 150 62.88 -3.21 -105.07
C ARG C 150 63.80 -3.59 -103.91
N ARG C 151 65.12 -3.48 -104.13
CA ARG C 151 66.07 -3.76 -103.05
C ARG C 151 65.90 -2.78 -101.91
N SER C 152 65.70 -1.50 -102.22
CA SER C 152 65.45 -0.44 -101.25
C SER C 152 66.50 -0.40 -100.15
N PRO C 153 67.71 0.07 -100.44
CA PRO C 153 68.73 0.17 -99.40
C PRO C 153 68.26 1.09 -98.28
N PRO C 154 68.63 0.80 -97.04
CA PRO C 154 68.14 1.59 -95.90
C PRO C 154 68.63 3.02 -95.99
N PRO C 155 67.71 4.00 -95.99
CA PRO C 155 68.12 5.40 -96.01
C PRO C 155 68.46 5.91 -94.61
N SER C 156 68.74 7.21 -94.50
CA SER C 156 69.05 7.79 -93.20
C SER C 156 67.86 7.74 -92.25
N LEU C 157 66.63 7.68 -92.77
CA LEU C 157 65.46 7.59 -91.90
C LEU C 157 65.37 6.26 -91.17
N ALA C 158 66.05 5.22 -91.67
CA ALA C 158 66.03 3.92 -91.03
C ALA C 158 67.04 3.81 -89.89
N LYS C 159 67.84 4.84 -89.66
CA LYS C 159 68.86 4.84 -88.62
C LYS C 159 68.48 5.88 -87.55
N GLN C 160 69.35 6.05 -86.57
CA GLN C 160 69.13 6.97 -85.47
C GLN C 160 69.54 8.40 -85.79
N LYS C 161 70.11 8.65 -86.96
CA LYS C 161 70.43 10.02 -87.35
C LYS C 161 69.17 10.87 -87.47
N GLN C 162 68.11 10.30 -88.04
CA GLN C 162 66.84 10.99 -88.19
C GLN C 162 66.01 10.80 -86.91
N LYS C 163 64.73 11.13 -86.98
CA LYS C 163 63.81 11.02 -85.84
C LYS C 163 64.30 11.81 -84.64
N GLN C 164 64.76 13.03 -84.90
CA GLN C 164 65.31 13.91 -83.87
C GLN C 164 64.31 14.97 -83.41
N ALA C 165 63.04 14.83 -83.77
CA ALA C 165 62.03 15.79 -83.31
C ALA C 165 61.90 15.76 -81.79
N GLU C 166 61.92 14.57 -81.19
CA GLU C 166 61.85 14.43 -79.74
C GLU C 166 63.17 13.95 -79.16
N HIS C 167 63.68 12.81 -79.64
CA HIS C 167 64.97 12.26 -79.23
C HIS C 167 65.05 12.08 -77.72
N VAL C 168 64.19 11.19 -77.21
CA VAL C 168 64.16 10.89 -75.78
C VAL C 168 65.45 10.19 -75.39
N PRO C 169 66.20 10.69 -74.41
CA PRO C 169 67.47 10.07 -74.04
C PRO C 169 67.24 8.71 -73.40
N PRO C 170 67.96 7.68 -73.85
CA PRO C 170 67.81 6.35 -73.23
C PRO C 170 68.16 6.33 -71.75
N TYR C 171 69.17 7.10 -71.33
CA TYR C 171 69.62 7.10 -69.95
C TYR C 171 69.63 8.53 -69.43
N ASP C 172 69.06 8.73 -68.24
CA ASP C 172 69.03 10.03 -67.58
C ASP C 172 69.85 9.96 -66.30
N VAL C 173 70.82 10.87 -66.18
CA VAL C 173 71.68 10.89 -65.00
C VAL C 173 70.89 11.34 -63.79
N VAL C 174 71.11 10.67 -62.66
CA VAL C 174 70.34 10.92 -61.44
C VAL C 174 71.30 11.05 -60.27
N PRO C 175 70.86 11.72 -59.20
CA PRO C 175 71.68 11.80 -57.99
C PRO C 175 71.87 10.44 -57.31
N SER C 176 72.62 10.41 -56.22
CA SER C 176 72.94 9.15 -55.55
C SER C 176 71.68 8.42 -55.08
N MET C 177 70.74 9.15 -54.48
CA MET C 177 69.47 8.59 -54.08
C MET C 177 68.34 9.53 -54.51
N ARG C 178 67.17 8.96 -54.71
CA ARG C 178 66.02 9.75 -55.08
C ARG C 178 65.53 10.54 -53.86
N PRO C 179 65.34 11.85 -53.98
CA PRO C 179 64.88 12.63 -52.82
C PRO C 179 63.48 12.24 -52.39
N VAL C 180 63.20 12.45 -51.10
CA VAL C 180 61.88 12.16 -50.52
C VAL C 180 61.22 13.48 -50.18
N VAL C 181 59.98 13.65 -50.66
CA VAL C 181 59.23 14.89 -50.46
C VAL C 181 57.80 14.54 -50.04
N LEU C 182 57.13 15.51 -49.44
CA LEU C 182 55.75 15.38 -48.98
C LEU C 182 54.84 16.12 -49.94
N VAL C 183 53.80 15.44 -50.40
CA VAL C 183 52.83 16.01 -51.34
C VAL C 183 51.44 15.90 -50.73
N GLY C 184 50.65 16.96 -50.87
CA GLY C 184 49.30 16.99 -50.36
C GLY C 184 49.24 17.36 -48.90
N PRO C 185 48.04 17.30 -48.31
CA PRO C 185 46.80 16.93 -49.00
C PRO C 185 46.07 18.14 -49.59
N SER C 186 46.71 19.31 -49.55
CA SER C 186 46.12 20.54 -50.06
C SER C 186 47.23 21.51 -50.40
N LEU C 187 46.86 22.77 -50.64
CA LEU C 187 47.84 23.79 -51.03
C LEU C 187 48.84 24.01 -49.91
N LYS C 188 50.12 24.05 -50.27
CA LYS C 188 51.17 24.27 -49.29
C LYS C 188 51.20 25.73 -48.86
N GLY C 189 51.76 25.96 -47.67
CA GLY C 189 51.90 27.28 -47.11
C GLY C 189 50.76 27.69 -46.19
N TYR C 190 49.62 27.03 -46.28
CA TYR C 190 48.49 27.35 -45.41
C TYR C 190 48.77 26.85 -43.99
N GLU C 191 47.96 27.35 -43.05
CA GLU C 191 48.14 26.95 -41.66
C GLU C 191 47.86 25.46 -41.48
N VAL C 192 46.87 24.92 -42.16
CA VAL C 192 46.52 23.51 -42.00
C VAL C 192 47.57 22.61 -42.63
N THR C 193 48.12 23.01 -43.79
CA THR C 193 48.99 22.11 -44.55
C THR C 193 50.47 22.28 -44.19
N ASP C 194 50.96 23.51 -44.12
CA ASP C 194 52.37 23.72 -43.79
C ASP C 194 52.68 23.19 -42.39
N MET C 195 51.77 23.41 -41.44
CA MET C 195 51.98 22.97 -40.06
C MET C 195 51.93 21.45 -39.93
N MET C 196 51.07 20.77 -40.69
CA MET C 196 50.98 19.32 -40.58
C MET C 196 52.27 18.65 -41.08
N GLN C 197 52.75 19.07 -42.24
CA GLN C 197 54.00 18.55 -42.76
C GLN C 197 55.20 18.98 -41.92
N LYS C 198 55.10 20.15 -41.26
CA LYS C 198 56.17 20.58 -40.36
C LYS C 198 56.34 19.60 -39.21
N ALA C 199 55.23 19.05 -38.71
CA ALA C 199 55.31 18.12 -37.59
C ALA C 199 56.08 16.86 -37.96
N LEU C 200 56.01 16.44 -39.22
CA LEU C 200 56.76 15.26 -39.65
C LEU C 200 58.27 15.49 -39.52
N PHE C 201 58.74 16.66 -39.98
CA PHE C 201 60.17 16.93 -40.03
C PHE C 201 60.80 16.97 -38.65
N ASP C 202 60.01 17.23 -37.60
CA ASP C 202 60.55 17.16 -36.25
C ASP C 202 60.97 15.74 -35.90
N PHE C 203 60.18 14.75 -36.30
CA PHE C 203 60.53 13.35 -36.02
C PHE C 203 61.64 12.87 -36.94
N LEU C 204 61.61 13.29 -38.20
CA LEU C 204 62.61 12.82 -39.16
C LEU C 204 64.01 13.24 -38.75
N LYS C 205 64.17 14.49 -38.30
CA LYS C 205 65.49 14.96 -37.87
C LYS C 205 65.95 14.23 -36.62
N HIS C 206 65.04 14.05 -35.65
CA HIS C 206 65.43 13.41 -34.39
C HIS C 206 65.92 11.98 -34.61
N ARG C 207 65.23 11.23 -35.46
CA ARG C 207 65.62 9.85 -35.70
C ARG C 207 66.88 9.75 -36.54
N PHE C 208 67.06 10.67 -37.49
CA PHE C 208 68.11 10.58 -38.50
C PHE C 208 69.12 11.71 -38.39
N ASP C 209 69.54 12.03 -37.18
CA ASP C 209 70.61 13.00 -36.98
C ASP C 209 71.92 12.47 -37.55
N GLY C 210 72.66 13.36 -38.22
CA GLY C 210 73.95 13.01 -38.78
C GLY C 210 73.90 12.27 -40.10
N ARG C 211 72.70 12.03 -40.64
CA ARG C 211 72.57 11.33 -41.91
C ARG C 211 71.64 12.02 -42.91
N ILE C 212 70.72 12.88 -42.46
CA ILE C 212 69.86 13.65 -43.33
C ILE C 212 69.95 15.11 -42.93
N SER C 213 69.62 15.98 -43.89
CA SER C 213 69.65 17.42 -43.67
C SER C 213 68.35 18.03 -44.15
N ILE C 214 67.87 19.04 -43.43
CA ILE C 214 66.63 19.73 -43.76
C ILE C 214 66.99 21.02 -44.48
N THR C 215 66.39 21.22 -45.66
CA THR C 215 66.63 22.40 -46.48
C THR C 215 65.31 22.95 -46.98
N ARG C 216 65.15 24.27 -46.90
CA ARG C 216 63.95 24.93 -47.38
C ARG C 216 64.18 25.39 -48.82
N VAL C 217 63.42 24.83 -49.75
CA VAL C 217 63.57 25.12 -51.17
C VAL C 217 62.72 26.36 -51.47
N THR C 218 63.36 27.52 -51.51
CA THR C 218 62.64 28.75 -51.80
C THR C 218 62.28 28.87 -53.27
N ALA C 219 63.18 28.49 -54.16
CA ALA C 219 62.96 28.62 -55.59
C ALA C 219 62.02 27.53 -56.10
N ASP C 220 61.41 27.80 -57.25
CA ASP C 220 60.53 26.84 -57.89
C ASP C 220 61.35 25.68 -58.47
N LEU C 221 60.70 24.53 -58.59
CA LEU C 221 61.33 23.33 -59.12
C LEU C 221 60.54 22.67 -60.25
N SER C 222 59.27 23.03 -60.44
CA SER C 222 58.44 22.38 -61.46
C SER C 222 58.85 22.75 -62.88
N LEU C 223 59.73 23.73 -63.05
CA LEU C 223 60.15 24.18 -64.38
C LEU C 223 61.54 23.69 -64.74
N ALA C 224 61.91 22.50 -64.27
CA ALA C 224 63.23 21.92 -64.57
C ALA C 224 63.18 21.29 -65.95
N LYS C 225 63.71 21.98 -66.94
CA LYS C 225 63.74 21.51 -68.32
C LYS C 225 65.17 21.21 -68.75
N ARG C 226 65.29 20.21 -69.63
CA ARG C 226 66.60 19.75 -70.10
C ARG C 226 66.79 19.87 -71.60
N SER C 227 65.73 19.73 -72.38
CA SER C 227 65.81 19.75 -73.84
C SER C 227 65.19 21.02 -74.43
N VAL C 228 65.37 22.14 -73.74
CA VAL C 228 64.87 23.42 -74.24
C VAL C 228 65.95 24.16 -75.03
N LEU C 229 67.14 24.29 -74.46
CA LEU C 229 68.24 24.97 -75.13
C LEU C 229 69.53 24.50 -74.48
N ASN C 230 70.66 24.84 -75.13
CA ASN C 230 71.96 24.45 -74.62
C ASN C 230 72.23 25.06 -73.25
N ASN C 231 71.90 26.34 -73.07
CA ASN C 231 72.08 27.02 -71.79
C ASN C 231 71.19 28.24 -71.72
N PRO C 232 69.89 28.08 -71.41
CA PRO C 232 69.00 29.24 -71.33
C PRO C 232 69.34 30.11 -70.13
N GLY C 233 69.39 31.42 -70.36
CA GLY C 233 69.71 32.36 -69.29
C GLY C 233 71.10 32.17 -68.71
N LYS C 234 72.09 31.92 -69.57
CA LYS C 234 73.45 31.70 -69.09
C LYS C 234 74.03 32.97 -68.46
N ARG C 235 73.73 34.13 -69.04
CA ARG C 235 74.24 35.40 -68.56
C ARG C 235 73.09 36.29 -68.09
N THR C 236 73.40 37.16 -67.13
CA THR C 236 72.41 38.05 -66.54
C THR C 236 72.37 39.42 -67.21
N ILE C 237 73.21 39.66 -68.22
CA ILE C 237 73.24 40.94 -68.92
C ILE C 237 72.66 40.82 -70.32
N ILE C 238 72.08 39.67 -70.66
CA ILE C 238 71.48 39.50 -71.99
C ILE C 238 70.25 40.39 -72.15
N GLU C 239 69.61 40.77 -71.04
CA GLU C 239 68.38 41.55 -71.07
C GLU C 239 67.29 40.83 -71.87
N ARG C 240 67.23 39.51 -71.72
CA ARG C 240 66.25 38.68 -72.39
C ARG C 240 65.10 38.35 -71.45
N SER C 241 64.04 37.77 -72.01
CA SER C 241 62.90 37.36 -71.20
C SER C 241 63.28 36.28 -70.20
N SER C 242 64.06 35.29 -70.65
CA SER C 242 64.51 34.23 -69.75
C SER C 242 65.62 34.70 -68.83
N ALA C 243 66.53 35.53 -69.33
CA ALA C 243 67.68 35.97 -68.54
C ALA C 243 67.23 36.82 -67.35
N ARG C 244 66.30 37.73 -67.57
CA ARG C 244 65.85 38.64 -66.51
C ARG C 244 64.84 38.01 -65.57
N SER C 245 64.26 36.88 -65.94
CA SER C 245 63.26 36.23 -65.09
C SER C 245 63.96 35.41 -64.00
N SER C 246 63.20 34.58 -63.30
CA SER C 246 63.71 33.75 -62.23
C SER C 246 64.14 32.36 -62.70
N ILE C 247 64.15 32.12 -64.01
CA ILE C 247 64.53 30.81 -64.53
C ILE C 247 65.98 30.50 -64.20
N ALA C 248 66.84 31.54 -64.22
CA ALA C 248 68.26 31.33 -63.94
C ALA C 248 68.48 30.81 -62.52
N GLU C 249 67.71 31.33 -61.55
CA GLU C 249 67.86 30.90 -60.17
C GLU C 249 67.51 29.43 -59.99
N VAL C 250 66.63 28.89 -60.85
CA VAL C 250 66.17 27.52 -60.69
C VAL C 250 67.33 26.54 -60.82
N GLN C 251 68.19 26.74 -61.81
CA GLN C 251 69.28 25.80 -62.04
C GLN C 251 70.28 25.80 -60.89
N SER C 252 70.44 26.94 -60.21
CA SER C 252 71.33 26.99 -59.06
C SER C 252 70.85 26.06 -57.94
N GLU C 253 69.54 26.06 -57.67
CA GLU C 253 68.99 25.16 -56.67
C GLU C 253 69.07 23.71 -57.13
N ILE C 254 68.87 23.47 -58.42
CA ILE C 254 68.95 22.11 -58.95
C ILE C 254 70.36 21.55 -58.78
N GLU C 255 71.37 22.36 -59.11
CA GLU C 255 72.75 21.92 -58.92
C GLU C 255 73.10 21.77 -57.45
N ARG C 256 72.46 22.55 -56.58
CA ARG C 256 72.66 22.39 -55.14
C ARG C 256 72.16 21.03 -54.67
N ILE C 257 71.05 20.56 -55.24
CA ILE C 257 70.54 19.24 -54.89
C ILE C 257 71.51 18.15 -55.36
N PHE C 258 72.08 18.32 -56.56
CA PHE C 258 73.03 17.32 -57.06
C PHE C 258 74.24 17.19 -56.15
N GLU C 259 74.76 18.31 -55.67
CA GLU C 259 75.96 18.28 -54.83
C GLU C 259 75.66 17.66 -53.48
N LEU C 260 74.57 18.08 -52.83
CA LEU C 260 74.25 17.55 -51.51
C LEU C 260 73.91 16.07 -51.57
N ALA C 261 73.15 15.65 -52.59
CA ALA C 261 72.82 14.24 -52.73
C ALA C 261 74.04 13.41 -53.12
N LYS C 262 75.05 14.02 -53.74
CA LYS C 262 76.26 13.30 -54.10
C LYS C 262 77.04 12.82 -52.88
N SER C 263 76.81 13.43 -51.71
CA SER C 263 77.51 13.06 -50.49
C SER C 263 76.92 11.82 -49.82
N LEU C 264 76.09 11.05 -50.53
CA LEU C 264 75.49 9.82 -50.04
C LEU C 264 74.58 10.08 -48.83
N GLN C 265 74.05 11.30 -48.72
CA GLN C 265 73.12 11.65 -47.65
C GLN C 265 71.80 12.10 -48.25
N LEU C 266 70.71 11.81 -47.54
CA LEU C 266 69.38 12.19 -48.01
C LEU C 266 69.19 13.70 -47.90
N VAL C 267 68.17 14.19 -48.59
CA VAL C 267 67.81 15.60 -48.59
C VAL C 267 66.36 15.74 -48.17
N VAL C 268 66.09 16.67 -47.26
CA VAL C 268 64.74 16.98 -46.82
C VAL C 268 64.37 18.35 -47.34
N LEU C 269 63.30 18.43 -48.13
CA LEU C 269 62.91 19.64 -48.83
C LEU C 269 61.55 20.11 -48.33
N ASP C 270 61.35 21.42 -48.36
CA ASP C 270 60.10 22.05 -47.94
C ASP C 270 59.65 23.07 -48.99
N ALA C 271 59.65 22.65 -50.24
CA ALA C 271 59.16 23.52 -51.32
C ALA C 271 57.66 23.73 -51.18
N ASP C 272 57.23 24.97 -51.42
CA ASP C 272 55.83 25.35 -51.28
C ASP C 272 55.19 25.71 -52.62
N THR C 273 55.63 25.06 -53.70
CA THR C 273 55.06 25.28 -55.02
C THR C 273 54.69 23.98 -55.73
N ILE C 274 54.84 22.84 -55.08
CA ILE C 274 54.52 21.54 -55.66
C ILE C 274 53.37 20.94 -54.87
N ASN C 275 52.26 20.66 -55.55
CA ASN C 275 51.08 20.11 -54.90
C ASN C 275 50.60 18.81 -55.51
N HIS C 276 51.11 18.42 -56.68
CA HIS C 276 50.71 17.19 -57.34
C HIS C 276 51.94 16.44 -57.83
N PRO C 277 51.88 15.10 -57.85
CA PRO C 277 53.03 14.32 -58.32
C PRO C 277 53.36 14.53 -59.79
N ALA C 278 52.41 15.00 -60.59
CA ALA C 278 52.65 15.18 -62.02
C ALA C 278 53.70 16.24 -62.31
N GLN C 279 53.96 17.14 -61.35
CA GLN C 279 54.92 18.21 -61.56
C GLN C 279 56.36 17.76 -61.38
N LEU C 280 56.59 16.51 -60.97
CA LEU C 280 57.93 15.98 -60.82
C LEU C 280 58.14 14.63 -61.52
N ALA C 281 57.10 14.06 -62.11
CA ALA C 281 57.25 12.77 -62.80
C ALA C 281 58.10 12.92 -64.05
N LYS C 282 57.82 13.92 -64.87
CA LYS C 282 58.62 14.16 -66.06
C LYS C 282 59.99 14.73 -65.73
N THR C 283 60.17 15.30 -64.54
CA THR C 283 61.46 15.82 -64.14
C THR C 283 62.47 14.70 -63.99
N SER C 284 63.71 14.96 -64.42
CA SER C 284 64.76 13.95 -64.36
C SER C 284 65.14 13.61 -62.93
N LEU C 285 64.78 14.44 -61.96
CA LEU C 285 65.08 14.14 -60.56
C LEU C 285 64.27 12.94 -60.07
N ALA C 286 62.97 12.93 -60.37
CA ALA C 286 62.07 11.86 -59.99
C ALA C 286 62.14 11.52 -58.49
N PRO C 287 61.74 12.44 -57.62
CA PRO C 287 61.78 12.17 -56.18
C PRO C 287 60.76 11.12 -55.77
N ILE C 288 61.04 10.46 -54.63
CA ILE C 288 60.07 9.58 -54.01
C ILE C 288 58.86 10.39 -53.56
N ILE C 289 57.67 9.92 -53.92
CA ILE C 289 56.43 10.56 -53.52
C ILE C 289 55.98 9.94 -52.21
N VAL C 290 56.04 10.72 -51.13
CA VAL C 290 55.51 10.33 -49.83
C VAL C 290 54.16 10.99 -49.68
N PHE C 291 53.10 10.19 -49.64
CA PHE C 291 51.73 10.70 -49.71
C PHE C 291 51.13 10.76 -48.31
N VAL C 292 50.61 11.92 -47.95
CA VAL C 292 49.80 12.11 -46.76
C VAL C 292 48.42 12.54 -47.21
N LYS C 293 47.39 11.84 -46.73
CA LYS C 293 46.04 12.06 -47.22
C LYS C 293 45.05 12.02 -46.08
N VAL C 294 43.94 12.72 -46.26
CA VAL C 294 42.82 12.67 -45.32
C VAL C 294 42.01 11.41 -45.61
N SER C 295 41.51 10.79 -44.55
CA SER C 295 40.76 9.55 -44.73
C SER C 295 39.49 9.77 -45.54
N SER C 296 38.76 10.84 -45.25
CA SER C 296 37.52 11.14 -45.95
C SER C 296 37.44 12.63 -46.24
N PRO C 297 36.88 13.01 -47.40
CA PRO C 297 36.72 14.44 -47.68
C PRO C 297 35.81 15.16 -46.70
N LYS C 298 34.82 14.46 -46.14
CA LYS C 298 33.89 15.11 -45.22
C LYS C 298 34.60 15.59 -43.96
N VAL C 299 35.50 14.77 -43.41
CA VAL C 299 36.23 15.17 -42.21
C VAL C 299 37.30 16.21 -42.54
N LEU C 300 37.70 16.31 -43.81
CA LEU C 300 38.73 17.27 -44.19
C LEU C 300 38.26 18.71 -43.93
N GLN C 301 37.02 19.01 -44.30
CA GLN C 301 36.51 20.37 -44.09
C GLN C 301 36.26 20.66 -42.61
N ARG C 302 36.09 19.63 -41.79
CA ARG C 302 36.01 19.84 -40.34
C ARG C 302 37.32 20.36 -39.78
N LEU C 303 38.45 19.93 -40.38
CA LEU C 303 39.75 20.40 -39.92
C LEU C 303 39.89 21.90 -40.11
N ILE C 304 39.43 22.43 -41.25
CA ILE C 304 39.57 23.85 -41.53
C ILE C 304 38.73 24.69 -40.58
N ARG C 305 37.53 24.22 -40.25
CA ARG C 305 36.64 24.98 -39.38
C ARG C 305 37.17 25.09 -37.96
N SER C 306 38.16 24.29 -37.59
CA SER C 306 38.73 24.31 -36.24
C SER C 306 39.98 25.16 -36.13
N ARG C 307 40.37 25.87 -37.18
CA ARG C 307 41.59 26.66 -37.18
C ARG C 307 41.32 28.15 -36.93
N GLY C 308 40.50 28.76 -37.78
CA GLY C 308 40.20 30.18 -37.63
C GLY C 308 39.60 30.74 -38.89
N LYS C 309 39.01 31.93 -38.74
CA LYS C 309 38.26 32.54 -39.84
C LYS C 309 39.12 32.72 -41.09
N SER C 310 40.41 32.95 -40.94
CA SER C 310 41.27 33.08 -42.10
C SER C 310 41.34 31.79 -42.90
N GLN C 311 41.19 30.64 -42.23
CA GLN C 311 41.30 29.36 -42.92
C GLN C 311 40.05 29.02 -43.73
N MET C 312 38.86 29.32 -43.23
CA MET C 312 37.65 29.06 -44.01
C MET C 312 37.58 29.93 -45.26
N LYS C 313 38.32 31.04 -45.29
CA LYS C 313 38.41 31.82 -46.52
C LYS C 313 39.15 31.06 -47.61
N HIS C 314 40.16 30.27 -47.24
CA HIS C 314 40.90 29.45 -48.18
C HIS C 314 40.34 28.03 -48.30
N LEU C 315 39.27 27.71 -47.56
CA LEU C 315 38.68 26.38 -47.65
C LEU C 315 38.07 26.14 -49.04
N THR C 316 37.63 27.20 -49.71
CA THR C 316 37.00 27.04 -51.01
C THR C 316 37.96 26.45 -52.04
N VAL C 317 39.21 26.91 -52.03
CA VAL C 317 40.21 26.37 -52.96
C VAL C 317 40.89 25.13 -52.41
N GLN C 318 40.90 24.94 -51.09
CA GLN C 318 41.55 23.77 -50.51
C GLN C 318 40.87 22.47 -50.93
N MET C 319 39.54 22.46 -50.96
CA MET C 319 38.81 21.26 -51.34
C MET C 319 39.03 20.91 -52.80
N MET C 320 39.15 21.92 -53.67
CA MET C 320 39.32 21.68 -55.09
C MET C 320 40.62 20.93 -55.38
N ALA C 321 41.70 21.27 -54.66
CA ALA C 321 42.96 20.57 -54.87
C ALA C 321 42.91 19.14 -54.34
N TYR C 322 42.12 18.90 -53.29
CA TYR C 322 42.07 17.57 -52.67
C TYR C 322 41.51 16.53 -53.62
N ASP C 323 40.42 16.86 -54.33
CA ASP C 323 39.81 15.90 -55.23
C ASP C 323 40.72 15.56 -56.41
N LYS C 324 41.43 16.56 -56.93
CA LYS C 324 42.34 16.33 -58.05
C LYS C 324 43.55 15.49 -57.66
N LEU C 325 43.76 15.25 -56.38
CA LEU C 325 44.94 14.54 -55.91
C LEU C 325 44.66 13.10 -55.52
N VAL C 326 43.46 12.79 -55.01
CA VAL C 326 43.18 11.45 -54.51
C VAL C 326 43.12 10.44 -55.65
N GLN C 327 42.55 10.83 -56.79
CA GLN C 327 42.36 9.91 -57.91
C GLN C 327 43.64 9.67 -58.71
N CYS C 328 44.80 10.09 -58.21
CA CYS C 328 46.04 9.81 -58.88
C CYS C 328 46.33 8.31 -58.84
N PRO C 329 47.00 7.78 -59.86
CA PRO C 329 47.22 6.34 -59.92
C PRO C 329 48.09 5.88 -58.75
N PRO C 330 47.84 4.66 -58.25
CA PRO C 330 48.65 4.16 -57.13
C PRO C 330 50.13 4.04 -57.44
N GLU C 331 50.49 3.71 -58.69
CA GLU C 331 51.90 3.57 -59.04
C GLU C 331 52.64 4.90 -59.00
N SER C 332 51.94 6.02 -59.01
CA SER C 332 52.57 7.32 -58.84
C SER C 332 52.98 7.58 -57.39
N PHE C 333 52.50 6.78 -56.45
CA PHE C 333 52.83 6.92 -55.04
C PHE C 333 53.76 5.80 -54.62
N ASP C 334 54.81 6.15 -53.87
CA ASP C 334 55.74 5.16 -53.33
C ASP C 334 55.56 4.94 -51.84
N VAL C 335 55.22 6.00 -51.09
CA VAL C 335 54.98 5.92 -49.65
C VAL C 335 53.60 6.49 -49.37
N ILE C 336 52.84 5.79 -48.53
CA ILE C 336 51.48 6.20 -48.17
C ILE C 336 51.45 6.51 -46.67
N LEU C 337 50.61 7.47 -46.30
CA LEU C 337 50.41 7.84 -44.90
C LEU C 337 48.95 8.28 -44.75
N ASP C 338 48.09 7.33 -44.36
CA ASP C 338 46.67 7.60 -44.19
C ASP C 338 46.15 7.23 -42.81
N GLU C 339 46.99 6.74 -41.92
CA GLU C 339 46.56 6.39 -40.57
C GLU C 339 46.20 7.64 -39.78
N ASN C 340 45.22 7.50 -38.90
CA ASN C 340 44.78 8.59 -38.04
C ASN C 340 45.62 8.75 -36.79
N GLN C 341 46.65 7.92 -36.61
CA GLN C 341 47.52 7.97 -35.44
C GLN C 341 48.90 8.47 -35.82
N LEU C 342 49.45 9.36 -34.98
CA LEU C 342 50.76 9.92 -35.26
C LEU C 342 51.84 8.86 -35.25
N GLU C 343 51.79 7.93 -34.30
CA GLU C 343 52.86 6.94 -34.15
C GLU C 343 52.97 6.05 -35.38
N ASP C 344 51.84 5.59 -35.91
CA ASP C 344 51.88 4.77 -37.12
C ASP C 344 52.26 5.60 -38.33
N ALA C 345 52.08 6.92 -38.27
CA ALA C 345 52.52 7.78 -39.36
C ALA C 345 54.04 7.90 -39.37
N CYS C 346 54.65 7.98 -38.20
CA CYS C 346 56.10 8.15 -38.13
C CYS C 346 56.84 6.87 -38.54
N GLU C 347 56.39 5.72 -38.03
CA GLU C 347 57.14 4.49 -38.25
C GLU C 347 56.97 3.96 -39.67
N HIS C 348 55.86 4.29 -40.34
CA HIS C 348 55.69 3.89 -41.73
C HIS C 348 56.75 4.54 -42.60
N LEU C 349 57.03 5.83 -42.38
CA LEU C 349 58.07 6.51 -43.12
C LEU C 349 59.46 6.12 -42.62
N ALA C 350 59.60 5.91 -41.31
CA ALA C 350 60.90 5.54 -40.75
C ALA C 350 61.37 4.19 -41.25
N GLU C 351 60.45 3.22 -41.34
CA GLU C 351 60.82 1.90 -41.84
C GLU C 351 61.30 1.99 -43.29
N TYR C 352 60.60 2.76 -44.12
CA TYR C 352 61.02 2.92 -45.51
C TYR C 352 62.35 3.64 -45.60
N LEU C 353 62.56 4.67 -44.78
CA LEU C 353 63.83 5.39 -44.79
C LEU C 353 64.97 4.49 -44.31
N GLU C 354 64.73 3.69 -43.28
CA GLU C 354 65.74 2.74 -42.82
C GLU C 354 66.05 1.71 -43.90
N VAL C 355 65.02 1.24 -44.60
CA VAL C 355 65.23 0.29 -45.69
C VAL C 355 66.01 0.94 -46.83
N TYR C 356 65.64 2.16 -47.20
CA TYR C 356 66.34 2.85 -48.29
C TYR C 356 67.79 3.17 -47.91
N TRP C 357 68.03 3.54 -46.66
CA TRP C 357 69.39 3.84 -46.23
C TRP C 357 70.29 2.62 -46.33
N ARG C 358 69.79 1.46 -45.91
CA ARG C 358 70.54 0.21 -46.01
C ARG C 358 70.55 -0.35 -47.43
N ALA C 359 69.62 0.09 -48.28
CA ALA C 359 69.53 -0.47 -49.63
C ALA C 359 70.77 -0.15 -50.46
N THR C 360 71.30 1.06 -50.32
CA THR C 360 72.45 1.49 -51.11
C THR C 360 73.78 0.97 -50.58
N HIS C 361 73.76 0.01 -49.66
CA HIS C 361 74.99 -0.55 -49.10
C HIS C 361 74.94 -2.07 -49.13
C1 NAG D . 11.35 21.27 44.12
C2 NAG D . 10.93 21.47 45.57
C3 NAG D . 12.08 22.06 46.36
C4 NAG D . 13.36 21.25 46.16
C5 NAG D . 13.61 20.93 44.69
C6 NAG D . 14.71 19.91 44.48
C7 NAG D . 8.82 22.17 46.60
C8 NAG D . 7.68 23.15 46.55
N2 NAG D . 9.75 22.32 45.66
O3 NAG D . 11.74 22.10 47.74
O4 NAG D . 14.46 22.04 46.63
O5 NAG D . 12.44 20.38 44.06
O6 NAG D . 14.66 18.89 45.47
O7 NAG D . 8.90 21.30 47.46
C1 NAG D . 15.23 21.37 47.64
C2 NAG D . 16.47 22.24 47.92
C3 NAG D . 17.33 21.65 49.04
C4 NAG D . 16.48 21.37 50.27
C5 NAG D . 15.26 20.52 49.89
C6 NAG D . 14.30 20.29 51.04
C7 NAG D . 17.93 21.67 45.92
C8 NAG D . 17.89 20.20 46.26
N2 NAG D . 17.27 22.53 46.72
O3 NAG D . 18.36 22.58 49.38
O4 NAG D . 17.24 20.66 51.24
O5 NAG D . 14.51 21.18 48.86
O6 NAG D . 14.21 21.44 51.87
O7 NAG D . 18.55 22.06 44.94
C1 NAG D . 17.45 21.45 52.43
C2 NAG D . 18.93 21.86 52.48
C3 NAG D . 19.08 23.26 53.08
C4 NAG D . 18.05 23.54 54.17
C5 NAG D . 16.62 23.27 53.69
C6 NAG D . 15.81 24.53 53.52
C7 NAG D . 20.72 20.19 52.69
C8 NAG D . 20.99 20.46 51.23
N2 NAG D . 19.71 20.89 53.23
O3 NAG D . 18.96 24.24 52.05
O4 NAG D . 18.32 22.72 55.31
O5 NAG D . 16.64 22.62 52.41
O6 NAG D . 16.64 25.68 53.34
O7 NAG D . 21.36 19.38 53.33
C1 NAG E . -39.15 36.69 18.39
C2 NAG E . -39.02 38.22 18.45
C3 NAG E . -39.68 38.88 17.24
C4 NAG E . -39.26 38.21 15.93
C5 NAG E . -39.38 36.69 16.03
C6 NAG E . -38.84 35.98 14.80
C7 NAG E . -40.86 38.72 20.02
C8 NAG E . -41.22 39.33 21.34
N2 NAG E . -39.56 38.75 19.69
O3 NAG E . -39.35 40.25 17.21
O4 NAG E . -40.07 38.68 14.84
O5 NAG E . -38.63 36.22 17.15
O6 NAG E . -38.29 34.72 15.15
O7 NAG E . -41.71 38.21 19.30
C1 NAG E . -41.46 38.92 15.18
C2 NAG E . -42.06 39.74 14.06
C3 NAG E . -43.60 39.64 14.05
C4 NAG E . -44.16 39.15 15.39
C5 NAG E . -43.46 37.90 15.94
C6 NAG E . -44.24 36.63 15.70
C7 NAG E . -41.86 41.98 15.12
C8 NAG E . -41.33 43.37 14.93
N2 NAG E . -41.63 41.14 14.10
O3 NAG E . -44.01 38.76 13.01
O4 NAG E . -44.10 40.19 16.36
O5 NAG E . -42.18 37.72 15.31
O6 NAG E . -45.15 36.77 14.61
O7 NAG E . -42.47 41.64 16.12
C1 NAG F . 3.11 30.08 35.07
C2 NAG F . 3.41 28.69 34.55
C3 NAG F . 4.92 28.51 34.36
C4 NAG F . 5.50 29.63 33.50
C5 NAG F . 5.07 30.99 34.06
C6 NAG F . 5.46 32.14 33.15
C7 NAG F . 2.52 26.46 35.01
C8 NAG F . 2.02 25.51 36.06
N2 NAG F . 2.89 27.67 35.44
O3 NAG F . 5.17 27.25 33.73
O4 NAG F . 6.92 29.55 33.57
O5 NAG F . 3.64 31.05 34.19
O6 NAG F . 4.53 33.21 33.25
O7 NAG F . 2.58 26.13 33.83
C1 NAG F . 7.53 29.41 32.28
C2 NAG F . 8.87 30.14 32.33
C3 NAG F . 9.59 30.02 30.99
C4 NAG F . 9.73 28.56 30.58
C5 NAG F . 8.35 27.88 30.61
C6 NAG F . 8.43 26.40 30.34
C7 NAG F . 9.14 32.05 33.85
C8 NAG F . 8.87 33.50 34.08
N2 NAG F . 8.70 31.54 32.69
O3 NAG F . 10.86 30.65 31.10
O4 NAG F . 10.26 28.45 29.27
O5 NAG F . 7.75 28.05 31.90
O6 NAG F . 7.13 25.85 30.15
O7 NAG F . 9.71 31.35 34.69
C1 NAG F . 11.71 28.35 29.30
C2 NAG F . 12.14 26.92 29.70
C3 NAG F . 12.92 26.25 28.57
C4 NAG F . 12.16 26.41 27.26
C5 NAG F . 12.13 27.88 26.87
C6 NAG F . 10.84 28.31 26.22
C7 NAG F . 14.04 27.42 31.31
C8 NAG F . 14.76 28.25 30.27
N2 NAG F . 12.87 26.86 30.97
O3 NAG F . 13.10 24.87 28.88
O4 NAG F . 12.81 25.65 26.24
O5 NAG F . 12.34 28.73 28.02
O6 NAG F . 9.72 27.70 26.83
O7 NAG F . 14.52 27.27 32.43
C1 NAG F . 11.90 24.73 25.60
C2 NAG F . 11.95 23.38 26.35
C3 NAG F . 10.92 22.39 25.78
C4 NAG F . 9.54 23.03 25.75
C5 NAG F . 9.60 24.36 24.99
C6 NAG F . 8.28 25.09 24.98
C7 NAG F . 14.09 22.38 25.41
C8 NAG F . 13.58 22.51 24.00
N2 NAG F . 13.30 22.80 26.41
O3 NAG F . 10.90 21.22 26.59
O4 NAG F . 8.62 22.17 25.10
O5 NAG F . 10.55 25.23 25.62
O6 NAG F . 7.20 24.21 24.67
O7 NAG F . 15.20 21.91 25.63
C1 NAG G . -31.10 35.14 55.79
C2 NAG G . -31.88 34.67 57.01
C3 NAG G . -33.12 35.55 57.22
C4 NAG G . -32.73 37.02 57.26
C5 NAG G . -31.89 37.38 56.03
C6 NAG G . -31.36 38.79 56.06
C7 NAG G . -31.65 32.29 57.54
C8 NAG G . -32.17 30.91 57.27
N2 NAG G . -32.26 33.27 56.87
O3 NAG G . -33.76 35.16 58.43
O4 NAG G . -33.88 37.85 57.25
O5 NAG G . -30.75 36.51 55.94
O6 NAG G . -29.95 38.82 56.23
O7 NAG G . -30.73 32.50 58.32
C1 NAG G . -34.36 38.15 58.58
C2 NAG G . -34.05 39.60 58.95
C3 NAG G . -34.66 39.95 60.30
C4 NAG G . -36.15 39.63 60.31
C5 NAG G . -36.38 38.18 59.90
C6 NAG G . -37.84 37.82 59.77
C7 NAG G . -32.06 41.02 58.67
C8 NAG G . -30.57 41.09 58.74
N2 NAG G . -32.62 39.84 58.95
O3 NAG G . -34.45 41.32 60.58
O4 NAG G . -36.68 39.84 61.62
O5 NAG G . -35.78 37.94 58.62
O6 NAG G . -38.05 36.88 58.74
O7 NAG G . -32.75 42.00 58.37
C1 NAG H . -54.03 13.73 38.22
C2 NAG H . -53.98 14.81 37.12
C3 NAG H . -55.29 14.86 36.33
C4 NAG H . -56.50 15.04 37.25
C5 NAG H . -56.30 14.31 38.55
C6 NAG H . -57.57 13.66 39.09
C7 NAG H . -52.69 16.91 37.23
C8 NAG H . -51.91 16.37 36.07
N2 NAG H . -53.67 16.11 37.69
O3 NAG H . -55.43 13.67 35.57
O4 NAG H . -56.74 16.42 37.49
O5 NAG H . -55.36 13.25 38.35
O6 NAG H . -58.15 12.81 38.10
O7 NAG H . -52.46 18.00 37.73
C1 NAG H . -58.09 16.70 37.04
C2 NAG H . -58.83 17.46 38.12
C3 NAG H . -60.25 17.79 37.65
C4 NAG H . -60.20 18.52 36.31
C5 NAG H . -59.37 17.74 35.30
C6 NAG H . -59.17 18.47 33.99
C7 NAG H . -58.59 17.25 40.55
C8 NAG H . -58.22 18.70 40.57
N2 NAG H . -58.87 16.72 39.36
O3 NAG H . -60.90 18.60 38.62
O4 NAG H . -61.53 18.68 35.80
O5 NAG H . -58.06 17.48 35.83
O6 NAG H . -57.98 18.06 33.35
O7 NAG H . -58.64 16.59 41.59
CAA BBI I . 24.15 -15.55 -11.21
CAB BBI I . 24.73 -14.15 -10.96
CAC BBI I . 24.04 -13.09 -11.81
CAD BBI I . 22.77 -12.55 -11.16
CAE BBI I . 22.68 -11.04 -11.29
OAF BBI I . 23.55 -10.19 -10.81
CAG BBI I . 23.20 -8.93 -11.08
CAH BBI I . 23.84 -7.71 -10.76
CAI BBI I . 23.29 -6.50 -11.16
CAJ BBI I . 22.09 -6.49 -11.88
CAK BBI I . 21.45 -7.69 -12.20
CAL BBI I . 22.03 -8.92 -11.80
CAM BBI I . 21.66 -10.34 -11.94
CAN BBI I . 20.44 -10.92 -12.66
OAO BBI I . 20.55 -11.92 -13.27
CAP BBI I . 19.09 -10.21 -12.56
CBE BBI I . 18.19 -10.31 -13.60
CBC BBI I . 16.96 -9.67 -13.51
IBD BBI I . 15.56 -9.77 -15.08
CAQ BBI I . 18.76 -9.49 -11.43
CAR BBI I . 17.53 -8.86 -11.33
IAS BBI I . 17.04 -7.76 -9.62
CAT BBI I . 16.63 -8.95 -12.37
OAU BBI I . 15.39 -8.30 -12.30
CAV BBI I . 14.57 -8.69 -11.23
CAW BBI I . 13.24 -9.21 -11.78
NAX BBI I . 12.36 -8.15 -12.26
CBA BBI I . 13.07 -6.90 -12.43
CBB BBI I . 12.21 -5.94 -13.27
CAY BBI I . 11.25 -7.96 -11.35
CAZ BBI I . 9.95 -7.83 -12.12
C02 WG6 J . 11.36 -13.34 -14.48
C03 WG6 J . 9.77 -13.53 -14.51
O04 WG6 J . 9.12 -13.35 -15.51
C06 WG6 J . 8.82 -13.00 -12.27
C07 WG6 J . 10.11 -12.66 -11.49
C08 WG6 J . 8.14 -11.71 -12.84
N09 WG6 J . 11.90 -11.96 -14.44
C13 WG6 J . 8.81 -9.09 -14.83
C14 WG6 J . 8.53 -8.41 -16.32
C15 WG6 J . 8.00 -6.94 -16.26
C16 WG6 J . 6.96 -6.78 -17.47
C17 WG6 J . 7.01 -8.19 -18.13
C20 WG6 J . 4.60 -9.42 -18.21
C21 WG6 J . 3.38 -9.65 -18.86
C22 WG6 J . 3.07 -8.96 -20.14
C25 WG6 J . 5.31 -7.83 -20.01
C27 WG6 J . 5.51 -6.56 -17.02
C01 WG6 J . 11.89 -14.17 -13.25
C31 WG6 J . 11.41 -9.88 -17.91
C32 WG6 J . 11.35 -10.34 -19.25
C33 WG6 J . 11.58 -9.44 -20.30
C34 WG6 J . 11.89 -8.08 -20.06
C35 WG6 J . 11.95 -7.64 -18.73
C36 WG6 J . 11.72 -8.53 -17.67
F28 WG6 J . 7.35 -5.88 -18.40
N19 WG6 J . 5.58 -8.53 -18.77
N24 WG6 J . 4.06 -8.08 -20.66
O05 WG6 J . 9.05 -13.93 -13.36
O11 WG6 J . 11.90 -9.33 -14.76
O12 WG6 J . 9.54 -10.32 -14.86
O18 WG6 J . 7.49 -9.05 -17.08
O23 WG6 J . 2.03 -9.10 -20.76
O26 WG6 J . 6.16 -7.09 -20.45
O29 WG6 J . 9.05 -6.06 -16.39
O30 WG6 J . 11.18 -10.76 -16.88
P10 WG6 J . 11.21 -10.56 -15.17
CA CA K . 3.67 -8.31 -6.14
C1 NAG L . -18.12 23.96 61.27
C2 NAG L . -17.37 25.06 62.03
C3 NAG L . -17.94 25.23 63.44
C4 NAG L . -19.44 25.41 63.39
C5 NAG L . -20.08 24.27 62.62
C6 NAG L . -21.58 24.41 62.46
C7 NAG L . -15.38 23.73 62.68
C8 NAG L . -13.88 23.65 62.61
N2 NAG L . -15.94 24.79 62.08
O3 NAG L . -17.33 26.36 64.06
O4 NAG L . -19.98 25.44 64.71
O5 NAG L . -19.53 24.22 61.29
O6 NAG L . -22.09 23.47 61.53
O7 NAG L . -16.05 22.88 63.26
CA CA M . -16.12 20.97 0.92
#